data_6DV5
#
_entry.id   6DV5
#
_cell.length_a   324.700
_cell.length_b   324.700
_cell.length_c   198.761
_cell.angle_alpha   90.00
_cell.angle_beta   90.00
_cell.angle_gamma   120.00
#
_symmetry.space_group_name_H-M   'H 3'
#
_entity_poly.entity_id   1
_entity_poly.type   'polypeptide(L)'
_entity_poly.pdbx_seq_one_letter_code
;MTERRVPFSLLRGPSWDPFRDWYPHSRLFDQAFGLPRLPEEWSQWLGGSSWPGYVRPLPPAAIESPAVAAPAYSRALSRQ
LSSGVSEIRHTADRWRVSLDVNHFAPDELTVKTKDGVVEITGKHEERQDEHGYISRCFTRKYTLPPGVDPTQVSSSLSPE
GTLTVEAPMPKLATQSNEITIPVTFESRAQLGGPEAAKSDETAAK
;
_entity_poly.pdbx_strand_id   B,A,D,F,H,J,L,N,P,R,T,V,X,C,E,G,I,K,M,O,Q,S,U,W
#
# COMPACT_ATOMS: atom_id res chain seq x y z
N VAL A 6 1.62 -42.96 -0.92
CA VAL A 6 2.27 -44.25 -1.38
C VAL A 6 1.93 -45.38 -0.41
N PRO A 7 1.62 -46.59 -0.92
CA PRO A 7 1.31 -47.71 -0.06
C PRO A 7 2.53 -48.53 0.34
N PHE A 8 2.74 -48.69 1.64
CA PHE A 8 3.85 -49.52 2.23
C PHE A 8 3.42 -50.81 2.88
N SER A 9 2.13 -50.94 3.12
CA SER A 9 1.57 -52.15 3.75
C SER A 9 1.77 -53.38 2.88
N LEU A 10 1.92 -53.16 1.57
CA LEU A 10 2.15 -54.26 0.64
C LEU A 10 3.62 -54.57 0.43
N LEU A 11 3.98 -55.04 -0.75
CA LEU A 11 5.38 -55.39 -1.05
C LEU A 11 6.24 -54.14 -1.10
N SER A 15 7.74 -54.50 4.52
CA SER A 15 6.28 -54.49 4.41
C SER A 15 5.68 -55.86 4.70
N TRP A 16 4.50 -56.09 4.19
CA TRP A 16 3.80 -57.38 4.38
C TRP A 16 4.08 -58.33 3.23
N ASP A 17 3.08 -59.09 2.86
CA ASP A 17 3.17 -60.09 1.77
C ASP A 17 4.39 -60.98 1.91
N PRO A 18 5.32 -60.90 0.95
CA PRO A 18 6.53 -61.71 0.98
C PRO A 18 7.67 -61.03 1.74
N PHE A 19 7.44 -60.77 3.01
CA PHE A 19 8.44 -60.11 3.87
C PHE A 19 8.16 -60.34 5.35
N ARG A 20 6.93 -60.08 5.75
CA ARG A 20 6.49 -60.26 7.15
C ARG A 20 5.73 -61.54 7.50
N ASP A 21 5.26 -62.25 6.47
CA ASP A 21 4.37 -63.41 6.64
C ASP A 21 5.03 -64.76 7.03
N TRP A 22 6.35 -64.77 7.21
CA TRP A 22 7.09 -65.94 7.68
C TRP A 22 7.56 -65.73 9.13
N TYR A 23 8.44 -66.62 9.62
CA TYR A 23 8.87 -66.61 11.04
C TYR A 23 9.69 -65.34 11.37
N PRO A 24 10.90 -65.16 10.78
CA PRO A 24 11.52 -63.86 10.94
C PRO A 24 10.98 -62.88 9.90
N HIS A 25 10.99 -61.61 10.25
CA HIS A 25 10.39 -60.56 9.37
C HIS A 25 11.34 -60.03 8.29
N SER A 26 12.63 -60.23 8.44
CA SER A 26 13.63 -59.74 7.46
C SER A 26 14.24 -60.80 6.54
N ARG A 27 14.13 -62.06 6.94
CA ARG A 27 14.78 -63.14 6.13
C ARG A 27 14.20 -63.23 4.70
N LEU A 28 12.96 -62.84 4.55
CA LEU A 28 12.27 -62.87 3.28
C LEU A 28 13.24 -62.49 2.15
N PHE A 29 13.95 -61.40 2.35
CA PHE A 29 14.94 -60.92 1.36
C PHE A 29 16.19 -61.81 1.30
N ASP A 30 16.58 -62.34 2.44
CA ASP A 30 17.78 -63.22 2.58
C ASP A 30 17.71 -64.50 1.72
N GLN A 31 16.50 -65.04 1.59
CA GLN A 31 16.27 -66.23 0.79
C GLN A 31 15.99 -65.92 -0.67
N ALA A 32 15.63 -64.68 -0.95
CA ALA A 32 15.33 -64.18 -2.31
C ALA A 32 16.53 -63.68 -3.10
N PHE A 33 17.70 -63.84 -2.50
CA PHE A 33 18.97 -63.32 -3.05
C PHE A 33 19.94 -64.46 -3.35
N GLY A 34 20.19 -65.30 -2.35
CA GLY A 34 21.15 -66.41 -2.48
C GLY A 34 21.65 -66.98 -1.16
N LEU A 35 22.96 -67.01 -1.01
CA LEU A 35 23.64 -67.50 0.23
C LEU A 35 23.32 -66.68 1.47
N PRO A 36 23.64 -67.19 2.66
CA PRO A 36 23.44 -66.39 3.87
C PRO A 36 24.69 -65.59 4.33
N ARG A 37 25.49 -65.17 3.38
CA ARG A 37 26.68 -64.36 3.67
C ARG A 37 26.26 -62.96 4.06
N LEU A 38 27.01 -62.33 4.95
CA LEU A 38 26.79 -60.95 5.33
C LEU A 38 27.78 -59.89 4.83
N PRO A 39 29.07 -60.25 4.62
CA PRO A 39 30.01 -59.22 4.10
C PRO A 39 30.03 -59.01 2.57
N GLU A 40 28.97 -59.46 1.87
CA GLU A 40 28.81 -59.35 0.44
C GLU A 40 27.52 -58.67 0.01
N GLU A 41 27.27 -57.50 0.58
CA GLU A 41 26.08 -56.68 0.28
C GLU A 41 24.77 -57.45 0.55
N TRP A 42 24.37 -57.48 1.81
CA TRP A 42 23.21 -58.27 2.27
C TRP A 42 22.23 -57.52 3.17
N SER A 43 20.96 -57.54 2.77
CA SER A 43 19.85 -56.87 3.50
C SER A 43 19.65 -57.38 4.91
N GLN A 44 19.97 -56.53 5.88
CA GLN A 44 19.87 -56.86 7.31
C GLN A 44 18.82 -56.08 8.12
N TRP A 45 17.92 -55.39 7.45
CA TRP A 45 16.88 -54.57 8.12
C TRP A 45 15.58 -54.45 7.33
N LEU A 46 15.73 -53.98 6.11
CA LEU A 46 14.64 -53.68 5.12
C LEU A 46 13.91 -52.34 5.31
N GLY A 47 13.80 -51.90 6.56
CA GLY A 47 13.42 -50.53 6.92
C GLY A 47 14.63 -49.58 6.88
N GLY A 48 15.79 -50.21 7.01
CA GLY A 48 17.10 -49.58 6.96
C GLY A 48 18.02 -50.02 5.84
N SER A 49 18.06 -51.32 5.63
CA SER A 49 18.98 -51.95 4.72
C SER A 49 18.15 -52.87 3.82
N SER A 50 17.90 -52.41 2.60
CA SER A 50 16.97 -53.08 1.66
C SER A 50 17.62 -53.70 0.44
N TRP A 51 18.49 -52.93 -0.20
CA TRP A 51 19.14 -53.27 -1.48
C TRP A 51 18.11 -53.38 -2.63
N PRO A 52 18.57 -53.38 -3.89
CA PRO A 52 17.61 -53.47 -5.02
C PRO A 52 16.86 -54.78 -5.06
N GLY A 53 15.55 -54.70 -5.31
CA GLY A 53 14.71 -55.88 -5.43
C GLY A 53 14.99 -56.62 -6.72
N TYR A 54 15.57 -57.80 -6.56
CA TYR A 54 15.84 -58.75 -7.63
C TYR A 54 14.74 -59.82 -7.61
N VAL A 55 14.79 -60.66 -6.58
CA VAL A 55 13.71 -61.60 -6.25
C VAL A 55 13.24 -62.43 -7.45
N ARG A 56 14.13 -63.25 -8.01
CA ARG A 56 13.82 -64.13 -9.15
C ARG A 56 13.61 -65.59 -8.72
N ALA A 70 10.69 -73.42 -8.37
CA ALA A 70 11.70 -72.73 -7.57
C ALA A 70 11.32 -71.31 -7.16
N PRO A 71 10.81 -70.47 -8.09
CA PRO A 71 10.47 -69.11 -7.73
C PRO A 71 9.04 -68.96 -7.22
N ALA A 72 8.90 -68.64 -5.95
CA ALA A 72 7.62 -68.43 -5.27
C ALA A 72 7.41 -67.05 -4.62
N TYR A 73 8.50 -66.41 -4.23
CA TYR A 73 8.44 -65.07 -3.61
C TYR A 73 7.74 -64.01 -4.43
N SER A 74 8.08 -63.94 -5.71
CA SER A 74 7.40 -63.03 -6.66
C SER A 74 5.95 -63.49 -6.96
N ARG A 75 5.68 -64.77 -6.74
CA ARG A 75 4.35 -65.37 -6.92
C ARG A 75 3.42 -65.26 -5.70
N ALA A 76 4.01 -65.05 -4.53
CA ALA A 76 3.26 -64.88 -3.26
C ALA A 76 2.64 -63.49 -3.11
N LEU A 77 3.17 -62.55 -3.87
CA LEU A 77 2.78 -61.13 -3.80
C LEU A 77 1.32 -60.94 -4.22
N SER A 78 0.99 -61.50 -5.37
CA SER A 78 -0.38 -61.51 -5.90
C SER A 78 -1.31 -62.44 -5.11
N ARG A 79 -0.72 -63.37 -4.36
CA ARG A 79 -1.44 -64.30 -3.48
C ARG A 79 -2.22 -65.36 -4.28
N GLN A 80 -1.61 -65.79 -5.38
CA GLN A 80 -2.21 -66.67 -6.39
C GLN A 80 -3.48 -66.15 -7.11
N LEU A 81 -3.83 -64.91 -6.83
CA LEU A 81 -5.03 -64.27 -7.42
C LEU A 81 -4.80 -63.97 -8.89
N SER A 82 -3.61 -63.50 -9.20
CA SER A 82 -3.22 -63.15 -10.58
C SER A 82 -2.49 -64.25 -11.32
N SER A 83 -2.05 -65.28 -10.58
CA SER A 83 -1.32 -66.43 -11.16
C SER A 83 0.01 -65.95 -11.79
N GLY A 84 0.18 -66.09 -13.10
CA GLY A 84 1.41 -65.65 -13.79
C GLY A 84 1.14 -64.30 -14.44
N ARG A 94 -8.23 -53.19 -7.31
CA ARG A 94 -8.80 -52.94 -8.63
C ARG A 94 -9.54 -51.60 -8.72
N TRP A 95 -9.20 -50.82 -9.73
CA TRP A 95 -9.97 -49.61 -10.08
C TRP A 95 -11.23 -50.08 -10.82
N ARG A 96 -12.37 -49.51 -10.45
CA ARG A 96 -13.65 -49.85 -11.11
C ARG A 96 -14.61 -48.65 -11.10
N VAL A 97 -15.34 -48.50 -12.19
CA VAL A 97 -16.36 -47.43 -12.34
C VAL A 97 -17.61 -48.00 -13.01
N SER A 98 -18.76 -47.41 -12.65
CA SER A 98 -20.08 -47.81 -13.18
C SER A 98 -20.67 -46.70 -14.03
N LEU A 99 -21.40 -47.11 -15.07
CA LEU A 99 -22.09 -46.23 -16.00
C LEU A 99 -23.45 -46.83 -16.35
N ASP A 100 -24.53 -46.15 -15.99
CA ASP A 100 -25.88 -46.61 -16.32
C ASP A 100 -26.23 -46.22 -17.77
N VAL A 101 -26.28 -47.23 -18.63
CA VAL A 101 -26.54 -47.06 -20.06
C VAL A 101 -27.90 -47.64 -20.53
N ASN A 102 -28.60 -48.33 -19.62
CA ASN A 102 -29.89 -48.99 -19.96
C ASN A 102 -30.91 -48.04 -20.64
N HIS A 103 -30.95 -46.82 -20.12
CA HIS A 103 -31.75 -45.72 -20.62
C HIS A 103 -31.17 -44.97 -21.84
N PHE A 104 -30.06 -45.47 -22.35
CA PHE A 104 -29.41 -44.93 -23.55
C PHE A 104 -29.52 -45.85 -24.78
N ALA A 105 -29.54 -47.17 -24.54
CA ALA A 105 -29.68 -48.21 -25.57
C ALA A 105 -28.76 -47.92 -26.78
N PRO A 106 -27.43 -47.92 -26.53
CA PRO A 106 -26.50 -47.49 -27.55
C PRO A 106 -26.35 -48.50 -28.68
N ASP A 107 -26.22 -47.97 -29.88
CA ASP A 107 -25.85 -48.78 -31.05
C ASP A 107 -24.36 -49.09 -31.02
N GLU A 108 -23.56 -48.14 -30.54
CA GLU A 108 -22.11 -48.31 -30.40
C GLU A 108 -21.55 -47.49 -29.23
N LEU A 109 -20.67 -48.12 -28.47
CA LEU A 109 -19.94 -47.48 -27.35
C LEU A 109 -18.43 -47.56 -27.63
N THR A 110 -17.85 -46.45 -28.00
CA THR A 110 -16.40 -46.36 -28.28
C THR A 110 -15.70 -45.84 -27.03
N VAL A 111 -14.92 -46.70 -26.39
CA VAL A 111 -14.14 -46.31 -25.20
C VAL A 111 -12.68 -46.14 -25.60
N LYS A 112 -12.19 -44.92 -25.44
CA LYS A 112 -10.81 -44.54 -25.81
C LYS A 112 -10.06 -44.05 -24.58
N THR A 113 -8.84 -44.51 -24.38
CA THR A 113 -7.96 -44.03 -23.29
C THR A 113 -6.79 -43.21 -23.87
N LYS A 114 -6.75 -41.94 -23.53
CA LYS A 114 -5.77 -41.00 -24.07
C LYS A 114 -5.31 -40.01 -23.00
N ASP A 115 -3.99 -39.90 -22.83
CA ASP A 115 -3.36 -39.00 -21.81
C ASP A 115 -3.86 -39.21 -20.37
N GLY A 116 -4.10 -40.46 -20.05
CA GLY A 116 -4.59 -40.87 -18.71
C GLY A 116 -6.01 -40.42 -18.38
N VAL A 117 -6.83 -40.32 -19.41
CA VAL A 117 -8.26 -40.01 -19.25
C VAL A 117 -9.07 -41.00 -20.12
N VAL A 118 -9.90 -41.81 -19.47
CA VAL A 118 -10.77 -42.77 -20.18
C VAL A 118 -12.02 -42.05 -20.67
N GLU A 119 -12.15 -41.97 -21.97
CA GLU A 119 -13.26 -41.25 -22.64
C GLU A 119 -14.20 -42.27 -23.28
N ILE A 120 -15.41 -42.35 -22.74
CA ILE A 120 -16.45 -43.27 -23.21
C ILE A 120 -17.46 -42.48 -24.02
N THR A 121 -17.52 -42.76 -25.31
CA THR A 121 -18.49 -42.11 -26.22
C THR A 121 -19.50 -43.12 -26.78
N GLY A 122 -20.75 -43.01 -26.33
CA GLY A 122 -21.84 -43.85 -26.86
C GLY A 122 -22.65 -43.13 -27.89
N LYS A 123 -23.20 -43.90 -28.82
CA LYS A 123 -24.04 -43.36 -29.90
C LYS A 123 -25.29 -44.21 -30.15
N HIS A 124 -26.42 -43.51 -30.22
CA HIS A 124 -27.72 -44.11 -30.57
C HIS A 124 -28.26 -43.32 -31.77
N GLU A 125 -28.70 -44.06 -32.77
CA GLU A 125 -29.36 -43.51 -33.97
C GLU A 125 -30.44 -44.44 -34.52
N GLU A 126 -31.38 -43.85 -35.23
CA GLU A 126 -32.32 -44.58 -36.08
C GLU A 126 -31.67 -44.74 -37.44
N ARG A 127 -31.60 -45.97 -37.93
CA ARG A 127 -31.22 -46.23 -39.33
C ARG A 127 -32.41 -45.99 -40.23
N GLN A 128 -32.53 -44.77 -40.73
CA GLN A 128 -33.52 -44.41 -41.71
C GLN A 128 -32.80 -43.57 -42.76
N ASP A 129 -32.70 -44.11 -43.96
CA ASP A 129 -31.85 -43.53 -45.01
C ASP A 129 -32.30 -42.13 -45.41
N GLU A 130 -33.60 -41.95 -45.56
CA GLU A 130 -34.18 -40.64 -45.88
C GLU A 130 -33.98 -39.66 -44.72
N HIS A 131 -34.50 -40.02 -43.56
CA HIS A 131 -34.40 -39.18 -42.37
C HIS A 131 -34.15 -40.01 -41.12
N GLY A 132 -33.56 -39.38 -40.12
CA GLY A 132 -33.25 -40.08 -38.87
C GLY A 132 -32.83 -39.15 -37.75
N TYR A 133 -33.67 -38.15 -37.53
CA TYR A 133 -33.40 -37.11 -36.54
C TYR A 133 -32.97 -37.73 -35.21
N ILE A 134 -33.77 -38.68 -34.73
CA ILE A 134 -33.47 -39.37 -33.48
C ILE A 134 -32.02 -39.81 -33.43
N SER A 135 -31.16 -38.89 -33.01
CA SER A 135 -29.73 -39.17 -32.90
C SER A 135 -29.17 -38.59 -31.61
N ARG A 136 -28.96 -39.45 -30.62
CA ARG A 136 -28.42 -39.06 -29.32
C ARG A 136 -27.05 -39.69 -29.07
N CYS A 137 -26.17 -38.90 -28.47
CA CYS A 137 -24.78 -39.27 -28.16
C CYS A 137 -24.40 -38.78 -26.75
N PHE A 138 -23.56 -39.53 -26.06
CA PHE A 138 -23.02 -39.11 -24.77
C PHE A 138 -21.52 -39.38 -24.71
N THR A 139 -20.80 -38.44 -24.11
CA THR A 139 -19.34 -38.49 -23.95
C THR A 139 -18.96 -38.36 -22.48
N ARG A 140 -18.69 -39.49 -21.84
CA ARG A 140 -18.31 -39.52 -20.43
C ARG A 140 -16.79 -39.61 -20.25
N LYS A 141 -16.22 -38.61 -19.59
CA LYS A 141 -14.79 -38.54 -19.31
C LYS A 141 -14.48 -38.95 -17.88
N TYR A 142 -13.81 -40.08 -17.73
CA TYR A 142 -13.33 -40.58 -16.44
C TYR A 142 -11.88 -40.15 -16.22
N THR A 143 -11.65 -39.47 -15.11
CA THR A 143 -10.30 -39.14 -14.63
C THR A 143 -9.83 -40.29 -13.74
N LEU A 144 -8.85 -41.04 -14.20
CA LEU A 144 -8.30 -42.20 -13.50
C LEU A 144 -7.43 -41.73 -12.35
N PRO A 145 -7.21 -42.59 -11.33
CA PRO A 145 -6.08 -42.33 -10.42
C PRO A 145 -4.80 -42.56 -11.22
N PRO A 146 -4.19 -41.46 -11.73
CA PRO A 146 -3.15 -41.61 -12.74
C PRO A 146 -2.03 -42.59 -12.36
N GLY A 147 -1.74 -43.52 -13.27
CA GLY A 147 -0.84 -44.66 -12.99
C GLY A 147 -1.42 -46.00 -13.35
N VAL A 148 -2.74 -46.05 -13.40
CA VAL A 148 -3.47 -47.22 -13.94
C VAL A 148 -3.11 -47.29 -15.42
N ASP A 149 -2.54 -48.43 -15.81
CA ASP A 149 -2.18 -48.67 -17.18
C ASP A 149 -3.47 -48.93 -17.97
N PRO A 150 -3.66 -48.20 -19.10
CA PRO A 150 -4.77 -48.49 -20.00
C PRO A 150 -4.84 -49.94 -20.50
N THR A 151 -3.70 -50.62 -20.56
CA THR A 151 -3.64 -52.06 -20.93
C THR A 151 -4.43 -52.97 -20.02
N GLN A 152 -4.51 -52.58 -18.76
CA GLN A 152 -5.24 -53.33 -17.75
C GLN A 152 -6.73 -52.91 -17.66
N VAL A 153 -7.08 -51.85 -18.36
CA VAL A 153 -8.50 -51.40 -18.41
C VAL A 153 -9.32 -52.41 -19.21
N SER A 154 -10.56 -52.61 -18.79
CA SER A 154 -11.46 -53.56 -19.41
C SER A 154 -12.91 -53.17 -19.19
N SER A 155 -13.71 -53.36 -20.21
CA SER A 155 -15.13 -52.96 -20.19
C SER A 155 -16.04 -54.19 -20.14
N SER A 156 -17.08 -54.10 -19.34
CA SER A 156 -18.10 -55.15 -19.22
C SER A 156 -19.51 -54.55 -19.15
N LEU A 157 -20.37 -54.99 -20.06
CA LEU A 157 -21.75 -54.48 -20.17
C LEU A 157 -22.79 -55.56 -19.90
N SER A 158 -23.48 -55.46 -18.78
CA SER A 158 -24.44 -56.48 -18.36
C SER A 158 -25.71 -56.46 -19.24
N PRO A 159 -26.42 -57.61 -19.34
CA PRO A 159 -27.75 -57.66 -19.97
C PRO A 159 -28.78 -56.70 -19.35
N GLU A 160 -28.60 -56.40 -18.09
CA GLU A 160 -29.39 -55.39 -17.36
C GLU A 160 -29.07 -53.96 -17.79
N GLY A 161 -27.94 -53.78 -18.46
CA GLY A 161 -27.59 -52.52 -19.14
C GLY A 161 -26.83 -51.53 -18.28
N THR A 162 -25.77 -52.02 -17.67
CA THR A 162 -24.83 -51.18 -16.89
C THR A 162 -23.40 -51.47 -17.30
N LEU A 163 -22.80 -50.48 -17.95
CA LEU A 163 -21.38 -50.57 -18.35
C LEU A 163 -20.50 -50.44 -17.11
N THR A 164 -19.58 -51.40 -16.96
CA THR A 164 -18.61 -51.44 -15.86
C THR A 164 -17.20 -51.46 -16.44
N VAL A 165 -16.45 -50.40 -16.21
CA VAL A 165 -15.05 -50.29 -16.65
C VAL A 165 -14.12 -50.56 -15.47
N GLU A 166 -13.42 -51.68 -15.52
CA GLU A 166 -12.57 -52.13 -14.42
C GLU A 166 -11.13 -52.33 -14.90
N ALA A 167 -10.19 -52.06 -14.01
CA ALA A 167 -8.74 -52.27 -14.30
C ALA A 167 -8.01 -52.70 -13.05
N PRO A 168 -7.11 -53.70 -13.16
CA PRO A 168 -6.21 -53.99 -12.05
C PRO A 168 -5.31 -52.81 -11.70
N MET A 169 -5.25 -52.53 -10.40
CA MET A 169 -4.53 -51.37 -9.83
C MET A 169 -3.05 -51.66 -9.64
N PRO A 170 -2.16 -50.67 -9.90
CA PRO A 170 -0.71 -50.80 -9.66
C PRO A 170 -0.33 -51.12 -8.21
N GLN A 175 5.81 -40.89 -8.84
CA GLN A 175 6.75 -39.85 -9.15
C GLN A 175 6.14 -38.75 -9.95
N SER A 176 6.59 -37.56 -9.71
CA SER A 176 6.19 -36.42 -10.46
C SER A 176 7.11 -36.12 -11.67
N ASN A 177 7.70 -34.93 -11.76
CA ASN A 177 8.40 -34.42 -12.96
C ASN A 177 7.81 -34.82 -14.32
N GLU A 178 7.94 -36.09 -14.65
CA GLU A 178 7.38 -36.70 -15.86
C GLU A 178 5.83 -36.70 -15.77
N ILE A 179 5.15 -36.93 -16.87
CA ILE A 179 3.68 -36.95 -16.98
C ILE A 179 3.14 -38.32 -17.53
N THR A 180 4.02 -39.22 -17.91
CA THR A 180 3.66 -40.50 -18.53
C THR A 180 3.36 -41.56 -17.48
N ILE A 181 2.08 -41.88 -17.32
CA ILE A 181 1.61 -42.82 -16.28
C ILE A 181 1.63 -44.34 -16.61
N PRO A 182 1.29 -44.76 -17.85
CA PRO A 182 1.30 -46.20 -18.14
C PRO A 182 2.64 -46.88 -18.42
N VAL A 183 3.00 -47.86 -17.59
CA VAL A 183 4.22 -48.67 -17.75
C VAL A 183 4.04 -50.03 -17.01
N THR A 184 3.39 -51.00 -17.62
CA THR A 184 3.32 -52.36 -17.09
C THR A 184 3.01 -53.38 -18.18
N PHE A 185 3.68 -54.52 -18.09
CA PHE A 185 3.54 -55.63 -19.03
C PHE A 185 2.80 -56.83 -18.46
N GLU A 186 2.10 -56.62 -17.35
CA GLU A 186 1.40 -57.68 -16.63
C GLU A 186 2.17 -58.03 -15.34
N SER A 187 3.28 -57.35 -15.13
CA SER A 187 4.14 -57.53 -13.99
C SER A 187 3.96 -56.38 -13.00
N ARG A 188 3.28 -56.65 -11.89
CA ARG A 188 3.16 -55.66 -10.79
C ARG A 188 4.52 -55.43 -10.15
N ALA A 189 5.33 -56.47 -10.20
CA ALA A 189 6.72 -56.44 -9.71
C ALA A 189 7.49 -55.25 -10.35
N GLN A 190 7.20 -54.07 -9.81
CA GLN A 190 7.76 -52.82 -10.31
C GLN A 190 9.27 -52.74 -10.05
N MET B 1 27.91 -59.53 -10.90
CA MET B 1 27.13 -60.76 -10.71
C MET B 1 28.13 -61.89 -10.58
N THR B 2 28.65 -62.03 -9.37
CA THR B 2 29.62 -63.08 -9.06
C THR B 2 29.41 -63.53 -7.62
N GLU B 3 30.46 -64.02 -6.99
CA GLU B 3 30.45 -64.42 -5.58
C GLU B 3 29.36 -65.36 -5.13
N ARG B 4 29.46 -66.62 -5.55
CA ARG B 4 28.59 -67.71 -5.15
C ARG B 4 27.12 -67.33 -5.02
N ARG B 5 26.48 -67.10 -6.18
CA ARG B 5 25.10 -66.65 -6.42
C ARG B 5 24.92 -65.21 -5.99
N VAL B 6 23.72 -64.71 -5.88
CA VAL B 6 23.72 -63.35 -5.37
C VAL B 6 23.84 -62.35 -6.51
N PRO B 7 22.71 -61.76 -6.92
CA PRO B 7 22.72 -60.84 -8.07
C PRO B 7 23.15 -59.36 -7.87
N PHE B 8 24.36 -59.02 -8.28
CA PHE B 8 24.83 -57.63 -8.28
C PHE B 8 24.52 -56.93 -9.60
N SER B 9 23.44 -57.35 -10.23
CA SER B 9 23.07 -56.86 -11.56
C SER B 9 22.45 -55.47 -11.51
N LEU B 10 21.27 -55.39 -10.93
CA LEU B 10 20.53 -54.15 -10.88
C LEU B 10 20.84 -53.49 -9.57
N LEU B 11 21.83 -52.62 -9.56
CA LEU B 11 22.21 -51.85 -8.37
C LEU B 11 22.05 -50.33 -8.59
N ARG B 12 22.60 -49.87 -9.69
CA ARG B 12 22.56 -48.46 -10.05
C ARG B 12 23.10 -48.25 -11.48
N GLY B 13 23.24 -46.98 -11.85
CA GLY B 13 23.74 -46.57 -13.13
C GLY B 13 25.08 -45.92 -13.11
N PRO B 14 25.70 -45.79 -14.30
CA PRO B 14 27.01 -45.16 -14.39
C PRO B 14 27.06 -43.67 -13.99
N SER B 15 27.18 -43.43 -12.71
CA SER B 15 27.29 -42.05 -12.21
C SER B 15 28.09 -41.81 -10.95
N TRP B 16 27.48 -42.09 -9.83
CA TRP B 16 27.99 -41.65 -8.53
C TRP B 16 27.45 -42.54 -7.41
N ASP B 17 26.79 -41.98 -6.40
CA ASP B 17 26.16 -42.70 -5.29
C ASP B 17 25.49 -44.03 -5.64
N PRO B 18 25.32 -44.96 -4.67
CA PRO B 18 24.87 -46.36 -4.94
C PRO B 18 23.47 -46.58 -5.56
N PHE B 19 23.04 -45.67 -6.43
CA PHE B 19 21.75 -45.77 -7.13
C PHE B 19 21.56 -44.58 -8.08
N ARG B 20 21.14 -44.85 -9.29
CA ARG B 20 20.73 -43.84 -10.28
C ARG B 20 19.62 -44.42 -11.11
N ASP B 21 18.49 -43.76 -11.18
CA ASP B 21 17.33 -44.24 -11.93
C ASP B 21 17.01 -43.32 -13.11
N TRP B 22 16.43 -42.17 -12.79
CA TRP B 22 16.34 -41.05 -13.72
C TRP B 22 16.84 -39.83 -12.98
N TYR B 23 18.13 -39.56 -13.14
CA TYR B 23 18.79 -38.43 -12.49
C TYR B 23 18.34 -38.30 -11.04
N PRO B 24 18.93 -39.07 -10.13
CA PRO B 24 18.41 -39.14 -8.77
C PRO B 24 18.34 -37.77 -8.10
N HIS B 25 17.12 -37.27 -8.01
CA HIS B 25 16.79 -35.98 -7.42
C HIS B 25 16.00 -36.20 -6.17
N SER B 26 15.76 -35.12 -5.45
CA SER B 26 15.02 -35.16 -4.20
C SER B 26 13.54 -35.26 -4.48
N ARG B 27 13.04 -34.32 -5.29
CA ARG B 27 11.62 -34.30 -5.71
C ARG B 27 11.20 -35.57 -6.48
N LEU B 28 12.21 -36.26 -7.01
CA LEU B 28 12.03 -37.58 -7.62
C LEU B 28 11.67 -38.64 -6.55
N PHE B 29 12.52 -38.71 -5.53
CA PHE B 29 12.32 -39.62 -4.40
C PHE B 29 11.38 -39.07 -3.31
N ASP B 30 11.02 -37.80 -3.43
CA ASP B 30 10.03 -37.11 -2.59
C ASP B 30 8.61 -37.69 -2.73
N GLN B 31 8.33 -38.33 -3.84
CA GLN B 31 7.05 -39.00 -4.07
C GLN B 31 6.99 -40.47 -3.62
N ALA B 32 8.12 -41.07 -3.30
CA ALA B 32 8.23 -42.53 -3.00
C ALA B 32 8.51 -42.91 -1.53
N PHE B 33 8.19 -42.02 -0.63
CA PHE B 33 8.51 -42.20 0.82
C PHE B 33 7.56 -43.14 1.60
N GLY B 34 6.28 -43.06 1.30
CA GLY B 34 5.21 -43.82 1.96
C GLY B 34 4.24 -43.14 2.93
N LEU B 35 3.92 -41.89 2.65
CA LEU B 35 3.03 -41.07 3.49
C LEU B 35 1.98 -40.43 2.69
N PRO B 36 0.77 -40.50 3.17
CA PRO B 36 -0.31 -39.84 2.47
C PRO B 36 -0.68 -38.43 2.96
N ARG B 37 0.06 -37.85 3.90
CA ARG B 37 -0.33 -36.56 4.52
C ARG B 37 0.68 -35.46 4.26
N LEU B 38 0.25 -34.22 4.44
CA LEU B 38 0.97 -33.02 3.97
C LEU B 38 2.20 -32.61 4.79
N PRO B 39 2.00 -32.26 6.08
CA PRO B 39 3.19 -31.90 6.86
C PRO B 39 4.01 -33.10 7.27
N GLU B 40 3.50 -34.29 6.98
CA GLU B 40 4.15 -35.57 7.33
C GLU B 40 5.56 -35.71 6.72
N GLU B 41 6.03 -34.65 6.08
CA GLU B 41 7.38 -34.53 5.52
C GLU B 41 7.56 -35.24 4.17
N TRP B 42 8.80 -35.29 3.72
CA TRP B 42 9.11 -35.54 2.32
C TRP B 42 9.67 -36.95 2.14
N SER B 43 10.98 -37.06 2.08
CA SER B 43 11.62 -38.31 1.65
C SER B 43 12.78 -38.58 2.54
N GLN B 44 13.74 -37.64 2.51
CA GLN B 44 14.90 -37.60 3.36
C GLN B 44 16.24 -37.78 2.65
N TRP B 45 16.40 -38.89 1.97
CA TRP B 45 17.65 -39.20 1.27
C TRP B 45 17.50 -39.43 -0.23
N LEU B 46 18.58 -39.82 -0.86
CA LEU B 46 18.62 -40.08 -2.28
C LEU B 46 19.04 -41.51 -2.59
N GLY B 47 20.30 -41.82 -2.31
CA GLY B 47 20.87 -43.11 -2.64
C GLY B 47 20.49 -44.16 -1.62
N GLY B 48 21.47 -44.98 -1.30
CA GLY B 48 21.36 -45.99 -0.25
C GLY B 48 21.14 -45.39 1.13
N SER B 49 21.51 -44.13 1.25
CA SER B 49 21.36 -43.32 2.47
C SER B 49 19.94 -43.29 3.04
N SER B 50 18.98 -43.30 2.14
CA SER B 50 17.55 -43.30 2.49
C SER B 50 17.11 -44.47 3.32
N TRP B 51 17.80 -45.57 3.20
CA TRP B 51 17.49 -46.76 3.97
C TRP B 51 17.08 -47.89 3.06
N PRO B 52 15.94 -47.72 2.42
CA PRO B 52 15.45 -48.70 1.50
C PRO B 52 15.84 -48.38 0.04
N GLY B 53 17.05 -48.71 -0.34
CA GLY B 53 17.46 -48.51 -1.75
C GLY B 53 16.41 -49.17 -2.65
N TYR B 54 15.60 -48.35 -3.33
CA TYR B 54 14.37 -48.81 -3.97
C TYR B 54 14.33 -48.72 -5.51
N VAL B 55 13.83 -49.80 -6.10
CA VAL B 55 13.47 -49.88 -7.53
C VAL B 55 11.93 -49.76 -7.71
N ARG B 56 11.24 -49.53 -6.60
CA ARG B 56 9.77 -49.47 -6.56
C ARG B 56 9.24 -48.16 -7.13
N ALA B 72 9.80 -45.72 -14.04
CA ALA B 72 11.07 -45.20 -14.58
C ALA B 72 12.31 -45.87 -13.98
N TYR B 73 12.19 -46.43 -12.79
CA TYR B 73 13.32 -47.03 -12.06
C TYR B 73 13.56 -48.46 -12.55
N SER B 74 12.49 -49.22 -12.64
CA SER B 74 12.53 -50.62 -13.08
C SER B 74 12.70 -50.70 -14.61
N ARG B 75 11.93 -49.92 -15.34
CA ARG B 75 11.92 -49.90 -16.82
C ARG B 75 13.03 -49.10 -17.51
N ALA B 76 13.92 -48.46 -16.75
CA ALA B 76 15.13 -47.91 -17.35
C ALA B 76 16.15 -49.05 -17.60
N LEU B 77 16.11 -50.04 -16.73
CA LEU B 77 17.04 -51.17 -16.74
C LEU B 77 16.49 -52.41 -17.44
N SER B 78 15.34 -52.86 -16.96
CA SER B 78 14.67 -54.08 -17.47
C SER B 78 14.05 -53.86 -18.86
N ARG B 79 13.76 -52.60 -19.19
CA ARG B 79 13.16 -52.24 -20.48
C ARG B 79 14.23 -51.97 -21.56
N GLN B 80 14.71 -50.75 -21.66
CA GLN B 80 15.51 -50.24 -22.81
C GLN B 80 14.81 -50.40 -24.19
N LEU B 81 14.48 -51.63 -24.51
CA LEU B 81 13.66 -52.00 -25.68
C LEU B 81 12.31 -52.62 -25.28
N SER B 82 12.07 -52.69 -23.98
CA SER B 82 11.03 -53.55 -23.36
C SER B 82 11.38 -55.05 -23.46
N SER B 83 12.65 -55.33 -23.67
CA SER B 83 13.18 -56.70 -23.88
C SER B 83 12.60 -57.47 -25.07
N GLY B 84 11.49 -56.99 -25.63
CA GLY B 84 10.80 -57.65 -26.73
C GLY B 84 11.47 -57.28 -28.05
N ARG B 94 0.27 -61.29 -25.15
CA ARG B 94 0.34 -59.83 -25.34
C ARG B 94 0.80 -59.45 -26.74
N TRP B 95 0.04 -58.53 -27.37
CA TRP B 95 0.46 -57.87 -28.62
C TRP B 95 1.44 -56.80 -28.21
N ARG B 96 2.61 -56.83 -28.80
CA ARG B 96 3.70 -55.95 -28.41
C ARG B 96 4.52 -55.64 -29.65
N VAL B 97 4.79 -54.36 -29.85
CA VAL B 97 5.52 -53.88 -31.03
C VAL B 97 6.73 -53.09 -30.58
N SER B 98 7.78 -53.15 -31.38
CA SER B 98 8.99 -52.36 -31.16
C SER B 98 9.06 -51.25 -32.21
N LEU B 99 9.52 -50.10 -31.78
CA LEU B 99 9.55 -48.89 -32.61
C LEU B 99 10.90 -48.20 -32.39
N ASP B 100 11.68 -48.05 -33.44
CA ASP B 100 12.98 -47.36 -33.34
C ASP B 100 12.73 -45.86 -33.22
N VAL B 101 12.88 -45.37 -31.99
CA VAL B 101 12.64 -43.98 -31.60
C VAL B 101 13.89 -43.11 -31.36
N ASN B 102 14.96 -43.72 -30.89
CA ASN B 102 16.10 -42.97 -30.28
C ASN B 102 16.55 -41.67 -30.98
N HIS B 103 16.68 -41.74 -32.31
CA HIS B 103 17.09 -40.56 -33.10
C HIS B 103 15.94 -39.55 -33.28
N PHE B 104 14.73 -40.08 -33.40
CA PHE B 104 13.52 -39.26 -33.36
C PHE B 104 13.40 -38.58 -31.99
N ALA B 105 13.48 -39.39 -30.95
CA ALA B 105 13.42 -38.91 -29.53
C ALA B 105 12.21 -38.00 -29.26
N PRO B 106 10.98 -38.58 -29.33
CA PRO B 106 9.83 -37.73 -29.06
C PRO B 106 9.73 -37.35 -27.57
N ASP B 107 9.58 -36.05 -27.33
CA ASP B 107 9.32 -35.55 -25.97
C ASP B 107 7.84 -35.69 -25.57
N GLU B 108 6.96 -35.58 -26.53
CA GLU B 108 5.51 -35.77 -26.29
C GLU B 108 4.98 -36.88 -27.21
N LEU B 109 4.15 -37.74 -26.63
CA LEU B 109 3.57 -38.89 -27.32
C LEU B 109 2.05 -38.96 -27.16
N THR B 110 1.34 -38.91 -28.28
CA THR B 110 -0.10 -39.10 -28.33
C THR B 110 -0.39 -40.49 -28.89
N VAL B 111 -0.93 -41.34 -28.04
CA VAL B 111 -1.38 -42.69 -28.44
C VAL B 111 -2.90 -42.70 -28.46
N LYS B 112 -3.45 -42.93 -29.64
CA LYS B 112 -4.88 -42.95 -29.89
C LYS B 112 -5.28 -44.32 -30.43
N THR B 113 -6.32 -44.89 -29.84
CA THR B 113 -6.94 -46.11 -30.36
C THR B 113 -8.38 -45.76 -30.77
N LYS B 114 -8.56 -45.68 -32.08
CA LYS B 114 -9.84 -45.33 -32.68
C LYS B 114 -10.09 -46.14 -33.95
N ASP B 115 -11.24 -46.79 -34.02
CA ASP B 115 -11.66 -47.61 -35.19
C ASP B 115 -10.70 -48.79 -35.50
N GLY B 116 -10.14 -49.35 -34.45
CA GLY B 116 -9.20 -50.49 -34.52
C GLY B 116 -7.85 -50.18 -35.14
N VAL B 117 -7.38 -48.97 -34.91
CA VAL B 117 -6.05 -48.51 -35.38
C VAL B 117 -5.32 -47.87 -34.22
N VAL B 118 -4.21 -48.47 -33.82
CA VAL B 118 -3.30 -47.84 -32.85
C VAL B 118 -2.47 -46.79 -33.59
N GLU B 119 -2.74 -45.54 -33.27
CA GLU B 119 -2.06 -44.41 -33.88
C GLU B 119 -1.13 -43.79 -32.84
N ILE B 120 0.16 -43.90 -33.06
CA ILE B 120 1.19 -43.27 -32.20
C ILE B 120 1.72 -42.05 -32.94
N THR B 121 1.34 -40.90 -32.42
CA THR B 121 1.71 -39.61 -32.96
C THR B 121 2.67 -38.96 -31.99
N GLY B 122 3.88 -38.77 -32.44
CA GLY B 122 4.91 -38.22 -31.60
C GLY B 122 5.50 -37.03 -32.26
N LYS B 123 5.79 -36.06 -31.47
CA LYS B 123 6.38 -34.82 -31.95
C LYS B 123 7.56 -34.45 -31.16
N HIS B 124 8.21 -33.38 -31.59
CA HIS B 124 9.38 -32.83 -30.89
C HIS B 124 9.03 -31.46 -30.29
N GLU B 125 9.59 -30.40 -30.85
CA GLU B 125 9.36 -29.02 -30.39
C GLU B 125 9.99 -28.75 -29.04
N GLU B 126 10.94 -27.83 -28.95
CA GLU B 126 11.60 -27.54 -27.68
C GLU B 126 12.40 -26.23 -27.57
N ARG B 127 13.71 -26.33 -27.47
CA ARG B 127 14.60 -25.18 -27.24
C ARG B 127 14.78 -24.24 -28.47
N GLN B 128 15.61 -23.23 -28.27
CA GLN B 128 15.92 -22.22 -29.25
C GLN B 128 17.36 -22.38 -29.77
N ASP B 129 17.85 -23.60 -29.75
CA ASP B 129 19.26 -23.91 -30.13
C ASP B 129 19.47 -23.97 -31.67
N GLU B 130 20.62 -24.47 -32.08
CA GLU B 130 20.98 -24.65 -33.50
C GLU B 130 19.96 -25.48 -34.32
N HIS B 131 19.47 -26.55 -33.70
CA HIS B 131 18.32 -27.31 -34.23
C HIS B 131 17.08 -26.54 -33.80
N GLY B 132 16.94 -26.42 -32.49
CA GLY B 132 16.01 -25.46 -31.85
C GLY B 132 14.54 -25.77 -32.05
N TYR B 133 13.95 -25.12 -33.03
CA TYR B 133 12.53 -25.30 -33.36
C TYR B 133 12.32 -26.40 -34.38
N ILE B 134 12.23 -27.63 -33.92
CA ILE B 134 12.03 -28.79 -34.80
C ILE B 134 10.83 -29.63 -34.36
N SER B 135 9.66 -29.16 -34.77
CA SER B 135 8.41 -29.86 -34.48
C SER B 135 8.28 -31.06 -35.42
N ARG B 136 8.92 -32.15 -35.04
CA ARG B 136 8.90 -33.37 -35.85
C ARG B 136 7.72 -34.24 -35.40
N CYS B 137 6.98 -34.74 -36.38
CA CYS B 137 5.81 -35.56 -36.07
C CYS B 137 5.91 -36.85 -36.85
N PHE B 138 5.83 -37.97 -36.15
CA PHE B 138 5.73 -39.28 -36.79
C PHE B 138 4.38 -39.90 -36.43
N THR B 139 3.76 -40.52 -37.43
CA THR B 139 2.49 -41.21 -37.24
C THR B 139 2.65 -42.66 -37.70
N ARG B 140 2.88 -43.53 -36.74
CA ARG B 140 2.99 -44.98 -36.97
C ARG B 140 1.63 -45.60 -36.68
N LYS B 141 0.96 -46.01 -37.75
CA LYS B 141 -0.39 -46.55 -37.66
C LYS B 141 -0.32 -48.07 -37.67
N TYR B 142 -0.91 -48.67 -36.65
CA TYR B 142 -0.97 -50.13 -36.51
C TYR B 142 -2.41 -50.61 -36.68
N THR B 143 -2.57 -51.67 -37.47
CA THR B 143 -3.84 -52.29 -37.76
C THR B 143 -4.00 -53.41 -36.76
N LEU B 144 -4.93 -53.24 -35.83
CA LEU B 144 -5.06 -54.11 -34.67
C LEU B 144 -5.59 -55.51 -35.02
N PRO B 145 -5.06 -56.54 -34.35
CA PRO B 145 -5.69 -57.86 -34.33
C PRO B 145 -7.04 -57.81 -33.62
N PRO B 146 -8.07 -58.47 -34.16
CA PRO B 146 -9.40 -58.37 -33.57
C PRO B 146 -9.48 -58.89 -32.13
N GLY B 147 -10.00 -58.04 -31.26
CA GLY B 147 -10.09 -58.30 -29.83
C GLY B 147 -9.54 -57.24 -28.91
N VAL B 148 -8.64 -56.43 -29.44
CA VAL B 148 -7.98 -55.38 -28.67
C VAL B 148 -9.00 -54.29 -28.37
N ASP B 149 -9.27 -54.10 -27.09
CA ASP B 149 -10.17 -53.04 -26.60
C ASP B 149 -9.51 -51.70 -26.88
N PRO B 150 -10.26 -50.70 -27.38
CA PRO B 150 -9.60 -49.37 -27.63
C PRO B 150 -9.18 -48.58 -26.39
N THR B 151 -9.06 -49.29 -25.28
CA THR B 151 -8.56 -48.83 -23.99
C THR B 151 -7.22 -49.46 -23.68
N GLN B 152 -7.18 -50.76 -23.92
CA GLN B 152 -6.00 -51.60 -23.65
C GLN B 152 -4.71 -51.30 -24.46
N VAL B 153 -4.64 -50.16 -25.12
CA VAL B 153 -3.46 -49.78 -25.87
C VAL B 153 -2.74 -48.67 -25.12
N SER B 154 -1.44 -48.86 -24.94
CA SER B 154 -0.55 -47.88 -24.31
C SER B 154 0.85 -47.96 -24.88
N SER B 155 1.58 -46.85 -24.80
CA SER B 155 2.98 -46.79 -25.23
C SER B 155 3.87 -46.56 -24.02
N SER B 156 5.13 -46.96 -24.16
CA SER B 156 6.17 -46.74 -23.12
C SER B 156 7.45 -46.27 -23.78
N LEU B 157 8.20 -45.40 -23.11
CA LEU B 157 9.44 -44.85 -23.64
C LEU B 157 10.60 -45.02 -22.64
N SER B 158 11.69 -45.58 -23.13
CA SER B 158 12.94 -45.75 -22.32
C SER B 158 13.97 -44.64 -22.62
N PRO B 159 14.98 -44.51 -21.74
CA PRO B 159 16.15 -43.66 -21.97
C PRO B 159 16.96 -44.01 -23.24
N GLU B 160 17.05 -45.28 -23.55
CA GLU B 160 17.73 -45.77 -24.78
C GLU B 160 17.01 -45.39 -26.08
N GLY B 161 15.73 -45.14 -25.97
CA GLY B 161 14.92 -44.62 -27.07
C GLY B 161 14.48 -45.69 -28.03
N THR B 162 13.73 -46.62 -27.49
CA THR B 162 12.98 -47.59 -28.30
C THR B 162 11.58 -47.68 -27.73
N LEU B 163 10.64 -47.14 -28.48
CA LEU B 163 9.24 -47.07 -28.05
C LEU B 163 8.60 -48.43 -28.26
N THR B 164 7.82 -48.84 -27.26
CA THR B 164 7.21 -50.17 -27.23
C THR B 164 5.74 -49.98 -26.91
N VAL B 165 4.92 -50.31 -27.89
CA VAL B 165 3.49 -50.24 -27.76
C VAL B 165 3.06 -51.64 -27.38
N GLU B 166 2.61 -51.74 -26.13
CA GLU B 166 2.11 -52.98 -25.56
C GLU B 166 0.61 -52.84 -25.43
N ALA B 167 -0.12 -53.70 -26.11
CA ALA B 167 -1.56 -53.90 -25.89
C ALA B 167 -1.78 -55.38 -25.68
N PRO B 168 -2.30 -55.80 -24.51
CA PRO B 168 -2.51 -57.24 -24.34
C PRO B 168 -3.51 -57.84 -25.31
N MET B 169 -3.11 -58.96 -25.91
CA MET B 169 -4.01 -59.73 -26.76
C MET B 169 -5.04 -60.28 -25.83
N PRO B 170 -6.30 -60.27 -26.25
CA PRO B 170 -7.37 -60.59 -25.33
C PRO B 170 -7.11 -61.80 -24.45
N LYS B 171 -7.10 -61.52 -23.16
CA LYS B 171 -6.90 -62.53 -22.15
C LYS B 171 -8.27 -63.05 -21.73
N LEU B 172 -8.68 -64.18 -22.31
CA LEU B 172 -9.96 -64.85 -22.04
C LEU B 172 -11.11 -64.39 -22.98
N ALA B 173 -11.51 -63.13 -22.90
CA ALA B 173 -12.58 -62.61 -23.76
C ALA B 173 -11.99 -62.06 -25.06
N THR B 174 -12.81 -61.49 -25.92
CA THR B 174 -12.36 -60.95 -27.19
C THR B 174 -13.31 -59.88 -27.65
N GLN B 175 -13.11 -59.42 -28.87
CA GLN B 175 -13.95 -58.42 -29.54
C GLN B 175 -14.34 -58.97 -30.87
N SER B 176 -15.08 -58.22 -31.66
CA SER B 176 -15.49 -58.67 -32.98
C SER B 176 -14.52 -58.35 -34.12
N ASN B 177 -14.73 -57.22 -34.77
CA ASN B 177 -13.95 -56.77 -35.93
C ASN B 177 -13.68 -55.27 -35.88
N GLU B 178 -14.74 -54.50 -35.77
CA GLU B 178 -14.69 -53.04 -35.49
C GLU B 178 -14.21 -52.73 -34.06
N ILE B 179 -14.08 -53.78 -33.26
CA ILE B 179 -13.51 -53.79 -31.87
C ILE B 179 -14.23 -53.00 -30.78
N THR B 180 -15.13 -52.10 -31.15
CA THR B 180 -15.83 -51.27 -30.17
C THR B 180 -17.18 -51.88 -29.82
N ILE B 181 -17.10 -53.00 -29.10
CA ILE B 181 -18.22 -53.61 -28.41
C ILE B 181 -17.73 -53.82 -26.98
N PRO B 182 -17.87 -52.82 -26.08
CA PRO B 182 -17.26 -52.96 -24.74
C PRO B 182 -18.04 -53.93 -23.79
N VAL B 183 -18.36 -55.08 -24.35
CA VAL B 183 -19.04 -56.18 -23.65
C VAL B 183 -18.20 -57.45 -23.74
N THR B 184 -17.21 -57.59 -22.86
CA THR B 184 -16.19 -58.64 -22.98
C THR B 184 -16.20 -59.60 -21.83
N PHE B 185 -15.99 -59.07 -20.65
CA PHE B 185 -16.10 -59.82 -19.41
C PHE B 185 -17.57 -60.13 -19.08
N GLU B 186 -18.50 -59.65 -19.88
CA GLU B 186 -19.92 -60.04 -19.75
C GLU B 186 -20.42 -60.94 -20.87
N SER B 187 -20.39 -60.45 -22.10
CA SER B 187 -20.95 -61.20 -23.25
C SER B 187 -19.92 -62.18 -23.74
N ARG B 188 -20.15 -63.45 -23.42
CA ARG B 188 -19.20 -64.53 -23.66
C ARG B 188 -19.58 -65.41 -24.81
N ALA B 189 -20.71 -65.16 -25.42
CA ALA B 189 -21.23 -65.97 -26.55
C ALA B 189 -21.21 -65.30 -27.93
N GLN B 190 -20.86 -64.01 -27.99
CA GLN B 190 -20.60 -63.30 -29.25
C GLN B 190 -19.09 -63.04 -29.45
N LEU B 191 -18.45 -62.71 -28.34
CA LEU B 191 -17.02 -62.40 -28.30
C LEU B 191 -16.38 -63.00 -27.07
N GLY B 192 -15.51 -63.99 -27.24
CA GLY B 192 -14.78 -64.56 -26.09
C GLY B 192 -14.18 -65.94 -26.27
N GLY B 193 -15.03 -66.94 -26.11
CA GLY B 193 -14.63 -68.34 -26.31
C GLY B 193 -14.38 -68.61 -27.78
N PRO B 194 -13.86 -69.80 -28.10
CA PRO B 194 -13.59 -70.09 -29.51
C PRO B 194 -14.74 -70.63 -30.35
N GLU B 195 -15.01 -69.95 -31.45
CA GLU B 195 -15.79 -70.50 -32.58
C GLU B 195 -15.20 -69.97 -33.87
N ALA B 196 -14.66 -70.85 -34.67
CA ALA B 196 -14.12 -70.45 -35.98
C ALA B 196 -15.22 -70.37 -36.99
N ALA B 197 -14.88 -69.88 -38.17
CA ALA B 197 -15.77 -69.86 -39.37
C ALA B 197 -16.70 -68.64 -39.49
N LYS B 198 -17.03 -67.99 -38.38
CA LYS B 198 -17.89 -66.82 -38.39
C LYS B 198 -17.16 -65.64 -37.73
N SER B 199 -17.83 -64.49 -37.65
CA SER B 199 -17.35 -63.34 -36.90
C SER B 199 -17.63 -63.40 -35.38
N ASP B 200 -18.18 -64.51 -34.91
CA ASP B 200 -18.59 -64.73 -33.53
C ASP B 200 -17.61 -65.65 -32.80
N GLU B 201 -17.31 -65.31 -31.55
CA GLU B 201 -16.53 -66.15 -30.61
C GLU B 201 -15.12 -66.42 -31.13
N THR B 202 -14.27 -65.42 -30.97
CA THR B 202 -12.84 -65.52 -31.25
C THR B 202 -12.08 -65.68 -29.94
N ALA B 203 -10.95 -66.37 -29.98
CA ALA B 203 -10.11 -66.59 -28.80
C ALA B 203 -8.87 -65.69 -28.91
N ALA B 204 -7.90 -66.12 -29.71
CA ALA B 204 -6.72 -65.36 -30.05
C ALA B 204 -6.13 -65.82 -31.37
N LYS B 205 -6.14 -64.94 -32.35
CA LYS B 205 -5.59 -65.24 -33.68
C LYS B 205 -4.91 -64.02 -34.28
N ARG C 5 16.21 1.34 -36.45
CA ARG C 5 16.95 0.31 -37.24
C ARG C 5 17.13 0.73 -38.69
N VAL C 6 18.36 1.06 -39.05
CA VAL C 6 18.73 1.35 -40.45
C VAL C 6 20.15 0.83 -40.68
N PRO C 7 20.38 0.17 -41.84
CA PRO C 7 21.77 -0.11 -42.20
C PRO C 7 22.46 1.16 -42.76
N PHE C 8 22.78 2.06 -41.85
CA PHE C 8 23.31 3.40 -42.19
C PHE C 8 24.69 3.35 -42.83
N SER C 9 25.47 2.34 -42.46
CA SER C 9 26.76 2.10 -43.12
C SER C 9 26.58 1.84 -44.61
N LEU C 10 25.46 1.20 -44.95
CA LEU C 10 25.08 0.92 -46.35
C LEU C 10 24.30 2.03 -47.05
N LEU C 11 23.86 3.03 -46.31
CA LEU C 11 23.03 4.15 -46.88
C LEU C 11 23.67 5.55 -46.92
N ARG C 12 24.82 5.73 -46.30
CA ARG C 12 25.43 7.08 -46.15
C ARG C 12 26.38 7.47 -47.23
N ASP C 17 28.55 4.69 -47.21
CA ASP C 17 29.30 4.07 -48.28
C ASP C 17 28.80 4.40 -49.71
N PRO C 18 27.46 4.38 -49.96
CA PRO C 18 27.00 4.57 -51.36
C PRO C 18 27.20 5.96 -51.96
N PHE C 19 27.53 6.92 -51.13
CA PHE C 19 27.92 8.26 -51.59
C PHE C 19 29.38 8.62 -51.31
N ARG C 20 30.10 7.77 -50.60
CA ARG C 20 31.41 8.12 -50.01
C ARG C 20 32.70 7.45 -50.51
N ASP C 21 32.66 6.72 -51.62
CA ASP C 21 33.85 6.09 -52.17
C ASP C 21 34.56 6.86 -53.31
N TRP C 22 34.09 8.08 -53.60
CA TRP C 22 34.66 8.96 -54.64
C TRP C 22 35.32 10.19 -54.01
N TYR C 23 35.74 11.15 -54.84
CA TYR C 23 36.50 12.33 -54.35
C TYR C 23 35.73 13.10 -53.26
N PRO C 24 34.50 13.57 -53.56
CA PRO C 24 33.66 14.04 -52.45
C PRO C 24 32.73 12.93 -51.95
N HIS C 25 32.04 13.21 -50.87
CA HIS C 25 31.08 12.26 -50.22
C HIS C 25 29.58 12.51 -50.49
N SER C 26 29.23 13.65 -51.09
CA SER C 26 27.84 13.94 -51.54
C SER C 26 27.62 14.10 -53.06
N ARG C 27 28.73 14.12 -53.80
CA ARG C 27 28.71 14.30 -55.26
C ARG C 27 28.06 13.13 -56.01
N LEU C 28 27.99 11.99 -55.36
CA LEU C 28 27.35 10.79 -55.93
C LEU C 28 25.82 10.92 -56.05
N PHE C 29 25.21 11.59 -55.09
CA PHE C 29 23.80 12.01 -55.19
C PHE C 29 23.65 13.20 -56.14
N ASP C 30 24.66 14.07 -56.16
CA ASP C 30 24.67 15.24 -57.06
C ASP C 30 24.67 14.84 -58.57
N GLN C 31 25.26 13.70 -58.87
CA GLN C 31 25.35 13.21 -60.24
C GLN C 31 24.30 12.13 -60.51
N PHE C 33 19.27 12.36 -61.73
CA PHE C 33 20.47 12.71 -62.50
C PHE C 33 20.31 14.12 -63.10
N GLY C 34 20.64 15.10 -62.28
CA GLY C 34 20.56 16.50 -62.66
C GLY C 34 21.88 17.23 -62.50
N LEU C 35 21.95 18.43 -63.04
CA LEU C 35 23.17 19.25 -62.94
C LEU C 35 23.17 20.04 -61.64
N PRO C 36 24.28 20.74 -61.37
CA PRO C 36 24.40 21.55 -60.16
C PRO C 36 23.84 23.00 -60.24
N ARG C 37 22.52 23.10 -60.13
CA ARG C 37 21.80 24.36 -59.94
C ARG C 37 21.01 24.31 -58.63
N LEU C 38 21.60 24.86 -57.58
CA LEU C 38 21.18 24.51 -56.19
C LEU C 38 19.88 25.09 -55.61
N PRO C 39 19.49 26.35 -55.93
CA PRO C 39 18.23 26.85 -55.35
C PRO C 39 16.94 26.22 -55.91
N GLU C 40 17.10 25.14 -56.67
CA GLU C 40 16.01 24.37 -57.24
C GLU C 40 15.75 23.08 -56.45
N GLU C 41 15.86 23.18 -55.13
CA GLU C 41 15.81 22.06 -54.18
C GLU C 41 16.91 21.06 -54.51
N TRP C 42 18.07 21.22 -53.91
CA TRP C 42 19.22 20.32 -54.17
C TRP C 42 19.93 19.80 -52.94
N SER C 43 19.92 18.48 -52.77
CA SER C 43 20.52 17.77 -51.61
C SER C 43 21.96 18.19 -51.32
N GLN C 44 22.18 18.73 -50.13
CA GLN C 44 23.51 19.09 -49.63
C GLN C 44 23.62 18.64 -48.19
N TRP C 45 24.42 17.62 -47.92
CA TRP C 45 24.74 17.05 -46.55
C TRP C 45 24.57 15.53 -46.47
N LEU C 46 23.48 15.03 -47.03
CA LEU C 46 23.11 13.59 -47.02
C LEU C 46 22.76 13.04 -45.63
N GLY C 47 23.55 13.37 -44.62
CA GLY C 47 23.16 13.20 -43.22
C GLY C 47 22.16 14.27 -42.83
N GLY C 48 22.58 15.51 -42.98
CA GLY C 48 21.74 16.71 -42.69
C GLY C 48 20.80 17.15 -43.80
N SER C 49 20.96 16.62 -45.00
CA SER C 49 20.01 16.88 -46.10
C SER C 49 20.07 15.78 -47.17
N SER C 50 18.97 15.06 -47.32
CA SER C 50 18.93 13.79 -48.08
C SER C 50 17.98 13.87 -49.27
N TRP C 51 16.74 14.27 -49.02
CA TRP C 51 15.62 14.30 -50.01
C TRP C 51 15.27 12.86 -50.50
N PRO C 52 14.13 12.71 -51.21
CA PRO C 52 13.78 11.44 -51.82
C PRO C 52 14.79 10.88 -52.82
N GLY C 53 15.13 9.61 -52.63
CA GLY C 53 16.03 8.87 -53.51
C GLY C 53 15.37 8.57 -54.85
N TYR C 54 15.85 9.26 -55.87
CA TYR C 54 15.42 9.09 -57.26
C TYR C 54 16.34 8.04 -57.89
N VAL C 55 17.63 8.34 -57.86
CA VAL C 55 18.74 7.39 -58.16
C VAL C 55 18.57 6.56 -59.48
N ARG C 56 18.07 7.23 -60.50
CA ARG C 56 17.90 6.64 -61.85
C ARG C 56 19.05 6.98 -62.78
N ALA C 70 25.09 4.92 -70.02
CA ALA C 70 25.19 3.64 -69.31
C ALA C 70 24.80 3.83 -67.84
N PRO C 71 23.49 3.77 -67.54
CA PRO C 71 23.04 4.07 -66.17
C PRO C 71 23.42 3.01 -65.18
N ALA C 72 23.73 3.39 -63.95
CA ALA C 72 24.11 2.43 -62.91
C ALA C 72 24.62 3.07 -61.61
N TYR C 73 23.86 3.98 -61.04
CA TYR C 73 24.14 4.49 -59.68
C TYR C 73 23.50 3.63 -58.61
N SER C 74 22.27 3.18 -58.89
CA SER C 74 21.62 2.17 -58.06
C SER C 74 22.09 0.75 -58.43
N ARG C 75 23.35 0.67 -58.83
CA ARG C 75 23.93 -0.50 -59.51
C ARG C 75 25.42 -0.51 -59.21
N ALA C 76 25.97 -1.72 -59.13
CA ALA C 76 27.32 -1.91 -58.64
C ALA C 76 27.55 -1.14 -57.33
N LEU C 77 26.42 -0.73 -56.78
CA LEU C 77 26.32 -0.01 -55.53
C LEU C 77 26.45 -1.08 -54.51
N SER C 78 25.74 -2.15 -54.72
CA SER C 78 25.94 -3.37 -53.95
C SER C 78 27.16 -4.16 -54.39
N ARG C 79 28.10 -3.49 -55.06
CA ARG C 79 29.29 -4.10 -55.65
C ARG C 79 28.75 -5.13 -56.67
N GLN C 80 29.31 -6.34 -56.68
CA GLN C 80 28.88 -7.37 -57.59
C GLN C 80 28.06 -8.46 -56.95
N LEU C 81 26.81 -8.14 -56.65
CA LEU C 81 25.91 -8.96 -55.88
C LEU C 81 24.58 -9.24 -56.61
N ARG C 89 27.69 -0.10 -48.46
CA ARG C 89 27.28 -0.05 -49.85
C ARG C 89 27.65 -1.38 -50.52
N HIS C 90 28.92 -1.74 -50.46
CA HIS C 90 29.40 -2.98 -51.06
C HIS C 90 29.27 -4.15 -50.07
N THR C 91 28.11 -4.79 -50.10
CA THR C 91 27.84 -5.92 -49.20
C THR C 91 26.70 -6.78 -49.75
N ALA C 92 26.87 -8.09 -49.63
CA ALA C 92 25.90 -9.06 -50.12
C ALA C 92 25.25 -9.78 -48.95
N ASP C 93 24.59 -9.01 -48.07
CA ASP C 93 23.90 -9.57 -46.92
C ASP C 93 23.04 -10.77 -47.30
N ARG C 94 23.09 -11.78 -46.45
CA ARG C 94 22.35 -13.02 -46.68
C ARG C 94 22.05 -13.78 -45.41
N TRP C 95 20.77 -14.05 -45.22
CA TRP C 95 20.30 -14.95 -44.17
C TRP C 95 20.58 -16.36 -44.67
N ARG C 96 21.14 -17.18 -43.80
CA ARG C 96 21.47 -18.57 -44.15
C ARG C 96 21.35 -19.47 -42.93
N VAL C 97 20.74 -20.63 -43.13
CA VAL C 97 20.57 -21.64 -42.06
C VAL C 97 20.88 -23.06 -42.56
N SER C 98 21.34 -23.89 -41.64
CA SER C 98 21.73 -25.28 -41.93
C SER C 98 20.85 -26.28 -41.19
N LEU C 99 20.65 -27.44 -41.81
CA LEU C 99 19.81 -28.52 -41.27
C LEU C 99 20.45 -29.85 -41.64
N ASP C 100 20.87 -30.63 -40.64
CA ASP C 100 21.44 -31.97 -40.88
C ASP C 100 20.32 -33.00 -41.04
N VAL C 101 20.09 -33.43 -42.27
CA VAL C 101 19.01 -34.36 -42.63
C VAL C 101 19.49 -35.78 -43.02
N ASN C 102 20.79 -35.96 -43.14
CA ASN C 102 21.38 -37.22 -43.67
C ASN C 102 20.88 -38.48 -42.97
N HIS C 103 20.78 -38.42 -41.66
CA HIS C 103 20.27 -39.53 -40.84
C HIS C 103 18.80 -39.81 -41.13
N PHE C 104 18.04 -38.75 -41.35
CA PHE C 104 16.61 -38.85 -41.65
C PHE C 104 16.35 -39.58 -42.98
N ALA C 105 17.08 -39.17 -44.00
CA ALA C 105 16.97 -39.70 -45.37
C ALA C 105 15.53 -39.59 -45.88
N PRO C 106 15.04 -38.36 -46.09
CA PRO C 106 13.65 -38.17 -46.44
C PRO C 106 13.34 -38.51 -47.89
N ASP C 107 12.19 -39.11 -48.10
CA ASP C 107 11.67 -39.35 -49.46
C ASP C 107 11.20 -38.03 -50.08
N GLU C 108 10.68 -37.14 -49.26
CA GLU C 108 10.16 -35.84 -49.73
C GLU C 108 10.22 -34.73 -48.66
N LEU C 109 10.64 -33.54 -49.09
CA LEU C 109 10.76 -32.33 -48.24
C LEU C 109 9.93 -31.16 -48.79
N THR C 110 8.86 -30.80 -48.09
CA THR C 110 8.02 -29.65 -48.42
C THR C 110 8.39 -28.48 -47.52
N VAL C 111 8.80 -27.37 -48.13
CA VAL C 111 9.17 -26.16 -47.40
C VAL C 111 8.24 -24.98 -47.71
N LYS C 112 7.48 -24.58 -46.70
CA LYS C 112 6.41 -23.59 -46.82
C LYS C 112 6.77 -22.34 -46.03
N THR C 113 6.53 -21.16 -46.61
CA THR C 113 6.76 -19.86 -45.91
C THR C 113 5.42 -19.15 -45.67
N LYS C 114 5.11 -18.92 -44.40
CA LYS C 114 3.85 -18.29 -43.99
C LYS C 114 4.03 -17.33 -42.80
N ASP C 115 3.52 -16.12 -42.96
CA ASP C 115 3.60 -15.06 -41.92
C ASP C 115 5.03 -14.76 -41.43
N GLY C 116 5.96 -14.80 -42.36
CA GLY C 116 7.40 -14.59 -42.08
C GLY C 116 8.04 -15.67 -41.22
N VAL C 117 7.60 -16.90 -41.43
CA VAL C 117 8.15 -18.09 -40.72
C VAL C 117 8.34 -19.20 -41.75
N VAL C 118 9.59 -19.61 -41.95
CA VAL C 118 9.93 -20.72 -42.87
C VAL C 118 9.67 -22.05 -42.14
N GLU C 119 8.70 -22.78 -42.66
CA GLU C 119 8.27 -24.06 -42.12
C GLU C 119 8.67 -25.20 -43.04
N ILE C 120 9.60 -26.05 -42.56
CA ILE C 120 10.17 -27.16 -43.38
C ILE C 120 9.59 -28.51 -42.90
N THR C 121 8.66 -29.04 -43.69
CA THR C 121 8.04 -30.35 -43.42
C THR C 121 8.61 -31.39 -44.38
N GLY C 122 9.22 -32.43 -43.83
CA GLY C 122 9.74 -33.58 -44.62
C GLY C 122 9.24 -34.90 -44.11
N LYS C 123 8.97 -35.81 -45.04
CA LYS C 123 8.40 -37.12 -44.71
C LYS C 123 9.26 -38.27 -45.16
N HIS C 124 9.36 -39.27 -44.31
CA HIS C 124 10.02 -40.55 -44.58
C HIS C 124 9.02 -41.63 -44.24
N GLU C 125 8.79 -42.52 -45.18
CA GLU C 125 7.90 -43.68 -44.92
C GLU C 125 8.19 -44.78 -45.93
N GLU C 126 8.01 -46.00 -45.47
CA GLU C 126 8.23 -47.17 -46.32
C GLU C 126 6.95 -47.37 -47.10
N ARG C 127 7.12 -47.71 -48.37
CA ARG C 127 5.98 -47.93 -49.28
C ARG C 127 5.57 -49.38 -49.27
N GLN C 128 4.69 -49.70 -48.33
CA GLN C 128 4.16 -51.04 -48.13
C GLN C 128 2.64 -50.95 -48.10
N ASP C 129 2.00 -51.64 -49.05
CA ASP C 129 0.56 -51.48 -49.32
C ASP C 129 -0.30 -52.00 -48.18
N GLU C 130 -0.01 -53.24 -47.79
CA GLU C 130 -0.80 -53.94 -46.76
C GLU C 130 -0.59 -53.34 -45.40
N HIS C 131 0.67 -53.19 -45.02
CA HIS C 131 1.01 -52.52 -43.76
C HIS C 131 2.38 -51.85 -43.72
N GLY C 132 2.36 -50.55 -43.99
CA GLY C 132 3.55 -49.68 -43.87
C GLY C 132 3.75 -49.18 -42.47
N TYR C 133 4.85 -49.57 -41.85
CA TYR C 133 5.25 -49.15 -40.51
C TYR C 133 6.42 -48.21 -40.67
N ILE C 134 6.82 -47.53 -39.60
CA ILE C 134 7.91 -46.53 -39.65
C ILE C 134 7.58 -45.46 -40.71
N SER C 135 6.74 -44.53 -40.32
CA SER C 135 6.45 -43.33 -41.10
C SER C 135 6.84 -42.13 -40.24
N ARG C 136 8.02 -41.58 -40.51
CA ARG C 136 8.58 -40.47 -39.71
C ARG C 136 8.58 -39.18 -40.52
N CYS C 137 8.26 -38.09 -39.84
CA CYS C 137 8.16 -36.74 -40.44
C CYS C 137 8.75 -35.69 -39.50
N PHE C 138 9.27 -34.60 -40.06
CA PHE C 138 9.77 -33.46 -39.26
C PHE C 138 9.35 -32.11 -39.86
N THR C 139 9.00 -31.19 -38.96
CA THR C 139 8.54 -29.83 -39.32
C THR C 139 9.31 -28.78 -38.51
N ARG C 140 10.27 -28.14 -39.15
CA ARG C 140 11.16 -27.12 -38.51
C ARG C 140 10.74 -25.70 -38.92
N LYS C 141 10.44 -24.90 -37.91
CA LYS C 141 9.97 -23.51 -38.08
C LYS C 141 11.05 -22.47 -37.76
N TYR C 142 11.59 -21.87 -38.79
CA TYR C 142 12.59 -20.79 -38.66
C TYR C 142 11.89 -19.45 -38.51
N THR C 143 12.25 -18.72 -37.45
CA THR C 143 11.79 -17.34 -37.27
C THR C 143 12.67 -16.43 -38.12
N LEU C 144 12.13 -15.94 -39.24
CA LEU C 144 12.87 -15.03 -40.13
C LEU C 144 13.10 -13.66 -39.47
N PRO C 145 14.26 -13.04 -39.77
CA PRO C 145 14.43 -11.65 -39.40
C PRO C 145 13.54 -10.78 -40.24
N PRO C 146 12.60 -10.02 -39.63
CA PRO C 146 11.61 -9.26 -40.39
C PRO C 146 12.23 -8.42 -41.51
N GLY C 147 11.64 -8.50 -42.69
CA GLY C 147 12.16 -7.84 -43.89
C GLY C 147 12.47 -8.77 -45.05
N VAL C 148 12.81 -10.02 -44.75
CA VAL C 148 13.25 -10.98 -45.76
C VAL C 148 12.06 -11.34 -46.65
N ASP C 149 12.20 -11.09 -47.94
CA ASP C 149 11.16 -11.42 -48.91
C ASP C 149 11.34 -12.89 -49.28
N PRO C 150 10.26 -13.67 -49.28
CA PRO C 150 10.32 -15.10 -49.60
C PRO C 150 10.94 -15.47 -50.96
N THR C 151 10.88 -14.58 -51.94
CA THR C 151 11.44 -14.85 -53.28
C THR C 151 12.96 -14.96 -53.31
N GLN C 152 13.58 -14.51 -52.24
CA GLN C 152 15.01 -14.60 -52.04
C GLN C 152 15.38 -15.92 -51.34
N VAL C 153 14.42 -16.54 -50.67
CA VAL C 153 14.66 -17.76 -49.86
C VAL C 153 14.72 -19.01 -50.79
N SER C 154 15.90 -19.60 -50.86
CA SER C 154 16.16 -20.82 -51.65
C SER C 154 16.59 -21.95 -50.74
N SER C 155 16.22 -23.18 -51.14
CA SER C 155 16.66 -24.40 -50.44
C SER C 155 17.53 -25.27 -51.35
N SER C 156 18.62 -25.73 -50.78
CA SER C 156 19.62 -26.57 -51.51
C SER C 156 20.06 -27.71 -50.60
N LEU C 157 19.95 -28.92 -51.10
CA LEU C 157 20.33 -30.12 -50.30
C LEU C 157 21.71 -30.58 -50.73
N SER C 158 22.65 -30.52 -49.80
CA SER C 158 24.05 -30.84 -50.10
C SER C 158 24.24 -32.34 -50.39
N PRO C 159 25.36 -32.72 -51.02
CA PRO C 159 25.69 -34.13 -51.24
C PRO C 159 25.82 -34.96 -49.99
N GLU C 160 26.30 -34.35 -48.94
CA GLU C 160 26.46 -34.99 -47.63
C GLU C 160 25.11 -35.18 -46.90
N GLY C 161 24.07 -34.58 -47.43
CA GLY C 161 22.71 -34.66 -46.86
C GLY C 161 22.53 -33.62 -45.78
N THR C 162 22.79 -32.37 -46.14
CA THR C 162 22.61 -31.21 -45.26
C THR C 162 21.80 -30.16 -46.01
N LEU C 163 20.58 -29.94 -45.55
CA LEU C 163 19.68 -28.93 -46.13
C LEU C 163 20.16 -27.53 -45.76
N THR C 164 20.39 -26.70 -46.77
CA THR C 164 20.81 -25.31 -46.60
C THR C 164 19.73 -24.38 -47.17
N VAL C 165 19.07 -23.66 -46.28
CA VAL C 165 18.07 -22.64 -46.70
C VAL C 165 18.74 -21.27 -46.63
N GLU C 166 18.97 -20.68 -47.80
CA GLU C 166 19.64 -19.37 -47.90
C GLU C 166 18.77 -18.33 -48.57
N ALA C 167 18.91 -17.09 -48.14
CA ALA C 167 18.13 -15.96 -48.68
C ALA C 167 18.93 -14.67 -48.68
N PRO C 168 18.94 -13.94 -49.81
CA PRO C 168 19.38 -12.56 -49.80
C PRO C 168 18.54 -11.67 -48.87
N MET C 169 19.23 -11.03 -47.93
CA MET C 169 18.60 -10.06 -47.03
C MET C 169 18.24 -8.83 -47.85
N PRO C 170 17.19 -8.13 -47.45
CA PRO C 170 16.74 -6.95 -48.20
C PRO C 170 17.90 -6.07 -48.59
N LYS C 171 18.72 -5.69 -47.62
CA LYS C 171 19.93 -4.90 -47.95
C LYS C 171 20.64 -4.41 -46.71
N GLN C 175 10.60 -5.10 -39.28
CA GLN C 175 9.74 -5.18 -38.08
C GLN C 175 8.82 -3.95 -37.87
N SER C 176 8.37 -3.40 -38.99
CA SER C 176 7.47 -2.23 -39.00
C SER C 176 6.04 -2.55 -38.48
N ASN C 177 5.28 -1.48 -38.33
CA ASN C 177 3.92 -1.50 -37.74
C ASN C 177 2.87 -2.30 -38.48
N GLU C 178 2.86 -2.16 -39.80
CA GLU C 178 1.82 -2.76 -40.68
C GLU C 178 1.73 -4.31 -40.71
N ILE C 179 2.71 -4.98 -40.15
CA ILE C 179 2.79 -6.47 -40.01
C ILE C 179 3.32 -7.17 -41.28
N THR C 180 2.80 -6.79 -42.44
CA THR C 180 3.21 -7.36 -43.73
C THR C 180 4.38 -6.58 -44.33
N ILE C 181 5.57 -7.12 -44.13
CA ILE C 181 6.82 -6.52 -44.62
C ILE C 181 7.44 -7.06 -45.92
N PRO C 182 7.28 -8.36 -46.22
CA PRO C 182 8.04 -8.86 -47.38
C PRO C 182 7.62 -8.20 -48.69
N VAL C 183 8.58 -7.62 -49.40
CA VAL C 183 8.30 -6.99 -50.68
C VAL C 183 9.34 -7.37 -51.71
N THR C 184 10.28 -6.48 -51.94
CA THR C 184 11.43 -6.64 -52.86
C THR C 184 11.34 -7.63 -54.03
N PHE C 185 11.35 -7.06 -55.23
CA PHE C 185 11.39 -7.80 -56.51
C PHE C 185 12.81 -7.94 -57.06
N GLU C 186 13.68 -8.62 -56.33
CA GLU C 186 15.13 -8.64 -56.66
C GLU C 186 15.72 -7.19 -56.65
N SER C 187 14.98 -6.26 -56.05
CA SER C 187 15.31 -4.85 -56.04
C SER C 187 15.55 -4.45 -54.59
N ARG C 188 16.81 -4.24 -54.25
CA ARG C 188 17.26 -4.08 -52.87
C ARG C 188 17.39 -2.63 -52.42
N ALA C 189 17.37 -1.72 -53.39
CA ALA C 189 17.45 -0.29 -53.14
C ALA C 189 16.18 0.20 -52.43
N GLN C 190 16.39 0.79 -51.25
CA GLN C 190 15.34 1.41 -50.39
C GLN C 190 14.42 0.45 -49.59
N LEU C 191 14.58 -0.83 -49.82
CA LEU C 191 13.88 -1.89 -49.08
C LEU C 191 14.91 -2.59 -48.22
N GLY C 192 14.76 -2.44 -46.92
CA GLY C 192 15.74 -2.96 -45.95
C GLY C 192 15.09 -3.91 -44.99
N GLU C 201 13.49 -0.59 -43.27
CA GLU C 201 14.91 -0.84 -43.01
C GLU C 201 15.11 -1.59 -41.70
N THR C 202 15.58 -2.82 -41.80
CA THR C 202 15.86 -3.69 -40.66
C THR C 202 17.35 -4.02 -40.60
N ALA C 203 17.84 -4.19 -39.38
CA ALA C 203 19.23 -4.57 -39.11
C ALA C 203 19.30 -6.10 -38.91
N ALA C 204 20.39 -6.57 -38.32
CA ALA C 204 20.62 -8.02 -38.08
C ALA C 204 19.44 -8.77 -37.41
N LYS C 205 18.77 -8.05 -36.51
CA LYS C 205 17.55 -8.55 -35.85
C LYS C 205 16.46 -7.50 -35.81
N ARG D 5 -35.03 -3.16 -18.78
CA ARG D 5 -35.42 -3.12 -20.22
C ARG D 5 -36.71 -3.90 -20.50
N VAL D 6 -37.78 -3.14 -20.76
CA VAL D 6 -39.09 -3.71 -21.16
C VAL D 6 -39.80 -2.66 -22.03
N PRO D 7 -40.40 -3.08 -23.16
CA PRO D 7 -41.24 -2.14 -23.90
C PRO D 7 -42.61 -1.94 -23.21
N PHE D 8 -42.64 -1.00 -22.27
CA PHE D 8 -43.83 -0.74 -21.44
C PHE D 8 -44.96 0.01 -22.12
N SER D 9 -44.62 0.86 -23.06
CA SER D 9 -45.61 1.56 -23.89
C SER D 9 -46.51 0.57 -24.66
N LEU D 10 -45.92 -0.57 -25.02
CA LEU D 10 -46.63 -1.69 -25.68
C LEU D 10 -47.32 -2.68 -24.73
N LEU D 11 -47.07 -2.55 -23.45
CA LEU D 11 -47.59 -3.49 -22.43
C LEU D 11 -48.53 -2.92 -21.37
N ARG D 12 -48.70 -1.61 -21.37
CA ARG D 12 -49.53 -0.92 -20.38
C ARG D 12 -50.65 -0.15 -21.07
N ASP D 17 -50.89 1.14 -24.21
CA ASP D 17 -51.49 0.91 -25.51
C ASP D 17 -52.44 -0.29 -25.59
N PRO D 18 -51.99 -1.47 -25.10
CA PRO D 18 -52.90 -2.63 -25.22
C PRO D 18 -54.11 -2.60 -24.30
N PHE D 19 -54.08 -1.74 -23.29
CA PHE D 19 -55.22 -1.47 -22.37
C PHE D 19 -55.79 -0.05 -22.42
N ARG D 20 -54.92 0.90 -22.64
CA ARG D 20 -55.25 2.33 -22.55
C ARG D 20 -56.23 2.91 -23.57
N ASP D 21 -56.34 2.25 -24.71
CA ASP D 21 -57.00 2.86 -25.92
C ASP D 21 -58.54 2.80 -26.00
N TRP D 22 -59.19 2.30 -24.95
CA TRP D 22 -60.66 2.35 -24.83
C TRP D 22 -61.08 3.41 -23.79
N TYR D 23 -62.34 3.40 -23.38
CA TYR D 23 -62.93 4.45 -22.53
C TYR D 23 -62.28 4.41 -21.14
N PRO D 24 -62.44 3.28 -20.42
CA PRO D 24 -61.58 3.08 -19.24
C PRO D 24 -60.27 2.41 -19.61
N HIS D 25 -59.25 2.67 -18.81
CA HIS D 25 -57.89 2.16 -19.06
C HIS D 25 -57.67 0.73 -18.53
N SER D 26 -58.47 0.29 -17.58
CA SER D 26 -58.32 -1.06 -16.95
C SER D 26 -59.26 -2.15 -17.47
N ARG D 27 -60.39 -1.74 -18.02
CA ARG D 27 -61.49 -2.66 -18.45
C ARG D 27 -61.11 -3.68 -19.56
N LEU D 28 -60.05 -3.41 -20.28
CA LEU D 28 -59.60 -4.30 -21.37
C LEU D 28 -59.08 -5.68 -20.89
N PHE D 29 -58.46 -5.69 -19.72
CA PHE D 29 -58.12 -6.96 -19.05
C PHE D 29 -59.41 -7.61 -18.54
N ASP D 30 -60.34 -6.81 -18.07
CA ASP D 30 -61.63 -7.27 -17.52
C ASP D 30 -62.46 -8.04 -18.55
N GLN D 31 -62.39 -7.62 -19.81
CA GLN D 31 -63.11 -8.25 -20.93
C GLN D 31 -62.31 -9.33 -21.63
N ALA D 32 -60.99 -9.29 -21.47
CA ALA D 32 -60.08 -10.30 -22.03
C ALA D 32 -59.89 -11.54 -21.13
N PHE D 33 -60.61 -11.56 -20.02
CA PHE D 33 -60.53 -12.63 -19.01
C PHE D 33 -61.87 -13.36 -18.86
N GLY D 34 -62.92 -12.59 -18.68
CA GLY D 34 -64.27 -13.13 -18.51
C GLY D 34 -65.27 -12.04 -18.14
N PRO D 36 -66.80 -9.52 -14.84
CA PRO D 36 -66.49 -8.98 -13.51
C PRO D 36 -66.21 -10.06 -12.45
N ARG D 37 -66.86 -9.96 -11.29
CA ARG D 37 -66.63 -10.86 -10.19
C ARG D 37 -65.22 -10.61 -9.67
N LEU D 38 -65.09 -9.76 -8.68
CA LEU D 38 -63.75 -9.36 -8.18
C LEU D 38 -63.14 -10.10 -6.98
N PRO D 39 -63.95 -10.61 -6.02
CA PRO D 39 -63.32 -11.34 -4.91
C PRO D 39 -62.81 -12.73 -5.29
N GLU D 40 -63.03 -13.11 -6.53
CA GLU D 40 -62.64 -14.41 -7.08
C GLU D 40 -61.28 -14.39 -7.83
N GLU D 41 -60.49 -13.34 -7.63
CA GLU D 41 -59.21 -13.05 -8.35
C GLU D 41 -59.42 -12.33 -9.69
N TRP D 42 -59.51 -11.00 -9.62
CA TRP D 42 -59.70 -10.15 -10.80
C TRP D 42 -58.85 -8.87 -10.77
N SER D 43 -58.18 -8.60 -11.89
CA SER D 43 -57.14 -7.54 -11.94
C SER D 43 -57.63 -6.11 -12.09
N GLN D 44 -57.14 -5.26 -11.19
CA GLN D 44 -57.33 -3.83 -11.28
C GLN D 44 -55.94 -3.20 -11.30
N TRP D 45 -55.88 -1.95 -11.67
CA TRP D 45 -54.62 -1.18 -11.74
C TRP D 45 -53.81 -1.48 -13.01
N LEU D 46 -53.41 -2.72 -13.18
CA LEU D 46 -52.57 -3.20 -14.31
C LEU D 46 -51.13 -2.65 -14.31
N GLY D 47 -50.98 -1.42 -13.87
CA GLY D 47 -49.67 -0.89 -13.49
C GLY D 47 -49.20 -1.52 -12.19
N GLY D 48 -50.09 -1.52 -11.21
CA GLY D 48 -49.82 -2.08 -9.86
C GLY D 48 -50.27 -3.50 -9.58
N SER D 49 -51.22 -3.99 -10.37
CA SER D 49 -51.78 -5.34 -10.22
C SER D 49 -52.16 -5.91 -11.58
N SER D 50 -51.32 -6.80 -12.10
CA SER D 50 -51.42 -7.29 -13.48
C SER D 50 -51.90 -8.75 -13.57
N TRP D 51 -51.19 -9.64 -12.89
CA TRP D 51 -51.43 -11.12 -12.90
C TRP D 51 -51.13 -11.74 -14.26
N PRO D 52 -51.09 -13.09 -14.35
CA PRO D 52 -50.77 -13.69 -15.65
C PRO D 52 -51.75 -13.33 -16.74
N GLY D 53 -51.23 -12.72 -17.79
CA GLY D 53 -51.99 -12.48 -19.00
C GLY D 53 -52.47 -13.79 -19.60
N TYR D 54 -53.77 -13.99 -19.51
CA TYR D 54 -54.46 -15.12 -20.13
C TYR D 54 -54.87 -14.68 -21.54
N VAL D 55 -55.72 -13.66 -21.58
CA VAL D 55 -56.08 -12.92 -22.82
C VAL D 55 -56.39 -13.86 -23.99
N ARG D 56 -57.48 -14.60 -23.86
CA ARG D 56 -57.92 -15.59 -24.87
C ARG D 56 -59.44 -15.71 -24.94
N ALA D 70 -65.00 -13.49 -31.95
CA ALA D 70 -63.57 -13.67 -32.21
C ALA D 70 -62.71 -13.17 -31.04
N PRO D 71 -61.54 -13.83 -30.81
CA PRO D 71 -60.57 -13.31 -29.84
C PRO D 71 -59.74 -12.15 -30.42
N ALA D 72 -60.24 -10.95 -30.21
CA ALA D 72 -59.70 -9.73 -30.83
C ALA D 72 -58.70 -8.92 -29.97
N TYR D 73 -58.52 -9.29 -28.72
CA TYR D 73 -57.61 -8.56 -27.80
C TYR D 73 -56.12 -8.84 -28.05
N SER D 74 -55.83 -10.08 -28.40
CA SER D 74 -54.46 -10.48 -28.82
C SER D 74 -54.13 -10.12 -30.28
N ARG D 75 -55.16 -9.91 -31.09
CA ARG D 75 -55.03 -9.52 -32.51
C ARG D 75 -55.06 -8.00 -32.78
N ALA D 76 -55.52 -7.25 -31.79
CA ALA D 76 -55.54 -5.76 -31.82
C ALA D 76 -54.17 -5.14 -31.55
N LEU D 77 -53.29 -5.92 -30.94
CA LEU D 77 -51.95 -5.47 -30.51
C LEU D 77 -51.07 -5.08 -31.70
N SER D 78 -51.05 -5.93 -32.71
CA SER D 78 -50.33 -5.69 -33.98
C SER D 78 -50.99 -4.63 -34.88
N ARG D 79 -52.21 -4.24 -34.54
CA ARG D 79 -53.01 -3.24 -35.28
C ARG D 79 -53.40 -3.78 -36.65
N GLN D 80 -53.79 -5.06 -36.67
CA GLN D 80 -54.15 -5.82 -37.90
C GLN D 80 -53.18 -5.57 -39.08
N LEU D 81 -51.90 -5.39 -38.76
CA LEU D 81 -50.82 -5.30 -39.75
C LEU D 81 -50.16 -6.66 -40.01
N SER D 82 -50.40 -7.59 -39.10
CA SER D 82 -49.84 -8.95 -39.13
C SER D 82 -50.91 -10.03 -39.16
N SER D 83 -51.77 -9.96 -38.16
CA SER D 83 -52.96 -10.84 -38.04
C SER D 83 -52.64 -12.31 -37.80
N GLY D 84 -51.41 -12.65 -37.40
CA GLY D 84 -51.06 -14.06 -37.15
C GLY D 84 -50.93 -14.83 -38.44
N ARG D 94 -39.31 -3.72 -35.84
CA ARG D 94 -38.64 -4.47 -36.89
C ARG D 94 -37.19 -3.99 -37.11
N TRP D 95 -36.29 -4.96 -37.22
CA TRP D 95 -34.83 -4.73 -37.27
C TRP D 95 -34.34 -3.94 -38.48
N ARG D 96 -34.42 -4.55 -39.64
CA ARG D 96 -34.06 -3.94 -40.92
C ARG D 96 -32.61 -3.44 -41.06
N VAL D 97 -31.86 -4.08 -41.94
CA VAL D 97 -30.45 -3.69 -42.24
C VAL D 97 -30.06 -3.83 -43.72
N SER D 98 -29.02 -3.08 -44.12
CA SER D 98 -28.56 -2.98 -45.53
C SER D 98 -27.15 -3.52 -45.81
N LEU D 99 -26.93 -3.87 -47.07
CA LEU D 99 -25.64 -4.36 -47.56
C LEU D 99 -25.47 -4.07 -49.05
N ASP D 100 -24.60 -3.13 -49.40
CA ASP D 100 -24.35 -2.77 -50.81
C ASP D 100 -23.38 -3.81 -51.44
N VAL D 101 -23.94 -4.69 -52.26
CA VAL D 101 -23.21 -5.78 -52.94
C VAL D 101 -23.07 -5.63 -54.49
N ASN D 102 -23.71 -4.63 -55.07
CA ASN D 102 -23.75 -4.46 -56.55
C ASN D 102 -22.36 -4.50 -57.24
N HIS D 103 -21.41 -3.81 -56.63
CA HIS D 103 -20.02 -3.76 -57.14
C HIS D 103 -19.30 -5.12 -57.10
N PHE D 104 -19.62 -5.89 -56.09
CA PHE D 104 -18.95 -7.20 -55.85
C PHE D 104 -19.13 -8.22 -57.01
N ALA D 105 -20.33 -8.20 -57.58
CA ALA D 105 -20.80 -9.16 -58.58
C ALA D 105 -20.60 -10.61 -58.06
N PRO D 106 -21.33 -10.97 -56.98
CA PRO D 106 -21.17 -12.29 -56.39
C PRO D 106 -21.80 -13.39 -57.24
N ASP D 107 -21.13 -14.51 -57.26
CA ASP D 107 -21.70 -15.74 -57.90
C ASP D 107 -22.75 -16.36 -56.97
N GLU D 108 -22.50 -16.31 -55.67
CA GLU D 108 -23.40 -16.88 -54.67
C GLU D 108 -23.24 -16.20 -53.28
N LEU D 109 -24.37 -15.93 -52.65
CA LEU D 109 -24.45 -15.31 -51.31
C LEU D 109 -25.10 -16.27 -50.32
N THR D 110 -24.32 -16.78 -49.38
CA THR D 110 -24.77 -17.67 -48.31
C THR D 110 -24.87 -16.89 -46.99
N VAL D 111 -26.10 -16.79 -46.49
CA VAL D 111 -26.39 -16.09 -45.24
C VAL D 111 -26.81 -17.11 -44.17
N LYS D 112 -26.02 -17.16 -43.10
CA LYS D 112 -26.18 -18.12 -42.02
C LYS D 112 -26.36 -17.36 -40.71
N THR D 113 -27.36 -17.78 -39.93
CA THR D 113 -27.60 -17.24 -38.58
C THR D 113 -27.20 -18.28 -37.52
N LYS D 114 -26.16 -17.96 -36.76
CA LYS D 114 -25.60 -18.85 -35.75
C LYS D 114 -25.23 -18.10 -34.48
N ASP D 115 -25.67 -18.64 -33.34
CA ASP D 115 -25.40 -18.06 -31.99
C ASP D 115 -25.85 -16.59 -31.83
N GLY D 116 -26.96 -16.25 -32.46
CA GLY D 116 -27.50 -14.89 -32.47
C GLY D 116 -26.60 -13.87 -33.18
N VAL D 117 -25.91 -14.35 -34.21
CA VAL D 117 -25.04 -13.52 -35.06
C VAL D 117 -25.33 -13.85 -36.51
N VAL D 118 -25.81 -12.86 -37.26
CA VAL D 118 -26.07 -13.01 -38.70
C VAL D 118 -24.75 -12.86 -39.48
N GLU D 119 -24.33 -13.95 -40.12
CA GLU D 119 -23.09 -14.01 -40.89
C GLU D 119 -23.40 -14.16 -42.38
N ILE D 120 -23.03 -13.16 -43.16
CA ILE D 120 -23.29 -13.09 -44.60
C ILE D 120 -21.96 -13.31 -45.35
N THR D 121 -21.86 -14.43 -46.06
CA THR D 121 -20.68 -14.80 -46.83
C THR D 121 -21.01 -14.88 -48.32
N GLY D 122 -20.44 -13.95 -49.09
CA GLY D 122 -20.56 -13.93 -50.54
C GLY D 122 -19.30 -14.44 -51.20
N LYS D 123 -19.45 -15.14 -52.32
CA LYS D 123 -18.34 -15.69 -53.09
C LYS D 123 -18.40 -15.31 -54.56
N HIS D 124 -17.24 -14.94 -55.08
CA HIS D 124 -17.05 -14.64 -56.50
C HIS D 124 -15.87 -15.40 -57.06
N GLU D 125 -16.06 -15.98 -58.24
CA GLU D 125 -15.04 -16.76 -58.95
C GLU D 125 -15.34 -16.73 -60.45
N GLU D 126 -14.28 -16.88 -61.24
CA GLU D 126 -14.39 -17.08 -62.69
C GLU D 126 -14.34 -18.56 -63.00
N ARG D 127 -15.35 -19.06 -63.71
CA ARG D 127 -15.39 -20.49 -64.10
C ARG D 127 -14.35 -20.76 -65.18
N GLN D 128 -13.16 -21.13 -64.74
CA GLN D 128 -12.04 -21.49 -65.60
C GLN D 128 -11.33 -22.68 -64.95
N ASP D 129 -11.41 -23.83 -65.59
CA ASP D 129 -10.93 -25.11 -65.00
C ASP D 129 -9.41 -25.17 -64.80
N GLU D 130 -8.68 -24.64 -65.76
CA GLU D 130 -7.20 -24.58 -65.70
C GLU D 130 -6.73 -23.66 -64.58
N HIS D 131 -7.21 -22.42 -64.61
CA HIS D 131 -6.88 -21.40 -63.61
C HIS D 131 -8.06 -20.54 -63.21
N GLY D 132 -8.62 -20.82 -62.05
CA GLY D 132 -9.64 -19.96 -61.44
C GLY D 132 -8.97 -18.88 -60.63
N TYR D 133 -9.01 -17.65 -61.11
CA TYR D 133 -8.41 -16.47 -60.47
C TYR D 133 -9.48 -15.39 -60.28
N ILE D 134 -9.05 -14.18 -59.92
CA ILE D 134 -9.95 -13.05 -59.65
C ILE D 134 -11.12 -13.57 -58.80
N SER D 135 -10.71 -14.31 -57.79
CA SER D 135 -11.62 -15.01 -56.88
C SER D 135 -11.70 -14.25 -55.58
N ARG D 136 -12.77 -13.49 -55.41
CA ARG D 136 -12.97 -12.62 -54.24
C ARG D 136 -14.15 -13.11 -53.41
N CYS D 137 -14.04 -12.91 -52.10
CA CYS D 137 -15.04 -13.32 -51.11
C CYS D 137 -15.21 -12.21 -50.08
N PHE D 138 -16.36 -12.14 -49.45
CA PHE D 138 -16.58 -11.20 -48.33
C PHE D 138 -17.46 -11.85 -47.24
N THR D 139 -17.12 -11.57 -45.99
CA THR D 139 -17.85 -12.10 -44.81
C THR D 139 -18.21 -11.02 -43.79
N ARG D 140 -19.47 -10.58 -43.81
CA ARG D 140 -19.99 -9.57 -42.89
C ARG D 140 -20.75 -10.20 -41.72
N LYS D 141 -20.36 -9.85 -40.50
CA LYS D 141 -20.99 -10.38 -39.27
C LYS D 141 -21.80 -9.30 -38.58
N TYR D 142 -23.11 -9.53 -38.46
CA TYR D 142 -24.04 -8.62 -37.79
C TYR D 142 -24.36 -9.13 -36.38
N THR D 143 -24.15 -8.27 -35.39
CA THR D 143 -24.52 -8.55 -34.01
C THR D 143 -25.98 -8.18 -33.83
N LEU D 144 -26.84 -9.18 -33.68
CA LEU D 144 -28.29 -8.99 -33.52
C LEU D 144 -28.61 -8.38 -32.15
N PRO D 145 -29.63 -7.50 -32.10
CA PRO D 145 -30.31 -7.18 -30.84
C PRO D 145 -31.00 -8.42 -30.26
N PRO D 146 -30.37 -9.05 -29.23
CA PRO D 146 -30.83 -10.37 -28.77
C PRO D 146 -32.34 -10.44 -28.42
N GLY D 147 -32.98 -11.52 -28.86
CA GLY D 147 -34.46 -11.62 -28.80
C GLY D 147 -35.12 -11.81 -30.15
N VAL D 148 -34.42 -11.42 -31.20
CA VAL D 148 -34.87 -11.62 -32.59
C VAL D 148 -34.80 -13.10 -32.92
N ASP D 149 -35.95 -13.67 -33.23
CA ASP D 149 -36.04 -15.08 -33.61
C ASP D 149 -35.62 -15.21 -35.07
N PRO D 150 -34.70 -16.13 -35.38
CA PRO D 150 -34.26 -16.27 -36.79
C PRO D 150 -35.31 -16.63 -37.86
N THR D 151 -36.51 -17.07 -37.48
CA THR D 151 -37.62 -17.30 -38.44
C THR D 151 -38.21 -16.01 -38.97
N GLN D 152 -37.96 -14.94 -38.25
CA GLN D 152 -38.39 -13.61 -38.63
C GLN D 152 -37.39 -12.96 -39.58
N VAL D 153 -36.17 -13.49 -39.62
CA VAL D 153 -35.08 -12.96 -40.46
C VAL D 153 -35.26 -13.46 -41.90
N SER D 154 -35.60 -12.55 -42.78
CA SER D 154 -35.75 -12.80 -44.22
C SER D 154 -34.64 -12.03 -44.94
N SER D 155 -34.12 -12.63 -45.99
CA SER D 155 -33.15 -11.96 -46.88
C SER D 155 -33.86 -11.63 -48.20
N SER D 156 -33.97 -10.36 -48.43
CA SER D 156 -34.60 -9.79 -49.60
C SER D 156 -33.49 -9.18 -50.44
N LEU D 157 -33.35 -9.59 -51.69
CA LEU D 157 -32.35 -8.99 -52.61
C LEU D 157 -32.90 -8.24 -53.82
N SER D 158 -32.45 -7.02 -53.99
CA SER D 158 -32.96 -6.09 -55.03
C SER D 158 -32.42 -6.43 -56.42
N PRO D 159 -33.13 -5.99 -57.48
CA PRO D 159 -32.63 -6.09 -58.86
C PRO D 159 -31.27 -5.46 -59.13
N GLU D 160 -31.00 -4.36 -58.47
CA GLU D 160 -29.75 -3.60 -58.57
C GLU D 160 -28.61 -4.09 -57.68
N GLY D 161 -28.85 -5.11 -56.89
CA GLY D 161 -27.82 -5.76 -56.12
C GLY D 161 -27.45 -5.07 -54.83
N THR D 162 -28.43 -4.95 -53.94
CA THR D 162 -28.20 -4.50 -52.56
C THR D 162 -28.98 -5.43 -51.62
N LEU D 163 -28.24 -6.20 -50.86
CA LEU D 163 -28.80 -7.21 -49.96
C LEU D 163 -29.41 -6.55 -48.71
N THR D 164 -30.66 -6.87 -48.42
CA THR D 164 -31.37 -6.37 -47.25
C THR D 164 -31.81 -7.57 -46.37
N VAL D 165 -31.39 -7.54 -45.14
CA VAL D 165 -31.77 -8.53 -44.11
C VAL D 165 -32.79 -7.85 -43.18
N GLU D 166 -34.02 -8.35 -43.22
CA GLU D 166 -35.15 -7.79 -42.47
C GLU D 166 -35.66 -8.80 -41.45
N ALA D 167 -36.05 -8.32 -40.28
CA ALA D 167 -36.58 -9.18 -39.22
C ALA D 167 -37.42 -8.43 -38.18
N PRO D 168 -38.67 -8.88 -37.98
CA PRO D 168 -39.48 -8.40 -36.84
C PRO D 168 -38.81 -8.63 -35.48
N MET D 169 -38.82 -7.56 -34.68
CA MET D 169 -38.33 -7.61 -33.29
C MET D 169 -39.35 -8.38 -32.46
N PRO D 170 -38.91 -9.06 -31.38
CA PRO D 170 -39.86 -9.90 -30.60
C PRO D 170 -41.15 -9.16 -30.23
N LYS D 171 -41.03 -7.88 -29.93
CA LYS D 171 -42.20 -6.98 -29.90
C LYS D 171 -41.89 -5.51 -30.07
N GLN D 175 -30.66 -11.55 -24.27
CA GLN D 175 -30.06 -10.73 -23.20
C GLN D 175 -30.26 -11.28 -21.79
N SER D 176 -31.23 -12.16 -21.63
CA SER D 176 -31.50 -12.83 -20.35
C SER D 176 -30.40 -13.85 -19.96
N ASN D 177 -30.56 -14.41 -18.77
CA ASN D 177 -29.56 -15.30 -18.15
C ASN D 177 -29.22 -16.56 -18.95
N GLU D 178 -30.27 -17.23 -19.41
CA GLU D 178 -30.16 -18.52 -20.15
C GLU D 178 -29.43 -18.50 -21.51
N ILE D 179 -29.08 -17.31 -22.01
CA ILE D 179 -28.41 -17.10 -23.33
C ILE D 179 -29.32 -17.32 -24.56
N THR D 180 -29.83 -18.52 -24.69
CA THR D 180 -30.70 -18.90 -25.82
C THR D 180 -32.11 -18.27 -25.72
N ILE D 181 -32.35 -17.18 -26.44
CA ILE D 181 -33.63 -16.47 -26.38
C ILE D 181 -34.47 -16.54 -27.65
N PRO D 182 -33.91 -17.09 -28.80
CA PRO D 182 -34.88 -17.14 -29.94
C PRO D 182 -36.13 -17.92 -29.56
N VAL D 183 -37.30 -17.36 -29.82
CA VAL D 183 -38.56 -18.01 -29.46
C VAL D 183 -39.68 -17.94 -30.53
N THR D 184 -40.13 -16.73 -30.83
CA THR D 184 -41.47 -16.49 -31.44
C THR D 184 -41.84 -17.31 -32.70
N PHE D 185 -43.04 -17.87 -32.67
CA PHE D 185 -43.62 -18.63 -33.80
C PHE D 185 -44.50 -17.80 -34.74
N GLU D 186 -44.21 -16.50 -34.79
CA GLU D 186 -45.16 -15.45 -35.24
C GLU D 186 -46.10 -15.00 -34.10
N SER D 187 -45.98 -15.64 -32.95
CA SER D 187 -46.75 -15.33 -31.74
C SER D 187 -45.92 -14.37 -30.92
N ARG D 188 -46.29 -13.10 -30.97
CA ARG D 188 -45.56 -12.00 -30.29
C ARG D 188 -45.98 -11.71 -28.85
N ALA D 189 -47.13 -12.25 -28.46
CA ALA D 189 -47.73 -11.99 -27.14
C ALA D 189 -46.85 -12.55 -26.01
N GLN D 190 -46.50 -11.66 -25.08
CA GLN D 190 -45.70 -11.95 -23.86
C GLN D 190 -44.21 -12.35 -24.07
N LEU D 191 -43.73 -12.25 -25.30
CA LEU D 191 -42.32 -12.46 -25.66
C LEU D 191 -41.73 -11.13 -26.10
N GLY D 192 -40.79 -10.62 -25.33
CA GLY D 192 -40.15 -9.34 -25.62
C GLY D 192 -38.70 -9.53 -26.03
N GLU D 201 -37.89 -9.76 -21.77
CA GLU D 201 -38.30 -8.54 -22.49
C GLU D 201 -37.09 -7.63 -22.73
N THR D 202 -36.77 -7.41 -24.00
CA THR D 202 -35.75 -6.45 -24.43
C THR D 202 -36.46 -5.29 -25.13
N ALA D 203 -35.88 -4.11 -24.99
CA ALA D 203 -36.39 -2.90 -25.62
C ALA D 203 -35.59 -2.51 -26.87
N ALA D 204 -34.61 -1.65 -26.67
CA ALA D 204 -33.75 -1.12 -27.71
C ALA D 204 -32.42 -1.86 -27.74
N LYS D 205 -31.77 -1.93 -26.59
CA LYS D 205 -30.50 -2.64 -26.44
C LYS D 205 -30.58 -3.71 -25.36
N MET E 1 29.41 25.85 -20.93
CA MET E 1 30.36 24.83 -20.43
C MET E 1 30.67 25.00 -18.96
N THR E 2 29.90 25.83 -18.27
CA THR E 2 30.10 26.10 -16.85
C THR E 2 29.13 25.29 -15.98
N GLU E 3 29.39 24.00 -15.89
CA GLU E 3 28.53 23.11 -15.08
C GLU E 3 27.16 22.95 -15.70
N ARG E 4 27.05 22.05 -16.66
CA ARG E 4 25.79 21.73 -17.32
C ARG E 4 25.75 22.07 -18.81
N ARG E 5 26.56 23.00 -19.29
CA ARG E 5 26.54 23.41 -20.68
C ARG E 5 27.67 22.96 -21.58
N PRO E 7 28.61 26.27 -25.23
CA PRO E 7 28.71 27.71 -25.52
C PRO E 7 28.57 28.04 -27.02
N PHE E 8 27.34 28.28 -27.44
CA PHE E 8 26.99 28.51 -28.87
C PHE E 8 27.12 29.95 -29.35
N SER E 9 27.09 30.89 -28.43
CA SER E 9 27.41 32.31 -28.72
C SER E 9 28.85 32.47 -29.26
N LEU E 10 29.74 31.61 -28.79
CA LEU E 10 31.14 31.54 -29.26
C LEU E 10 31.39 30.71 -30.52
N LEU E 11 30.41 29.90 -30.92
CA LEU E 11 30.53 29.00 -32.09
C LEU E 11 29.68 29.37 -33.32
N ARG E 12 28.72 30.25 -33.17
CA ARG E 12 27.74 30.58 -34.22
C ARG E 12 27.89 32.01 -34.68
N ASP E 17 29.32 34.54 -33.27
CA ASP E 17 30.41 35.52 -33.26
C ASP E 17 31.50 35.24 -34.27
N PRO E 18 32.04 34.00 -34.34
CA PRO E 18 33.14 33.79 -35.29
C PRO E 18 32.74 33.74 -36.77
N PHE E 19 31.44 33.61 -37.04
CA PHE E 19 30.89 33.68 -38.40
C PHE E 19 30.06 34.92 -38.71
N ARG E 20 29.73 35.70 -37.69
CA ARG E 20 28.71 36.78 -37.83
C ARG E 20 29.17 38.24 -37.78
N ASP E 21 30.47 38.49 -37.72
CA ASP E 21 31.03 39.86 -37.66
C ASP E 21 31.50 40.47 -39.00
N TRP E 22 31.20 39.79 -40.10
CA TRP E 22 31.48 40.27 -41.46
C TRP E 22 30.18 40.54 -42.22
N TYR E 23 30.28 40.83 -43.51
CA TYR E 23 29.12 41.26 -44.31
C TYR E 23 28.00 40.20 -44.36
N PRO E 24 28.27 38.99 -44.92
CA PRO E 24 27.31 37.94 -44.68
C PRO E 24 27.65 37.19 -43.39
N HIS E 25 26.74 36.34 -42.95
CA HIS E 25 26.89 35.58 -41.69
C HIS E 25 27.32 34.11 -41.86
N SER E 26 27.20 33.57 -43.04
CA SER E 26 27.70 32.19 -43.37
C SER E 26 29.01 32.17 -44.17
N ARG E 27 29.38 33.33 -44.72
CA ARG E 27 30.53 33.46 -45.63
C ARG E 27 31.91 33.18 -44.99
N LEU E 28 32.01 33.27 -43.68
CA LEU E 28 33.27 33.02 -42.95
C LEU E 28 33.72 31.56 -42.93
N PHE E 29 32.77 30.65 -43.09
CA PHE E 29 33.08 29.22 -43.32
C PHE E 29 33.51 28.99 -44.77
N ASP E 30 32.95 29.76 -45.70
CA ASP E 30 33.29 29.68 -47.13
C ASP E 30 34.72 30.14 -47.48
N GLN E 31 35.17 31.19 -46.81
CA GLN E 31 36.50 31.81 -47.06
C GLN E 31 37.69 31.15 -46.36
N ALA E 32 37.41 30.43 -45.30
CA ALA E 32 38.40 29.56 -44.62
C ALA E 32 38.63 28.23 -45.35
N PHE E 33 38.00 28.07 -46.51
CA PHE E 33 37.85 26.78 -47.17
C PHE E 33 38.31 26.70 -48.64
N GLY E 34 37.52 27.24 -49.54
CA GLY E 34 37.65 26.94 -50.99
C GLY E 34 37.00 27.89 -51.95
N ARG E 37 34.90 24.75 -56.96
CA ARG E 37 33.58 24.14 -56.96
C ARG E 37 32.93 24.19 -55.59
N LEU E 38 31.73 24.74 -55.52
CA LEU E 38 30.95 24.86 -54.27
C LEU E 38 29.63 24.08 -54.14
N PRO E 39 29.35 23.07 -55.00
CA PRO E 39 28.13 22.26 -54.75
C PRO E 39 28.30 20.80 -54.35
N GLU E 40 29.54 20.33 -54.30
CA GLU E 40 29.74 18.89 -54.00
C GLU E 40 29.30 18.62 -52.54
N GLU E 41 29.74 19.47 -51.61
CA GLU E 41 29.39 19.38 -50.17
C GLU E 41 29.77 20.64 -49.40
N TRP E 42 28.95 21.67 -49.45
CA TRP E 42 29.34 22.96 -48.81
C TRP E 42 28.39 23.42 -47.73
N SER E 43 28.90 24.34 -46.92
CA SER E 43 28.20 24.84 -45.72
C SER E 43 27.29 26.04 -45.93
N GLN E 44 25.99 25.76 -45.88
CA GLN E 44 24.94 26.76 -45.82
C GLN E 44 24.17 26.55 -44.51
N TRP E 45 24.16 27.57 -43.67
CA TRP E 45 23.42 27.70 -42.38
C TRP E 45 24.28 27.78 -41.12
N LEU E 46 25.22 26.86 -40.99
CA LEU E 46 26.09 26.73 -39.79
C LEU E 46 25.39 26.37 -38.47
N GLY E 47 24.17 26.84 -38.28
CA GLY E 47 23.28 26.39 -37.19
C GLY E 47 22.52 25.13 -37.57
N GLY E 48 21.75 25.22 -38.62
CA GLY E 48 21.01 24.06 -39.19
C GLY E 48 21.83 23.17 -40.11
N SER E 49 22.98 23.66 -40.54
CA SER E 49 23.93 22.90 -41.37
C SER E 49 25.33 23.52 -41.38
N SER E 50 26.28 22.78 -40.83
CA SER E 50 27.60 23.28 -40.37
C SER E 50 28.86 22.61 -40.99
N TRP E 51 28.90 21.29 -40.94
CA TRP E 51 30.03 20.42 -41.40
C TRP E 51 31.22 20.46 -40.42
N PRO E 52 32.15 19.49 -40.52
CA PRO E 52 33.37 19.49 -39.70
C PRO E 52 34.25 20.72 -39.86
N GLY E 53 34.65 21.30 -38.71
CA GLY E 53 35.54 22.44 -38.68
C GLY E 53 36.97 22.05 -38.98
N TYR E 54 37.43 22.50 -40.15
CA TYR E 54 38.81 22.38 -40.60
C TYR E 54 39.45 23.75 -40.40
N VAL E 55 38.89 24.75 -41.07
CA VAL E 55 39.13 26.19 -40.83
C VAL E 55 40.63 26.56 -40.75
N ARG E 56 41.37 26.33 -41.82
CA ARG E 56 42.78 26.70 -41.94
C ARG E 56 43.09 27.36 -43.28
N ALA E 70 48.80 34.18 -44.05
CA ALA E 70 48.04 34.71 -42.93
C ALA E 70 46.78 33.88 -42.64
N PRO E 71 46.87 32.92 -41.70
CA PRO E 71 45.72 32.14 -41.27
C PRO E 71 44.94 32.91 -40.19
N ALA E 72 44.16 33.86 -40.65
CA ALA E 72 43.51 34.84 -39.77
C ALA E 72 42.18 34.39 -39.17
N TYR E 73 41.64 33.28 -39.63
CA TYR E 73 40.30 32.81 -39.19
C TYR E 73 40.28 32.03 -37.87
N SER E 74 41.34 31.26 -37.63
CA SER E 74 41.58 30.62 -36.35
C SER E 74 42.17 31.59 -35.30
N ARG E 75 42.79 32.65 -35.79
CA ARG E 75 43.44 33.69 -34.94
C ARG E 75 42.51 34.88 -34.59
N ALA E 76 41.46 35.07 -35.36
CA ALA E 76 40.41 36.09 -35.11
C ALA E 76 39.51 35.75 -33.92
N LEU E 77 39.44 34.47 -33.58
CA LEU E 77 38.55 33.96 -32.51
C LEU E 77 38.93 34.53 -31.15
N SER E 78 40.21 34.46 -30.85
CA SER E 78 40.77 35.03 -29.61
C SER E 78 40.83 36.55 -29.64
N ARG E 79 40.72 37.13 -30.83
CA ARG E 79 40.72 38.58 -31.06
C ARG E 79 42.11 39.17 -30.74
N GLN E 80 43.13 38.38 -31.04
CA GLN E 80 44.53 38.65 -30.69
C GLN E 80 44.81 38.96 -29.20
N LEU E 81 43.99 38.39 -28.33
CA LEU E 81 44.18 38.49 -26.87
C LEU E 81 45.07 37.37 -26.37
N SER E 82 45.00 36.23 -27.04
CA SER E 82 45.86 35.07 -26.72
C SER E 82 47.14 35.03 -27.55
N SER E 83 47.20 35.85 -28.58
CA SER E 83 48.40 36.02 -29.44
C SER E 83 48.75 34.84 -30.38
N GLY E 84 48.33 33.64 -30.03
CA GLY E 84 48.63 32.43 -30.82
C GLY E 84 50.05 31.93 -30.55
N ARG E 94 37.99 33.26 -18.61
CA ARG E 94 39.00 32.83 -17.65
C ARG E 94 38.42 32.48 -16.30
N TRP E 95 38.76 31.30 -15.81
CA TRP E 95 38.47 30.89 -14.42
C TRP E 95 39.49 31.59 -13.51
N ARG E 96 39.02 32.09 -12.38
CA ARG E 96 39.88 32.78 -11.42
C ARG E 96 39.35 32.69 -9.99
N VAL E 97 40.26 32.46 -9.05
CA VAL E 97 39.93 32.37 -7.62
C VAL E 97 40.95 33.13 -6.76
N SER E 98 40.48 33.64 -5.63
CA SER E 98 41.31 34.44 -4.68
C SER E 98 41.43 33.77 -3.32
N LEU E 99 42.58 33.97 -2.68
CA LEU E 99 42.92 33.38 -1.37
C LEU E 99 43.72 34.39 -0.55
N ASP E 100 43.18 34.80 0.58
CA ASP E 100 43.89 35.72 1.50
C ASP E 100 44.84 34.92 2.42
N VAL E 101 46.12 34.95 2.11
CA VAL E 101 47.15 34.17 2.83
C VAL E 101 48.07 35.03 3.75
N ASN E 102 47.96 36.34 3.67
CA ASN E 102 48.88 37.26 4.39
C ASN E 102 49.02 36.98 5.89
N HIS E 103 47.90 36.68 6.52
CA HIS E 103 47.85 36.33 7.95
C HIS E 103 48.59 35.02 8.24
N PHE E 104 48.47 34.09 7.31
CA PHE E 104 49.13 32.76 7.41
C PHE E 104 50.66 32.89 7.38
N ALA E 105 51.15 33.67 6.42
CA ALA E 105 52.59 33.90 6.18
C ALA E 105 53.34 32.57 5.97
N PRO E 106 53.07 31.88 4.86
CA PRO E 106 53.64 30.56 4.62
C PRO E 106 55.08 30.58 4.12
N ASP E 107 55.86 29.61 4.56
CA ASP E 107 57.21 29.36 4.01
C ASP E 107 57.10 28.73 2.62
N GLU E 108 56.09 27.90 2.42
CA GLU E 108 55.80 27.27 1.13
C GLU E 108 54.31 27.02 0.89
N LEU E 109 53.86 27.36 -0.31
CA LEU E 109 52.49 27.07 -0.78
C LEU E 109 52.63 26.13 -1.97
N THR E 110 52.21 24.86 -1.81
CA THR E 110 52.27 23.86 -2.89
C THR E 110 50.86 23.60 -3.45
N VAL E 111 50.67 23.97 -4.71
CA VAL E 111 49.39 23.83 -5.40
C VAL E 111 49.48 22.64 -6.34
N LYS E 112 48.61 21.67 -6.09
CA LYS E 112 48.59 20.40 -6.80
C LYS E 112 47.22 20.20 -7.42
N THR E 113 47.18 19.86 -8.71
CA THR E 113 45.94 19.57 -9.43
C THR E 113 45.84 18.06 -9.70
N LYS E 114 44.87 17.43 -9.09
CA LYS E 114 44.68 15.97 -9.14
C LYS E 114 43.21 15.61 -9.28
N ASP E 115 42.89 14.78 -10.29
CA ASP E 115 41.52 14.30 -10.58
C ASP E 115 40.49 15.44 -10.79
N GLY E 116 40.94 16.50 -11.43
CA GLY E 116 40.12 17.70 -11.68
C GLY E 116 39.71 18.45 -10.43
N VAL E 117 40.62 18.52 -9.48
CA VAL E 117 40.46 19.29 -8.23
C VAL E 117 41.78 19.99 -7.89
N VAL E 118 41.75 21.31 -7.90
CA VAL E 118 42.89 22.13 -7.47
C VAL E 118 42.99 22.14 -5.94
N GLU E 119 44.06 21.54 -5.44
CA GLU E 119 44.33 21.44 -3.99
C GLU E 119 45.55 22.29 -3.63
N ILE E 120 45.31 23.32 -2.81
CA ILE E 120 46.36 24.26 -2.38
C ILE E 120 46.72 23.97 -0.93
N THR E 121 47.95 23.53 -0.71
CA THR E 121 48.46 23.18 0.62
C THR E 121 49.59 24.14 1.01
N GLY E 122 49.33 24.97 2.00
CA GLY E 122 50.33 25.86 2.61
C GLY E 122 50.81 25.31 3.94
N LYS E 123 52.10 25.49 4.20
CA LYS E 123 52.74 25.04 5.43
C LYS E 123 53.49 26.18 6.11
N HIS E 124 53.32 26.25 7.43
CA HIS E 124 54.06 27.19 8.27
C HIS E 124 54.70 26.44 9.44
N GLU E 125 55.93 26.82 9.71
CA GLU E 125 56.75 26.21 10.79
C GLU E 125 57.78 27.20 11.31
N GLU E 126 58.22 26.97 12.53
CA GLU E 126 59.24 27.78 13.16
C GLU E 126 60.50 26.95 13.25
N ARG E 127 61.48 27.25 12.39
CA ARG E 127 62.74 26.51 12.35
C ARG E 127 63.37 26.37 13.73
N GLN E 128 63.06 25.30 14.42
CA GLN E 128 63.61 25.02 15.76
C GLN E 128 64.05 23.57 15.83
N ASP E 129 65.30 23.34 16.18
CA ASP E 129 65.84 21.97 16.27
C ASP E 129 65.34 21.22 17.48
N GLU E 130 65.48 21.84 18.65
CA GLU E 130 65.06 21.23 19.92
C GLU E 130 63.53 21.11 20.04
N HIS E 131 62.86 22.24 19.92
CA HIS E 131 61.39 22.34 20.01
C HIS E 131 60.78 23.24 18.93
N GLY E 132 60.14 22.63 17.94
CA GLY E 132 59.53 23.33 16.78
C GLY E 132 58.01 23.43 16.87
N TYR E 133 57.56 24.01 17.95
CA TYR E 133 56.11 24.24 18.18
C TYR E 133 55.61 25.41 17.35
N ILE E 134 54.30 25.57 17.26
CA ILE E 134 53.66 26.60 16.41
C ILE E 134 53.88 26.25 14.93
N SER E 135 53.28 25.13 14.54
CA SER E 135 53.35 24.62 13.18
C SER E 135 51.92 24.49 12.64
N ARG E 136 51.54 25.38 11.75
CA ARG E 136 50.19 25.43 11.15
C ARG E 136 50.24 25.15 9.65
N CYS E 137 49.22 24.47 9.17
CA CYS E 137 49.06 24.06 7.77
C CYS E 137 47.60 24.23 7.33
N PHE E 138 47.39 24.59 6.07
CA PHE E 138 46.03 24.69 5.50
C PHE E 138 45.95 24.00 4.15
N THR E 139 44.80 23.37 3.89
CA THR E 139 44.54 22.63 2.64
C THR E 139 43.18 23.02 2.06
N ARG E 140 43.19 23.85 1.02
CA ARG E 140 41.99 24.33 0.35
C ARG E 140 41.77 23.62 -0.99
N LYS E 141 40.62 22.95 -1.12
CA LYS E 141 40.26 22.17 -2.32
C LYS E 141 39.24 22.91 -3.17
N TYR E 142 39.60 23.19 -4.42
CA TYR E 142 38.75 23.89 -5.38
C TYR E 142 38.08 22.96 -6.37
N THR E 143 36.75 23.10 -6.51
CA THR E 143 35.90 22.30 -7.41
C THR E 143 36.38 22.19 -8.86
N LEU E 144 36.66 23.31 -9.49
CA LEU E 144 36.89 23.41 -10.94
C LEU E 144 35.65 23.18 -11.82
N PRO E 145 35.46 24.06 -12.85
CA PRO E 145 34.63 23.76 -14.00
C PRO E 145 35.31 22.72 -14.91
N PRO E 146 34.79 21.47 -14.94
CA PRO E 146 35.44 20.42 -15.73
C PRO E 146 35.59 20.79 -17.21
N GLY E 147 36.79 20.62 -17.72
CA GLY E 147 37.20 21.18 -19.01
C GLY E 147 38.46 22.01 -18.94
N VAL E 148 38.67 22.62 -17.79
CA VAL E 148 39.85 23.45 -17.54
C VAL E 148 41.09 22.56 -17.52
N ASP E 149 41.96 22.77 -18.49
CA ASP E 149 43.22 22.03 -18.61
C ASP E 149 44.23 22.63 -17.63
N PRO E 150 44.93 21.77 -16.84
CA PRO E 150 45.86 22.37 -15.85
C PRO E 150 47.04 23.18 -16.41
N THR E 151 47.40 23.00 -17.68
CA THR E 151 48.46 23.84 -18.31
C THR E 151 48.08 25.32 -18.38
N GLN E 152 46.81 25.60 -18.25
CA GLN E 152 46.29 26.96 -18.25
C GLN E 152 46.26 27.54 -16.82
N VAL E 153 46.38 26.69 -15.80
CA VAL E 153 46.27 27.09 -14.39
C VAL E 153 47.60 27.65 -13.86
N SER E 154 47.58 28.92 -13.48
CA SER E 154 48.74 29.63 -12.93
C SER E 154 48.43 30.15 -11.54
N SER E 155 49.46 30.17 -10.70
CA SER E 155 49.36 30.74 -9.35
C SER E 155 50.22 31.98 -9.24
N SER E 156 49.66 33.02 -8.65
CA SER E 156 50.34 34.31 -8.44
C SER E 156 50.11 34.79 -7.02
N LEU E 157 51.20 35.12 -6.33
CA LEU E 157 51.11 35.64 -4.95
C LEU E 157 51.49 37.11 -4.89
N SER E 158 50.52 37.94 -4.52
CA SER E 158 50.72 39.40 -4.50
C SER E 158 51.64 39.84 -3.34
N PRO E 159 52.26 41.03 -3.44
CA PRO E 159 53.02 41.63 -2.34
C PRO E 159 52.24 41.82 -1.04
N GLU E 160 50.96 42.10 -1.18
CA GLU E 160 50.02 42.24 -0.05
C GLU E 160 49.70 40.88 0.60
N GLY E 161 50.05 39.80 -0.07
CA GLY E 161 49.88 38.44 0.45
C GLY E 161 48.51 37.90 0.11
N THR E 162 48.18 37.94 -1.16
CA THR E 162 46.91 37.38 -1.68
C THR E 162 47.20 36.46 -2.87
N LEU E 163 46.99 35.18 -2.67
CA LEU E 163 47.18 34.18 -3.73
C LEU E 163 46.02 34.23 -4.72
N THR E 164 46.36 34.30 -6.00
CA THR E 164 45.37 34.30 -7.09
C THR E 164 45.69 33.14 -8.04
N VAL E 165 44.81 32.16 -8.08
CA VAL E 165 44.93 31.01 -8.99
C VAL E 165 44.01 31.27 -10.17
N GLU E 166 44.60 31.52 -11.34
CA GLU E 166 43.85 31.87 -12.56
C GLU E 166 44.17 30.92 -13.73
N ALA E 167 43.16 30.66 -14.54
CA ALA E 167 43.30 29.77 -15.73
C ALA E 167 42.41 30.19 -16.88
N PRO E 168 42.94 30.23 -18.12
CA PRO E 168 42.07 30.32 -19.30
C PRO E 168 41.13 29.13 -19.45
N MET E 169 39.85 29.44 -19.64
CA MET E 169 38.80 28.46 -19.86
C MET E 169 39.01 27.90 -21.27
N PRO E 170 38.80 26.58 -21.49
CA PRO E 170 39.07 25.95 -22.81
C PRO E 170 38.45 26.66 -24.03
N LYS E 171 37.29 27.28 -23.82
CA LYS E 171 36.59 28.06 -24.83
C LYS E 171 35.89 29.28 -24.27
N GLN E 175 33.03 17.40 -17.79
CA GLN E 175 31.59 17.11 -17.59
C GLN E 175 31.06 15.93 -18.37
N SER E 176 31.75 15.59 -19.44
CA SER E 176 31.40 14.45 -20.29
C SER E 176 31.62 13.11 -19.58
N ASN E 177 31.15 12.06 -20.23
CA ASN E 177 31.09 10.68 -19.64
C ASN E 177 32.44 9.99 -19.36
N GLU E 178 33.42 10.28 -20.21
CA GLU E 178 34.75 9.60 -20.17
C GLU E 178 35.63 9.91 -18.95
N ILE E 179 35.25 10.90 -18.15
CA ILE E 179 35.89 11.26 -16.83
C ILE E 179 37.13 12.14 -17.00
N THR E 180 38.01 11.81 -17.94
CA THR E 180 39.22 12.58 -18.23
C THR E 180 38.98 13.64 -19.30
N ILE E 181 38.68 14.85 -18.82
CA ILE E 181 38.43 16.01 -19.68
C ILE E 181 39.61 16.87 -20.09
N PRO E 182 40.56 17.12 -19.16
CA PRO E 182 41.54 18.16 -19.48
C PRO E 182 42.41 17.81 -20.69
N VAL E 183 42.44 18.71 -21.67
CA VAL E 183 43.24 18.51 -22.87
C VAL E 183 44.04 19.75 -23.18
N THR E 184 43.54 20.54 -24.11
CA THR E 184 44.10 21.84 -24.56
C THR E 184 45.63 22.04 -24.49
N PHE E 185 46.23 22.15 -25.66
CA PHE E 185 47.65 22.47 -25.86
C PHE E 185 47.91 23.95 -26.13
N GLU E 186 47.14 24.81 -25.49
CA GLU E 186 47.04 26.22 -25.91
C GLU E 186 46.42 26.32 -27.34
N SER E 187 45.49 25.43 -27.60
CA SER E 187 44.68 25.39 -28.82
C SER E 187 43.21 25.25 -28.44
N ARG E 188 42.53 26.39 -28.45
CA ARG E 188 41.15 26.50 -27.90
C ARG E 188 40.04 26.03 -28.83
N ALA E 189 40.36 25.89 -30.11
CA ALA E 189 39.36 25.57 -31.15
C ALA E 189 38.78 24.17 -30.94
N GLN E 190 37.46 24.12 -30.80
CA GLN E 190 36.64 22.89 -30.63
C GLN E 190 36.80 22.10 -29.31
N LEU E 191 37.44 22.72 -28.33
CA LEU E 191 37.55 22.17 -26.97
C LEU E 191 36.89 23.11 -25.99
N GLY E 192 35.89 22.58 -25.27
CA GLY E 192 35.12 23.31 -24.27
C GLY E 192 33.65 23.01 -24.32
N THR F 2 23.18 10.97 22.90
CA THR F 2 22.68 9.83 23.73
C THR F 2 21.98 10.31 24.97
N GLU F 3 20.67 10.13 25.01
CA GLU F 3 19.85 10.54 26.16
C GLU F 3 19.77 9.39 27.12
N ARG F 5 21.04 12.37 30.94
CA ARG F 5 21.84 11.68 31.95
C ARG F 5 22.59 12.67 32.83
N VAL F 6 22.24 12.73 34.11
CA VAL F 6 22.97 13.54 35.10
C VAL F 6 23.04 12.78 36.42
N PRO F 7 24.23 12.72 37.06
CA PRO F 7 24.32 12.20 38.42
C PRO F 7 23.83 13.24 39.43
N PHE F 8 22.52 13.26 39.63
CA PHE F 8 21.85 14.23 40.52
C PHE F 8 22.08 13.96 41.99
N SER F 9 22.26 12.71 42.36
CA SER F 9 22.59 12.35 43.75
C SER F 9 23.90 13.00 44.22
N LEU F 10 24.83 13.17 43.27
CA LEU F 10 26.10 13.86 43.50
C LEU F 10 26.04 15.38 43.31
N LEU F 11 24.94 15.87 42.78
CA LEU F 11 24.78 17.31 42.47
C LEU F 11 23.66 18.09 43.16
N ARG F 12 22.78 17.40 43.88
CA ARG F 12 21.66 18.05 44.56
C ARG F 12 22.00 18.13 46.05
N ASP F 17 23.67 15.64 47.75
CA ASP F 17 24.74 15.37 48.67
C ASP F 17 25.67 16.56 48.93
N PRO F 18 26.08 17.30 47.85
CA PRO F 18 27.00 18.42 48.12
C PRO F 18 26.38 19.64 48.83
N PHE F 19 25.06 19.67 48.93
CA PHE F 19 24.30 20.73 49.65
C PHE F 19 23.47 20.27 50.86
N ARG F 20 22.69 19.25 50.64
CA ARG F 20 21.76 18.66 51.67
C ARG F 20 22.30 18.24 53.06
N ASP F 21 23.52 17.77 53.10
CA ASP F 21 24.03 17.02 54.30
C ASP F 21 24.11 17.82 55.65
N TRP F 22 24.17 19.15 55.57
CA TRP F 22 24.21 20.00 56.79
C TRP F 22 22.78 20.27 57.33
N TYR F 23 22.67 21.19 58.28
CA TYR F 23 21.38 21.45 58.99
C TYR F 23 20.29 21.87 57.98
N PRO F 24 20.48 22.98 57.24
CA PRO F 24 19.55 23.23 56.15
C PRO F 24 20.04 22.57 54.86
N HIS F 25 19.18 22.56 53.86
CA HIS F 25 19.48 21.98 52.54
C HIS F 25 19.92 23.01 51.48
N SER F 26 19.59 24.28 51.69
CA SER F 26 19.95 25.38 50.76
C SER F 26 21.19 26.18 51.18
N ARG F 27 21.49 26.16 52.47
CA ARG F 27 22.52 27.04 53.08
C ARG F 27 23.97 26.80 52.62
N LEU F 28 24.24 25.63 52.07
CA LEU F 28 25.59 25.29 51.57
C LEU F 28 26.02 26.07 50.33
N PHE F 29 25.07 26.38 49.47
CA PHE F 29 25.29 27.33 48.38
C PHE F 29 25.33 28.76 48.91
N ASP F 30 24.52 29.02 49.94
CA ASP F 30 24.49 30.34 50.61
C ASP F 30 25.85 30.71 51.26
N GLN F 31 26.57 29.71 51.73
CA GLN F 31 27.89 29.90 52.36
C GLN F 31 29.08 29.76 51.39
N ALA F 32 28.84 29.10 50.26
CA ALA F 32 29.85 28.92 49.19
C ALA F 32 29.83 30.05 48.12
N PHE F 33 29.04 31.07 48.36
CA PHE F 33 28.82 32.20 47.43
C PHE F 33 29.28 33.54 48.06
N GLY F 34 28.90 33.75 49.31
CA GLY F 34 29.18 34.97 50.06
C GLY F 34 28.42 34.99 51.38
N LEU F 35 27.88 36.13 51.74
CA LEU F 35 26.99 36.28 52.90
C LEU F 35 25.58 36.63 52.41
N PRO F 36 24.53 36.14 53.10
CA PRO F 36 23.19 36.28 52.49
C PRO F 36 22.63 37.69 52.46
N ARG F 37 22.62 38.29 51.29
CA ARG F 37 22.10 39.64 51.07
C ARG F 37 20.70 39.55 50.50
N LEU F 38 20.48 38.54 49.69
CA LEU F 38 19.16 38.24 49.08
C LEU F 38 18.81 38.89 47.74
N PRO F 39 18.18 40.07 47.79
CA PRO F 39 17.71 40.75 46.58
C PRO F 39 18.82 41.10 45.58
N GLU F 40 20.05 40.72 45.89
CA GLU F 40 21.21 40.83 45.02
C GLU F 40 21.52 39.51 44.29
N GLU F 41 20.47 38.81 43.88
CA GLU F 41 20.54 37.52 43.16
C GLU F 41 21.21 36.43 43.99
N TRP F 42 20.40 35.69 44.76
CA TRP F 42 20.90 34.66 45.69
C TRP F 42 20.10 33.38 45.66
N SER F 43 20.78 32.30 45.31
CA SER F 43 20.15 30.97 45.07
C SER F 43 19.30 30.48 46.23
N GLN F 44 18.04 30.19 45.93
CA GLN F 44 17.12 29.56 46.87
C GLN F 44 16.46 28.40 46.16
N TRP F 45 16.28 27.31 46.87
CA TRP F 45 15.74 26.01 46.34
C TRP F 45 16.83 25.03 45.91
N LEU F 46 17.67 25.49 45.00
CA LEU F 46 18.76 24.67 44.37
C LEU F 46 18.27 23.58 43.41
N GLY F 47 17.12 23.00 43.71
CA GLY F 47 16.35 22.16 42.76
C GLY F 47 15.47 22.99 41.84
N GLY F 48 14.79 23.95 42.46
CA GLY F 48 13.96 24.93 41.73
C GLY F 48 14.71 26.15 41.24
N SER F 49 15.83 26.44 41.89
CA SER F 49 16.66 27.60 41.51
C SER F 49 18.14 27.46 41.93
N SER F 50 19.01 27.25 40.94
CA SER F 50 20.43 26.91 41.15
C SER F 50 21.39 28.10 40.94
N TRP F 51 21.27 28.73 39.77
CA TRP F 51 22.13 29.87 39.32
C TRP F 51 23.60 29.44 39.08
N PRO F 52 24.43 30.31 38.47
CA PRO F 52 25.83 29.93 38.24
C PRO F 52 26.62 29.53 39.50
N GLY F 53 27.02 28.27 39.50
CA GLY F 53 27.95 27.75 40.52
C GLY F 53 29.31 28.46 40.50
N TYR F 54 29.54 29.22 41.55
CA TYR F 54 30.82 29.86 41.84
C TYR F 54 31.59 28.91 42.75
N VAL F 55 31.01 28.66 43.94
CA VAL F 55 31.45 27.60 44.86
C VAL F 55 32.96 27.65 45.18
N ARG F 56 33.44 28.84 45.50
CA ARG F 56 34.84 29.06 45.89
C ARG F 56 35.03 29.19 47.40
N ALA F 70 41.72 27.11 54.28
CA ALA F 70 40.41 27.57 54.74
C ALA F 70 39.29 27.44 53.72
N PRO F 71 39.49 27.93 52.49
CA PRO F 71 38.41 27.84 51.52
C PRO F 71 38.28 26.48 50.89
N ALA F 72 37.34 25.67 51.39
CA ALA F 72 37.09 24.35 50.83
C ALA F 72 35.66 23.81 50.96
N TYR F 73 34.79 24.34 50.14
CA TYR F 73 33.43 23.78 49.92
C TYR F 73 33.37 22.79 48.76
N SER F 74 34.18 23.03 47.75
CA SER F 74 34.36 22.08 46.61
C SER F 74 35.16 20.82 47.00
N ARG F 75 35.84 20.91 48.12
CA ARG F 75 36.69 19.83 48.66
C ARG F 75 35.91 18.80 49.49
N ALA F 76 34.79 19.22 50.02
CA ALA F 76 33.96 18.41 50.92
C ALA F 76 33.10 17.36 50.23
N LEU F 77 32.82 17.56 48.94
CA LEU F 77 31.87 16.69 48.17
C LEU F 77 32.40 15.28 47.86
N SER F 78 33.63 15.25 47.38
CA SER F 78 34.32 13.98 47.06
C SER F 78 34.70 13.21 48.31
N ARG F 79 34.40 13.78 49.48
CA ARG F 79 34.62 13.16 50.82
C ARG F 79 36.10 12.99 51.11
N GLN F 80 36.84 14.07 50.84
CA GLN F 80 38.25 14.19 51.22
C GLN F 80 39.04 12.96 50.74
N ARG F 94 33.94 5.08 39.91
CA ARG F 94 35.22 4.62 39.36
C ARG F 94 35.07 3.55 38.27
N TRP F 95 35.72 3.79 37.14
CA TRP F 95 35.80 2.84 36.03
C TRP F 95 37.00 1.94 36.27
N ARG F 96 36.79 0.63 36.12
CA ARG F 96 37.89 -0.35 36.20
C ARG F 96 37.60 -1.56 35.32
N VAL F 97 38.65 -2.06 34.69
CA VAL F 97 38.60 -3.29 33.87
C VAL F 97 39.80 -4.19 34.16
N SER F 98 39.56 -5.50 34.04
CA SER F 98 40.57 -6.54 34.31
C SER F 98 40.89 -7.32 33.04
N LEU F 99 42.13 -7.75 32.94
CA LEU F 99 42.67 -8.52 31.79
C LEU F 99 43.60 -9.60 32.32
N ASP F 100 43.27 -10.86 32.07
CA ASP F 100 44.12 -12.00 32.45
C ASP F 100 45.19 -12.24 31.38
N VAL F 101 46.41 -11.80 31.65
CA VAL F 101 47.53 -11.89 30.71
C VAL F 101 48.57 -12.95 31.11
N ASN F 102 48.38 -13.59 32.26
CA ASN F 102 49.39 -14.50 32.85
C ASN F 102 49.88 -15.63 31.91
N HIS F 103 48.93 -16.23 31.20
CA HIS F 103 49.25 -17.29 30.22
C HIS F 103 50.05 -16.76 29.01
N PHE F 104 49.74 -15.54 28.60
CA PHE F 104 50.38 -14.89 27.46
C PHE F 104 51.87 -14.62 27.71
N ALA F 105 52.16 -14.03 28.85
CA ALA F 105 53.52 -13.65 29.28
C ALA F 105 54.19 -12.72 28.25
N PRO F 106 53.67 -11.48 28.12
CA PRO F 106 54.15 -10.56 27.08
C PRO F 106 55.47 -9.89 27.45
N ASP F 107 56.29 -9.62 26.43
CA ASP F 107 57.51 -8.82 26.62
C ASP F 107 57.17 -7.35 26.85
N GLU F 108 56.15 -6.87 26.16
CA GLU F 108 55.64 -5.50 26.33
C GLU F 108 54.15 -5.40 26.14
N LEU F 109 53.51 -4.59 26.98
CA LEU F 109 52.08 -4.27 26.89
C LEU F 109 51.95 -2.76 26.69
N THR F 110 51.59 -2.37 25.46
CA THR F 110 51.50 -0.97 25.06
C THR F 110 50.04 -0.55 24.99
N VAL F 111 49.65 0.37 25.86
CA VAL F 111 48.28 0.84 25.96
C VAL F 111 48.16 2.23 25.34
N LYS F 112 47.35 2.33 24.29
CA LYS F 112 47.15 3.54 23.51
C LYS F 112 45.67 3.91 23.54
N THR F 113 45.39 5.18 23.81
CA THR F 113 44.00 5.70 23.81
C THR F 113 43.78 6.61 22.60
N LYS F 114 42.87 6.21 21.73
CA LYS F 114 42.56 6.92 20.47
C LYS F 114 41.06 7.01 20.26
N ASP F 115 40.57 8.23 20.00
CA ASP F 115 39.14 8.51 19.72
C ASP F 115 38.17 7.99 20.81
N GLY F 116 38.60 8.08 22.05
CA GLY F 116 37.83 7.60 23.22
C GLY F 116 37.65 6.08 23.28
N VAL F 117 38.68 5.38 22.80
CA VAL F 117 38.73 3.92 22.82
C VAL F 117 40.10 3.50 23.37
N VAL F 118 40.11 2.79 24.50
CA VAL F 118 41.33 2.25 25.09
C VAL F 118 41.74 1.00 24.32
N GLU F 119 42.86 1.09 23.61
CA GLU F 119 43.40 0.03 22.79
C GLU F 119 44.70 -0.51 23.42
N ILE F 120 44.63 -1.74 23.88
CA ILE F 120 45.75 -2.41 24.58
C ILE F 120 46.38 -3.47 23.67
N THR F 121 47.62 -3.21 23.25
CA THR F 121 48.36 -4.13 22.37
C THR F 121 49.54 -4.71 23.15
N GLY F 122 49.49 -6.02 23.37
CA GLY F 122 50.61 -6.75 23.96
C GLY F 122 51.31 -7.60 22.92
N LYS F 123 52.61 -7.74 23.09
CA LYS F 123 53.44 -8.51 22.14
C LYS F 123 54.37 -9.47 22.87
N HIS F 124 54.44 -10.67 22.31
CA HIS F 124 55.34 -11.74 22.78
C HIS F 124 56.10 -12.29 21.57
N GLU F 125 57.42 -12.42 21.75
CA GLU F 125 58.31 -12.91 20.69
C GLU F 125 59.42 -13.74 21.28
N GLU F 126 60.00 -14.58 20.45
CA GLU F 126 61.33 -15.10 20.69
C GLU F 126 62.29 -14.11 20.02
N ARG F 127 63.17 -13.52 20.82
CA ARG F 127 64.22 -12.60 20.29
C ARG F 127 65.32 -13.39 19.55
N GLN F 128 65.01 -14.62 19.22
CA GLN F 128 65.89 -15.52 18.46
C GLN F 128 66.31 -14.84 17.14
N ASP F 129 67.61 -14.61 17.02
CA ASP F 129 68.15 -13.70 15.99
C ASP F 129 67.96 -14.21 14.57
N GLU F 130 68.52 -15.38 14.28
CA GLU F 130 68.45 -15.96 12.94
C GLU F 130 67.04 -16.41 12.55
N HIS F 131 66.41 -17.17 13.42
CA HIS F 131 65.07 -17.70 13.16
C HIS F 131 64.20 -17.44 14.39
N GLY F 132 63.40 -16.38 14.32
CA GLY F 132 62.38 -16.07 15.35
C GLY F 132 61.08 -16.76 14.97
N TYR F 133 60.73 -17.83 15.68
CA TYR F 133 59.64 -18.72 15.30
C TYR F 133 58.32 -18.34 15.93
N ILE F 134 58.30 -18.05 17.22
CA ILE F 134 57.07 -17.77 17.97
C ILE F 134 56.90 -16.27 18.19
N SER F 135 55.95 -15.69 17.47
CA SER F 135 55.56 -14.28 17.64
C SER F 135 54.06 -14.17 17.82
N ARG F 136 53.63 -14.02 19.06
CA ARG F 136 52.21 -13.92 19.41
C ARG F 136 51.87 -12.52 19.95
N CYS F 137 50.72 -12.02 19.55
CA CYS F 137 50.25 -10.67 19.86
C CYS F 137 48.77 -10.66 20.22
N PHE F 138 48.34 -9.65 20.95
CA PHE F 138 46.91 -9.43 21.22
C PHE F 138 46.55 -7.94 21.37
N THR F 139 45.43 -7.56 20.80
CA THR F 139 44.96 -6.13 20.77
C THR F 139 43.53 -5.99 21.29
N ARG F 140 43.39 -5.70 22.58
CA ARG F 140 42.05 -5.54 23.18
C ARG F 140 41.57 -4.10 23.04
N LYS F 141 40.38 -3.92 22.48
CA LYS F 141 39.73 -2.60 22.35
C LYS F 141 38.59 -2.42 23.35
N TYR F 142 38.80 -1.52 24.30
CA TYR F 142 37.80 -1.15 25.32
C TYR F 142 37.03 0.09 24.88
N THR F 143 35.72 -0.04 24.80
CA THR F 143 34.83 1.11 24.58
C THR F 143 34.62 1.79 25.93
N LEU F 144 35.25 2.94 26.12
CA LEU F 144 35.11 3.73 27.35
C LEU F 144 33.68 4.26 27.51
N PRO F 145 33.21 4.45 28.75
CA PRO F 145 32.04 5.31 28.90
C PRO F 145 32.43 6.73 28.57
N PRO F 146 31.87 7.34 27.50
CA PRO F 146 32.36 8.65 27.06
C PRO F 146 32.31 9.72 28.14
N GLY F 147 33.41 10.43 28.27
CA GLY F 147 33.60 11.42 29.33
C GLY F 147 34.82 11.17 30.19
N VAL F 148 35.25 9.90 30.24
CA VAL F 148 36.45 9.52 30.96
C VAL F 148 37.66 10.15 30.27
N ASP F 149 38.31 11.06 30.95
CA ASP F 149 39.51 11.69 30.44
C ASP F 149 40.63 10.66 30.51
N PRO F 150 41.38 10.48 29.40
CA PRO F 150 42.50 9.53 29.48
C PRO F 150 43.56 9.77 30.56
N THR F 151 43.65 10.96 31.13
CA THR F 151 44.60 11.20 32.27
C THR F 151 44.31 10.45 33.57
N GLN F 152 43.04 10.16 33.76
CA GLN F 152 42.57 9.48 34.96
C GLN F 152 42.79 7.97 34.80
N VAL F 153 43.06 7.53 33.58
CA VAL F 153 43.26 6.11 33.25
C VAL F 153 44.68 5.70 33.61
N SER F 154 44.80 4.80 34.56
CA SER F 154 46.08 4.24 35.00
C SER F 154 46.05 2.73 34.78
N SER F 155 47.21 2.19 34.42
CA SER F 155 47.38 0.73 34.23
C SER F 155 48.34 0.18 35.28
N SER F 156 47.95 -0.93 35.88
CA SER F 156 48.76 -1.62 36.90
C SER F 156 48.78 -3.12 36.59
N LEU F 157 49.97 -3.68 36.49
CA LEU F 157 50.14 -5.12 36.19
C LEU F 157 50.53 -5.86 37.47
N SER F 158 49.73 -6.83 37.85
CA SER F 158 49.93 -7.59 39.08
C SER F 158 51.05 -8.63 38.94
N PRO F 159 51.68 -9.05 40.06
CA PRO F 159 52.63 -10.18 40.10
C PRO F 159 52.08 -11.51 39.59
N GLU F 160 50.80 -11.71 39.83
CA GLU F 160 50.06 -12.91 39.34
C GLU F 160 49.84 -12.88 37.83
N GLY F 161 50.03 -11.73 37.22
CA GLY F 161 49.92 -11.55 35.77
C GLY F 161 48.49 -11.21 35.35
N THR F 162 47.95 -10.19 35.99
CA THR F 162 46.61 -9.66 35.67
C THR F 162 46.68 -8.14 35.49
N LEU F 163 46.46 -7.70 34.25
CA LEU F 163 46.46 -6.29 33.91
C LEU F 163 45.17 -5.62 34.42
N THR F 164 45.31 -4.50 35.12
CA THR F 164 44.20 -3.73 35.65
C THR F 164 44.26 -2.29 35.12
N VAL F 165 43.31 -1.93 34.27
CA VAL F 165 43.17 -0.59 33.71
C VAL F 165 42.04 0.12 34.46
N GLU F 166 42.39 1.14 35.24
CA GLU F 166 41.44 1.85 36.10
C GLU F 166 41.43 3.37 35.84
N ALA F 167 40.25 3.95 35.86
CA ALA F 167 40.09 5.41 35.76
C ALA F 167 38.93 5.92 36.65
N PRO F 168 39.17 7.01 37.41
CA PRO F 168 38.07 7.77 37.99
C PRO F 168 37.12 8.35 36.95
N MET F 169 35.83 8.08 37.14
CA MET F 169 34.78 8.67 36.30
C MET F 169 34.72 10.16 36.67
N PRO F 170 34.49 11.06 35.69
CA PRO F 170 34.57 12.52 35.94
C PRO F 170 33.86 13.00 37.21
N LYS F 171 32.66 12.48 37.45
CA LYS F 171 31.98 12.62 38.74
C LYS F 171 30.88 11.58 38.92
N GLN F 175 29.59 12.13 26.29
CA GLN F 175 28.90 11.57 25.11
C GLN F 175 28.05 12.61 24.41
N SER F 176 28.49 13.85 24.46
CA SER F 176 27.78 14.99 23.88
C SER F 176 27.93 15.04 22.34
N ASN F 177 27.28 16.01 21.76
CA ASN F 177 27.22 16.23 20.29
C ASN F 177 28.56 16.49 19.60
N GLU F 178 29.37 17.33 20.22
CA GLU F 178 30.69 17.75 19.67
C GLU F 178 31.74 16.64 19.48
N ILE F 179 31.49 15.47 20.04
CA ILE F 179 32.31 14.24 19.88
C ILE F 179 33.55 14.22 20.81
N THR F 180 34.20 15.36 20.96
CA THR F 180 35.39 15.49 21.82
C THR F 180 34.97 15.84 23.25
N ILE F 181 34.89 14.82 24.08
CA ILE F 181 34.49 14.96 25.48
C ILE F 181 35.59 14.93 26.55
N PRO F 182 36.77 14.35 26.30
CA PRO F 182 37.68 14.32 27.47
C PRO F 182 38.04 15.72 27.96
N VAL F 183 37.99 15.96 29.26
CA VAL F 183 38.33 17.27 29.82
C VAL F 183 39.26 17.18 31.03
N THR F 184 38.64 17.11 32.19
CA THR F 184 39.28 16.98 33.51
C THR F 184 40.81 17.10 33.64
N PHE F 185 41.24 18.07 34.41
CA PHE F 185 42.63 18.28 34.71
C PHE F 185 42.76 17.88 36.16
N GLU F 186 42.47 16.64 36.48
CA GLU F 186 42.42 16.21 37.89
C GLU F 186 41.36 17.04 38.69
N SER F 187 40.72 17.98 38.04
CA SER F 187 39.70 18.88 38.61
C SER F 187 38.29 18.40 38.22
N ARG F 188 37.63 17.74 39.17
CA ARG F 188 36.35 17.04 38.92
C ARG F 188 35.09 17.91 38.94
N ALA F 189 35.20 19.12 39.44
CA ALA F 189 34.02 19.98 39.71
C ALA F 189 33.31 20.41 38.43
N GLN F 190 31.99 20.17 38.40
CA GLN F 190 31.09 20.45 37.24
C GLN F 190 31.42 19.76 35.89
N LEU F 191 32.24 18.72 35.92
CA LEU F 191 32.53 17.87 34.76
C LEU F 191 32.15 16.44 35.08
N GLY F 192 31.23 15.90 34.31
CA GLY F 192 30.77 14.54 34.47
C GLY F 192 29.32 14.35 34.76
N GLU F 201 27.35 16.51 31.47
CA GLU F 201 27.04 15.54 32.51
C GLU F 201 26.61 14.19 31.91
N THR F 202 27.29 13.14 32.32
CA THR F 202 27.01 11.77 31.89
C THR F 202 26.70 10.84 33.06
N ALA F 203 25.97 9.78 32.76
CA ALA F 203 25.69 8.72 33.73
C ALA F 203 26.72 7.59 33.58
N ALA F 204 26.46 6.48 34.24
CA ALA F 204 27.32 5.27 34.19
C ALA F 204 27.35 4.64 32.79
N LYS F 205 26.18 4.55 32.17
CA LYS F 205 26.02 3.99 30.82
C LYS F 205 26.12 5.09 29.79
N MET G 1 -31.74 -12.15 12.28
CA MET G 1 -30.52 -11.53 11.62
C MET G 1 -30.24 -12.11 10.23
N THR G 2 -30.50 -13.40 10.08
CA THR G 2 -30.42 -14.07 8.78
C THR G 2 -31.68 -13.79 7.98
N GLU G 3 -31.54 -13.62 6.67
CA GLU G 3 -32.67 -13.18 5.83
C GLU G 3 -33.71 -14.28 5.61
N ARG G 5 -37.17 -15.84 4.89
CA ARG G 5 -37.72 -17.20 5.01
C ARG G 5 -39.20 -17.18 5.34
N VAL G 6 -40.03 -17.68 4.44
CA VAL G 6 -41.47 -17.85 4.70
C VAL G 6 -41.92 -19.16 4.03
N PRO G 7 -42.67 -20.01 4.76
CA PRO G 7 -43.28 -21.18 4.14
C PRO G 7 -44.52 -20.82 3.32
N PHE G 8 -44.30 -20.44 2.08
CA PHE G 8 -45.38 -19.96 1.18
C PHE G 8 -46.28 -21.06 0.63
N SER G 9 -45.74 -22.27 0.51
CA SER G 9 -46.55 -23.43 0.14
C SER G 9 -47.68 -23.70 1.16
N LEU G 10 -47.39 -23.39 2.42
CA LEU G 10 -48.38 -23.47 3.52
C LEU G 10 -49.22 -22.21 3.74
N LEU G 11 -48.78 -21.09 3.18
CA LEU G 11 -49.46 -19.79 3.34
C LEU G 11 -50.15 -19.24 2.09
N ARG G 12 -49.96 -19.87 0.94
CA ARG G 12 -50.53 -19.39 -0.32
C ARG G 12 -51.42 -20.47 -0.93
N ASP G 17 -51.89 -23.65 -0.71
CA ASP G 17 -52.62 -24.74 -0.11
C ASP G 17 -53.82 -24.33 0.74
N PRO G 18 -53.64 -23.39 1.70
CA PRO G 18 -54.81 -23.02 2.51
C PRO G 18 -55.91 -22.24 1.78
N PHE G 19 -55.60 -21.68 0.64
CA PHE G 19 -56.55 -20.93 -0.20
C PHE G 19 -56.95 -21.60 -1.52
N ARG G 20 -56.21 -22.60 -1.97
CA ARG G 20 -56.34 -23.12 -3.37
C ARG G 20 -57.01 -24.51 -3.54
N ASP G 21 -57.33 -25.20 -2.46
CA ASP G 21 -57.92 -26.55 -2.52
C ASP G 21 -59.44 -26.62 -2.79
N TRP G 22 -60.07 -25.48 -3.03
CA TRP G 22 -61.48 -25.37 -3.42
C TRP G 22 -61.63 -24.87 -4.88
N TYR G 23 -62.85 -24.61 -5.30
CA TYR G 23 -63.16 -24.26 -6.72
C TYR G 23 -62.33 -23.08 -7.26
N PRO G 24 -62.56 -21.84 -6.77
CA PRO G 24 -61.57 -20.82 -7.06
C PRO G 24 -60.49 -20.83 -5.99
N HIS G 25 -59.47 -20.03 -6.22
CA HIS G 25 -58.30 -19.93 -5.30
C HIS G 25 -58.34 -18.70 -4.37
N SER G 26 -59.25 -17.77 -4.61
CA SER G 26 -59.42 -16.55 -3.76
C SER G 26 -60.59 -16.58 -2.79
N ARG G 27 -61.63 -17.30 -3.16
CA ARG G 27 -62.89 -17.35 -2.36
C ARG G 27 -62.71 -17.81 -0.89
N LEU G 28 -61.60 -18.47 -0.61
CA LEU G 28 -61.31 -18.95 0.75
C LEU G 28 -61.04 -17.85 1.77
N PHE G 29 -60.40 -16.79 1.32
CA PHE G 29 -60.28 -15.56 2.14
C PHE G 29 -61.62 -14.83 2.18
N ASP G 30 -62.35 -14.89 1.07
CA ASP G 30 -63.68 -14.26 0.96
C ASP G 30 -64.71 -14.84 1.94
N GLN G 31 -64.60 -16.13 2.21
CA GLN G 31 -65.47 -16.84 3.14
C GLN G 31 -64.96 -16.85 4.59
N ALA G 32 -63.66 -16.64 4.75
CA ALA G 32 -63.00 -16.57 6.09
C ALA G 32 -63.02 -15.15 6.71
N PHE G 33 -63.69 -14.22 6.06
CA PHE G 33 -63.79 -12.81 6.48
C PHE G 33 -65.24 -12.40 6.76
N GLY G 34 -66.13 -12.71 5.82
CA GLY G 34 -67.53 -12.28 5.85
C GLY G 34 -68.28 -12.64 4.60
N LEU G 35 -69.08 -11.71 4.10
CA LEU G 35 -69.90 -11.93 2.89
C LEU G 35 -69.53 -11.02 1.71
N PRO G 36 -70.40 -10.98 0.68
CA PRO G 36 -70.04 -10.11 -0.46
C PRO G 36 -70.20 -8.62 -0.21
N ARG G 37 -69.20 -7.85 -0.63
CA ARG G 37 -69.16 -6.39 -0.46
C ARG G 37 -67.71 -5.99 -0.56
N LEU G 38 -67.28 -5.65 -1.76
CA LEU G 38 -65.86 -5.32 -2.01
C LEU G 38 -65.35 -3.91 -1.67
N PRO G 39 -66.15 -2.85 -1.94
CA PRO G 39 -65.58 -1.49 -1.71
C PRO G 39 -65.42 -1.12 -0.24
N GLU G 40 -65.79 -2.04 0.62
CA GLU G 40 -65.65 -1.94 2.06
C GLU G 40 -64.39 -2.65 2.59
N GLU G 41 -63.32 -2.59 1.82
CA GLU G 41 -62.01 -3.24 2.14
C GLU G 41 -62.06 -4.77 2.13
N TRP G 42 -61.81 -5.34 0.96
CA TRP G 42 -61.80 -6.81 0.77
C TRP G 42 -60.62 -7.30 -0.06
N SER G 43 -60.28 -8.56 0.17
CA SER G 43 -59.18 -9.25 -0.54
C SER G 43 -59.64 -9.81 -1.88
N GLN G 44 -59.22 -9.15 -2.94
CA GLN G 44 -59.51 -9.59 -4.31
C GLN G 44 -58.40 -10.44 -4.93
N TRP G 45 -57.39 -10.80 -4.16
CA TRP G 45 -56.22 -11.48 -4.74
C TRP G 45 -55.51 -12.54 -3.91
N LEU G 46 -54.83 -12.08 -2.86
CA LEU G 46 -53.87 -12.83 -2.01
C LEU G 46 -52.41 -12.75 -2.45
N GLY G 47 -52.18 -12.61 -3.76
CA GLY G 47 -50.86 -12.27 -4.30
C GLY G 47 -50.60 -10.76 -4.20
N GLY G 48 -51.53 -10.00 -4.76
CA GLY G 48 -51.53 -8.52 -4.79
C GLY G 48 -52.50 -7.80 -3.85
N SER G 49 -53.39 -8.56 -3.21
CA SER G 49 -54.39 -8.04 -2.26
C SER G 49 -54.71 -9.14 -1.24
N SER G 50 -54.05 -9.07 -0.11
CA SER G 50 -54.05 -10.13 0.92
C SER G 50 -54.85 -9.72 2.15
N TRP G 51 -54.49 -8.57 2.69
CA TRP G 51 -55.07 -7.97 3.93
C TRP G 51 -54.70 -8.77 5.20
N PRO G 52 -54.86 -8.16 6.39
CA PRO G 52 -54.55 -8.89 7.61
C PRO G 52 -55.43 -10.11 7.76
N GLY G 53 -54.80 -11.26 7.98
CA GLY G 53 -55.54 -12.49 8.20
C GLY G 53 -56.35 -12.44 9.49
N TYR G 54 -57.65 -12.38 9.32
CA TYR G 54 -58.59 -12.32 10.45
C TYR G 54 -58.88 -13.73 10.95
N ALA G 70 -69.05 -23.55 12.78
CA ALA G 70 -67.66 -23.77 13.22
C ALA G 70 -66.66 -23.10 12.29
N PRO G 71 -65.55 -22.55 12.85
CA PRO G 71 -64.49 -22.06 12.01
C PRO G 71 -63.65 -23.22 11.48
N ALA G 72 -64.08 -23.75 10.36
CA ALA G 72 -63.38 -24.86 9.68
C ALA G 72 -62.16 -24.38 8.91
N TYR G 73 -61.98 -23.06 8.76
CA TYR G 73 -60.84 -22.48 8.01
C TYR G 73 -59.51 -22.50 8.77
N SER G 74 -59.58 -22.30 10.08
CA SER G 74 -58.41 -22.43 10.96
C SER G 74 -58.09 -23.89 11.36
N ARG G 75 -59.08 -24.76 11.19
CA ARG G 75 -58.95 -26.20 11.47
C ARG G 75 -58.66 -27.08 10.23
N ALA G 76 -58.76 -26.50 9.05
CA ALA G 76 -58.45 -27.16 7.77
C ALA G 76 -56.95 -27.21 7.42
N LEU G 77 -56.16 -26.34 8.04
CA LEU G 77 -54.72 -26.25 7.79
C LEU G 77 -53.92 -27.45 8.27
N SER G 78 -54.17 -27.84 9.50
CA SER G 78 -53.55 -29.03 10.12
C SER G 78 -54.00 -30.36 9.50
N ARG G 79 -55.07 -30.31 8.73
CA ARG G 79 -55.63 -31.46 7.98
C ARG G 79 -56.23 -32.50 8.95
N GLN G 80 -56.82 -32.00 10.02
CA GLN G 80 -57.36 -32.78 11.14
C GLN G 80 -56.35 -33.75 11.80
N LEU G 81 -55.07 -33.43 11.73
CA LEU G 81 -53.99 -34.22 12.33
C LEU G 81 -53.54 -33.73 13.71
N SER G 82 -53.67 -32.42 13.91
CA SER G 82 -53.31 -31.79 15.19
C SER G 82 -54.48 -31.72 16.17
N SER G 83 -55.68 -31.99 15.67
CA SER G 83 -56.91 -32.11 16.50
C SER G 83 -57.46 -30.78 17.07
N GLY G 84 -56.61 -29.78 17.21
CA GLY G 84 -57.02 -28.45 17.64
C GLY G 84 -57.15 -28.37 19.16
N ARG G 94 -42.29 -31.52 11.40
CA ARG G 94 -41.75 -31.79 12.72
C ARG G 94 -40.23 -31.92 12.75
N TRP G 95 -39.62 -31.23 13.70
CA TRP G 95 -38.19 -31.40 14.01
C TRP G 95 -38.06 -32.66 14.86
N ARG G 96 -37.12 -33.51 14.54
CA ARG G 96 -36.92 -34.79 15.27
C ARG G 96 -35.46 -35.22 15.23
N VAL G 97 -34.99 -35.72 16.36
CA VAL G 97 -33.60 -36.24 16.51
C VAL G 97 -33.60 -37.53 17.33
N SER G 98 -32.63 -38.39 17.01
CA SER G 98 -32.44 -39.68 17.69
C SER G 98 -31.11 -39.71 18.42
N LEU G 99 -31.10 -40.39 19.55
CA LEU G 99 -29.91 -40.49 20.42
C LEU G 99 -29.84 -41.93 20.96
N ASP G 100 -28.80 -42.65 20.60
CA ASP G 100 -28.61 -44.03 21.08
C ASP G 100 -27.98 -43.99 22.48
N VAL G 101 -28.80 -44.19 23.49
CA VAL G 101 -28.38 -44.16 24.91
C VAL G 101 -28.21 -45.57 25.52
N ASN G 102 -28.56 -46.58 24.74
CA ASN G 102 -28.63 -47.98 25.22
C ASN G 102 -27.35 -48.49 25.89
N HIS G 103 -26.22 -48.20 25.26
CA HIS G 103 -24.90 -48.54 25.81
C HIS G 103 -24.58 -47.75 27.11
N PHE G 104 -25.02 -46.50 27.16
CA PHE G 104 -24.82 -45.61 28.30
C PHE G 104 -25.55 -46.13 29.54
N ALA G 105 -26.82 -46.47 29.36
CA ALA G 105 -27.70 -46.98 30.44
C ALA G 105 -27.78 -46.01 31.63
N PRO G 106 -28.36 -44.81 31.42
CA PRO G 106 -28.37 -43.76 32.45
C PRO G 106 -29.40 -44.02 33.54
N ASP G 107 -29.07 -43.59 34.75
CA ASP G 107 -30.04 -43.52 35.86
C ASP G 107 -30.97 -42.32 35.69
N GLU G 108 -30.45 -41.25 35.13
CA GLU G 108 -31.22 -40.04 34.83
C GLU G 108 -30.73 -39.29 33.59
N LEU G 109 -31.68 -38.91 32.75
CA LEU G 109 -31.45 -38.06 31.56
C LEU G 109 -32.20 -36.74 31.71
N THR G 110 -31.47 -35.70 32.07
CA THR G 110 -32.06 -34.36 32.30
C THR G 110 -31.95 -33.55 31.02
N VAL G 111 -33.09 -33.22 30.41
CA VAL G 111 -33.13 -32.43 29.17
C VAL G 111 -33.63 -31.02 29.49
N LYS G 112 -32.79 -30.03 29.21
CA LYS G 112 -33.05 -28.62 29.49
C LYS G 112 -32.92 -27.82 28.18
N THR G 113 -33.94 -27.02 27.90
CA THR G 113 -33.97 -26.14 26.71
C THR G 113 -33.74 -24.68 27.12
N LYS G 114 -32.63 -24.12 26.64
CA LYS G 114 -32.21 -22.75 27.00
C LYS G 114 -31.65 -22.02 25.77
N ASP G 115 -32.17 -20.82 25.53
CA ASP G 115 -31.75 -19.95 24.40
C ASP G 115 -31.84 -20.61 23.00
N GLY G 116 -32.88 -21.40 22.81
CA GLY G 116 -33.11 -22.14 21.55
C GLY G 116 -32.07 -23.21 21.25
N VAL G 117 -31.60 -23.85 22.31
CA VAL G 117 -30.64 -24.97 22.23
C VAL G 117 -31.10 -26.08 23.17
N VAL G 118 -31.43 -27.22 22.61
CA VAL G 118 -31.84 -28.39 23.39
C VAL G 118 -30.55 -29.06 23.95
N GLU G 119 -30.41 -29.01 25.27
CA GLU G 119 -29.27 -29.58 25.99
C GLU G 119 -29.69 -30.81 26.81
N ILE G 120 -29.18 -31.97 26.41
CA ILE G 120 -29.50 -33.27 27.02
C ILE G 120 -28.31 -33.75 27.84
N THR G 121 -28.49 -33.83 29.16
CA THR G 121 -27.45 -34.29 30.09
C THR G 121 -27.86 -35.60 30.74
N GLY G 122 -27.16 -36.68 30.38
CA GLY G 122 -27.31 -37.98 31.02
C GLY G 122 -26.18 -38.29 31.97
N LYS G 123 -26.52 -38.93 33.07
CA LYS G 123 -25.53 -39.34 34.09
C LYS G 123 -25.70 -40.79 34.47
N HIS G 124 -24.58 -41.45 34.61
CA HIS G 124 -24.50 -42.84 35.08
C HIS G 124 -23.64 -42.87 36.33
N GLU G 125 -23.99 -43.76 37.23
CA GLU G 125 -23.27 -43.88 38.53
C GLU G 125 -23.67 -45.16 39.25
N GLU G 126 -22.73 -45.68 40.03
CA GLU G 126 -22.98 -46.79 40.95
C GLU G 126 -23.43 -46.22 42.29
N ARG G 127 -24.48 -46.80 42.86
CA ARG G 127 -24.88 -46.46 44.23
C ARG G 127 -23.91 -47.12 45.20
N GLN G 128 -22.81 -46.44 45.45
CA GLN G 128 -21.78 -46.88 46.39
C GLN G 128 -21.32 -45.65 47.16
N ASP G 129 -21.65 -45.60 48.44
CA ASP G 129 -21.43 -44.43 49.29
C ASP G 129 -19.94 -44.15 49.58
N GLU G 130 -19.20 -45.21 49.84
CA GLU G 130 -17.74 -45.11 50.10
C GLU G 130 -16.98 -44.68 48.84
N HIS G 131 -17.13 -45.47 47.79
CA HIS G 131 -16.51 -45.20 46.49
C HIS G 131 -17.43 -45.50 45.33
N GLY G 132 -17.93 -44.45 44.69
CA GLY G 132 -18.71 -44.57 43.46
C GLY G 132 -17.77 -44.41 42.26
N TYR G 133 -16.94 -45.42 42.09
CA TYR G 133 -15.77 -45.35 41.16
C TYR G 133 -16.07 -45.12 39.68
N ILE G 134 -17.28 -45.39 39.23
CA ILE G 134 -17.67 -45.00 37.86
C ILE G 134 -18.70 -43.88 37.85
N SER G 135 -18.34 -42.75 37.24
CA SER G 135 -19.15 -41.51 37.27
C SER G 135 -19.46 -40.95 35.86
N ARG G 136 -19.58 -41.83 34.88
CA ARG G 136 -19.73 -41.42 33.46
C ARG G 136 -20.98 -40.51 33.22
N CYS G 137 -20.79 -39.48 32.41
CA CYS G 137 -21.83 -38.50 32.04
C CYS G 137 -21.69 -38.06 30.58
N PHE G 138 -22.79 -37.64 29.97
CA PHE G 138 -22.75 -37.05 28.62
C PHE G 138 -23.68 -35.84 28.50
N THR G 139 -23.23 -34.85 27.73
CA THR G 139 -23.96 -33.59 27.48
C THR G 139 -24.02 -33.28 25.98
N ARG G 140 -25.16 -33.56 25.37
CA ARG G 140 -25.40 -33.32 23.94
C ARG G 140 -26.21 -32.04 23.71
N LYS G 141 -25.61 -31.08 23.00
CA LYS G 141 -26.25 -29.81 22.65
C LYS G 141 -26.78 -29.82 21.22
N TYR G 142 -28.10 -29.82 21.09
CA TYR G 142 -28.78 -29.73 19.78
C TYR G 142 -29.09 -28.26 19.46
N THR G 143 -28.59 -27.82 18.31
CA THR G 143 -28.90 -26.47 17.80
C THR G 143 -30.25 -26.52 17.08
N LEU G 144 -31.27 -25.91 17.70
CA LEU G 144 -32.60 -25.89 17.13
C LEU G 144 -32.87 -24.61 16.35
N PRO G 145 -33.59 -24.72 15.23
CA PRO G 145 -33.93 -23.55 14.43
C PRO G 145 -34.64 -22.51 15.29
N PRO G 146 -34.55 -21.23 14.92
CA PRO G 146 -35.16 -20.16 15.70
C PRO G 146 -36.66 -19.98 15.42
N GLY G 147 -37.46 -20.79 16.10
CA GLY G 147 -38.93 -20.72 15.88
C GLY G 147 -39.70 -21.77 16.65
N VAL G 148 -39.02 -22.85 16.97
CA VAL G 148 -39.59 -23.97 17.73
C VAL G 148 -39.79 -23.56 19.20
N ASP G 149 -41.03 -23.56 19.63
CA ASP G 149 -41.37 -23.28 21.03
C ASP G 149 -41.05 -24.58 21.80
N PRO G 150 -40.33 -24.49 22.95
CA PRO G 150 -40.04 -25.72 23.68
C PRO G 150 -41.26 -26.54 24.13
N THR G 151 -42.41 -25.93 24.29
CA THR G 151 -43.68 -26.65 24.61
C THR G 151 -43.98 -27.84 23.69
N GLN G 152 -43.49 -27.73 22.48
CA GLN G 152 -43.69 -28.75 21.46
C GLN G 152 -42.63 -29.84 21.55
N VAL G 153 -41.55 -29.57 22.27
CA VAL G 153 -40.41 -30.47 22.40
C VAL G 153 -40.71 -31.52 23.48
N SER G 154 -40.73 -32.78 23.08
CA SER G 154 -40.99 -33.92 23.95
C SER G 154 -39.84 -34.90 23.85
N SER G 155 -39.54 -35.53 24.97
CA SER G 155 -38.51 -36.57 25.04
C SER G 155 -39.17 -37.92 25.29
N SER G 156 -38.79 -38.91 24.49
CA SER G 156 -39.35 -40.26 24.57
C SER G 156 -38.25 -41.29 24.50
N LEU G 157 -38.21 -42.19 25.46
CA LEU G 157 -37.17 -43.24 25.49
C LEU G 157 -37.79 -44.59 25.14
N SER G 158 -37.26 -45.20 24.09
CA SER G 158 -37.79 -46.48 23.60
C SER G 158 -37.41 -47.62 24.56
N PRO G 159 -38.17 -48.74 24.51
CA PRO G 159 -37.79 -49.97 25.24
C PRO G 159 -36.42 -50.52 24.87
N GLU G 160 -36.04 -50.30 23.62
CA GLU G 160 -34.72 -50.68 23.09
C GLU G 160 -33.59 -49.73 23.57
N GLY G 161 -33.97 -48.61 24.15
CA GLY G 161 -33.01 -47.67 24.74
C GLY G 161 -32.53 -46.65 23.73
N THR G 162 -33.47 -46.03 23.05
CA THR G 162 -33.17 -44.97 22.06
C THR G 162 -34.00 -43.74 22.39
N LEU G 163 -33.33 -42.67 22.80
CA LEU G 163 -33.98 -41.39 23.12
C LEU G 163 -34.38 -40.69 21.84
N THR G 164 -35.64 -40.31 21.75
CA THR G 164 -36.19 -39.56 20.60
C THR G 164 -36.75 -38.22 21.08
N VAL G 165 -36.10 -37.14 20.67
CA VAL G 165 -36.58 -35.78 20.98
C VAL G 165 -37.27 -35.24 19.73
N GLU G 166 -38.58 -35.09 19.80
CA GLU G 166 -39.41 -34.62 18.69
C GLU G 166 -40.19 -33.35 19.07
N ALA G 167 -40.35 -32.46 18.10
CA ALA G 167 -41.12 -31.21 18.26
C ALA G 167 -41.80 -30.80 16.97
N PRO G 168 -43.11 -30.45 17.03
CA PRO G 168 -43.76 -29.73 15.93
C PRO G 168 -43.10 -28.40 15.59
N MET G 169 -42.76 -28.26 14.31
CA MET G 169 -42.24 -27.00 13.78
C MET G 169 -43.39 -26.00 13.75
N PRO G 170 -43.10 -24.71 14.01
CA PRO G 170 -44.17 -23.69 14.08
C PRO G 170 -45.13 -23.71 12.89
N LYS G 171 -44.58 -23.84 11.70
CA LYS G 171 -45.32 -24.15 10.48
C LYS G 171 -44.61 -25.19 9.63
N GLN G 175 -35.15 -16.98 14.18
CA GLN G 175 -34.12 -16.38 13.35
C GLN G 175 -34.16 -14.85 13.20
N SER G 176 -35.25 -14.23 13.61
CA SER G 176 -35.46 -12.78 13.47
C SER G 176 -34.59 -11.94 14.43
N ASN G 177 -34.78 -10.63 14.36
CA ASN G 177 -33.92 -9.65 15.07
C ASN G 177 -34.03 -9.65 16.61
N GLU G 178 -35.27 -9.74 17.10
CA GLU G 178 -35.56 -9.67 18.56
C GLU G 178 -34.96 -10.77 19.46
N ILE G 179 -34.41 -11.81 18.86
CA ILE G 179 -33.69 -12.94 19.53
C ILE G 179 -34.64 -14.00 20.08
N THR G 180 -35.72 -13.59 20.69
CA THR G 180 -36.61 -14.61 21.14
C THR G 180 -37.62 -14.84 20.02
N ILE G 181 -38.18 -16.02 19.95
CA ILE G 181 -39.13 -16.33 18.91
C ILE G 181 -40.13 -17.34 19.38
N PRO G 182 -39.76 -18.07 20.43
CA PRO G 182 -40.64 -19.07 20.99
C PRO G 182 -42.01 -18.49 21.35
N VAL G 183 -43.00 -19.35 21.38
CA VAL G 183 -44.39 -18.99 21.73
C VAL G 183 -45.19 -20.23 21.40
N THR G 184 -46.19 -20.12 20.55
CA THR G 184 -46.94 -21.25 20.09
C THR G 184 -47.60 -21.97 21.21
N PHE G 185 -48.81 -21.56 21.47
CA PHE G 185 -49.62 -22.21 22.50
C PHE G 185 -50.32 -23.46 21.96
N GLU G 186 -49.67 -24.10 20.99
CA GLU G 186 -50.31 -25.04 20.03
C GLU G 186 -51.09 -24.32 18.87
N SER G 187 -51.17 -23.00 18.95
CA SER G 187 -51.80 -22.15 17.95
C SER G 187 -50.76 -21.82 16.87
N ARG G 188 -50.81 -22.58 15.78
CA ARG G 188 -49.79 -22.49 14.71
C ARG G 188 -50.01 -21.38 13.68
N ALA G 189 -51.19 -20.80 13.68
CA ALA G 189 -51.60 -19.81 12.65
C ALA G 189 -50.80 -18.52 12.74
N GLN G 190 -50.20 -18.15 11.61
CA GLN G 190 -49.36 -16.93 11.43
C GLN G 190 -48.04 -16.81 12.26
N LEU G 191 -47.75 -17.84 13.04
CA LEU G 191 -46.42 -18.05 13.64
C LEU G 191 -45.70 -19.04 12.76
N GLY G 192 -44.72 -18.57 11.99
CA GLY G 192 -43.97 -19.44 11.10
C GLY G 192 -42.94 -20.26 11.86
N GLU G 201 -41.71 -15.68 10.83
CA GLU G 201 -41.78 -16.84 9.91
C GLU G 201 -40.39 -17.34 9.53
N THR G 202 -40.15 -18.61 9.79
CA THR G 202 -38.93 -19.30 9.40
C THR G 202 -39.22 -20.45 8.45
N ALA G 203 -38.19 -20.80 7.69
CA ALA G 203 -38.23 -21.92 6.76
C ALA G 203 -37.56 -23.14 7.41
N ALA G 204 -37.23 -24.14 6.60
CA ALA G 204 -36.56 -25.37 7.09
C ALA G 204 -35.26 -25.09 7.84
N LYS G 205 -34.38 -24.31 7.24
CA LYS G 205 -33.08 -23.94 7.85
C LYS G 205 -33.27 -22.70 8.70
N MET H 1 -4.33 6.86 34.72
CA MET H 1 -3.96 6.86 33.25
C MET H 1 -4.74 7.88 32.41
N THR H 2 -5.55 8.71 33.06
CA THR H 2 -6.34 9.74 32.40
C THR H 2 -5.67 11.08 32.58
N GLU H 3 -5.76 11.89 31.54
CA GLU H 3 -5.16 13.22 31.53
C GLU H 3 -6.09 14.30 32.03
N ARG H 5 -5.21 16.78 35.23
CA ARG H 5 -6.43 17.11 35.95
C ARG H 5 -6.16 17.37 37.43
N VAL H 6 -6.35 18.60 37.86
CA VAL H 6 -6.23 19.02 39.28
C VAL H 6 -7.23 20.16 39.54
N PRO H 7 -7.98 20.09 40.65
CA PRO H 7 -8.79 21.25 41.05
C PRO H 7 -7.91 22.37 41.61
N PHE H 8 -7.39 23.18 40.71
CA PHE H 8 -6.37 24.20 41.07
C PHE H 8 -6.88 25.43 41.82
N SER H 9 -8.15 25.72 41.61
CA SER H 9 -8.83 26.80 42.35
C SER H 9 -8.85 26.55 43.88
N LEU H 10 -8.83 25.27 44.23
CA LEU H 10 -8.82 24.80 45.62
C LEU H 10 -7.47 24.78 46.35
N LEU H 11 -6.38 24.91 45.59
CA LEU H 11 -5.01 24.76 46.14
C LEU H 11 -4.06 25.96 46.04
N ARG H 12 -4.11 26.64 44.92
CA ARG H 12 -3.24 27.80 44.69
C ARG H 12 -3.36 28.81 45.82
N ASP H 17 -7.72 29.67 46.21
CA ASP H 17 -8.59 30.06 47.29
C ASP H 17 -7.95 29.99 48.68
N PRO H 18 -7.24 28.89 49.00
CA PRO H 18 -6.70 28.80 50.36
C PRO H 18 -5.55 29.75 50.66
N PHE H 19 -4.98 30.32 49.63
CA PHE H 19 -3.91 31.34 49.73
C PHE H 19 -4.33 32.73 49.25
N ARG H 20 -5.56 32.92 48.80
CA ARG H 20 -5.98 34.19 48.17
C ARG H 20 -6.95 35.12 48.88
N ASP H 21 -7.49 34.68 49.99
CA ASP H 21 -8.59 35.40 50.67
C ASP H 21 -8.18 36.47 51.70
N TRP H 22 -6.89 36.81 51.76
CA TRP H 22 -6.38 37.85 52.64
C TRP H 22 -5.74 39.02 51.89
N TYR H 23 -5.11 39.94 52.62
CA TYR H 23 -4.48 41.13 52.04
C TYR H 23 -3.38 40.70 51.05
N PRO H 24 -2.41 39.87 51.51
CA PRO H 24 -1.51 39.28 50.55
C PRO H 24 -1.99 37.88 50.13
N HIS H 25 -1.43 37.37 49.04
CA HIS H 25 -1.71 36.02 48.52
C HIS H 25 -0.66 34.95 48.85
N SER H 26 0.56 35.35 49.16
CA SER H 26 1.66 34.41 49.53
C SER H 26 1.86 34.24 51.04
N ARG H 27 1.51 35.28 51.79
CA ARG H 27 1.70 35.35 53.27
C ARG H 27 0.94 34.25 54.04
N LEU H 28 -0.08 33.69 53.42
CA LEU H 28 -0.89 32.63 54.03
C LEU H 28 -0.13 31.31 54.21
N PHE H 29 0.77 31.00 53.29
CA PHE H 29 1.74 29.92 53.46
C PHE H 29 2.86 30.34 54.42
N ASP H 30 3.19 31.63 54.41
CA ASP H 30 4.21 32.20 55.31
C ASP H 30 3.84 32.11 56.82
N GLN H 31 2.56 32.25 57.10
CA GLN H 31 2.03 32.15 58.48
C GLN H 31 1.67 30.73 58.92
N ALA H 32 1.44 29.87 57.96
CA ALA H 32 1.13 28.43 58.19
C ALA H 32 2.38 27.54 58.27
N PHE H 33 3.56 28.17 58.20
CA PHE H 33 4.85 27.47 58.19
C PHE H 33 5.69 27.83 59.42
N GLY H 34 5.80 29.13 59.70
CA GLY H 34 6.62 29.65 60.79
C GLY H 34 6.69 31.16 60.73
N LEU H 35 7.88 31.70 60.95
CA LEU H 35 8.15 33.15 60.81
C LEU H 35 9.04 33.44 59.62
N PRO H 36 8.84 34.59 58.95
CA PRO H 36 9.48 34.86 57.64
C PRO H 36 11.00 35.09 57.70
N ARG H 37 11.75 34.00 57.66
CA ARG H 37 13.20 33.99 57.41
C ARG H 37 13.44 33.24 56.10
N LEU H 38 13.66 33.97 55.03
CA LEU H 38 13.52 33.41 53.65
C LEU H 38 14.64 32.52 53.09
N PRO H 39 15.93 32.78 53.41
CA PRO H 39 17.00 31.93 52.84
C PRO H 39 17.06 30.52 53.43
N GLU H 40 16.17 30.25 54.38
CA GLU H 40 16.01 28.94 55.02
C GLU H 40 14.93 28.11 54.36
N GLU H 41 14.90 28.17 53.04
CA GLU H 41 13.87 27.48 52.20
C GLU H 41 12.42 27.89 52.56
N TRP H 42 11.98 29.00 51.98
CA TRP H 42 10.65 29.58 52.25
C TRP H 42 9.89 29.99 51.00
N SER H 43 8.80 29.28 50.74
CA SER H 43 7.99 29.47 49.49
C SER H 43 7.65 30.95 49.30
N GLN H 44 8.23 31.55 48.27
CA GLN H 44 7.94 32.93 47.94
C GLN H 44 7.46 33.01 46.49
N TRP H 45 6.43 32.27 46.15
CA TRP H 45 5.94 32.27 44.75
C TRP H 45 4.57 31.71 44.41
N LEU H 46 4.13 30.64 45.02
CA LEU H 46 2.82 30.04 44.66
C LEU H 46 3.03 29.01 43.57
N GLY H 47 2.80 29.36 42.31
CA GLY H 47 3.08 28.46 41.19
C GLY H 47 4.56 28.17 40.99
N GLY H 48 5.37 29.20 41.17
CA GLY H 48 6.84 29.07 41.07
C GLY H 48 7.55 28.64 42.34
N SER H 49 6.82 28.50 43.45
CA SER H 49 7.36 27.97 44.73
C SER H 49 6.24 27.54 45.65
N SER H 50 6.15 26.23 45.84
CA SER H 50 5.08 25.61 46.61
C SER H 50 5.67 24.88 47.82
N TRP H 51 6.55 23.92 47.55
CA TRP H 51 7.20 23.06 48.58
C TRP H 51 6.21 22.15 49.34
N PRO H 52 6.71 21.17 50.11
CA PRO H 52 5.84 20.37 50.94
C PRO H 52 5.05 21.21 51.93
N GLY H 53 3.74 20.96 51.97
CA GLY H 53 2.80 21.69 52.79
C GLY H 53 2.75 21.07 54.17
N TYR H 54 3.25 21.82 55.14
CA TYR H 54 3.24 21.45 56.55
C TYR H 54 1.88 21.95 57.05
N VAL H 55 1.72 23.26 57.00
CA VAL H 55 0.44 23.97 57.23
C VAL H 55 -0.22 23.64 58.57
N ARG H 56 0.46 23.99 59.65
CA ARG H 56 -0.09 23.85 61.02
C ARG H 56 0.41 25.00 61.88
N ALA H 70 -7.17 26.39 67.26
CA ALA H 70 -6.55 27.52 66.59
C ALA H 70 -5.51 27.17 65.50
N PRO H 71 -5.64 26.00 64.83
CA PRO H 71 -4.75 25.77 63.67
C PRO H 71 -5.11 26.57 62.40
N ALA H 72 -6.34 27.05 62.30
CA ALA H 72 -6.84 27.89 61.21
C ALA H 72 -6.73 27.36 59.78
N TYR H 73 -5.50 27.37 59.25
CA TYR H 73 -5.24 27.25 57.79
C TYR H 73 -5.74 25.96 57.13
N SER H 74 -5.63 24.87 57.86
CA SER H 74 -6.18 23.58 57.42
C SER H 74 -7.70 23.47 57.63
N ARG H 75 -8.23 24.26 58.56
CA ARG H 75 -9.66 24.32 58.89
C ARG H 75 -10.45 25.35 58.05
N ALA H 76 -9.74 26.32 57.51
CA ALA H 76 -10.34 27.36 56.62
C ALA H 76 -10.66 26.83 55.20
N LEU H 77 -10.04 25.72 54.84
CA LEU H 77 -10.18 25.09 53.52
C LEU H 77 -11.60 24.59 53.29
N SER H 78 -12.10 23.87 54.28
CA SER H 78 -13.46 23.33 54.24
C SER H 78 -14.54 24.40 54.42
N ARG H 79 -14.12 25.57 54.89
CA ARG H 79 -15.02 26.73 55.15
C ARG H 79 -15.94 26.44 56.33
N GLN H 80 -15.48 25.51 57.17
CA GLN H 80 -16.29 24.95 58.27
C GLN H 80 -17.62 24.31 57.82
N LEU H 81 -17.64 23.79 56.60
CA LEU H 81 -18.80 23.06 56.07
C LEU H 81 -18.70 21.58 56.42
N SER H 82 -17.49 21.08 56.45
CA SER H 82 -17.20 19.72 56.89
C SER H 82 -16.85 19.62 58.37
N SER H 83 -16.55 20.74 58.99
CA SER H 83 -16.33 20.86 60.46
C SER H 83 -15.02 20.25 60.99
N GLY H 84 -14.47 19.27 60.30
CA GLY H 84 -13.21 18.63 60.69
C GLY H 84 -13.36 17.61 61.82
N ARG H 94 -19.66 17.93 45.80
CA ARG H 94 -20.41 16.77 46.30
C ARG H 94 -20.96 15.91 45.16
N TRP H 95 -20.55 14.65 45.12
CA TRP H 95 -21.05 13.68 44.12
C TRP H 95 -22.42 13.20 44.58
N ARG H 96 -23.34 13.11 43.63
CA ARG H 96 -24.68 12.54 43.86
C ARG H 96 -25.17 11.74 42.66
N ASP H 100 -34.71 5.70 42.60
CA ASP H 100 -36.17 5.69 42.50
C ASP H 100 -36.74 4.27 42.72
N VAL H 101 -37.21 4.02 43.94
CA VAL H 101 -37.72 2.68 44.37
C VAL H 101 -39.19 2.59 44.79
N ASN H 102 -39.92 3.70 44.70
CA ASN H 102 -41.30 3.77 45.25
C ASN H 102 -42.26 2.79 44.59
N HIS H 103 -42.26 2.78 43.27
CA HIS H 103 -43.06 1.81 42.48
C HIS H 103 -42.57 0.38 42.71
N PHE H 104 -41.27 0.23 42.88
CA PHE H 104 -40.62 -1.06 43.15
C PHE H 104 -41.10 -1.62 44.50
N ALA H 105 -41.12 -0.74 45.50
CA ALA H 105 -41.49 -1.08 46.89
C ALA H 105 -40.62 -2.26 47.40
N PRO H 106 -39.31 -2.03 47.55
CA PRO H 106 -38.38 -3.11 47.82
C PRO H 106 -38.49 -3.67 49.24
N ASP H 107 -38.31 -4.97 49.35
CA ASP H 107 -38.16 -5.64 50.65
C ASP H 107 -36.76 -5.46 51.22
N GLU H 108 -35.78 -5.28 50.35
CA GLU H 108 -34.37 -4.95 50.79
C GLU H 108 -33.51 -4.37 49.69
N LEU H 109 -32.71 -3.38 50.05
CA LEU H 109 -31.74 -2.70 49.13
C LEU H 109 -30.31 -2.84 49.64
N THR H 110 -29.52 -3.66 48.99
CA THR H 110 -28.12 -3.92 49.38
C THR H 110 -27.17 -3.14 48.46
N VAL H 111 -26.44 -2.21 49.04
CA VAL H 111 -25.50 -1.37 48.29
C VAL H 111 -24.05 -1.75 48.65
N LYS H 112 -23.31 -2.17 47.65
CA LYS H 112 -21.92 -2.65 47.79
C LYS H 112 -21.01 -1.77 46.93
N THR H 113 -19.90 -1.36 47.51
CA THR H 113 -18.87 -0.57 46.80
C THR H 113 -17.61 -1.45 46.59
N LYS H 114 -17.35 -1.77 45.31
CA LYS H 114 -16.27 -2.66 44.91
C LYS H 114 -15.56 -2.17 43.66
N ASP H 115 -14.24 -2.07 43.76
CA ASP H 115 -13.35 -1.66 42.63
C ASP H 115 -13.73 -0.32 42.00
N GLY H 116 -14.20 0.59 42.84
CA GLY H 116 -14.70 1.91 42.41
C GLY H 116 -15.95 1.87 41.55
N VAL H 117 -16.80 0.89 41.83
CA VAL H 117 -18.11 0.73 41.19
C VAL H 117 -19.16 0.51 42.27
N VAL H 118 -20.10 1.44 42.38
CA VAL H 118 -21.23 1.30 43.36
C VAL H 118 -22.31 0.41 42.74
N GLU H 119 -22.52 -0.74 43.34
CA GLU H 119 -23.51 -1.72 42.88
C GLU H 119 -24.67 -1.80 43.87
N ILE H 120 -25.84 -1.41 43.43
CA ILE H 120 -27.08 -1.38 44.25
C ILE H 120 -28.04 -2.49 43.79
N THR H 121 -28.27 -3.45 44.66
CA THR H 121 -29.17 -4.58 44.40
C THR H 121 -30.41 -4.51 45.30
N GLY H 122 -31.55 -4.23 44.71
CA GLY H 122 -32.85 -4.23 45.41
C GLY H 122 -33.58 -5.50 45.17
N LYS H 123 -34.33 -5.94 46.17
CA LYS H 123 -35.10 -7.20 46.08
C LYS H 123 -36.50 -7.03 46.68
N HIS H 124 -37.46 -7.58 45.97
CA HIS H 124 -38.85 -7.64 46.45
C HIS H 124 -39.37 -9.08 46.26
N GLU H 125 -39.76 -9.72 47.34
CA GLU H 125 -40.31 -11.07 47.31
C GLU H 125 -41.61 -11.13 48.10
N GLU H 126 -42.46 -12.05 47.69
CA GLU H 126 -43.73 -12.34 48.38
C GLU H 126 -43.45 -13.46 49.38
N ARG H 127 -43.97 -13.31 50.58
CA ARG H 127 -43.62 -14.21 51.72
C ARG H 127 -44.30 -15.58 51.74
N GLN H 128 -44.98 -15.91 50.66
CA GLN H 128 -45.66 -17.21 50.55
C GLN H 128 -44.62 -18.31 50.33
N ASP H 129 -44.47 -19.18 51.33
CA ASP H 129 -43.51 -20.29 51.28
C ASP H 129 -43.86 -21.33 50.22
N GLU H 130 -45.16 -21.54 50.03
CA GLU H 130 -45.67 -22.46 49.01
C GLU H 130 -45.32 -21.97 47.60
N HIS H 131 -45.71 -20.72 47.31
CA HIS H 131 -45.34 -20.03 46.07
C HIS H 131 -45.11 -18.55 46.25
N GLY H 132 -43.86 -18.16 46.33
CA GLY H 132 -43.48 -16.75 46.25
C GLY H 132 -43.27 -16.40 44.79
N TYR H 133 -44.29 -15.84 44.15
CA TYR H 133 -44.27 -15.55 42.71
C TYR H 133 -44.01 -14.11 42.29
N ILE H 134 -44.05 -13.14 43.17
CA ILE H 134 -43.57 -11.81 42.80
C ILE H 134 -42.17 -11.64 43.35
N SER H 135 -41.20 -12.04 42.55
CA SER H 135 -39.79 -11.85 42.84
C SER H 135 -39.19 -10.95 41.78
N ARG H 136 -39.19 -9.65 42.07
CA ARG H 136 -38.60 -8.62 41.22
C ARG H 136 -37.34 -8.07 41.89
N CYS H 137 -36.32 -7.88 41.08
CA CYS H 137 -35.00 -7.45 41.55
C CYS H 137 -34.48 -6.41 40.56
N PHE H 138 -33.58 -5.55 41.02
CA PHE H 138 -32.85 -4.63 40.15
C PHE H 138 -31.40 -4.43 40.65
N THR H 139 -30.47 -4.45 39.70
CA THR H 139 -29.04 -4.30 40.00
C THR H 139 -28.49 -3.13 39.16
N ARG H 140 -28.35 -1.97 39.79
CA ARG H 140 -27.80 -0.78 39.13
C ARG H 140 -26.30 -0.59 39.48
N LYS H 141 -25.49 -0.50 38.46
CA LYS H 141 -24.03 -0.31 38.61
C LYS H 141 -23.62 1.12 38.22
N TYR H 142 -23.17 1.87 39.20
CA TYR H 142 -22.70 3.26 39.01
C TYR H 142 -21.18 3.28 38.88
N THR H 143 -20.70 3.92 37.82
CA THR H 143 -19.28 4.17 37.62
C THR H 143 -18.89 5.44 38.39
N LEU H 144 -18.17 5.27 39.49
CA LEU H 144 -17.75 6.41 40.32
C LEU H 144 -16.76 7.30 39.58
N PRO H 145 -16.83 8.63 39.78
CA PRO H 145 -15.66 9.44 39.42
C PRO H 145 -14.50 9.05 40.34
N PRO H 146 -13.40 8.52 39.76
CA PRO H 146 -12.29 7.98 40.55
C PRO H 146 -11.69 8.99 41.55
N GLY H 147 -11.58 8.55 42.80
CA GLY H 147 -11.09 9.39 43.93
C GLY H 147 -12.06 9.50 45.11
N VAL H 148 -13.34 9.24 44.87
CA VAL H 148 -14.38 9.29 45.91
C VAL H 148 -14.18 8.12 46.87
N ASP H 149 -13.93 8.44 48.14
CA ASP H 149 -13.76 7.42 49.16
C ASP H 149 -15.14 6.90 49.55
N PRO H 150 -15.32 5.57 49.64
CA PRO H 150 -16.62 5.03 50.09
C PRO H 150 -17.08 5.43 51.50
N THR H 151 -16.21 6.02 52.28
CA THR H 151 -16.61 6.66 53.58
C THR H 151 -17.56 7.86 53.43
N GLN H 152 -17.41 8.55 52.31
CA GLN H 152 -18.22 9.72 52.03
C GLN H 152 -19.60 9.33 51.51
N VAL H 153 -19.64 8.33 50.66
CA VAL H 153 -20.90 7.84 50.07
C VAL H 153 -21.84 7.37 51.18
N SER H 154 -23.04 7.92 51.20
CA SER H 154 -24.05 7.58 52.21
C SER H 154 -25.38 7.20 51.55
N SER H 155 -25.96 6.13 52.05
CA SER H 155 -27.24 5.61 51.51
C SER H 155 -28.36 6.23 52.35
N SER H 156 -28.99 7.25 51.80
CA SER H 156 -30.11 7.95 52.45
C SER H 156 -31.35 7.80 51.59
N LEU H 157 -32.17 6.82 51.89
CA LEU H 157 -33.45 6.64 51.18
C LEU H 157 -34.51 7.32 52.03
N SER H 158 -35.13 8.34 51.48
CA SER H 158 -36.08 9.20 52.22
C SER H 158 -37.20 8.36 52.76
N GLY H 161 -39.17 6.10 48.87
CA GLY H 161 -38.89 7.45 48.37
C GLY H 161 -37.76 7.44 47.34
N THR H 162 -36.98 8.51 47.38
CA THR H 162 -35.87 8.70 46.43
C THR H 162 -34.64 7.93 46.94
N LEU H 163 -33.92 7.33 46.01
CA LEU H 163 -32.74 6.50 46.33
C LEU H 163 -31.75 7.19 47.27
N THR H 164 -31.14 8.20 46.68
CA THR H 164 -30.18 9.13 47.23
C THR H 164 -28.92 8.52 47.90
N VAL H 165 -27.90 8.34 47.06
CA VAL H 165 -26.60 7.81 47.38
C VAL H 165 -25.53 8.89 47.21
N GLU H 166 -25.56 9.87 48.10
CA GLU H 166 -24.63 11.01 48.02
C GLU H 166 -23.20 10.69 48.52
N ALA H 167 -22.29 11.58 48.14
CA ALA H 167 -20.89 11.48 48.52
C ALA H 167 -20.20 12.80 48.31
N PRO H 168 -19.11 13.03 49.03
CA PRO H 168 -18.35 14.26 48.89
C PRO H 168 -17.07 14.10 48.06
N MET H 169 -16.90 15.00 47.09
CA MET H 169 -15.74 14.94 46.23
C MET H 169 -14.48 15.09 47.10
N PRO H 170 -13.55 14.14 46.99
CA PRO H 170 -12.35 14.18 47.80
C PRO H 170 -11.81 15.59 48.06
N LYS H 171 -11.81 16.42 47.02
CA LYS H 171 -11.69 17.87 47.16
C LYS H 171 -12.25 18.58 45.92
N GLN H 175 -8.09 8.39 39.48
CA GLN H 175 -7.80 8.21 38.05
C GLN H 175 -6.31 8.08 37.74
N SER H 176 -5.58 7.51 38.69
CA SER H 176 -4.14 7.39 38.63
C SER H 176 -3.63 5.99 38.32
N ASN H 177 -2.33 5.93 38.06
CA ASN H 177 -1.63 4.70 37.64
C ASN H 177 -1.83 3.50 38.55
N GLU H 178 -1.76 3.76 39.85
CA GLU H 178 -1.83 2.69 40.88
C GLU H 178 -3.19 1.96 40.98
N ILE H 179 -4.23 2.48 40.33
CA ILE H 179 -5.58 1.87 40.27
C ILE H 179 -6.36 2.04 41.59
N THR H 180 -5.70 1.89 42.72
CA THR H 180 -6.30 2.11 44.04
C THR H 180 -6.20 3.56 44.48
N ILE H 181 -7.30 4.26 44.33
CA ILE H 181 -7.44 5.71 44.61
C ILE H 181 -8.35 6.20 45.74
N PRO H 182 -9.24 5.34 46.29
CA PRO H 182 -9.94 5.88 47.47
C PRO H 182 -8.98 6.11 48.64
N VAL H 183 -9.03 7.29 49.25
CA VAL H 183 -8.15 7.65 50.36
C VAL H 183 -8.84 8.28 51.59
N THR H 184 -9.40 9.46 51.39
CA THR H 184 -9.72 10.41 52.50
C THR H 184 -10.45 9.86 53.76
N PHE H 185 -9.91 10.21 54.92
CA PHE H 185 -10.46 9.81 56.23
C PHE H 185 -11.50 10.78 56.82
N GLU H 186 -12.11 11.58 55.95
CA GLU H 186 -12.70 12.90 56.30
C GLU H 186 -11.60 14.01 56.28
N SER H 187 -10.36 13.59 56.08
CA SER H 187 -9.21 14.50 55.97
C SER H 187 -9.07 14.84 54.49
N ARG H 188 -9.45 16.05 54.12
CA ARG H 188 -9.45 16.49 52.72
C ARG H 188 -8.19 17.19 52.22
N ALA H 189 -7.31 17.53 53.16
CA ALA H 189 -6.07 18.27 52.85
C ALA H 189 -5.09 17.46 52.01
N GLN H 190 -4.79 18.01 50.85
CA GLN H 190 -3.82 17.42 49.86
C GLN H 190 -4.19 16.03 49.31
N LEU H 191 -5.47 15.69 49.32
CA LEU H 191 -5.99 14.51 48.64
C LEU H 191 -7.00 14.92 47.61
N GLY H 192 -6.69 14.58 46.37
CA GLY H 192 -7.44 15.16 45.24
C GLY H 192 -8.85 14.64 45.08
N GLU H 201 -4.54 13.78 41.91
CA GLU H 201 -5.53 14.81 42.18
C GLU H 201 -6.71 14.79 41.20
N THR H 202 -7.76 14.06 41.53
CA THR H 202 -8.89 13.91 40.59
C THR H 202 -9.66 15.25 40.44
N ALA H 203 -10.04 15.56 39.20
CA ALA H 203 -10.91 16.70 38.89
C ALA H 203 -12.37 16.23 38.79
N ALA H 204 -13.22 17.05 38.21
CA ALA H 204 -14.65 16.71 38.02
C ALA H 204 -14.86 15.41 37.25
N LYS H 205 -14.34 15.32 36.03
CA LYS H 205 -14.44 14.11 35.21
C LYS H 205 -13.23 13.22 35.44
N MET I 1 4.07 -28.31 20.54
CA MET I 1 4.12 -27.23 19.47
C MET I 1 5.40 -26.37 19.47
N THR I 2 6.33 -26.65 20.38
CA THR I 2 7.63 -26.03 20.39
C THR I 2 8.55 -26.94 19.57
N GLU I 3 9.80 -26.52 19.46
CA GLU I 3 10.84 -27.34 18.92
C GLU I 3 12.04 -27.20 19.82
N ARG I 5 13.94 -30.88 20.25
CA ARG I 5 14.10 -31.13 21.68
C ARG I 5 14.20 -32.62 21.98
N VAL I 6 15.40 -33.07 22.30
CA VAL I 6 15.67 -34.44 22.77
C VAL I 6 16.91 -34.41 23.67
N PRO I 7 16.86 -35.11 24.84
CA PRO I 7 18.08 -35.36 25.61
C PRO I 7 18.85 -36.54 25.00
N PHE I 8 19.65 -36.23 23.98
CA PHE I 8 20.39 -37.25 23.20
C PHE I 8 21.62 -37.82 23.89
N SER I 9 22.22 -37.05 24.78
CA SER I 9 23.32 -37.56 25.63
C SER I 9 22.86 -38.72 26.51
N LEU I 10 21.61 -38.69 26.92
CA LEU I 10 20.97 -39.77 27.69
C LEU I 10 20.30 -40.86 26.84
N LEU I 11 20.20 -40.64 25.54
CA LEU I 11 19.51 -41.58 24.62
C LEU I 11 20.33 -42.20 23.50
N ARG I 12 21.60 -41.85 23.41
CA ARG I 12 22.49 -42.39 22.37
C ARG I 12 23.72 -43.04 22.98
N ASP I 17 24.96 -42.10 25.85
CA ASP I 17 25.41 -42.91 26.96
C ASP I 17 24.84 -44.33 27.05
N PRO I 18 23.51 -44.51 26.82
CA PRO I 18 22.98 -45.87 27.00
C PRO I 18 23.41 -46.88 25.91
N PHE I 19 24.01 -46.40 24.83
CA PHE I 19 24.82 -47.24 23.93
C PHE I 19 26.16 -46.57 23.56
N ARG I 20 27.08 -46.46 24.50
CA ARG I 20 28.43 -45.93 24.27
C ARG I 20 29.55 -46.52 25.13
N ASP I 21 29.32 -46.45 26.43
CA ASP I 21 30.37 -46.67 27.47
C ASP I 21 31.08 -48.03 27.43
N TRP I 22 30.41 -49.03 26.88
CA TRP I 22 30.96 -50.41 26.81
C TRP I 22 31.87 -50.57 25.57
N TYR I 23 32.12 -51.79 25.10
CA TYR I 23 33.27 -52.06 24.22
C TYR I 23 33.03 -51.41 22.85
N PRO I 24 32.07 -51.91 22.04
CA PRO I 24 31.75 -51.17 20.84
C PRO I 24 30.60 -50.22 21.15
N HIS I 25 30.26 -49.36 20.20
CA HIS I 25 29.21 -48.33 20.42
C HIS I 25 27.75 -48.76 20.11
N SER I 26 27.59 -49.61 19.09
CA SER I 26 26.27 -50.11 18.64
C SER I 26 25.94 -51.57 19.00
N ARG I 27 26.97 -52.35 19.28
CA ARG I 27 26.84 -53.73 19.78
C ARG I 27 26.00 -53.82 21.06
N LEU I 28 25.90 -52.70 21.76
CA LEU I 28 25.11 -52.64 23.00
C LEU I 28 23.62 -52.90 22.79
N PHE I 29 23.05 -52.46 21.67
CA PHE I 29 21.65 -52.84 21.35
C PHE I 29 21.53 -54.34 21.04
N ASP I 30 22.62 -54.93 20.59
CA ASP I 30 22.66 -56.36 20.22
C ASP I 30 22.43 -57.35 21.40
N GLN I 31 22.81 -56.94 22.61
CA GLN I 31 22.67 -57.81 23.80
C GLN I 31 21.39 -57.61 24.63
N ALA I 32 20.72 -56.50 24.42
CA ALA I 32 19.40 -56.20 25.04
C ALA I 32 18.22 -56.81 24.29
N PHE I 33 18.52 -57.56 23.25
CA PHE I 33 17.54 -58.12 22.33
C PHE I 33 17.63 -59.66 22.31
N GLY I 34 18.82 -60.18 22.06
CA GLY I 34 19.05 -61.61 21.87
C GLY I 34 20.47 -61.95 21.42
N LEU I 35 20.59 -62.85 20.45
CA LEU I 35 21.88 -63.25 19.85
C LEU I 35 22.00 -62.75 18.41
N PRO I 36 23.22 -62.38 17.96
CA PRO I 36 23.41 -61.69 16.68
C PRO I 36 23.23 -62.55 15.41
N ARG I 37 22.00 -62.64 14.94
CA ARG I 37 21.67 -63.12 13.59
C ARG I 37 21.11 -61.95 12.79
N LEU I 38 21.98 -61.27 12.05
CA LEU I 38 21.68 -59.92 11.52
C LEU I 38 20.67 -59.76 10.37
N PRO I 39 20.61 -60.73 9.43
CA PRO I 39 19.65 -60.53 8.34
C PRO I 39 18.19 -60.69 8.76
N GLU I 40 17.97 -60.96 10.06
CA GLU I 40 16.65 -60.98 10.69
C GLU I 40 16.23 -59.67 11.36
N GLU I 41 16.80 -58.53 10.95
CA GLU I 41 16.52 -57.16 11.52
C GLU I 41 17.29 -56.84 12.83
N TRP I 42 18.58 -56.58 12.72
CA TRP I 42 19.43 -56.30 13.89
C TRP I 42 20.15 -54.96 13.78
N SER I 43 20.12 -54.19 14.87
CA SER I 43 20.68 -52.81 14.92
C SER I 43 22.20 -52.78 14.84
N GLN I 44 22.70 -52.21 13.74
CA GLN I 44 24.14 -52.02 13.54
C GLN I 44 24.60 -50.57 13.56
N TRP I 45 23.75 -49.69 14.05
CA TRP I 45 24.00 -48.24 14.01
C TRP I 45 23.60 -47.51 15.29
N LEU I 46 22.30 -47.43 15.50
CA LEU I 46 21.63 -46.55 16.51
C LEU I 46 21.66 -45.06 16.21
N GLY I 47 22.74 -44.61 15.57
CA GLY I 47 22.80 -43.25 14.99
C GLY I 47 22.03 -43.19 13.68
N GLY I 48 22.36 -44.14 12.80
CA GLY I 48 21.58 -44.34 11.56
C GLY I 48 20.39 -45.28 11.65
N SER I 49 20.44 -46.29 12.54
CA SER I 49 19.47 -47.39 12.61
C SER I 49 19.32 -47.92 14.05
N SER I 50 18.14 -47.71 14.62
CA SER I 50 17.88 -47.92 16.04
C SER I 50 16.74 -48.91 16.25
N TRP I 51 15.60 -48.62 15.67
CA TRP I 51 14.41 -49.49 15.64
C TRP I 51 13.74 -49.52 17.02
N PRO I 52 12.49 -50.05 17.12
CA PRO I 52 11.82 -50.00 18.41
C PRO I 52 12.54 -50.75 19.54
N GLY I 53 12.96 -49.97 20.53
CA GLY I 53 13.56 -50.51 21.75
C GLY I 53 12.64 -51.45 22.53
N TYR I 54 13.10 -52.69 22.65
CA TYR I 54 12.48 -53.73 23.45
C TYR I 54 13.12 -53.68 24.83
N VAL I 55 14.40 -54.05 24.89
CA VAL I 55 15.28 -53.81 26.06
C VAL I 55 14.63 -54.27 27.39
N ARG I 56 14.03 -55.46 27.37
CA ARG I 56 13.43 -56.08 28.55
C ARG I 56 14.16 -57.35 28.87
N ALA I 70 18.89 -61.40 35.10
CA ALA I 70 18.01 -60.28 35.46
C ALA I 70 18.08 -59.17 34.43
N PRO I 71 17.05 -58.31 34.37
CA PRO I 71 17.17 -57.17 33.45
C PRO I 71 18.15 -56.09 33.94
N ALA I 72 19.33 -56.06 33.34
CA ALA I 72 20.39 -55.10 33.68
C ALA I 72 20.34 -53.85 32.81
N TYR I 73 20.00 -54.03 31.56
CA TYR I 73 19.89 -52.93 30.56
C TYR I 73 19.06 -51.71 30.96
N SER I 74 17.85 -51.98 31.40
CA SER I 74 16.96 -50.92 31.90
C SER I 74 17.47 -50.38 33.24
N ARG I 75 18.24 -51.20 33.94
CA ARG I 75 18.85 -50.85 35.23
C ARG I 75 20.19 -50.13 35.09
N ALA I 76 20.75 -50.16 33.89
CA ALA I 76 21.99 -49.44 33.56
C ALA I 76 21.75 -47.94 33.32
N LEU I 77 20.49 -47.60 33.02
CA LEU I 77 20.11 -46.22 32.68
C LEU I 77 20.04 -45.32 33.91
N SER I 78 19.31 -45.79 34.90
CA SER I 78 19.13 -45.08 36.18
C SER I 78 20.39 -45.00 37.04
N ARG I 79 21.11 -46.10 37.07
CA ARG I 79 22.43 -46.25 37.71
C ARG I 79 22.35 -46.15 39.25
N SER I 83 14.75 -44.14 40.48
CA SER I 83 15.06 -45.27 41.32
C SER I 83 15.00 -46.59 40.53
N GLY I 84 13.79 -47.02 40.23
CA GLY I 84 13.46 -48.32 39.60
C GLY I 84 14.55 -49.04 38.84
N ARG I 94 17.02 -33.32 37.90
CA ARG I 94 15.87 -33.04 38.74
C ARG I 94 15.47 -31.56 38.75
N TRP I 95 14.18 -31.32 38.62
CA TRP I 95 13.58 -29.99 38.77
C TRP I 95 13.44 -29.73 40.27
N ARG I 96 13.87 -28.56 40.71
CA ARG I 96 13.87 -28.22 42.13
C ARG I 96 13.71 -26.73 42.34
N VAL I 97 12.88 -26.36 43.31
CA VAL I 97 12.63 -24.95 43.67
C VAL I 97 12.57 -24.71 45.18
N SER I 98 12.96 -23.51 45.57
CA SER I 98 13.01 -23.10 46.99
C SER I 98 12.03 -21.97 47.28
N LEU I 99 11.51 -21.98 48.50
CA LEU I 99 10.47 -21.03 48.95
C LEU I 99 10.75 -20.63 50.39
N ASP I 100 11.00 -19.36 50.63
CA ASP I 100 11.21 -18.84 51.98
C ASP I 100 9.85 -18.55 52.65
N VAL I 101 9.40 -19.50 53.46
CA VAL I 101 8.12 -19.39 54.17
C VAL I 101 8.28 -19.03 55.67
N ASN I 102 9.52 -19.02 56.16
CA ASN I 102 9.83 -18.86 57.60
C ASN I 102 9.15 -17.65 58.26
N HIS I 103 9.17 -16.53 57.55
CA HIS I 103 8.53 -15.29 58.01
C HIS I 103 6.99 -15.42 58.05
N PHE I 104 6.44 -16.14 57.09
CA PHE I 104 4.98 -16.35 56.96
C PHE I 104 4.40 -17.15 58.13
N ALA I 105 5.04 -18.28 58.41
CA ALA I 105 4.64 -19.21 59.48
C ALA I 105 3.19 -19.68 59.27
N PRO I 106 2.95 -20.47 58.19
CA PRO I 106 1.59 -20.86 57.83
C PRO I 106 1.03 -21.96 58.72
N ASP I 107 -0.27 -21.89 58.95
CA ASP I 107 -1.00 -23.00 59.59
C ASP I 107 -1.15 -24.17 58.63
N GLU I 108 -1.31 -23.84 57.35
CA GLU I 108 -1.44 -24.85 56.29
C GLU I 108 -0.90 -24.36 54.95
N LEU I 109 -0.11 -25.22 54.31
CA LEU I 109 0.40 -25.01 52.94
C LEU I 109 -0.19 -26.08 52.03
N THR I 110 -1.10 -25.69 51.18
CA THR I 110 -1.81 -26.63 50.27
C THR I 110 -1.25 -26.45 48.86
N VAL I 111 -0.60 -27.49 48.36
CA VAL I 111 0.02 -27.47 47.02
C VAL I 111 -0.76 -28.36 46.06
N LYS I 112 -1.28 -27.73 45.01
CA LYS I 112 -2.14 -28.39 44.01
C LYS I 112 -1.46 -28.28 42.65
N THR I 113 -1.42 -29.38 41.93
CA THR I 113 -0.88 -29.43 40.57
C THR I 113 -2.02 -29.56 39.56
N LYS I 114 -2.21 -28.51 38.76
CA LYS I 114 -3.30 -28.41 37.78
C LYS I 114 -2.81 -27.82 36.46
N ASP I 115 -3.08 -28.52 35.37
CA ASP I 115 -2.70 -28.11 33.99
C ASP I 115 -1.20 -27.83 33.80
N GLY I 116 -0.38 -28.63 34.47
CA GLY I 116 1.09 -28.48 34.45
C GLY I 116 1.62 -27.20 35.09
N VAL I 117 0.92 -26.75 36.11
CA VAL I 117 1.30 -25.55 36.90
C VAL I 117 1.16 -25.90 38.38
N VAL I 118 2.27 -25.86 39.10
CA VAL I 118 2.27 -26.14 40.56
C VAL I 118 1.82 -24.87 41.31
N GLU I 119 0.64 -24.98 41.94
CA GLU I 119 0.04 -23.86 42.68
C GLU I 119 0.09 -24.10 44.19
N ILE I 120 0.89 -23.29 44.89
CA ILE I 120 1.14 -23.43 46.35
C ILE I 120 0.37 -22.31 47.08
N THR I 121 -0.63 -22.71 47.84
CA THR I 121 -1.46 -21.77 48.63
C THR I 121 -1.24 -21.98 50.13
N GLY I 122 -0.57 -21.03 50.76
CA GLY I 122 -0.40 -21.02 52.23
C GLY I 122 -1.38 -20.08 52.87
N LYS I 123 -1.82 -20.43 54.07
CA LYS I 123 -2.79 -19.60 54.83
C LYS I 123 -2.37 -19.44 56.28
N HIS I 124 -2.53 -18.23 56.78
CA HIS I 124 -2.25 -17.89 58.18
C HIS I 124 -3.44 -17.12 58.77
N GLU I 125 -3.91 -17.57 59.92
CA GLU I 125 -4.99 -16.91 60.65
C GLU I 125 -4.86 -17.07 62.17
N GLU I 126 -5.50 -16.16 62.89
CA GLU I 126 -5.72 -16.25 64.33
C GLU I 126 -7.08 -16.88 64.55
N ARG I 127 -7.11 -17.95 65.33
CA ARG I 127 -8.40 -18.56 65.74
C ARG I 127 -9.08 -17.68 66.77
N GLN I 128 -9.91 -16.76 66.28
CA GLN I 128 -10.70 -15.86 67.10
C GLN I 128 -12.11 -15.76 66.53
N ASP I 129 -13.10 -16.24 67.28
CA ASP I 129 -14.48 -16.35 66.79
C ASP I 129 -15.23 -15.00 66.69
N GLU I 130 -14.95 -14.10 67.61
CA GLU I 130 -15.52 -12.75 67.60
C GLU I 130 -14.97 -11.99 66.40
N HIS I 131 -13.66 -11.89 66.35
CA HIS I 131 -12.96 -11.35 65.17
C HIS I 131 -11.65 -12.09 64.92
N GLY I 132 -11.71 -13.01 63.97
CA GLY I 132 -10.49 -13.71 63.49
C GLY I 132 -9.71 -12.74 62.61
N TYR I 133 -9.01 -11.83 63.27
CA TYR I 133 -8.12 -10.90 62.57
C TYR I 133 -6.92 -11.68 62.07
N ILE I 134 -6.18 -11.06 61.17
CA ILE I 134 -5.00 -11.68 60.54
C ILE I 134 -5.43 -12.81 59.63
N SER I 135 -5.50 -12.53 58.34
CA SER I 135 -5.88 -13.52 57.33
C SER I 135 -4.97 -13.35 56.11
N ARG I 136 -3.69 -13.52 56.37
CA ARG I 136 -2.68 -13.42 55.30
C ARG I 136 -2.58 -14.78 54.59
N CYS I 137 -2.48 -14.71 53.28
CA CYS I 137 -2.43 -15.88 52.40
C CYS I 137 -1.44 -15.57 51.28
N PHE I 138 -0.83 -16.59 50.73
CA PHE I 138 0.04 -16.45 49.55
C PHE I 138 -0.18 -17.62 48.57
N THR I 139 -0.21 -17.30 47.29
CA THR I 139 -0.43 -18.27 46.22
C THR I 139 0.70 -18.20 45.18
N ARG I 140 1.66 -19.09 45.28
CA ARG I 140 2.82 -19.15 44.37
C ARG I 140 2.59 -20.20 43.29
N LYS I 141 2.57 -19.73 42.05
CA LYS I 141 2.42 -20.59 40.86
C LYS I 141 3.76 -20.84 40.20
N TYR I 142 4.17 -22.09 40.14
CA TYR I 142 5.38 -22.51 39.41
C TYR I 142 4.98 -23.04 38.03
N THR I 143 5.59 -22.47 37.00
CA THR I 143 5.45 -22.98 35.62
C THR I 143 6.42 -24.15 35.46
N LEU I 144 5.87 -25.35 35.44
CA LEU I 144 6.69 -26.58 35.27
C LEU I 144 7.31 -26.67 33.87
N PRO I 145 8.52 -27.24 33.76
CA PRO I 145 8.95 -27.71 32.44
C PRO I 145 8.06 -28.86 31.99
N PRO I 146 7.29 -28.68 30.90
CA PRO I 146 6.29 -29.70 30.52
C PRO I 146 6.88 -31.10 30.31
N GLY I 147 6.18 -32.11 30.84
CA GLY I 147 6.66 -33.49 30.87
C GLY I 147 6.74 -34.09 32.26
N VAL I 148 6.93 -33.25 33.27
CA VAL I 148 7.08 -33.67 34.66
C VAL I 148 5.76 -34.25 35.16
N ASP I 149 5.78 -35.53 35.53
CA ASP I 149 4.61 -36.19 36.08
C ASP I 149 4.46 -35.67 37.52
N PRO I 150 3.23 -35.23 37.92
CA PRO I 150 3.05 -34.71 39.28
C PRO I 150 3.44 -35.64 40.44
N THR I 151 3.44 -36.93 40.22
CA THR I 151 3.93 -37.92 41.22
C THR I 151 5.39 -37.69 41.65
N GLN I 152 6.15 -37.10 40.76
CA GLN I 152 7.55 -36.81 41.02
C GLN I 152 7.70 -35.56 41.91
N VAL I 153 6.70 -34.70 41.89
CA VAL I 153 6.70 -33.44 42.64
C VAL I 153 6.36 -33.70 44.11
N SER I 154 7.34 -33.50 44.98
CA SER I 154 7.18 -33.65 46.45
C SER I 154 7.40 -32.31 47.13
N SER I 155 6.72 -32.11 48.24
CA SER I 155 6.90 -30.90 49.06
C SER I 155 7.57 -31.25 50.40
N SER I 156 8.58 -30.48 50.75
CA SER I 156 9.35 -30.70 51.98
C SER I 156 9.62 -29.37 52.66
N LEU I 157 9.35 -29.30 53.96
CA LEU I 157 9.57 -28.07 54.75
C LEU I 157 10.71 -28.19 55.75
N SER I 158 11.76 -27.41 55.51
CA SER I 158 13.03 -27.54 56.25
C SER I 158 12.95 -26.95 57.67
N PRO I 159 13.93 -27.28 58.55
CA PRO I 159 14.06 -26.66 59.88
C PRO I 159 14.31 -25.15 59.89
N GLU I 160 14.97 -24.65 58.85
CA GLU I 160 15.20 -23.22 58.66
C GLU I 160 13.93 -22.46 58.25
N GLY I 161 12.90 -23.21 57.89
CA GLY I 161 11.60 -22.65 57.46
C GLY I 161 11.64 -22.31 55.99
N THR I 162 12.13 -23.26 55.20
CA THR I 162 12.27 -23.11 53.75
C THR I 162 11.60 -24.30 53.06
N LEU I 163 10.52 -24.03 52.36
CA LEU I 163 9.79 -25.06 51.58
C LEU I 163 10.59 -25.40 50.32
N THR I 164 10.83 -26.67 50.13
CA THR I 164 11.54 -27.18 48.94
C THR I 164 10.61 -28.10 48.16
N VAL I 165 10.23 -27.67 46.97
CA VAL I 165 9.40 -28.49 46.05
C VAL I 165 10.36 -29.06 44.98
N GLU I 166 10.55 -30.37 45.02
CA GLU I 166 11.45 -31.09 44.13
C GLU I 166 10.73 -32.19 43.32
N ALA I 167 11.18 -32.37 42.09
CA ALA I 167 10.67 -33.42 41.20
C ALA I 167 11.75 -33.99 40.29
N PRO I 168 11.84 -35.33 40.19
CA PRO I 168 12.59 -35.94 39.11
C PRO I 168 12.06 -35.57 37.72
N MET I 169 12.98 -35.10 36.88
CA MET I 169 12.67 -34.76 35.49
C MET I 169 12.42 -36.07 34.76
N PRO I 170 11.52 -36.06 33.77
CA PRO I 170 11.11 -37.30 33.08
C PRO I 170 12.27 -38.19 32.67
N LYS I 171 13.30 -37.60 32.11
CA LYS I 171 14.63 -38.24 31.98
C LYS I 171 15.69 -37.17 31.68
N GLN I 175 5.29 -30.31 26.33
CA GLN I 175 5.51 -29.48 25.16
C GLN I 175 4.94 -30.07 23.86
N SER I 176 4.54 -31.34 23.90
CA SER I 176 3.93 -32.01 22.75
C SER I 176 2.57 -31.43 22.35
N ASN I 177 2.07 -31.88 21.21
CA ASN I 177 0.82 -31.38 20.61
C ASN I 177 -0.44 -31.68 21.38
N GLU I 178 -0.53 -32.93 21.83
CA GLU I 178 -1.71 -33.45 22.55
C GLU I 178 -2.02 -32.78 23.91
N ILE I 179 -1.11 -31.97 24.41
CA ILE I 179 -1.25 -31.16 25.66
C ILE I 179 -0.98 -31.99 26.93
N THR I 180 -1.45 -33.23 26.97
CA THR I 180 -1.28 -34.12 28.12
C THR I 180 0.02 -34.92 28.00
N ILE I 181 1.01 -34.50 28.75
CA ILE I 181 2.33 -35.14 28.78
C ILE I 181 2.78 -35.79 30.09
N PRO I 182 2.11 -35.54 31.23
CA PRO I 182 2.61 -36.22 32.42
C PRO I 182 2.18 -37.71 32.38
N VAL I 183 3.14 -38.57 32.12
CA VAL I 183 2.84 -40.01 32.11
C VAL I 183 3.65 -40.78 33.15
N THR I 184 4.78 -41.27 32.71
CA THR I 184 5.73 -42.06 33.50
C THR I 184 5.43 -42.43 34.97
N PHE I 185 5.41 -43.74 35.18
CA PHE I 185 5.31 -44.40 36.50
C PHE I 185 6.66 -44.78 37.07
N GLU I 186 7.46 -43.80 37.48
CA GLU I 186 8.80 -44.10 38.00
C GLU I 186 9.57 -44.94 36.98
N SER I 187 9.41 -44.60 35.71
CA SER I 187 10.07 -45.29 34.60
C SER I 187 10.54 -44.28 33.54
N ARG I 188 11.83 -43.97 33.58
CA ARG I 188 12.39 -42.89 32.75
C ARG I 188 12.68 -43.29 31.29
N ALA I 189 12.69 -44.59 31.03
CA ALA I 189 12.93 -45.13 29.69
C ALA I 189 11.82 -44.70 28.74
N GLN I 190 12.24 -44.09 27.64
CA GLN I 190 11.36 -43.56 26.57
C GLN I 190 10.37 -42.42 26.90
N LEU I 191 10.42 -41.91 28.12
CA LEU I 191 9.61 -40.75 28.54
C LEU I 191 10.51 -39.62 29.01
N GLY I 192 10.48 -38.52 28.27
CA GLY I 192 11.38 -37.39 28.48
C GLY I 192 10.65 -36.08 28.53
N GLU I 201 9.50 -36.28 23.98
CA GLU I 201 10.69 -36.28 24.86
C GLU I 201 11.40 -34.93 24.77
N THR I 202 11.29 -34.12 25.80
CA THR I 202 11.86 -32.77 25.83
C THR I 202 13.17 -32.70 26.61
N ALA I 203 13.87 -31.59 26.42
CA ALA I 203 15.08 -31.26 27.15
C ALA I 203 14.72 -30.39 28.37
N ALA I 204 15.72 -29.77 28.98
CA ALA I 204 15.52 -28.82 30.11
C ALA I 204 14.55 -27.67 29.79
N LYS I 205 14.62 -27.22 28.54
CA LYS I 205 13.80 -26.14 27.97
C LYS I 205 14.22 -24.79 28.49
N MET J 1 -0.87 31.76 17.04
CA MET J 1 -0.67 30.63 16.09
C MET J 1 0.80 30.25 15.89
N THR J 2 1.62 31.26 15.69
CA THR J 2 3.06 31.11 15.53
C THR J 2 3.72 31.12 16.89
N GLU J 3 4.58 30.15 17.12
CA GLU J 3 5.17 29.92 18.42
C GLU J 3 6.41 30.78 18.65
N ARG J 5 7.79 33.38 21.10
CA ARG J 5 8.51 34.60 20.77
C ARG J 5 8.38 35.67 21.85
N VAL J 6 9.50 36.04 22.48
CA VAL J 6 9.56 37.17 23.41
C VAL J 6 10.90 37.89 23.24
N PRO J 7 10.88 39.24 23.20
CA PRO J 7 12.13 40.00 23.29
C PRO J 7 12.61 40.10 24.76
N PHE J 8 13.35 39.08 25.18
CA PHE J 8 13.86 38.97 26.56
C PHE J 8 15.06 39.83 26.89
N SER J 9 15.85 40.17 25.89
CA SER J 9 16.96 41.12 26.05
C SER J 9 16.48 42.51 26.50
N LEU J 10 15.27 42.86 26.06
CA LEU J 10 14.58 44.10 26.46
C LEU J 10 13.74 43.99 27.74
N LEU J 11 13.61 42.77 28.28
CA LEU J 11 12.80 42.50 29.47
C LEU J 11 13.50 41.88 30.68
N ARG J 12 14.16 40.77 30.44
CA ARG J 12 14.80 39.96 31.50
C ARG J 12 15.72 40.80 32.40
N ASP J 17 17.68 43.89 30.36
CA ASP J 17 18.32 45.19 30.55
C ASP J 17 17.52 46.19 31.40
N PRO J 18 16.16 46.15 31.41
CA PRO J 18 15.48 47.17 32.22
C PRO J 18 15.59 46.96 33.73
N PHE J 19 16.00 45.77 34.14
CA PHE J 19 16.34 45.43 35.52
C PHE J 19 17.85 45.34 35.79
N ARG J 20 18.65 45.30 34.72
CA ARG J 20 20.07 44.90 34.83
C ARG J 20 21.11 46.00 35.06
N ASP J 21 20.82 47.21 34.61
CA ASP J 21 21.84 48.27 34.42
C ASP J 21 22.26 49.09 35.67
N TRP J 22 21.83 48.66 36.84
CA TRP J 22 22.23 49.27 38.14
C TRP J 22 23.12 48.31 38.94
N TYR J 23 23.44 48.68 40.18
CA TYR J 23 24.37 47.91 41.02
C TYR J 23 23.93 46.43 41.17
N PRO J 24 22.79 46.16 41.83
CA PRO J 24 22.25 44.81 41.68
C PRO J 24 21.31 44.74 40.48
N HIS J 25 20.87 43.53 40.17
CA HIS J 25 19.98 43.28 39.02
C HIS J 25 18.50 43.02 39.38
N SER J 26 18.22 42.72 40.64
CA SER J 26 16.83 42.52 41.13
C SER J 26 16.22 43.72 41.88
N ARG J 27 17.06 44.59 42.42
CA ARG J 27 16.62 45.79 43.21
C ARG J 27 15.76 46.80 42.42
N LEU J 28 15.83 46.73 41.09
CA LEU J 28 15.03 47.62 40.23
C LEU J 28 13.52 47.35 40.30
N PHE J 29 13.16 46.09 40.46
CA PHE J 29 11.77 45.74 40.78
C PHE J 29 11.46 46.11 42.23
N ASP J 30 12.47 46.01 43.10
CA ASP J 30 12.34 46.36 44.52
C ASP J 30 12.00 47.85 44.74
N GLN J 31 12.55 48.72 43.90
CA GLN J 31 12.28 50.18 43.96
C GLN J 31 11.06 50.64 43.14
N ALA J 32 10.67 49.83 42.17
CA ALA J 32 9.50 50.11 41.31
C ALA J 32 8.17 49.54 41.88
N PHE J 33 8.22 49.06 43.12
CA PHE J 33 7.11 48.38 43.79
C PHE J 33 6.78 49.10 45.12
N GLY J 34 7.80 49.24 45.96
CA GLY J 34 7.66 49.86 47.30
C GLY J 34 8.98 49.83 48.05
N LEU J 35 8.92 49.41 49.32
CA LEU J 35 10.11 49.17 50.15
C LEU J 35 10.23 47.68 50.52
N PRO J 36 11.47 47.16 50.63
CA PRO J 36 11.71 45.71 50.77
C PRO J 36 11.30 45.10 52.12
N ARG J 37 10.03 44.74 52.19
CA ARG J 37 9.53 43.80 53.19
C ARG J 37 9.13 42.58 52.40
N LEU J 38 9.99 41.55 52.40
CA LEU J 38 9.92 40.47 51.39
C LEU J 38 8.83 39.40 51.51
N PRO J 39 8.46 38.98 52.73
CA PRO J 39 7.44 37.89 52.84
C PRO J 39 5.99 38.30 52.50
N GLU J 40 5.79 39.57 52.16
CA GLU J 40 4.51 40.11 51.74
C GLU J 40 4.53 40.32 50.23
N GLU J 41 4.84 39.24 49.53
CA GLU J 41 4.98 39.18 48.03
C GLU J 41 6.01 40.14 47.45
N TRP J 42 7.23 39.67 47.30
CA TRP J 42 8.29 40.44 46.65
C TRP J 42 9.15 39.60 45.72
N SER J 43 9.70 40.28 44.73
CA SER J 43 10.48 39.68 43.65
C SER J 43 11.97 39.67 43.96
N GLN J 44 12.49 38.49 44.27
CA GLN J 44 13.91 38.29 44.56
C GLN J 44 14.67 37.65 43.41
N TRP J 45 14.05 37.51 42.25
CA TRP J 45 14.67 36.79 41.12
C TRP J 45 14.49 37.45 39.77
N LEU J 46 13.25 37.59 39.36
CA LEU J 46 12.82 38.05 38.01
C LEU J 46 12.97 37.02 36.89
N GLY J 47 14.01 36.21 36.96
CA GLY J 47 14.14 35.02 36.11
C GLY J 47 13.28 33.88 36.64
N GLY J 48 13.47 33.61 37.93
CA GLY J 48 12.68 32.64 38.70
C GLY J 48 11.53 33.20 39.54
N SER J 49 11.46 34.51 39.68
CA SER J 49 10.35 35.19 40.39
C SER J 49 10.16 36.67 40.00
N SER J 50 9.11 36.93 39.23
CA SER J 50 8.84 38.24 38.63
C SER J 50 7.73 38.99 39.34
N TRP J 51 6.60 38.32 39.49
CA TRP J 51 5.37 38.79 40.18
C TRP J 51 4.60 39.80 39.31
N PRO J 52 3.33 40.08 39.67
CA PRO J 52 2.57 41.11 38.96
C PRO J 52 3.24 42.50 38.96
N GLY J 53 3.53 42.97 37.75
CA GLY J 53 4.15 44.26 37.52
C GLY J 53 3.25 45.47 37.79
N TYR J 54 3.63 46.24 38.81
CA TYR J 54 3.02 47.54 39.10
C TYR J 54 3.89 48.57 38.39
N VAL J 55 5.15 48.66 38.82
CA VAL J 55 6.22 49.43 38.13
C VAL J 55 5.78 50.87 37.74
N ARG J 56 5.22 51.55 38.72
CA ARG J 56 4.81 52.96 38.58
C ARG J 56 5.85 53.93 39.15
N ALA J 70 9.19 61.43 40.38
CA ALA J 70 9.84 60.75 39.28
C ALA J 70 9.40 59.28 39.15
N PRO J 71 8.33 59.04 38.36
CA PRO J 71 8.03 57.67 37.94
C PRO J 71 8.92 57.32 36.75
N ALA J 72 10.15 56.96 37.07
CA ALA J 72 11.26 56.87 36.10
C ALA J 72 11.61 55.47 35.57
N TYR J 73 11.01 54.44 36.14
CA TYR J 73 11.32 53.04 35.77
C TYR J 73 10.70 52.61 34.44
N SER J 74 9.50 53.09 34.19
CA SER J 74 8.81 52.93 32.88
C SER J 74 9.30 53.91 31.80
N ARG J 75 9.96 54.97 32.24
CA ARG J 75 10.57 55.98 31.34
C ARG J 75 12.04 55.70 31.02
N ALA J 76 12.64 54.76 31.76
CA ALA J 76 14.04 54.33 31.54
C ALA J 76 14.23 53.34 30.39
N LEU J 77 13.15 52.65 30.01
CA LEU J 77 13.18 51.65 28.93
C LEU J 77 13.47 52.26 27.56
N SER J 78 12.74 53.30 27.25
CA SER J 78 12.89 54.05 25.99
C SER J 78 14.22 54.81 25.89
N ARG J 79 14.88 54.97 27.03
CA ARG J 79 16.21 55.61 27.11
C ARG J 79 16.10 57.12 26.82
N GLN J 80 14.96 57.67 27.21
CA GLN J 80 14.57 59.07 26.94
C GLN J 80 14.63 59.46 25.43
N LEU J 81 14.36 58.49 24.57
CA LEU J 81 14.26 58.69 23.12
C LEU J 81 12.83 58.93 22.67
N SER J 82 11.93 58.16 23.25
CA SER J 82 10.48 58.26 22.95
C SER J 82 9.78 59.38 23.73
N SER J 83 10.46 59.93 24.71
CA SER J 83 10.00 61.11 25.49
C SER J 83 8.92 60.81 26.53
N GLY J 84 8.06 59.84 26.26
CA GLY J 84 6.93 59.50 27.17
C GLY J 84 5.77 60.48 27.08
N ARG J 94 12.47 49.79 15.26
CA ARG J 94 11.37 50.26 14.44
C ARG J 94 11.35 49.56 13.05
N TRP J 95 10.16 49.29 12.59
CA TRP J 95 9.90 48.71 11.27
C TRP J 95 9.98 49.84 10.24
N ARG J 96 10.68 49.60 9.14
CA ARG J 96 10.86 50.61 8.11
C ARG J 96 10.99 49.97 6.72
N VAL J 97 10.31 50.55 5.74
CA VAL J 97 10.35 50.08 4.35
C VAL J 97 10.50 51.25 3.36
N SER J 98 11.14 50.96 2.24
CA SER J 98 11.39 51.94 1.18
C SER J 98 10.64 51.60 -0.12
N LEU J 99 10.20 52.64 -0.82
CA LEU J 99 9.46 52.55 -2.07
C LEU J 99 9.91 53.66 -3.01
N ASP J 100 10.45 53.28 -4.17
CA ASP J 100 10.90 54.25 -5.18
C ASP J 100 9.73 54.63 -6.10
N VAL J 101 9.21 55.83 -5.92
CA VAL J 101 8.02 56.34 -6.65
C VAL J 101 8.36 57.49 -7.64
N ASN J 102 9.61 57.96 -7.63
CA ASN J 102 10.05 59.12 -8.41
C ASN J 102 9.71 59.04 -9.91
N HIS J 103 9.95 57.87 -10.48
CA HIS J 103 9.64 57.59 -11.90
C HIS J 103 8.13 57.62 -12.17
N PHE J 104 7.36 57.15 -11.20
CA PHE J 104 5.88 57.12 -11.27
C PHE J 104 5.30 58.54 -11.29
N ALA J 105 5.76 59.37 -10.35
CA ALA J 105 5.31 60.75 -10.19
C ALA J 105 3.77 60.82 -10.00
N PRO J 106 3.27 60.33 -8.86
CA PRO J 106 1.84 60.24 -8.63
C PRO J 106 1.22 61.58 -8.24
N ASP J 107 0.00 61.79 -8.70
CA ASP J 107 -0.84 62.89 -8.24
C ASP J 107 -1.34 62.65 -6.81
N GLU J 108 -1.59 61.38 -6.50
CA GLU J 108 -2.00 60.94 -5.16
C GLU J 108 -1.54 59.51 -4.82
N LEU J 109 -1.01 59.37 -3.61
CA LEU J 109 -0.66 58.08 -3.01
C LEU J 109 -1.61 57.83 -1.85
N THR J 110 -2.51 56.87 -1.99
CA THR J 110 -3.51 56.52 -0.97
C THR J 110 -3.04 55.27 -0.22
N VAL J 111 -2.78 55.42 1.06
CA VAL J 111 -2.27 54.33 1.92
C VAL J 111 -3.38 53.90 2.89
N LYS J 112 -3.76 52.63 2.79
CA LYS J 112 -4.79 52.02 3.61
C LYS J 112 -4.15 50.88 4.42
N THR J 113 -4.41 50.86 5.71
CA THR J 113 -3.97 49.78 6.60
C THR J 113 -5.20 48.96 7.03
N LYS J 114 -5.23 47.71 6.55
CA LYS J 114 -6.35 46.80 6.80
C LYS J 114 -5.89 45.37 7.09
N ASP J 115 -6.38 44.81 8.17
CA ASP J 115 -6.05 43.43 8.63
C ASP J 115 -4.54 43.18 8.86
N GLY J 116 -3.85 44.20 9.36
CA GLY J 116 -2.39 44.15 9.59
C GLY J 116 -1.54 44.02 8.34
N VAL J 117 -2.02 44.65 7.27
CA VAL J 117 -1.31 44.70 5.96
C VAL J 117 -1.38 46.14 5.44
N VAL J 118 -0.22 46.77 5.30
CA VAL J 118 -0.12 48.12 4.75
C VAL J 118 -0.24 48.02 3.23
N GLU J 119 -1.32 48.56 2.69
CA GLU J 119 -1.62 48.56 1.25
C GLU J 119 -1.46 49.98 0.69
N ILE J 120 -0.48 50.15 -0.19
CA ILE J 120 -0.14 51.44 -0.77
C ILE J 120 -0.65 51.46 -2.23
N THR J 121 -1.59 52.35 -2.52
CA THR J 121 -2.15 52.52 -3.85
C THR J 121 -1.84 53.94 -4.38
N GLY J 122 -0.95 54.00 -5.37
CA GLY J 122 -0.62 55.23 -6.09
C GLY J 122 -1.25 55.20 -7.48
N LYS J 123 -1.70 56.36 -7.91
CA LYS J 123 -2.28 56.50 -9.27
C LYS J 123 -1.80 57.77 -9.96
N HIS J 124 -1.49 57.59 -11.23
CA HIS J 124 -1.04 58.67 -12.12
C HIS J 124 -1.99 58.75 -13.30
N GLU J 125 -2.41 59.94 -13.62
CA GLU J 125 -3.34 60.20 -14.73
C GLU J 125 -3.11 61.56 -15.38
N GLU J 126 -3.55 61.65 -16.63
CA GLU J 126 -3.65 62.92 -17.36
C GLU J 126 -5.07 63.45 -17.15
N ARG J 127 -5.18 64.76 -17.22
CA ARG J 127 -6.45 65.47 -17.11
C ARG J 127 -6.91 66.06 -18.45
N GLN J 128 -6.46 65.47 -19.53
CA GLN J 128 -7.02 65.76 -20.86
C GLN J 128 -8.44 65.12 -20.97
N ASP J 129 -8.78 64.27 -20.00
CA ASP J 129 -10.10 63.58 -19.89
C ASP J 129 -10.63 62.83 -21.16
N GLU J 130 -11.60 63.44 -21.85
CA GLU J 130 -12.06 63.04 -23.20
C GLU J 130 -10.92 62.50 -24.08
N HIS J 131 -9.82 63.23 -24.05
CA HIS J 131 -8.57 62.87 -24.68
C HIS J 131 -7.70 62.10 -23.66
N GLY J 132 -7.64 62.61 -22.45
CA GLY J 132 -6.71 62.13 -21.40
C GLY J 132 -6.85 60.72 -20.94
N TYR J 133 -5.72 60.07 -20.72
CA TYR J 133 -5.74 58.62 -20.50
C TYR J 133 -4.54 57.82 -20.00
N ILE J 134 -3.30 58.27 -20.14
CA ILE J 134 -2.19 57.45 -19.60
C ILE J 134 -2.44 57.29 -18.12
N SER J 135 -3.07 56.19 -17.77
CA SER J 135 -3.56 55.92 -16.41
C SER J 135 -2.81 54.71 -15.87
N ARG J 136 -1.70 55.00 -15.19
CA ARG J 136 -0.91 53.96 -14.52
C ARG J 136 -1.21 54.03 -13.03
N CYS J 137 -1.32 52.86 -12.43
CA CYS J 137 -1.62 52.70 -11.01
C CYS J 137 -0.80 51.52 -10.45
N PHE J 138 -0.39 51.60 -9.20
CA PHE J 138 0.31 50.49 -8.55
C PHE J 138 -0.25 50.26 -7.14
N THR J 139 -0.35 48.99 -6.75
CA THR J 139 -0.86 48.60 -5.43
C THR J 139 0.13 47.63 -4.77
N ARG J 140 0.91 48.14 -3.85
CA ARG J 140 1.91 47.35 -3.10
C ARG J 140 1.41 46.96 -1.71
N LYS J 141 1.42 45.66 -1.43
CA LYS J 141 0.97 45.11 -0.16
C LYS J 141 2.13 44.68 0.73
N TYR J 142 2.27 45.36 1.87
CA TYR J 142 3.33 45.08 2.85
C TYR J 142 2.77 44.27 4.02
N THR J 143 3.39 43.12 4.27
CA THR J 143 3.05 42.29 5.42
C THR J 143 3.76 42.82 6.67
N LEU J 144 3.00 43.44 7.56
CA LEU J 144 3.54 43.95 8.83
C LEU J 144 3.96 42.81 9.75
N PRO J 145 5.01 43.01 10.56
CA PRO J 145 5.22 42.08 11.67
C PRO J 145 4.07 42.23 12.67
N PRO J 146 3.30 41.16 12.92
CA PRO J 146 2.09 41.30 13.73
C PRO J 146 2.35 41.90 15.12
N GLY J 147 1.55 42.89 15.47
CA GLY J 147 1.70 43.65 16.72
C GLY J 147 1.85 45.14 16.52
N VAL J 148 2.28 45.53 15.32
CA VAL J 148 2.51 46.95 14.99
C VAL J 148 1.17 47.67 14.86
N ASP J 149 0.97 48.69 15.70
CA ASP J 149 -0.23 49.52 15.67
C ASP J 149 -0.11 50.49 14.52
N PRO J 150 -1.16 50.63 13.67
CA PRO J 150 -1.06 51.57 12.53
C PRO J 150 -0.83 53.06 12.87
N THR J 151 -1.08 53.48 14.10
CA THR J 151 -0.68 54.83 14.56
C THR J 151 0.82 55.09 14.63
N GLN J 152 1.57 54.01 14.69
CA GLN J 152 3.02 54.11 14.65
C GLN J 152 3.49 54.17 13.19
N VAL J 153 2.65 53.69 12.28
CA VAL J 153 2.94 53.67 10.84
C VAL J 153 2.75 55.08 10.27
N SER J 154 3.86 55.68 9.86
CA SER J 154 3.90 56.97 9.20
C SER J 154 4.51 56.82 7.82
N SER J 155 4.02 57.65 6.90
CA SER J 155 4.58 57.73 5.54
C SER J 155 5.25 59.08 5.33
N SER J 156 6.45 59.05 4.81
CA SER J 156 7.26 60.27 4.56
C SER J 156 7.79 60.21 3.14
N LEU J 157 7.50 61.23 2.35
CA LEU J 157 7.92 61.28 0.94
C LEU J 157 9.03 62.28 0.78
N SER J 158 10.20 61.83 0.33
CA SER J 158 11.39 62.69 0.17
C SER J 158 11.26 63.57 -1.07
N PRO J 159 11.91 64.75 -1.08
CA PRO J 159 12.06 65.58 -2.29
C PRO J 159 12.71 64.87 -3.49
N GLU J 160 13.59 63.94 -3.19
CA GLU J 160 14.25 63.08 -4.19
C GLU J 160 13.27 62.07 -4.80
N GLY J 161 12.13 61.85 -4.15
CA GLY J 161 11.03 61.03 -4.69
C GLY J 161 11.10 59.57 -4.26
N THR J 162 11.27 59.38 -2.96
CA THR J 162 11.30 58.03 -2.36
C THR J 162 10.36 57.98 -1.17
N LEU J 163 9.29 57.21 -1.31
CA LEU J 163 8.32 57.00 -0.24
C LEU J 163 8.92 56.06 0.78
N THR J 164 8.89 56.50 2.04
CA THR J 164 9.42 55.73 3.18
C THR J 164 8.32 55.54 4.22
N VAL J 165 7.86 54.30 4.38
CA VAL J 165 6.81 53.96 5.35
C VAL J 165 7.52 53.40 6.59
N GLU J 166 7.47 54.16 7.69
CA GLU J 166 8.15 53.79 8.94
C GLU J 166 7.19 53.68 10.11
N ALA J 167 7.48 52.75 11.00
CA ALA J 167 6.68 52.52 12.22
C ALA J 167 7.53 52.05 13.40
N PRO J 168 7.39 52.70 14.57
CA PRO J 168 7.94 52.10 15.78
C PRO J 168 7.32 50.73 16.07
N MET J 169 8.18 49.76 16.32
CA MET J 169 7.76 48.40 16.69
C MET J 169 7.24 48.44 18.11
N PRO J 170 6.18 47.66 18.41
CA PRO J 170 5.51 47.74 19.74
C PRO J 170 6.45 47.56 20.93
N LYS J 171 7.35 46.60 20.83
CA LYS J 171 8.42 46.37 21.79
C LYS J 171 9.58 45.66 21.09
N GLN J 175 0.15 37.52 15.29
CA GLN J 175 0.62 36.16 15.58
C GLN J 175 -0.14 35.42 16.66
N SER J 176 -0.53 36.15 17.68
CA SER J 176 -1.28 35.57 18.80
C SER J 176 -2.67 35.09 18.37
N ASN J 177 -3.27 34.29 19.23
CA ASN J 177 -4.54 33.60 18.95
C ASN J 177 -5.70 34.49 18.54
N GLU J 178 -5.81 35.62 19.22
CA GLU J 178 -6.96 36.55 19.06
C GLU J 178 -7.04 37.27 17.70
N ILE J 179 -5.96 37.23 16.92
CA ILE J 179 -5.91 37.79 15.54
C ILE J 179 -5.81 39.34 15.52
N THR J 180 -6.62 40.02 16.31
CA THR J 180 -6.62 41.49 16.39
C THR J 180 -5.61 41.97 17.41
N ILE J 181 -4.45 42.44 16.93
CA ILE J 181 -3.37 42.92 17.82
C ILE J 181 -2.67 44.24 17.49
N PRO J 182 -3.40 45.22 16.92
CA PRO J 182 -2.96 46.59 17.12
C PRO J 182 -3.48 47.13 18.43
N VAL J 183 -2.58 47.61 19.29
CA VAL J 183 -2.95 48.22 20.58
C VAL J 183 -2.36 49.62 20.82
N THR J 184 -1.03 49.67 20.92
CA THR J 184 -0.32 50.79 21.61
C THR J 184 -0.80 52.24 21.36
N PHE J 185 -0.95 52.98 22.45
CA PHE J 185 -1.28 54.41 22.48
C PHE J 185 -0.05 55.33 22.51
N GLU J 186 1.04 54.86 21.94
CA GLU J 186 2.39 55.35 22.26
C GLU J 186 2.78 54.93 23.70
N SER J 187 2.10 53.91 24.21
CA SER J 187 2.43 53.27 25.49
C SER J 187 3.01 51.92 25.10
N ARG J 188 4.32 51.80 25.20
CA ARG J 188 5.05 50.63 24.71
C ARG J 188 5.21 49.50 25.70
N ALA J 189 5.00 49.80 26.98
CA ALA J 189 5.31 48.87 28.06
C ALA J 189 4.37 47.65 28.06
N GLN J 190 4.99 46.50 27.81
CA GLN J 190 4.38 45.15 27.94
C GLN J 190 3.44 44.72 26.79
N LEU J 191 3.21 45.64 25.88
CA LEU J 191 2.60 45.34 24.58
C LEU J 191 3.72 44.86 23.69
N GLY J 192 3.58 43.64 23.20
CA GLY J 192 4.68 42.98 22.44
C GLY J 192 4.95 43.54 21.06
N GLU J 201 3.47 39.18 22.30
CA GLU J 201 4.90 39.46 22.15
C GLU J 201 5.47 38.78 20.90
N THR J 202 5.96 39.61 19.98
CA THR J 202 6.66 39.16 18.79
C THR J 202 8.12 39.58 18.87
N ALA J 203 8.96 38.75 18.29
CA ALA J 203 10.39 39.05 18.10
C ALA J 203 10.51 39.79 16.75
N ALA J 204 11.68 39.74 16.14
CA ALA J 204 11.90 40.36 14.81
C ALA J 204 10.85 39.93 13.76
N LYS J 205 10.74 38.63 13.52
CA LYS J 205 9.74 38.09 12.56
C LYS J 205 8.45 37.67 13.26
N THR K 2 -31.59 14.88 -0.24
CA THR K 2 -31.61 14.25 1.12
C THR K 2 -32.74 13.24 1.25
N GLU K 3 -32.44 12.11 1.85
CA GLU K 3 -33.39 11.00 1.95
C GLU K 3 -34.33 11.16 3.12
N ARG K 5 -38.10 11.03 3.41
CA ARG K 5 -38.79 11.90 4.35
C ARG K 5 -40.17 12.30 3.84
N VAL K 6 -41.20 11.83 4.52
CA VAL K 6 -42.61 12.20 4.21
C VAL K 6 -43.42 12.29 5.51
N PRO K 7 -44.28 13.33 5.64
CA PRO K 7 -45.19 13.34 6.79
C PRO K 7 -46.37 12.38 6.54
N PHE K 8 -46.16 11.13 6.90
CA PHE K 8 -47.13 10.04 6.66
C PHE K 8 -48.28 9.97 7.64
N SER K 9 -48.04 10.38 8.87
CA SER K 9 -49.11 10.50 9.88
C SER K 9 -50.21 11.49 9.46
N LEU K 10 -49.82 12.49 8.68
CA LEU K 10 -50.75 13.47 8.08
C LEU K 10 -51.28 13.10 6.68
N LEU K 11 -50.76 12.03 6.10
CA LEU K 11 -51.13 11.59 4.74
C LEU K 11 -51.78 10.22 4.57
N ARG K 12 -51.91 9.47 5.65
CA ARG K 12 -52.50 8.13 5.63
C ARG K 12 -53.65 8.02 6.61
N ASP K 17 -54.24 9.99 9.12
CA ASP K 17 -55.22 10.66 9.96
C ASP K 17 -56.33 11.26 9.10
N PRO K 18 -56.03 11.62 7.86
CA PRO K 18 -57.00 12.20 6.95
C PRO K 18 -57.96 11.19 6.35
N PHE K 19 -57.61 9.92 6.45
CA PHE K 19 -58.42 8.82 5.94
C PHE K 19 -58.66 7.72 6.97
N ARG K 20 -58.74 8.09 8.22
CA ARG K 20 -58.96 7.16 9.34
C ARG K 20 -59.88 7.75 10.39
N ASP K 21 -60.24 8.99 10.18
CA ASP K 21 -61.12 9.75 11.09
C ASP K 21 -62.63 9.52 10.99
N TRP K 22 -63.03 8.27 10.86
CA TRP K 22 -64.46 7.91 10.73
C TRP K 22 -64.70 6.45 11.10
N TYR K 23 -65.62 5.82 10.46
CA TYR K 23 -65.81 4.49 10.86
C TYR K 23 -64.66 3.82 10.30
N PRO K 24 -64.87 2.98 9.29
CA PRO K 24 -63.76 2.24 8.68
C PRO K 24 -62.79 3.18 7.98
N HIS K 25 -61.69 2.61 7.52
CA HIS K 25 -60.71 3.36 6.76
C HIS K 25 -61.02 3.29 5.26
N SER K 26 -60.07 3.73 4.45
CA SER K 26 -60.23 3.74 3.00
C SER K 26 -61.57 4.34 2.56
N ARG K 27 -62.47 4.57 3.48
CA ARG K 27 -63.79 5.11 3.20
C ARG K 27 -63.75 6.62 2.90
N LEU K 28 -62.71 7.28 3.35
CA LEU K 28 -62.50 8.70 3.11
C LEU K 28 -62.24 9.01 1.63
N PHE K 29 -61.43 8.19 1.01
CA PHE K 29 -61.10 8.33 -0.43
C PHE K 29 -62.28 7.93 -1.31
N ASP K 30 -63.04 6.95 -0.86
CA ASP K 30 -64.23 6.45 -1.58
C ASP K 30 -65.35 7.51 -1.72
N GLN K 31 -65.52 8.32 -0.70
CA GLN K 31 -66.53 9.40 -0.69
C GLN K 31 -66.01 10.75 -1.22
N ALA K 32 -64.71 10.93 -1.20
CA ALA K 32 -64.05 12.15 -1.74
C ALA K 32 -63.79 12.09 -3.26
N PHE K 33 -64.17 10.98 -3.88
CA PHE K 33 -63.88 10.70 -5.31
C PHE K 33 -65.17 10.59 -6.13
N GLY K 34 -66.13 9.83 -5.61
CA GLY K 34 -67.40 9.54 -6.32
C GLY K 34 -68.22 8.48 -5.58
N LEU K 35 -68.73 7.51 -6.33
CA LEU K 35 -69.49 6.36 -5.79
C LEU K 35 -68.76 5.03 -5.98
N PRO K 36 -68.94 4.07 -5.05
CA PRO K 36 -68.12 2.85 -5.05
C PRO K 36 -68.42 1.86 -6.18
N ARG K 37 -67.78 2.10 -7.32
CA ARG K 37 -67.71 1.12 -8.42
C ARG K 37 -66.24 0.78 -8.69
N LEU K 38 -65.80 -0.38 -8.23
CA LEU K 38 -64.36 -0.67 -8.10
C LEU K 38 -63.56 -0.99 -9.36
N PRO K 39 -64.11 -1.83 -10.28
CA PRO K 39 -63.30 -2.21 -11.45
C PRO K 39 -62.97 -1.07 -12.43
N GLU K 40 -63.50 0.11 -12.13
CA GLU K 40 -63.25 1.36 -12.84
C GLU K 40 -62.16 2.18 -12.18
N GLU K 41 -61.13 1.51 -11.69
CA GLU K 41 -60.00 2.13 -10.98
C GLU K 41 -60.38 2.90 -9.69
N TRP K 42 -60.49 2.18 -8.59
CA TRP K 42 -60.88 2.73 -7.27
C TRP K 42 -60.07 2.25 -6.08
N SER K 43 -59.35 3.17 -5.46
CA SER K 43 -58.43 2.85 -4.33
C SER K 43 -59.11 2.06 -3.20
N GLN K 44 -58.68 0.82 -3.02
CA GLN K 44 -59.21 -0.06 -1.96
C GLN K 44 -58.32 -0.17 -0.72
N TRP K 45 -57.18 0.48 -0.74
CA TRP K 45 -56.12 0.24 0.25
C TRP K 45 -55.64 1.52 0.92
N LEU K 46 -55.05 2.38 0.10
CA LEU K 46 -54.22 3.54 0.54
C LEU K 46 -52.84 3.15 1.08
N GLY K 47 -52.79 1.96 1.68
CA GLY K 47 -51.52 1.27 1.87
C GLY K 47 -51.10 0.60 0.58
N GLY K 48 -51.77 -0.48 0.21
CA GLY K 48 -51.58 -1.13 -1.11
C GLY K 48 -52.00 -0.36 -2.37
N SER K 49 -52.75 0.71 -2.22
CA SER K 49 -53.32 1.45 -3.37
C SER K 49 -53.78 2.87 -3.07
N SER K 50 -53.06 3.86 -3.57
CA SER K 50 -53.34 5.28 -3.26
C SER K 50 -54.04 6.00 -4.41
N TRP K 51 -53.42 6.02 -5.58
CA TRP K 51 -53.92 6.71 -6.81
C TRP K 51 -53.95 8.24 -6.68
N PRO K 52 -54.20 8.96 -7.80
CA PRO K 52 -54.30 10.43 -7.76
C PRO K 52 -55.26 11.03 -6.72
N GLY K 53 -54.91 12.25 -6.29
CA GLY K 53 -55.48 12.97 -5.20
C GLY K 53 -56.42 14.07 -5.71
N TYR K 54 -57.52 13.59 -6.25
CA TYR K 54 -58.61 14.48 -6.73
C TYR K 54 -59.23 15.11 -5.48
N VAL K 55 -59.75 14.25 -4.61
CA VAL K 55 -60.25 14.59 -3.25
C VAL K 55 -61.17 15.85 -3.21
N ARG K 56 -62.08 15.92 -4.17
CA ARG K 56 -63.06 17.01 -4.27
C ARG K 56 -64.43 16.46 -3.93
N ALA K 70 -70.16 21.23 -0.01
CA ALA K 70 -69.12 21.10 1.00
C ALA K 70 -67.83 20.45 0.48
N PRO K 71 -66.70 21.19 0.47
CA PRO K 71 -65.39 20.61 0.14
C PRO K 71 -64.78 20.00 1.43
N ALA K 72 -65.51 19.03 1.92
CA ALA K 72 -65.38 18.59 3.33
C ALA K 72 -64.09 17.84 3.61
N TYR K 73 -63.63 17.06 2.65
CA TYR K 73 -62.45 16.19 2.81
C TYR K 73 -61.12 16.93 2.75
N SER K 74 -61.08 17.95 1.91
CA SER K 74 -59.93 18.89 1.86
C SER K 74 -59.98 19.94 2.99
N ARG K 75 -61.17 20.15 3.54
CA ARG K 75 -61.36 21.12 4.62
C ARG K 75 -61.13 20.48 6.00
N ALA K 76 -61.49 19.21 6.11
CA ALA K 76 -61.33 18.46 7.37
C ALA K 76 -59.86 18.31 7.80
N LEU K 77 -58.97 18.46 6.84
CA LEU K 77 -57.52 18.26 7.03
C LEU K 77 -56.96 19.28 8.00
N SER K 78 -57.34 20.54 7.77
CA SER K 78 -56.88 21.66 8.60
C SER K 78 -57.52 21.71 9.99
N ARG K 79 -58.57 20.91 10.19
CA ARG K 79 -59.37 20.89 11.45
C ARG K 79 -60.06 22.25 11.70
N GLN K 80 -60.34 22.94 10.62
CA GLN K 80 -60.85 24.33 10.64
C GLN K 80 -59.96 25.29 11.46
N LEU K 81 -58.67 25.00 11.52
CA LEU K 81 -57.68 25.86 12.20
C LEU K 81 -57.07 26.86 11.23
N SER K 82 -56.96 26.44 9.98
CA SER K 82 -56.50 27.30 8.88
C SER K 82 -57.64 28.06 8.21
N SER K 83 -58.87 27.68 8.53
CA SER K 83 -60.10 28.34 8.05
C SER K 83 -60.46 28.09 6.57
N GLY K 84 -59.48 27.73 5.75
CA GLY K 84 -59.69 27.37 4.35
C GLY K 84 -59.60 28.61 3.51
N ARG K 94 -46.00 24.29 12.83
CA ARG K 94 -45.47 25.59 12.47
C ARG K 94 -44.00 25.79 12.84
N TRP K 95 -43.24 26.34 11.90
CA TRP K 95 -41.87 26.80 12.14
C TRP K 95 -41.97 28.17 12.82
N ARG K 96 -41.21 28.34 13.88
CA ARG K 96 -41.22 29.60 14.64
C ARG K 96 -39.87 29.85 15.30
N VAL K 97 -39.44 31.10 15.27
CA VAL K 97 -38.17 31.52 15.86
C VAL K 97 -38.31 32.84 16.63
N SER K 98 -37.48 32.98 17.66
CA SER K 98 -37.47 34.19 18.53
C SER K 98 -36.14 34.93 18.42
N LEU K 99 -36.23 36.25 18.56
CA LEU K 99 -35.07 37.16 18.48
C LEU K 99 -35.20 38.26 19.53
N ASP K 100 -34.21 38.34 20.41
CA ASP K 100 -34.19 39.40 21.44
C ASP K 100 -33.55 40.68 20.88
N VAL K 101 -34.38 41.64 20.56
CA VAL K 101 -33.97 42.94 19.99
C VAL K 101 -34.08 44.14 20.97
N ASN K 102 -34.63 43.91 22.15
CA ASN K 102 -34.96 44.97 23.12
C ASN K 102 -33.78 45.90 23.47
N HIS K 103 -32.63 45.29 23.69
CA HIS K 103 -31.38 46.04 23.97
C HIS K 103 -30.93 46.86 22.76
N PHE K 104 -31.13 46.31 21.57
CA PHE K 104 -30.70 46.95 20.31
C PHE K 104 -31.44 48.25 20.03
N ALA K 105 -32.75 48.21 20.18
CA ALA K 105 -33.67 49.36 19.96
C ALA K 105 -33.51 49.92 18.53
N PRO K 106 -33.89 49.13 17.51
CA PRO K 106 -33.67 49.50 16.10
C PRO K 106 -34.69 50.51 15.58
N ASP K 107 -34.24 51.36 14.66
CA ASP K 107 -35.16 52.22 13.90
C ASP K 107 -35.90 51.44 12.82
N GLU K 108 -35.23 50.45 12.24
CA GLU K 108 -35.82 49.52 11.29
C GLU K 108 -35.19 48.12 11.33
N LEU K 109 -36.06 47.12 11.28
CA LEU K 109 -35.66 45.69 11.17
C LEU K 109 -36.12 45.16 9.82
N THR K 110 -35.19 45.06 8.88
CA THR K 110 -35.52 44.65 7.49
C THR K 110 -35.34 43.14 7.32
N VAL K 111 -36.42 42.42 7.03
CA VAL K 111 -36.39 40.96 6.88
C VAL K 111 -36.57 40.58 5.39
N LYS K 112 -35.56 39.95 4.84
CA LYS K 112 -35.51 39.54 3.43
C LYS K 112 -35.35 38.02 3.33
N THR K 113 -36.14 37.40 2.47
CA THR K 113 -36.03 35.95 2.21
C THR K 113 -35.47 35.73 0.80
N LYS K 114 -34.28 35.17 0.74
CA LYS K 114 -33.53 34.97 -0.52
C LYS K 114 -32.89 33.57 -0.55
N ASP K 115 -33.15 32.83 -1.61
CA ASP K 115 -32.63 31.45 -1.81
C ASP K 115 -32.96 30.49 -0.66
N GLY K 116 -34.15 30.65 -0.10
CA GLY K 116 -34.64 29.85 1.04
C GLY K 116 -33.85 30.06 2.34
N VAL K 117 -33.40 31.27 2.54
CA VAL K 117 -32.69 31.71 3.76
C VAL K 117 -33.31 33.03 4.23
N VAL K 118 -33.86 33.05 5.43
CA VAL K 118 -34.42 34.27 6.04
C VAL K 118 -33.30 35.11 6.64
N GLU K 119 -33.09 36.29 6.09
CA GLU K 119 -32.05 37.23 6.54
C GLU K 119 -32.68 38.46 7.17
N ILE K 120 -32.44 38.66 8.45
CA ILE K 120 -33.01 39.81 9.22
C ILE K 120 -31.89 40.80 9.52
N THR K 121 -32.03 42.00 9.00
CA THR K 121 -31.03 43.08 9.20
C THR K 121 -31.66 44.24 9.99
N GLY K 122 -31.24 44.41 11.22
CA GLY K 122 -31.64 45.57 12.04
C GLY K 122 -30.57 46.62 11.97
N LYS K 123 -31.00 47.87 12.03
CA LYS K 123 -30.11 49.04 11.95
C LYS K 123 -30.49 50.10 12.98
N HIS K 124 -29.47 50.57 13.69
CA HIS K 124 -29.59 51.63 14.69
C HIS K 124 -28.56 52.72 14.43
N GLU K 125 -29.05 53.95 14.33
CA GLU K 125 -28.23 55.15 14.17
C GLU K 125 -28.88 56.34 14.86
N GLU K 126 -28.06 57.22 15.39
CA GLU K 126 -28.53 58.54 15.83
C GLU K 126 -28.65 59.42 14.60
N ARG K 127 -29.63 60.32 14.63
CA ARG K 127 -29.86 61.29 13.57
C ARG K 127 -29.15 62.61 13.94
N GLN K 128 -27.83 62.51 14.07
CA GLN K 128 -26.97 63.68 14.26
C GLN K 128 -26.49 64.11 12.87
N ASP K 129 -27.11 65.15 12.38
CA ASP K 129 -26.74 65.76 11.07
C ASP K 129 -25.25 66.19 11.04
N GLU K 130 -24.74 66.55 12.20
CA GLU K 130 -23.31 66.86 12.38
C GLU K 130 -22.46 65.59 12.52
N HIS K 131 -22.27 65.11 13.75
CA HIS K 131 -21.35 64.00 14.05
C HIS K 131 -22.12 62.89 14.70
N GLY K 132 -22.19 61.76 14.01
CA GLY K 132 -22.97 60.60 14.39
C GLY K 132 -22.12 59.38 14.48
N TYR K 133 -22.09 58.75 15.64
CA TYR K 133 -21.25 57.60 15.87
C TYR K 133 -22.06 56.32 16.04
N ILE K 134 -23.04 56.37 16.93
CA ILE K 134 -23.87 55.18 17.27
C ILE K 134 -24.39 54.51 15.99
N SER K 135 -23.54 53.68 15.43
CA SER K 135 -23.81 53.02 14.17
C SER K 135 -23.64 51.53 14.37
N ARG K 136 -24.72 50.94 14.86
CA ARG K 136 -24.79 49.52 15.16
C ARG K 136 -25.86 48.88 14.29
N CYS K 137 -25.53 47.69 13.80
CA CYS K 137 -26.41 46.92 12.92
C CYS K 137 -26.35 45.47 13.42
N PHE K 138 -27.18 44.63 12.84
CA PHE K 138 -26.99 43.18 12.96
C PHE K 138 -27.68 42.47 11.80
N THR K 139 -27.05 41.39 11.33
CA THR K 139 -27.55 40.60 10.22
C THR K 139 -27.60 39.11 10.59
N ARG K 140 -28.79 38.64 10.92
CA ARG K 140 -29.01 37.23 11.29
C ARG K 140 -29.58 36.42 10.12
N LYS K 141 -28.94 35.29 9.83
CA LYS K 141 -29.38 34.39 8.74
C LYS K 141 -29.94 33.09 9.29
N TYR K 142 -31.24 32.90 9.07
CA TYR K 142 -31.97 31.70 9.50
C TYR K 142 -32.02 30.73 8.32
N THR K 143 -31.55 29.51 8.56
CA THR K 143 -31.70 28.42 7.59
C THR K 143 -33.08 27.79 7.81
N LEU K 144 -33.99 28.05 6.91
CA LEU K 144 -35.36 27.50 6.95
C LEU K 144 -35.31 25.98 6.78
N PRO K 145 -36.25 25.26 7.44
CA PRO K 145 -36.44 23.87 7.02
C PRO K 145 -36.95 23.85 5.59
N PRO K 146 -36.18 23.25 4.65
CA PRO K 146 -36.54 23.38 3.24
C PRO K 146 -37.94 22.88 2.90
N GLY K 147 -38.67 23.67 2.12
CA GLY K 147 -40.09 23.42 1.85
C GLY K 147 -40.98 24.55 2.30
N VAL K 148 -40.56 25.26 3.34
CA VAL K 148 -41.33 26.37 3.91
C VAL K 148 -41.47 27.47 2.85
N ASP K 149 -42.69 27.72 2.44
CA ASP K 149 -43.00 28.75 1.46
C ASP K 149 -42.98 30.11 2.19
N PRO K 150 -42.28 31.12 1.64
CA PRO K 150 -42.24 32.40 2.37
C PRO K 150 -43.60 33.08 2.65
N THR K 151 -44.65 32.80 1.88
CA THR K 151 -46.01 33.40 2.13
C THR K 151 -46.61 33.03 3.49
N GLN K 152 -46.06 32.02 4.11
CA GLN K 152 -46.47 31.59 5.42
C GLN K 152 -45.66 32.32 6.50
N VAL K 153 -44.54 32.93 6.11
CA VAL K 153 -43.61 33.55 7.05
C VAL K 153 -44.08 35.00 7.36
N SER K 154 -44.33 35.26 8.62
CA SER K 154 -44.74 36.59 9.13
C SER K 154 -43.80 37.02 10.25
N SER K 155 -43.60 38.33 10.36
CA SER K 155 -42.80 38.92 11.45
C SER K 155 -43.68 39.72 12.39
N SER K 156 -43.49 39.51 13.69
CA SER K 156 -44.25 40.21 14.74
C SER K 156 -43.30 40.69 15.83
N LEU K 157 -43.38 41.97 16.17
CA LEU K 157 -42.55 42.56 17.22
C LEU K 157 -43.39 42.81 18.47
N SER K 158 -43.00 42.20 19.58
CA SER K 158 -43.75 42.28 20.83
C SER K 158 -43.55 43.63 21.52
N PRO K 159 -44.50 44.07 22.38
CA PRO K 159 -44.30 45.28 23.20
C PRO K 159 -43.08 45.23 24.10
N GLU K 160 -42.76 44.04 24.55
CA GLU K 160 -41.56 43.77 25.38
C GLU K 160 -40.26 43.87 24.57
N GLY K 161 -40.36 43.89 23.25
CA GLY K 161 -39.21 44.07 22.34
C GLY K 161 -38.57 42.75 21.99
N THR K 162 -39.40 41.82 21.52
CA THR K 162 -38.94 40.49 21.09
C THR K 162 -39.54 40.18 19.71
N LEU K 163 -38.68 40.07 18.71
CA LEU K 163 -39.11 39.77 17.34
C LEU K 163 -39.43 38.29 17.23
N THR K 164 -40.60 37.98 16.70
CA THR K 164 -41.06 36.61 16.48
C THR K 164 -41.36 36.40 14.99
N VAL K 165 -40.54 35.58 14.35
CA VAL K 165 -40.73 35.19 12.93
C VAL K 165 -41.37 33.80 12.90
N GLU K 166 -42.63 33.75 12.49
CA GLU K 166 -43.42 32.51 12.49
C GLU K 166 -43.94 32.15 11.08
N ALA K 167 -43.98 30.86 10.78
CA ALA K 167 -44.46 30.34 9.49
C ALA K 167 -45.10 28.97 9.59
N PRO K 168 -46.30 28.79 9.00
CA PRO K 168 -46.83 27.44 8.77
C PRO K 168 -45.95 26.54 7.90
N MET K 169 -45.67 25.35 8.41
CA MET K 169 -44.90 24.33 7.70
C MET K 169 -45.77 23.76 6.58
N PRO K 170 -45.16 23.32 5.46
CA PRO K 170 -45.91 22.93 4.24
C PRO K 170 -47.06 21.98 4.51
N LYS K 171 -46.82 20.96 5.32
CA LYS K 171 -47.91 20.15 5.89
C LYS K 171 -47.45 19.29 7.06
N GLN K 175 -35.62 20.56 -0.33
CA GLN K 175 -34.75 19.39 -0.22
C GLN K 175 -34.69 18.60 -1.51
N SER K 176 -35.66 18.84 -2.38
CA SER K 176 -35.75 18.13 -3.66
C SER K 176 -34.63 18.52 -4.64
N ASN K 177 -34.52 17.73 -5.70
CA ASN K 177 -33.48 17.85 -6.74
C ASN K 177 -33.42 19.20 -7.46
N GLU K 178 -34.59 19.76 -7.75
CA GLU K 178 -34.71 21.02 -8.52
C GLU K 178 -34.06 22.24 -7.78
N ILE K 179 -34.88 23.09 -7.20
CA ILE K 179 -34.49 24.33 -6.46
C ILE K 179 -35.72 25.27 -6.29
N THR K 180 -36.89 24.66 -6.39
CA THR K 180 -38.17 25.32 -6.27
C THR K 180 -38.70 24.85 -4.93
N ILE K 181 -37.96 25.31 -3.94
CA ILE K 181 -38.16 24.86 -2.57
C ILE K 181 -39.45 25.42 -1.94
N PRO K 182 -39.93 26.58 -2.42
CA PRO K 182 -41.23 27.03 -1.96
C PRO K 182 -42.33 26.77 -2.99
N VAL K 183 -43.53 26.49 -2.52
CA VAL K 183 -44.69 26.25 -3.42
C VAL K 183 -45.99 26.91 -2.98
N THR K 184 -46.49 26.48 -1.82
CA THR K 184 -47.92 26.62 -1.44
C THR K 184 -48.60 28.00 -1.58
N PHE K 185 -49.81 27.96 -2.15
CA PHE K 185 -50.65 29.14 -2.36
C PHE K 185 -51.63 29.41 -1.19
N GLU K 186 -51.24 28.98 0.01
CA GLU K 186 -52.18 28.70 1.13
C GLU K 186 -52.90 27.36 0.95
N SER K 187 -52.58 26.66 -0.13
CA SER K 187 -53.11 25.34 -0.45
C SER K 187 -52.16 24.32 0.13
N ARG K 188 -52.55 23.75 1.27
CA ARG K 188 -51.66 22.89 2.07
C ARG K 188 -51.59 21.45 1.57
N ALA K 189 -52.57 21.06 0.78
CA ALA K 189 -52.74 19.67 0.31
C ALA K 189 -51.69 19.23 -0.70
N GLN K 190 -51.13 18.05 -0.48
CA GLN K 190 -50.04 17.43 -1.29
C GLN K 190 -48.71 18.21 -1.47
N LEU K 191 -48.47 19.22 -0.68
CA LEU K 191 -47.20 19.94 -0.62
C LEU K 191 -46.56 19.80 0.74
N GLY K 192 -45.39 19.16 0.79
CA GLY K 192 -44.69 18.89 2.03
C GLY K 192 -43.28 19.39 2.02
N GLU K 201 -43.17 16.52 -0.32
CA GLU K 201 -43.18 15.80 0.93
C GLU K 201 -41.80 15.78 1.59
N THR K 202 -41.69 16.47 2.71
CA THR K 202 -40.47 16.48 3.53
C THR K 202 -40.82 16.44 5.01
N ALA K 203 -39.87 15.96 5.77
CA ALA K 203 -40.04 15.81 7.22
C ALA K 203 -39.65 17.12 7.91
N ALA K 204 -39.60 17.08 9.22
CA ALA K 204 -39.24 18.23 10.06
C ALA K 204 -37.78 18.68 9.88
N LYS K 205 -36.89 17.70 9.78
CA LYS K 205 -35.46 17.94 9.55
C LYS K 205 -35.21 18.00 8.05
N MET L 1 -0.03 26.39 -24.32
CA MET L 1 -0.26 25.51 -23.14
C MET L 1 -0.89 24.15 -23.52
N THR L 2 -1.78 24.18 -24.49
CA THR L 2 -2.35 22.97 -25.09
C THR L 2 -1.47 22.53 -26.25
N GLU L 3 -0.97 21.31 -26.18
CA GLU L 3 -0.07 20.78 -27.18
C GLU L 3 -0.87 20.11 -28.29
N ARG L 5 0.46 21.76 -32.77
CA ARG L 5 -0.77 22.14 -33.45
C ARG L 5 -0.58 23.32 -34.39
N VAL L 6 -0.51 23.06 -35.68
CA VAL L 6 -0.26 24.09 -36.72
C VAL L 6 -1.00 23.75 -38.01
N PRO L 7 -1.56 24.77 -38.70
CA PRO L 7 -2.07 24.56 -40.06
C PRO L 7 -0.94 24.54 -41.09
N PHE L 8 -0.41 23.35 -41.33
CA PHE L 8 0.76 23.15 -42.22
C PHE L 8 0.45 23.03 -43.70
N SER L 9 -0.77 22.64 -44.03
CA SER L 9 -1.25 22.61 -45.41
C SER L 9 -1.28 24.04 -45.99
N LEU L 10 -1.53 25.00 -45.14
CA LEU L 10 -1.50 26.44 -45.48
C LEU L 10 -0.13 27.12 -45.37
N LEU L 11 0.83 26.45 -44.76
CA LEU L 11 2.18 27.01 -44.52
C LEU L 11 3.37 26.33 -45.22
N ARG L 12 3.14 25.19 -45.84
CA ARG L 12 4.19 24.44 -46.50
C ARG L 12 4.04 24.52 -48.00
N ASP L 17 1.12 24.67 -49.72
CA ASP L 17 0.31 25.45 -50.63
C ASP L 17 0.92 26.81 -51.02
N PRO L 18 1.40 27.61 -50.05
CA PRO L 18 1.96 28.89 -50.45
C PRO L 18 3.32 28.82 -51.18
N PHE L 19 3.97 27.68 -51.07
CA PHE L 19 5.21 27.37 -51.81
C PHE L 19 5.07 26.29 -52.89
N ARG L 20 3.95 25.60 -52.94
CA ARG L 20 3.80 24.39 -53.80
C ARG L 20 3.26 24.60 -55.22
N ASP L 21 2.45 25.62 -55.40
CA ASP L 21 1.59 25.74 -56.60
C ASP L 21 2.26 26.22 -57.92
N TRP L 22 3.56 26.41 -57.89
CA TRP L 22 4.35 26.77 -59.09
C TRP L 22 5.21 25.57 -59.52
N TYR L 23 6.07 25.78 -60.53
CA TYR L 23 6.85 24.68 -61.14
C TYR L 23 7.73 23.92 -60.12
N PRO L 24 8.72 24.60 -59.48
CA PRO L 24 9.35 23.93 -58.35
C PRO L 24 8.61 24.26 -57.04
N HIS L 25 9.01 23.62 -55.96
CA HIS L 25 8.35 23.78 -54.64
C HIS L 25 9.08 24.63 -53.59
N SER L 26 10.39 24.79 -53.73
CA SER L 26 11.19 25.71 -52.87
C SER L 26 11.53 27.04 -53.55
N ARG L 27 11.37 27.08 -54.87
CA ARG L 27 11.75 28.24 -55.70
C ARG L 27 10.91 29.49 -55.38
N LEU L 28 9.77 29.29 -54.74
CA LEU L 28 8.90 30.37 -54.31
C LEU L 28 9.66 31.22 -53.30
N PHE L 29 10.13 30.58 -52.24
CA PHE L 29 10.93 31.29 -51.21
C PHE L 29 12.17 31.89 -51.87
N ASP L 30 12.75 31.15 -52.81
CA ASP L 30 13.84 31.66 -53.64
C ASP L 30 13.40 32.93 -54.42
N GLN L 31 12.11 32.96 -54.76
CA GLN L 31 11.50 34.10 -55.41
C GLN L 31 11.19 35.27 -54.44
N ALA L 32 10.83 34.97 -53.20
CA ALA L 32 10.61 35.98 -52.14
C ALA L 32 11.74 36.07 -51.13
N PHE L 33 12.93 36.41 -51.59
CA PHE L 33 14.04 36.81 -50.69
C PHE L 33 15.04 37.74 -51.37
N GLY L 34 15.46 37.33 -52.55
CA GLY L 34 16.41 38.08 -53.37
C GLY L 34 16.64 37.40 -54.69
N LEU L 35 17.85 37.56 -55.20
CA LEU L 35 18.30 36.81 -56.38
C LEU L 35 19.21 35.68 -55.91
N PRO L 36 19.13 34.50 -56.57
CA PRO L 36 19.74 33.29 -56.02
C PRO L 36 21.27 33.24 -56.01
N ARG L 37 21.86 33.73 -54.94
CA ARG L 37 23.27 33.52 -54.60
C ARG L 37 23.36 32.85 -53.24
N LEU L 38 23.58 31.55 -53.25
CA LEU L 38 23.20 30.65 -52.12
C LEU L 38 24.15 30.48 -50.92
N PRO L 39 25.48 30.43 -51.15
CA PRO L 39 26.38 30.11 -50.04
C PRO L 39 26.46 31.19 -48.93
N GLU L 40 25.74 32.27 -49.13
CA GLU L 40 25.68 33.40 -48.18
C GLU L 40 24.54 33.31 -47.14
N GLU L 41 23.95 32.14 -46.94
CA GLU L 41 22.68 31.90 -46.16
C GLU L 41 21.41 32.00 -47.01
N TRP L 42 21.04 30.88 -47.63
CA TRP L 42 19.83 30.85 -48.47
C TRP L 42 18.91 29.66 -48.25
N SER L 43 17.63 29.95 -48.10
CA SER L 43 16.58 28.95 -47.80
C SER L 43 16.41 27.91 -48.90
N GLN L 44 16.53 26.65 -48.48
CA GLN L 44 16.30 25.52 -49.36
C GLN L 44 15.53 24.42 -48.61
N TRP L 45 14.50 23.88 -49.24
CA TRP L 45 13.70 22.76 -48.70
C TRP L 45 12.39 23.16 -48.01
N LEU L 46 12.42 24.27 -47.29
CA LEU L 46 11.27 24.79 -46.49
C LEU L 46 10.74 23.84 -45.40
N GLY L 47 10.88 22.54 -45.61
CA GLY L 47 10.75 21.52 -44.55
C GLY L 47 12.06 21.28 -43.82
N GLY L 48 13.10 21.11 -44.64
CA GLY L 48 14.53 21.05 -44.22
C GLY L 48 15.39 22.33 -44.36
N SER L 49 14.77 23.44 -44.77
CA SER L 49 15.27 24.85 -44.48
C SER L 49 14.33 25.96 -44.90
N SER L 50 13.91 26.76 -43.92
CA SER L 50 12.84 27.77 -44.07
C SER L 50 13.35 29.18 -43.83
N TRP L 51 13.88 29.37 -42.63
CA TRP L 51 14.51 30.65 -42.19
C TRP L 51 13.50 31.77 -42.00
N PRO L 52 13.90 32.89 -41.32
CA PRO L 52 12.88 33.89 -41.01
C PRO L 52 12.24 34.45 -42.26
N GLY L 53 10.97 34.13 -42.40
CA GLY L 53 10.14 34.70 -43.45
C GLY L 53 10.11 36.24 -43.41
N TYR L 54 10.82 36.83 -44.34
CA TYR L 54 10.75 38.26 -44.64
C TYR L 54 9.42 38.48 -45.38
N VAL L 55 9.24 37.69 -46.44
CA VAL L 55 7.99 37.60 -47.22
C VAL L 55 7.45 38.98 -47.67
N ARG L 56 8.35 39.79 -48.20
CA ARG L 56 8.01 41.10 -48.79
C ARG L 56 8.27 41.02 -50.29
N TYR L 73 3.08 37.48 -53.10
CA TYR L 73 3.39 36.30 -52.25
C TYR L 73 2.69 36.32 -50.90
N SER L 74 2.64 37.50 -50.30
CA SER L 74 1.76 37.77 -49.16
C SER L 74 0.29 37.92 -49.57
N ARG L 75 0.07 38.27 -50.82
CA ARG L 75 -1.27 38.47 -51.39
C ARG L 75 -1.87 37.23 -52.06
N ALA L 76 -1.02 36.27 -52.37
CA ALA L 76 -1.44 34.97 -52.96
C ALA L 76 -2.05 33.98 -51.96
N LEU L 77 -1.85 34.24 -50.68
CA LEU L 77 -2.28 33.36 -49.58
C LEU L 77 -3.79 33.36 -49.40
N SER L 78 -4.34 34.55 -49.31
CA SER L 78 -5.80 34.75 -49.21
C SER L 78 -6.53 34.41 -50.52
N ARG L 79 -5.79 34.31 -51.59
CA ARG L 79 -6.30 33.92 -52.93
C ARG L 79 -7.17 35.03 -53.52
N GLN L 80 -6.79 36.24 -53.20
CA GLN L 80 -7.52 37.46 -53.56
C GLN L 80 -8.98 37.49 -53.06
N LEU L 81 -9.25 36.78 -51.97
CA LEU L 81 -10.58 36.71 -51.36
C LEU L 81 -10.75 37.69 -50.21
N SER L 82 -9.65 37.96 -49.53
CA SER L 82 -9.60 38.89 -48.42
C SER L 82 -9.21 40.30 -48.85
N SER L 83 -8.82 40.43 -50.11
CA SER L 83 -8.50 41.70 -50.77
C SER L 83 -7.15 42.33 -50.35
N GLY L 84 -6.71 42.10 -49.12
CA GLY L 84 -5.39 42.56 -48.67
C GLY L 84 -5.32 44.04 -48.38
N ARG L 94 -13.05 29.89 -41.74
CA ARG L 94 -13.85 30.91 -41.07
C ARG L 94 -14.68 30.33 -39.93
N TRP L 95 -14.59 30.96 -38.78
CA TRP L 95 -15.39 30.62 -37.59
C TRP L 95 -16.77 31.26 -37.75
N ARG L 96 -17.82 30.48 -37.51
CA ARG L 96 -19.18 30.96 -37.64
C ARG L 96 -20.14 30.24 -36.69
N VAL L 97 -21.03 31.01 -36.07
CA VAL L 97 -22.05 30.47 -35.16
C VAL L 97 -23.42 31.10 -35.39
N SER L 98 -24.46 30.31 -35.15
CA SER L 98 -25.86 30.71 -35.34
C SER L 98 -26.62 30.73 -34.01
N LEU L 99 -27.57 31.65 -33.92
CA LEU L 99 -28.37 31.87 -32.70
C LEU L 99 -29.81 32.15 -33.08
N ASP L 100 -30.74 31.30 -32.68
CA ASP L 100 -32.17 31.49 -33.01
C ASP L 100 -32.82 32.43 -31.99
N VAL L 101 -33.11 33.66 -32.43
CA VAL L 101 -33.68 34.74 -31.58
C VAL L 101 -35.14 35.14 -31.93
N ASN L 102 -35.71 34.54 -32.97
CA ASN L 102 -37.03 34.95 -33.55
C ASN L 102 -38.16 35.04 -32.54
N HIS L 103 -38.26 34.02 -31.71
CA HIS L 103 -39.29 33.98 -30.65
C HIS L 103 -39.08 35.10 -29.63
N PHE L 104 -37.83 35.38 -29.35
CA PHE L 104 -37.45 36.34 -28.30
C PHE L 104 -37.93 37.76 -28.66
N ALA L 105 -37.53 38.21 -29.84
CA ALA L 105 -37.79 39.57 -30.35
C ALA L 105 -37.18 40.61 -29.41
N PRO L 106 -35.83 40.72 -29.38
CA PRO L 106 -35.15 41.60 -28.43
C PRO L 106 -35.16 43.06 -28.87
N ASP L 107 -35.23 43.97 -27.90
CA ASP L 107 -35.09 45.41 -28.17
C ASP L 107 -33.63 45.77 -28.47
N GLU L 108 -32.71 45.12 -27.78
CA GLU L 108 -31.28 45.27 -28.01
C GLU L 108 -30.50 43.97 -27.68
N LEU L 109 -29.58 43.63 -28.58
CA LEU L 109 -28.63 42.53 -28.41
C LEU L 109 -27.22 43.10 -28.27
N THR L 110 -26.69 43.08 -27.06
CA THR L 110 -25.37 43.65 -26.75
C THR L 110 -24.30 42.55 -26.72
N VAL L 111 -23.37 42.62 -27.65
CA VAL L 111 -22.31 41.59 -27.78
C VAL L 111 -20.96 42.15 -27.32
N LYS L 112 -20.39 41.51 -26.32
CA LYS L 112 -19.15 41.90 -25.66
C LYS L 112 -18.14 40.76 -25.77
N THR L 113 -16.92 41.10 -26.18
CA THR L 113 -15.80 40.12 -26.25
C THR L 113 -14.76 40.41 -25.16
N LYS L 114 -14.64 39.49 -24.21
CA LYS L 114 -13.76 39.65 -23.05
C LYS L 114 -13.03 38.35 -22.71
N ASP L 115 -11.72 38.43 -22.55
CA ASP L 115 -10.84 37.27 -22.22
C ASP L 115 -10.97 36.08 -23.19
N GLY L 116 -11.15 36.41 -24.46
CA GLY L 116 -11.36 35.41 -25.54
C GLY L 116 -12.64 34.60 -25.42
N VAL L 117 -13.68 35.26 -24.91
CA VAL L 117 -15.02 34.68 -24.76
C VAL L 117 -16.06 35.66 -25.30
N VAL L 118 -16.79 35.25 -26.32
CA VAL L 118 -17.86 36.07 -26.90
C VAL L 118 -19.09 35.97 -26.01
N GLU L 119 -19.47 37.08 -25.40
CA GLU L 119 -20.61 37.16 -24.48
C GLU L 119 -21.72 38.02 -25.10
N ILE L 120 -22.85 37.39 -25.41
CA ILE L 120 -24.00 38.04 -26.07
C ILE L 120 -25.15 38.15 -25.07
N THR L 121 -25.51 39.37 -24.74
CA THR L 121 -26.60 39.68 -23.80
C THR L 121 -27.74 40.39 -24.52
N GLY L 122 -28.87 39.71 -24.64
CA GLY L 122 -30.11 40.28 -25.20
C GLY L 122 -31.07 40.66 -24.10
N LYS L 123 -31.79 41.75 -24.30
CA LYS L 123 -32.79 42.23 -23.33
C LYS L 123 -34.11 42.53 -24.02
N HIS L 124 -35.19 42.13 -23.38
CA HIS L 124 -36.56 42.44 -23.85
C HIS L 124 -37.34 42.98 -22.66
N GLU L 125 -38.09 44.05 -22.93
CA GLU L 125 -39.00 44.66 -21.94
C GLU L 125 -40.12 45.38 -22.68
N GLU L 126 -41.26 45.51 -22.04
CA GLU L 126 -42.27 46.49 -22.46
C GLU L 126 -41.92 47.82 -21.84
N ARG L 127 -42.21 48.89 -22.57
CA ARG L 127 -42.08 50.24 -22.05
C ARG L 127 -43.36 50.66 -21.36
N GLN L 128 -43.45 50.36 -20.08
CA GLN L 128 -44.59 50.65 -19.23
C GLN L 128 -44.14 51.15 -17.87
N GLY L 132 -44.97 46.85 -15.78
CA GLY L 132 -43.79 46.20 -16.33
C GLY L 132 -43.77 44.70 -16.43
N TYR L 133 -44.59 43.93 -15.67
CA TYR L 133 -44.76 42.40 -15.72
C TYR L 133 -43.87 41.56 -16.66
N ILE L 134 -43.60 42.13 -17.82
CA ILE L 134 -42.81 41.51 -18.86
C ILE L 134 -41.38 42.01 -18.78
N SER L 135 -40.48 41.20 -19.28
CA SER L 135 -39.08 41.54 -19.33
C SER L 135 -38.33 40.23 -19.32
N ARG L 136 -37.65 39.96 -20.41
CA ARG L 136 -36.90 38.70 -20.56
C ARG L 136 -35.49 39.06 -21.02
N CYS L 137 -34.54 38.25 -20.62
CA CYS L 137 -33.12 38.45 -20.93
C CYS L 137 -32.47 37.10 -21.24
N PHE L 138 -31.40 37.12 -22.02
CA PHE L 138 -30.57 35.94 -22.23
C PHE L 138 -29.10 36.34 -22.38
N THR L 139 -28.23 35.52 -21.82
CA THR L 139 -26.77 35.73 -21.89
C THR L 139 -26.04 34.46 -22.36
N ARG L 140 -25.72 34.41 -23.64
CA ARG L 140 -24.97 33.27 -24.21
C ARG L 140 -23.47 33.55 -24.22
N LYS L 141 -22.69 32.62 -23.68
CA LYS L 141 -21.21 32.71 -23.68
C LYS L 141 -20.59 31.68 -24.63
N TYR L 142 -19.95 32.18 -25.69
CA TYR L 142 -19.24 31.37 -26.68
C TYR L 142 -17.75 31.32 -26.37
N THR L 143 -17.21 30.11 -26.31
CA THR L 143 -15.78 29.89 -26.16
C THR L 143 -15.14 29.94 -27.54
N LEU L 144 -14.40 31.01 -27.82
CA LEU L 144 -13.74 31.19 -29.13
C LEU L 144 -12.64 30.15 -29.32
N PRO L 145 -12.40 29.71 -30.57
CA PRO L 145 -11.15 28.98 -30.80
C PRO L 145 -9.98 29.96 -30.61
N PRO L 146 -9.07 29.67 -29.64
CA PRO L 146 -8.06 30.68 -29.29
C PRO L 146 -7.19 31.13 -30.46
N GLY L 147 -7.01 32.44 -30.57
CA GLY L 147 -6.32 33.04 -31.72
C GLY L 147 -7.20 34.00 -32.50
N VAL L 148 -8.50 33.75 -32.47
CA VAL L 148 -9.48 34.57 -33.23
C VAL L 148 -9.49 35.99 -32.65
N ASP L 149 -9.12 36.95 -33.48
CA ASP L 149 -9.14 38.34 -33.09
C ASP L 149 -10.57 38.88 -33.17
N PRO L 150 -11.05 39.60 -32.12
CA PRO L 150 -12.41 40.19 -32.12
C PRO L 150 -12.77 41.21 -33.24
N THR L 151 -11.76 41.74 -33.92
CA THR L 151 -11.97 42.60 -35.11
C THR L 151 -12.60 41.87 -36.32
N GLN L 152 -12.19 40.64 -36.44
CA GLN L 152 -12.66 39.75 -37.49
C GLN L 152 -14.07 39.23 -37.13
N VAL L 153 -14.39 39.26 -35.85
CA VAL L 153 -15.70 38.82 -35.33
C VAL L 153 -16.74 39.92 -35.66
N SER L 154 -17.66 39.57 -36.55
CA SER L 154 -18.80 40.42 -36.91
C SER L 154 -20.11 39.74 -36.52
N SER L 155 -21.08 40.55 -36.14
CA SER L 155 -22.45 40.09 -35.88
C SER L 155 -23.40 40.64 -36.94
N SER L 156 -24.22 39.76 -37.48
CA SER L 156 -25.23 40.13 -38.48
C SER L 156 -26.56 39.50 -38.07
N LEU L 157 -27.57 40.33 -37.89
CA LEU L 157 -28.89 39.82 -37.48
C LEU L 157 -29.84 39.76 -38.66
N SER L 158 -30.39 38.57 -38.88
CA SER L 158 -31.46 38.36 -39.83
C SER L 158 -32.84 38.60 -39.18
N PRO L 159 -33.72 39.37 -39.82
CA PRO L 159 -35.16 39.54 -39.49
C PRO L 159 -35.99 38.26 -39.43
N GLU L 160 -35.50 37.22 -40.08
CA GLU L 160 -36.01 35.84 -39.90
C GLU L 160 -35.76 35.34 -38.47
N GLY L 161 -34.94 36.10 -37.76
CA GLY L 161 -34.70 35.94 -36.33
C GLY L 161 -33.56 35.01 -36.05
N THR L 162 -32.44 35.27 -36.72
CA THR L 162 -31.22 34.48 -36.54
C THR L 162 -30.01 35.40 -36.44
N LEU L 163 -29.49 35.49 -35.22
CA LEU L 163 -28.23 36.17 -34.95
C LEU L 163 -27.09 35.26 -35.46
N THR L 164 -26.27 35.82 -36.34
CA THR L 164 -25.11 35.15 -36.91
C THR L 164 -23.83 35.89 -36.51
N VAL L 165 -23.04 35.27 -35.66
CA VAL L 165 -21.72 35.80 -35.26
C VAL L 165 -20.64 35.06 -36.07
N GLU L 166 -20.00 35.78 -36.97
CA GLU L 166 -18.99 35.20 -37.88
C GLU L 166 -17.63 35.90 -37.77
N ALA L 167 -16.57 35.12 -37.86
CA ALA L 167 -15.19 35.65 -37.84
C ALA L 167 -14.23 34.84 -38.73
N PRO L 168 -13.43 35.52 -39.57
CA PRO L 168 -12.27 34.88 -40.17
C PRO L 168 -11.26 34.37 -39.13
N MET L 169 -10.91 33.10 -39.28
CA MET L 169 -9.89 32.47 -38.44
C MET L 169 -8.53 33.05 -38.82
N PRO L 170 -7.59 33.14 -37.84
CA PRO L 170 -6.32 33.85 -38.07
C PRO L 170 -5.62 33.41 -39.37
N LYS L 171 -5.54 32.11 -39.60
CA LYS L 171 -5.14 31.56 -40.91
C LYS L 171 -5.52 30.09 -41.06
N GLN L 175 -3.95 29.65 -27.78
CA GLN L 175 -3.56 28.45 -27.04
C GLN L 175 -2.13 28.50 -26.47
N SER L 176 -1.34 29.48 -26.90
CA SER L 176 0.01 29.68 -26.38
C SER L 176 0.03 30.14 -24.92
N ASN L 177 1.22 30.12 -24.34
CA ASN L 177 1.48 30.42 -22.93
C ASN L 177 1.14 31.85 -22.46
N GLU L 178 1.34 32.82 -23.33
CA GLU L 178 1.16 34.26 -23.00
C GLU L 178 -0.27 34.68 -22.62
N ILE L 179 -1.24 33.82 -22.89
CA ILE L 179 -2.66 33.96 -22.43
C ILE L 179 -3.49 34.90 -23.35
N THR L 180 -2.92 36.02 -23.75
CA THR L 180 -3.56 36.98 -24.66
C THR L 180 -3.23 36.60 -26.11
N ILE L 181 -4.17 35.89 -26.73
CA ILE L 181 -4.00 35.34 -28.09
C ILE L 181 -4.36 36.26 -29.26
N PRO L 182 -5.38 37.13 -29.11
CA PRO L 182 -5.83 37.84 -30.32
C PRO L 182 -4.81 38.88 -30.81
N VAL L 183 -4.43 38.79 -32.09
CA VAL L 183 -3.43 39.67 -32.71
C VAL L 183 -3.97 40.43 -33.93
N THR L 184 -4.30 39.68 -34.96
CA THR L 184 -4.35 40.18 -36.35
C THR L 184 -5.02 41.55 -36.62
N PHE L 185 -4.37 42.33 -37.48
CA PHE L 185 -4.83 43.66 -37.93
C PHE L 185 -5.49 43.64 -39.32
N GLU L 186 -6.10 42.52 -39.65
CA GLU L 186 -6.41 42.13 -41.03
C GLU L 186 -5.14 41.60 -41.76
N SER L 187 -4.01 41.66 -41.09
CA SER L 187 -2.74 41.11 -41.58
C SER L 187 -2.68 39.66 -41.11
N ARG L 188 -2.87 38.73 -42.03
CA ARG L 188 -2.91 37.29 -41.69
C ARG L 188 -1.56 36.57 -41.72
N ALA L 189 -0.57 37.19 -42.34
CA ALA L 189 0.72 36.56 -42.58
C ALA L 189 1.44 36.20 -41.29
N GLN L 190 1.78 34.92 -41.18
CA GLN L 190 2.51 34.32 -40.02
C GLN L 190 1.82 34.38 -38.63
N LEU L 191 0.52 34.67 -38.58
CA LEU L 191 -0.27 34.68 -37.34
C LEU L 191 -1.28 33.55 -37.27
N GLY L 192 -1.14 32.69 -36.26
CA GLY L 192 -2.10 31.62 -35.99
C GLY L 192 -2.12 30.50 -36.98
N GLU L 201 0.87 29.61 -33.40
CA GLU L 201 0.09 28.92 -34.43
C GLU L 201 -0.96 28.00 -33.82
N THR L 202 -2.21 28.21 -34.18
CA THR L 202 -3.34 27.36 -33.77
C THR L 202 -4.07 26.76 -34.96
N ALA L 203 -4.58 25.54 -34.75
CA ALA L 203 -5.45 24.85 -35.69
C ALA L 203 -6.92 25.10 -35.33
N ALA L 204 -7.82 24.30 -35.89
CA ALA L 204 -9.28 24.42 -35.63
C ALA L 204 -9.63 24.38 -34.14
N LYS L 205 -9.23 23.33 -33.45
CA LYS L 205 -9.52 23.17 -32.02
C LYS L 205 -8.43 23.86 -31.21
N MET M 1 29.04 -21.65 3.58
CA MET M 1 28.28 -20.47 3.06
C MET M 1 27.26 -20.86 1.97
N THR M 2 27.70 -21.71 1.08
CA THR M 2 26.88 -22.25 0.00
C THR M 2 27.01 -23.74 -0.20
N GLU M 3 25.89 -24.40 -0.09
CA GLU M 3 25.73 -25.81 -0.54
C GLU M 3 26.25 -26.02 -1.97
N ARG M 5 27.57 -29.59 -2.05
CA ARG M 5 28.58 -29.91 -3.05
C ARG M 5 29.56 -30.96 -2.55
N VAL M 6 29.55 -32.13 -3.16
CA VAL M 6 30.58 -33.16 -2.93
C VAL M 6 30.85 -33.85 -4.27
N PRO M 7 32.15 -34.05 -4.61
CA PRO M 7 32.45 -34.88 -5.79
C PRO M 7 32.24 -36.38 -5.49
N PHE M 8 31.00 -36.81 -5.55
CA PHE M 8 30.61 -38.18 -5.12
C PHE M 8 31.07 -39.30 -6.05
N SER M 9 31.32 -38.97 -7.30
CA SER M 9 31.85 -39.94 -8.29
C SER M 9 33.22 -40.50 -7.88
N LEU M 10 33.98 -39.69 -7.14
CA LEU M 10 35.31 -40.06 -6.61
C LEU M 10 35.32 -40.66 -5.20
N LEU M 11 34.19 -40.62 -4.52
CA LEU M 11 34.10 -41.04 -3.11
C LEU M 11 33.28 -42.28 -2.80
N ARG M 12 32.63 -42.85 -3.79
CA ARG M 12 31.73 -43.99 -3.56
C ARG M 12 32.15 -45.27 -4.30
N ASP M 17 33.99 -43.94 -7.49
CA ASP M 17 34.65 -45.13 -8.07
C ASP M 17 35.66 -45.88 -7.16
N PRO M 18 36.04 -45.35 -5.96
CA PRO M 18 37.06 -46.07 -5.23
C PRO M 18 36.61 -47.37 -4.59
N PHE M 19 35.31 -47.58 -4.49
CA PHE M 19 34.72 -48.81 -3.98
C PHE M 19 34.17 -49.76 -5.06
N ARG M 20 34.06 -49.30 -6.29
CA ARG M 20 33.29 -50.00 -7.35
C ARG M 20 34.08 -50.84 -8.34
N ASP M 21 35.37 -50.59 -8.44
CA ASP M 21 36.22 -51.11 -9.55
C ASP M 21 36.73 -52.56 -9.40
N TRP M 22 36.29 -53.26 -8.37
CA TRP M 22 36.61 -54.69 -8.13
C TRP M 22 35.36 -55.56 -8.28
N TYR M 23 35.48 -56.84 -7.95
CA TYR M 23 34.39 -57.82 -8.15
C TYR M 23 33.10 -57.43 -7.38
N PRO M 24 33.16 -57.34 -6.02
CA PRO M 24 32.02 -56.75 -5.35
C PRO M 24 32.20 -55.23 -5.26
N HIS M 25 31.15 -54.54 -4.84
CA HIS M 25 31.15 -53.06 -4.75
C HIS M 25 31.21 -52.46 -3.33
N SER M 26 30.94 -53.27 -2.32
CA SER M 26 31.12 -52.88 -0.90
C SER M 26 32.41 -53.42 -0.26
N ARG M 27 33.01 -54.41 -0.91
CA ARG M 27 34.19 -55.16 -0.40
C ARG M 27 35.49 -54.33 -0.27
N LEU M 28 35.59 -53.23 -0.97
CA LEU M 28 36.79 -52.37 -0.93
C LEU M 28 36.99 -51.60 0.37
N PHE M 29 35.90 -51.25 1.00
CA PHE M 29 35.92 -50.76 2.38
C PHE M 29 36.16 -51.92 3.36
N ASP M 30 35.67 -53.11 3.01
CA ASP M 30 35.85 -54.32 3.81
C ASP M 30 37.32 -54.79 3.90
N GLN M 31 38.05 -54.65 2.80
CA GLN M 31 39.45 -55.04 2.73
C GLN M 31 40.38 -53.84 2.94
N PHE M 33 41.48 -52.92 6.83
CA PHE M 33 41.70 -54.33 6.48
C PHE M 33 40.96 -55.26 7.45
N GLY M 34 41.56 -55.47 8.62
CA GLY M 34 40.97 -56.37 9.63
C GLY M 34 40.47 -57.66 8.99
N LEU M 35 39.26 -58.04 9.33
CA LEU M 35 38.64 -59.26 8.84
C LEU M 35 37.26 -58.95 8.26
N PRO M 36 36.36 -59.95 8.31
CA PRO M 36 35.04 -59.81 7.75
C PRO M 36 33.90 -59.97 8.77
N ARG M 37 34.18 -59.85 10.05
CA ARG M 37 33.11 -59.97 11.10
C ARG M 37 32.14 -58.82 10.91
N LEU M 38 30.86 -59.01 11.22
CA LEU M 38 29.82 -57.97 11.07
C LEU M 38 29.01 -57.45 12.28
N PRO M 39 28.56 -58.33 13.22
CA PRO M 39 27.69 -57.81 14.30
C PRO M 39 28.33 -56.86 15.32
N GLU M 40 29.63 -56.66 15.18
CA GLU M 40 30.40 -55.81 16.09
C GLU M 40 30.47 -54.30 15.73
N GLU M 41 29.67 -53.90 14.73
CA GLU M 41 29.70 -52.56 14.03
C GLU M 41 30.55 -52.49 12.76
N TRP M 42 30.05 -53.08 11.70
CA TRP M 42 30.74 -53.04 10.39
C TRP M 42 29.97 -52.23 9.35
N SER M 43 30.71 -51.86 8.31
CA SER M 43 30.19 -51.12 7.18
C SER M 43 29.63 -52.01 6.08
N GLN M 44 28.32 -51.97 5.96
CA GLN M 44 27.61 -52.55 4.82
C GLN M 44 26.87 -51.42 4.12
N TRP M 45 26.73 -51.49 2.80
CA TRP M 45 26.01 -50.47 1.97
C TRP M 45 26.91 -49.37 1.39
N LEU M 46 27.63 -48.68 2.26
CA LEU M 46 28.45 -47.48 1.92
C LEU M 46 27.67 -46.22 1.50
N GLY M 47 26.52 -46.42 0.86
CA GLY M 47 25.49 -45.38 0.68
C GLY M 47 24.53 -45.30 1.86
N GLY M 48 24.06 -46.46 2.24
CA GLY M 48 23.25 -46.68 3.47
C GLY M 48 24.01 -46.90 4.77
N SER M 49 25.27 -47.25 4.70
CA SER M 49 26.16 -47.33 5.89
C SER M 49 27.64 -47.27 5.54
N SER M 50 28.31 -46.22 5.96
CA SER M 50 29.68 -45.89 5.55
C SER M 50 30.71 -45.98 6.67
N TRP M 51 30.40 -45.33 7.77
CA TRP M 51 31.27 -45.21 8.98
C TRP M 51 32.52 -44.35 8.70
N PRO M 52 33.21 -43.89 9.76
CA PRO M 52 34.44 -43.12 9.59
C PRO M 52 35.51 -43.83 8.77
N GLY M 53 35.91 -43.21 7.67
CA GLY M 53 36.99 -43.73 6.81
C GLY M 53 38.35 -43.75 7.50
N TYR M 54 38.90 -44.95 7.65
CA TYR M 54 40.24 -45.21 8.17
C TYR M 54 41.19 -45.47 7.00
N VAL M 55 40.93 -46.57 6.31
CA VAL M 55 41.55 -46.89 5.00
C VAL M 55 43.08 -46.89 5.08
N ARG M 56 43.62 -47.83 5.85
CA ARG M 56 45.07 -48.02 6.03
C ARG M 56 45.45 -49.47 5.84
N ALA M 70 51.77 -53.36 1.84
CA ALA M 70 51.18 -52.38 0.93
C ALA M 70 50.10 -51.53 1.59
N PRO M 71 50.37 -50.22 1.78
CA PRO M 71 49.29 -49.32 2.12
C PRO M 71 48.57 -48.97 0.82
N ALA M 72 47.60 -49.79 0.46
CA ALA M 72 47.07 -49.83 -0.91
C ALA M 72 45.83 -48.99 -1.22
N TYR M 73 44.86 -48.98 -0.31
CA TYR M 73 43.50 -48.45 -0.61
C TYR M 73 43.32 -46.92 -0.65
N SER M 74 43.99 -46.23 0.25
CA SER M 74 44.14 -44.76 0.16
C SER M 74 45.12 -44.38 -0.97
N ARG M 75 45.95 -45.34 -1.33
CA ARG M 75 46.96 -45.23 -2.39
C ARG M 75 46.45 -45.68 -3.76
N ALA M 76 45.29 -46.35 -3.78
CA ALA M 76 44.65 -46.85 -5.02
C ALA M 76 43.73 -45.84 -5.73
N LEU M 77 43.43 -44.76 -5.03
CA LEU M 77 42.35 -43.84 -5.40
C LEU M 77 42.53 -43.22 -6.79
N SER M 78 43.61 -42.47 -6.93
CA SER M 78 44.07 -41.99 -8.23
C SER M 78 45.03 -43.00 -8.81
N ARG M 79 44.51 -44.14 -9.26
CA ARG M 79 45.23 -45.20 -10.01
C ARG M 79 46.79 -45.29 -9.89
N GLN M 80 47.35 -45.15 -8.70
CA GLN M 80 48.82 -44.90 -8.54
C GLN M 80 49.27 -43.72 -9.42
N LEU M 81 48.39 -42.78 -9.64
CA LEU M 81 48.62 -41.69 -10.58
C LEU M 81 49.37 -40.56 -9.93
N SER M 82 50.10 -40.87 -8.89
CA SER M 82 50.63 -39.86 -8.02
C SER M 82 52.03 -40.13 -7.38
N SER M 83 52.21 -41.32 -6.83
CA SER M 83 53.46 -41.87 -6.20
C SER M 83 53.45 -41.88 -4.65
N GLY M 84 54.12 -40.92 -4.00
CA GLY M 84 54.36 -40.93 -2.56
C GLY M 84 53.75 -39.73 -1.83
N ARG M 94 42.88 -30.89 -12.10
CA ARG M 94 43.69 -29.70 -11.83
C ARG M 94 43.02 -28.40 -12.25
N TRP M 95 43.14 -27.41 -11.40
CA TRP M 95 42.80 -26.01 -11.72
C TRP M 95 44.00 -25.45 -12.50
N ARG M 96 43.71 -24.78 -13.59
CA ARG M 96 44.76 -24.21 -14.44
C ARG M 96 44.29 -22.94 -15.14
N VAL M 97 45.19 -21.98 -15.24
CA VAL M 97 44.94 -20.70 -15.92
C VAL M 97 46.15 -20.28 -16.78
N SER M 98 45.84 -19.58 -17.86
CA SER M 98 46.86 -19.11 -18.81
C SER M 98 46.91 -17.59 -18.81
N LEU M 99 48.11 -17.07 -19.08
CA LEU M 99 48.37 -15.62 -19.10
C LEU M 99 49.36 -15.32 -20.23
N ASP M 100 48.91 -14.57 -21.22
CA ASP M 100 49.79 -14.17 -22.34
C ASP M 100 50.59 -12.93 -21.93
N VAL M 101 51.85 -13.14 -21.59
CA VAL M 101 52.75 -12.06 -21.10
C VAL M 101 53.83 -11.62 -22.13
N ASN M 102 53.91 -12.31 -23.25
CA ASN M 102 54.99 -12.09 -24.25
C ASN M 102 55.18 -10.63 -24.68
N HIS M 103 54.07 -9.96 -24.96
CA HIS M 103 54.08 -8.55 -25.36
C HIS M 103 54.60 -7.64 -24.23
N PHE M 104 54.26 -8.00 -23.00
CA PHE M 104 54.66 -7.26 -21.79
C PHE M 104 56.17 -7.32 -21.59
N ALA M 105 56.72 -8.54 -21.66
CA ALA M 105 58.16 -8.82 -21.47
C ALA M 105 58.66 -8.29 -20.10
N PRO M 106 58.17 -8.89 -19.00
CA PRO M 106 58.51 -8.41 -17.66
C PRO M 106 59.90 -8.82 -17.21
N ASP M 107 60.54 -7.95 -16.46
CA ASP M 107 61.81 -8.31 -15.77
C ASP M 107 61.55 -9.23 -14.58
N GLU M 108 60.44 -9.01 -13.91
CA GLU M 108 59.99 -9.84 -12.78
C GLU M 108 58.48 -9.99 -12.69
N LEU M 109 58.04 -11.22 -12.47
CA LEU M 109 56.63 -11.57 -12.23
C LEU M 109 56.50 -12.10 -10.80
N THR M 110 55.91 -11.31 -9.91
CA THR M 110 55.73 -11.68 -8.50
C THR M 110 54.29 -12.13 -8.25
N VAL M 111 54.12 -13.38 -7.87
CA VAL M 111 52.78 -13.96 -7.67
C VAL M 111 52.57 -14.30 -6.18
N LYS M 112 51.52 -13.71 -5.62
CA LYS M 112 51.19 -13.79 -4.19
C LYS M 112 49.77 -14.34 -4.06
N THR M 113 49.60 -15.31 -3.18
CA THR M 113 48.28 -15.89 -2.89
C THR M 113 47.81 -15.45 -1.50
N LYS M 114 46.71 -14.70 -1.46
CA LYS M 114 46.19 -14.10 -0.23
C LYS M 114 44.66 -14.17 -0.18
N ASP M 115 44.12 -14.73 0.90
CA ASP M 115 42.67 -14.87 1.13
C ASP M 115 41.94 -15.64 0.00
N GLY M 116 42.62 -16.65 -0.53
CA GLY M 116 42.10 -17.46 -1.65
C GLY M 116 41.94 -16.70 -2.97
N VAL M 117 42.85 -15.74 -3.17
CA VAL M 117 42.92 -14.95 -4.43
C VAL M 117 44.38 -14.89 -4.88
N VAL M 118 44.65 -15.44 -6.06
CA VAL M 118 46.00 -15.40 -6.67
C VAL M 118 46.22 -14.06 -7.36
N GLU M 119 47.16 -13.28 -6.82
CA GLU M 119 47.48 -11.96 -7.36
C GLU M 119 48.86 -12.01 -8.03
N ILE M 120 48.89 -11.83 -9.34
CA ILE M 120 50.13 -11.86 -10.14
C ILE M 120 50.46 -10.42 -10.56
N THR M 121 51.56 -9.91 -10.02
CA THR M 121 52.03 -8.56 -10.33
C THR M 121 53.35 -8.62 -11.12
N GLY M 122 53.28 -8.24 -12.38
CA GLY M 122 54.48 -8.12 -13.24
C GLY M 122 54.91 -6.68 -13.35
N LYS M 123 56.21 -6.47 -13.45
CA LYS M 123 56.80 -5.13 -13.65
C LYS M 123 57.82 -5.12 -14.77
N HIS M 124 57.72 -4.12 -15.61
CA HIS M 124 58.68 -3.83 -16.68
C HIS M 124 59.19 -2.43 -16.40
N GLU M 125 60.50 -2.27 -16.28
CA GLU M 125 61.13 -0.97 -16.10
C GLU M 125 62.44 -0.87 -16.89
N GLU M 126 62.74 0.32 -17.37
CA GLU M 126 64.06 0.61 -17.96
C GLU M 126 65.03 0.89 -16.82
N ARG M 127 66.31 0.65 -17.09
CA ARG M 127 67.39 0.98 -16.19
C ARG M 127 68.15 2.23 -16.63
N GLN M 128 67.62 3.37 -16.23
CA GLN M 128 68.19 4.68 -16.50
C GLN M 128 68.04 5.54 -15.25
N ASP M 129 69.16 5.94 -14.68
CA ASP M 129 69.18 6.61 -13.36
C ASP M 129 68.57 8.02 -13.37
N GLU M 130 68.89 8.81 -14.38
CA GLU M 130 68.33 10.17 -14.54
C GLU M 130 66.83 10.14 -14.80
N HIS M 131 66.46 9.41 -15.84
CA HIS M 131 65.05 9.16 -16.19
C HIS M 131 64.84 7.73 -16.66
N GLY M 132 64.35 6.89 -15.77
CA GLY M 132 63.99 5.49 -16.05
C GLY M 132 62.49 5.32 -16.30
N TYR M 133 62.00 6.18 -17.16
CA TYR M 133 60.61 6.11 -17.71
C TYR M 133 60.41 4.83 -18.53
N ILE M 134 59.19 4.63 -19.02
CA ILE M 134 58.80 3.52 -19.89
C ILE M 134 58.81 2.28 -19.02
N SER M 135 57.76 2.20 -18.22
CA SER M 135 57.69 1.18 -17.16
C SER M 135 56.23 0.84 -16.83
N ARG M 136 55.75 -0.20 -17.47
CA ARG M 136 54.37 -0.68 -17.28
C ARG M 136 54.33 -1.78 -16.23
N CYS M 137 53.21 -1.87 -15.55
CA CYS M 137 52.96 -2.89 -14.51
C CYS M 137 51.58 -3.49 -14.80
N PHE M 138 51.38 -4.74 -14.43
CA PHE M 138 50.07 -5.38 -14.50
C PHE M 138 49.81 -6.28 -13.30
N THR M 139 48.58 -6.23 -12.81
CA THR M 139 48.14 -6.98 -11.63
C THR M 139 46.87 -7.78 -11.91
N ARG M 140 47.03 -9.06 -12.20
CA ARG M 140 45.89 -9.96 -12.46
C ARG M 140 45.50 -10.68 -11.15
N LYS M 141 44.22 -10.57 -10.83
CA LYS M 141 43.65 -11.20 -9.64
C LYS M 141 42.71 -12.34 -10.00
N TYR M 142 43.14 -13.55 -9.74
CA TYR M 142 42.38 -14.79 -9.99
C TYR M 142 41.62 -15.21 -8.74
N THR M 143 40.32 -15.42 -8.89
CA THR M 143 39.48 -15.96 -7.83
C THR M 143 39.59 -17.49 -7.86
N LEU M 144 40.28 -18.05 -6.87
CA LEU M 144 40.48 -19.51 -6.79
C LEU M 144 39.15 -20.22 -6.50
N PRO M 145 38.95 -21.44 -7.05
CA PRO M 145 37.87 -22.27 -6.52
C PRO M 145 38.22 -22.69 -5.08
N PRO M 146 37.37 -22.35 -4.09
CA PRO M 146 37.71 -22.62 -2.68
C PRO M 146 38.04 -24.09 -2.41
N GLY M 147 39.18 -24.28 -1.76
CA GLY M 147 39.71 -25.62 -1.45
C GLY M 147 41.09 -25.87 -2.02
N VAL M 148 41.46 -25.09 -3.03
CA VAL M 148 42.78 -25.18 -3.68
C VAL M 148 43.84 -24.70 -2.69
N ASP M 149 44.72 -25.60 -2.28
CA ASP M 149 45.80 -25.23 -1.37
C ASP M 149 46.93 -24.62 -2.18
N PRO M 150 47.56 -23.56 -1.65
CA PRO M 150 48.65 -22.91 -2.42
C PRO M 150 50.00 -23.65 -2.60
N THR M 151 50.22 -24.83 -2.02
CA THR M 151 51.38 -25.69 -2.35
C THR M 151 51.23 -26.35 -3.69
N GLN M 152 49.99 -26.51 -4.09
CA GLN M 152 49.65 -27.16 -5.33
C GLN M 152 49.80 -26.16 -6.49
N VAL M 153 49.76 -24.90 -6.16
CA VAL M 153 49.83 -23.80 -7.17
C VAL M 153 51.29 -23.63 -7.60
N SER M 154 51.53 -23.89 -8.88
CA SER M 154 52.85 -23.76 -9.54
C SER M 154 52.80 -22.69 -10.61
N SER M 155 53.89 -21.98 -10.77
CA SER M 155 54.01 -20.95 -11.81
C SER M 155 54.91 -21.48 -12.92
N SER M 156 54.48 -21.28 -14.16
CA SER M 156 55.23 -21.71 -15.34
C SER M 156 55.34 -20.59 -16.35
N LEU M 157 56.56 -20.26 -16.76
CA LEU M 157 56.77 -19.27 -17.81
C LEU M 157 57.36 -19.94 -19.05
N SER M 158 56.60 -19.91 -20.13
CA SER M 158 57.02 -20.50 -21.41
C SER M 158 58.07 -19.63 -22.10
N PRO M 159 58.92 -20.22 -22.96
CA PRO M 159 59.89 -19.49 -23.78
C PRO M 159 59.29 -18.43 -24.68
N GLU M 160 58.12 -18.74 -25.20
CA GLU M 160 57.30 -17.84 -26.05
C GLU M 160 56.52 -16.80 -25.24
N GLY M 161 56.55 -16.89 -23.92
CA GLY M 161 56.00 -15.85 -23.02
C GLY M 161 54.54 -16.04 -22.72
N THR M 162 54.20 -17.21 -22.19
CA THR M 162 52.84 -17.49 -21.67
C THR M 162 52.96 -18.09 -20.29
N LEU M 163 52.53 -17.33 -19.29
CA LEU M 163 52.54 -17.79 -17.89
C LEU M 163 51.38 -18.75 -17.68
N THR M 164 51.69 -19.93 -17.17
CA THR M 164 50.70 -20.97 -16.84
C THR M 164 50.74 -21.25 -15.34
N VAL M 165 49.68 -20.88 -14.65
CA VAL M 165 49.55 -21.17 -13.21
C VAL M 165 48.69 -22.42 -13.07
N GLU M 166 49.32 -23.51 -12.65
CA GLU M 166 48.67 -24.83 -12.55
C GLU M 166 48.60 -25.27 -11.09
N ALA M 167 47.51 -25.89 -10.69
CA ALA M 167 47.33 -26.42 -9.34
C ALA M 167 46.49 -27.68 -9.27
N PRO M 168 46.98 -28.74 -8.59
CA PRO M 168 46.14 -29.83 -8.12
C PRO M 168 44.96 -29.40 -7.26
N MET M 169 43.76 -29.80 -7.70
CA MET M 169 42.52 -29.59 -6.93
C MET M 169 42.51 -30.55 -5.76
N PRO M 170 41.92 -30.16 -4.61
CA PRO M 170 41.95 -31.01 -3.41
C PRO M 170 41.37 -32.41 -3.66
N LYS M 171 40.32 -32.49 -4.45
CA LYS M 171 39.80 -33.74 -5.04
C LYS M 171 39.34 -33.47 -6.46
N GLN M 175 34.13 -21.68 0.19
CA GLN M 175 32.77 -22.19 0.29
C GLN M 175 32.35 -22.61 1.71
N SER M 176 33.31 -23.17 2.44
CA SER M 176 33.08 -23.60 3.82
C SER M 176 32.90 -22.45 4.80
N ASN M 177 32.29 -22.73 5.92
CA ASN M 177 31.91 -21.71 6.93
C ASN M 177 33.08 -21.08 7.70
N GLU M 178 34.06 -21.91 8.06
CA GLU M 178 35.24 -21.48 8.82
C GLU M 178 36.17 -20.48 8.11
N ILE M 179 35.98 -20.29 6.81
CA ILE M 179 36.70 -19.28 5.97
C ILE M 179 38.11 -19.76 5.53
N THR M 180 38.85 -20.39 6.43
CA THR M 180 40.17 -20.94 6.13
C THR M 180 40.02 -22.35 5.57
N ILE M 181 39.95 -22.43 4.23
CA ILE M 181 39.79 -23.70 3.49
C ILE M 181 41.06 -24.43 3.01
N PRO M 182 42.19 -23.72 2.80
CA PRO M 182 43.34 -24.45 2.21
C PRO M 182 44.00 -25.36 3.23
N VAL M 183 44.05 -26.66 2.93
CA VAL M 183 44.58 -27.69 3.86
C VAL M 183 45.77 -28.48 3.30
N THR M 184 45.50 -29.23 2.25
CA THR M 184 46.31 -30.43 1.87
C THR M 184 47.86 -30.33 1.91
N PHE M 185 48.46 -31.38 2.47
CA PHE M 185 49.92 -31.52 2.61
C PHE M 185 50.54 -32.32 1.47
N GLU M 186 49.92 -32.26 0.31
CA GLU M 186 50.06 -33.31 -0.71
C GLU M 186 49.47 -34.64 -0.18
N SER M 187 48.47 -34.52 0.70
CA SER M 187 47.66 -35.62 1.18
C SER M 187 46.21 -35.24 0.94
N ARG M 188 45.65 -35.82 -0.11
CA ARG M 188 44.35 -35.39 -0.65
C ARG M 188 43.15 -36.18 -0.14
N ALA M 189 43.42 -37.19 0.69
CA ALA M 189 42.36 -38.05 1.24
C ALA M 189 41.44 -37.29 2.21
N GLN M 190 40.17 -37.27 1.85
CA GLN M 190 39.09 -36.62 2.65
C GLN M 190 39.20 -35.08 2.81
N LEU M 191 39.97 -34.44 1.93
CA LEU M 191 40.02 -32.99 1.81
C LEU M 191 39.61 -32.60 0.41
N GLY M 192 38.52 -31.87 0.30
CA GLY M 192 37.93 -31.54 -1.00
C GLY M 192 37.47 -30.11 -1.13
N GLU M 201 34.12 -30.30 1.60
CA GLU M 201 34.03 -30.81 0.22
C GLU M 201 33.45 -29.78 -0.72
N THR M 202 34.23 -29.44 -1.75
CA THR M 202 33.83 -28.55 -2.84
C THR M 202 33.88 -29.32 -4.16
N ALA M 203 32.98 -28.92 -5.06
CA ALA M 203 32.95 -29.46 -6.43
C ALA M 203 33.78 -28.55 -7.33
N ALA M 204 33.60 -28.69 -8.63
CA ALA M 204 34.31 -27.84 -9.63
C ALA M 204 34.12 -26.34 -9.37
N LYS M 205 32.90 -25.94 -9.07
CA LYS M 205 32.57 -24.54 -8.72
C LYS M 205 32.69 -24.33 -7.22
N MET N 1 18.56 22.36 -75.81
CA MET N 1 18.38 21.10 -76.58
C MET N 1 17.15 20.37 -76.08
N THR N 2 17.34 19.17 -75.54
CA THR N 2 16.27 18.45 -74.86
C THR N 2 16.43 18.60 -73.35
N GLU N 3 17.32 19.52 -72.97
CA GLU N 3 17.66 19.74 -71.57
C GLU N 3 16.60 20.64 -70.93
N ARG N 4 16.92 21.19 -69.76
CA ARG N 4 15.96 21.82 -68.89
C ARG N 4 14.99 20.74 -68.44
N ARG N 5 15.55 19.79 -67.71
CA ARG N 5 14.78 18.68 -67.14
C ARG N 5 14.77 18.67 -65.63
N VAL N 6 15.95 18.82 -65.03
CA VAL N 6 16.14 18.81 -63.56
C VAL N 6 15.05 17.99 -62.84
N PRO N 7 15.19 16.65 -62.87
CA PRO N 7 14.09 15.77 -62.40
C PRO N 7 13.69 15.86 -60.92
N PHE N 8 13.54 17.08 -60.44
CA PHE N 8 13.07 17.31 -59.08
C PHE N 8 11.54 17.32 -59.10
N SER N 9 10.98 16.16 -59.34
CA SER N 9 9.55 15.90 -59.29
C SER N 9 9.15 15.02 -58.10
N LEU N 10 10.14 14.42 -57.46
CA LEU N 10 9.94 13.58 -56.29
C LEU N 10 10.26 14.38 -55.04
N LEU N 11 9.40 15.33 -54.72
CA LEU N 11 9.43 16.09 -53.47
C LEU N 11 8.24 15.76 -52.59
N ARG N 12 7.42 14.85 -53.07
CA ARG N 12 6.18 14.45 -52.40
C ARG N 12 5.20 15.59 -52.27
N GLY N 13 4.32 15.69 -53.25
CA GLY N 13 3.19 16.63 -53.21
C GLY N 13 2.00 16.09 -52.43
N PRO N 14 2.30 15.42 -51.33
CA PRO N 14 1.34 14.72 -50.49
C PRO N 14 0.66 15.56 -49.41
N SER N 15 0.84 16.86 -49.49
CA SER N 15 0.08 17.84 -48.67
C SER N 15 0.60 17.93 -47.23
N TRP N 16 0.30 16.93 -46.41
CA TRP N 16 0.59 16.99 -44.97
C TRP N 16 2.11 16.92 -44.74
N ASP N 17 2.72 18.08 -44.50
CA ASP N 17 4.19 18.24 -44.41
C ASP N 17 4.84 17.88 -45.76
N PRO N 18 6.16 18.12 -45.94
CA PRO N 18 6.73 17.69 -47.23
C PRO N 18 6.99 16.20 -47.36
N PHE N 19 6.16 15.36 -46.77
CA PHE N 19 6.29 13.91 -46.94
C PHE N 19 4.95 13.19 -47.11
N ARG N 20 4.34 12.73 -46.02
CA ARG N 20 3.16 11.83 -46.08
C ARG N 20 3.30 10.76 -47.18
N ASP N 21 4.07 9.71 -46.88
CA ASP N 21 4.29 8.61 -47.85
C ASP N 21 3.34 7.43 -47.60
N TRP N 22 3.58 6.71 -46.50
CA TRP N 22 2.72 5.59 -46.06
C TRP N 22 2.33 5.85 -44.63
N TYR N 23 1.06 6.18 -44.40
CA TYR N 23 0.55 6.58 -43.08
C TYR N 23 1.33 7.76 -42.51
N PRO N 24 0.82 8.99 -42.68
CA PRO N 24 1.55 10.17 -42.18
C PRO N 24 1.61 10.19 -40.65
N HIS N 25 2.51 9.35 -40.17
CA HIS N 25 2.72 9.13 -38.76
C HIS N 25 4.18 9.27 -38.41
N SER N 26 4.43 9.49 -37.15
CA SER N 26 5.77 9.68 -36.60
C SER N 26 6.45 8.35 -36.35
N ARG N 27 5.75 7.47 -35.66
CA ARG N 27 6.21 6.07 -35.38
C ARG N 27 6.74 5.35 -36.62
N LEU N 28 6.34 5.86 -37.76
CA LEU N 28 6.84 5.46 -39.07
C LEU N 28 8.33 5.77 -39.26
N PHE N 29 8.67 7.03 -39.02
CA PHE N 29 10.07 7.50 -39.09
C PHE N 29 10.90 7.11 -37.88
N ASP N 30 10.22 6.76 -36.78
CA ASP N 30 10.88 6.32 -35.53
C ASP N 30 11.60 5.00 -35.72
N GLN N 31 11.16 4.25 -36.71
CA GLN N 31 11.84 3.00 -37.09
C GLN N 31 13.08 3.21 -37.96
N ALA N 32 13.07 4.28 -38.76
CA ALA N 32 14.23 4.68 -39.56
C ALA N 32 14.86 5.99 -39.07
N PHE N 33 15.66 5.90 -38.02
CA PHE N 33 16.40 7.04 -37.47
C PHE N 33 17.81 6.72 -36.96
N GLY N 34 17.97 5.60 -36.28
CA GLY N 34 19.24 5.21 -35.68
C GLY N 34 19.25 3.84 -35.05
N LEU N 35 20.07 3.66 -34.03
CA LEU N 35 20.19 2.38 -33.31
C LEU N 35 19.23 2.33 -32.13
N PRO N 36 18.78 1.12 -31.74
CA PRO N 36 17.89 0.87 -30.62
C PRO N 36 18.58 0.43 -29.31
N ARG N 37 19.13 1.38 -28.58
CA ARG N 37 19.72 1.12 -27.25
C ARG N 37 19.21 2.13 -26.24
N LEU N 38 17.95 2.00 -25.89
CA LEU N 38 17.24 2.84 -24.89
C LEU N 38 17.74 4.28 -24.62
N PRO N 39 18.91 4.48 -23.93
CA PRO N 39 19.34 5.88 -23.89
C PRO N 39 19.87 6.42 -25.21
N GLU N 40 19.01 6.37 -26.21
CA GLU N 40 19.26 6.84 -27.57
C GLU N 40 18.10 7.58 -28.21
N GLU N 41 17.12 7.95 -27.40
CA GLU N 41 16.04 8.85 -27.80
C GLU N 41 15.06 8.28 -28.84
N TRP N 42 14.14 9.12 -29.30
CA TRP N 42 13.01 8.73 -30.17
C TRP N 42 12.85 9.42 -31.54
N SER N 43 13.90 10.01 -32.09
CA SER N 43 13.84 10.79 -33.36
C SER N 43 13.03 12.10 -33.36
N GLN N 44 11.87 12.11 -32.74
CA GLN N 44 11.28 13.34 -32.19
C GLN N 44 11.36 14.56 -33.16
N TRP N 45 10.38 14.59 -34.03
CA TRP N 45 10.41 15.33 -35.30
C TRP N 45 9.01 15.63 -35.85
N LEU N 46 8.52 14.74 -36.70
CA LEU N 46 7.25 14.87 -37.43
C LEU N 46 7.34 15.83 -38.56
N GLY N 47 7.51 15.31 -39.77
CA GLY N 47 7.44 16.10 -41.01
C GLY N 47 8.31 17.34 -41.05
N GLY N 48 7.68 18.50 -40.95
CA GLY N 48 8.36 19.77 -41.08
C GLY N 48 9.47 19.92 -40.06
N SER N 49 9.08 19.81 -38.80
CA SER N 49 10.03 19.86 -37.68
C SER N 49 11.06 18.75 -37.62
N SER N 50 11.98 18.73 -38.58
CA SER N 50 12.94 17.66 -38.69
C SER N 50 14.07 17.91 -39.64
N TRP N 51 15.09 17.10 -39.49
CA TRP N 51 16.04 16.79 -40.58
C TRP N 51 15.27 16.41 -41.85
N PRO N 52 15.92 16.43 -43.01
CA PRO N 52 15.21 16.35 -44.29
C PRO N 52 14.33 15.12 -44.45
N GLY N 53 13.37 15.21 -45.35
CA GLY N 53 12.56 14.07 -45.74
C GLY N 53 13.37 13.02 -46.46
N TYR N 54 13.59 11.90 -45.79
CA TYR N 54 14.31 10.72 -46.34
C TYR N 54 13.34 9.60 -46.70
N VAL N 55 13.52 9.07 -47.90
CA VAL N 55 12.72 7.94 -48.41
C VAL N 55 13.39 6.59 -48.09
N ARG N 56 14.53 6.64 -47.43
CA ARG N 56 15.29 5.44 -46.95
C ARG N 56 14.46 4.18 -46.74
N PRO N 71 10.32 0.99 -45.64
CA PRO N 71 10.56 -0.06 -46.63
C PRO N 71 9.88 0.21 -47.98
N ALA N 72 8.57 0.37 -47.96
CA ALA N 72 7.75 0.45 -49.20
C ALA N 72 7.67 1.84 -49.83
N TYR N 73 8.62 2.69 -49.52
CA TYR N 73 8.57 4.13 -49.90
C TYR N 73 9.14 4.40 -51.30
N SER N 74 10.10 3.60 -51.68
CA SER N 74 10.59 3.51 -53.07
C SER N 74 9.63 2.70 -53.98
N ARG N 75 8.76 1.94 -53.34
CA ARG N 75 7.68 1.22 -54.01
C ARG N 75 6.38 2.01 -54.12
N ALA N 76 6.40 3.25 -53.68
CA ALA N 76 5.29 4.22 -53.85
C ALA N 76 5.29 4.85 -55.21
N LEU N 77 6.49 5.09 -55.74
CA LEU N 77 6.70 5.86 -56.98
C LEU N 77 6.89 5.00 -58.22
N SER N 78 7.85 4.09 -58.13
CA SER N 78 8.35 3.29 -59.26
C SER N 78 7.58 1.99 -59.44
N ARG N 79 7.21 1.38 -58.33
CA ARG N 79 6.51 0.10 -58.35
C ARG N 79 5.09 0.25 -58.91
N GLN N 80 4.25 0.95 -58.18
CA GLN N 80 2.82 1.10 -58.49
C GLN N 80 2.14 -0.29 -58.57
N LEU N 81 2.19 -0.93 -59.73
CA LEU N 81 1.73 -2.29 -59.95
C LEU N 81 2.82 -3.25 -60.45
N SER N 82 3.95 -2.68 -60.84
CA SER N 82 5.05 -3.36 -61.55
C SER N 82 4.69 -3.94 -62.95
N SER N 83 3.41 -3.93 -63.27
CA SER N 83 2.86 -4.43 -64.57
C SER N 83 3.04 -5.92 -64.88
N GLY N 84 3.94 -6.57 -64.17
CA GLY N 84 4.38 -7.93 -64.48
C GLY N 84 3.28 -8.97 -64.37
N ASP N 93 12.55 -13.89 -63.77
CA ASP N 93 11.33 -14.62 -64.13
C ASP N 93 11.68 -16.03 -64.61
N TRP N 95 8.01 -16.87 -62.73
CA TRP N 95 6.57 -16.72 -62.60
C TRP N 95 6.20 -15.45 -61.88
N ARG N 96 5.13 -14.81 -62.34
CA ARG N 96 4.65 -13.55 -61.74
C ARG N 96 3.16 -13.33 -62.00
N VAL N 97 2.47 -12.85 -60.97
CA VAL N 97 1.02 -12.54 -61.01
C VAL N 97 0.73 -11.21 -60.32
N SER N 98 -0.26 -10.50 -60.84
CA SER N 98 -0.68 -9.19 -60.32
C SER N 98 -2.04 -9.30 -59.61
N LEU N 99 -2.17 -8.51 -58.56
CA LEU N 99 -3.37 -8.50 -57.70
C LEU N 99 -3.67 -7.05 -57.29
N ASP N 100 -4.81 -6.54 -57.70
CA ASP N 100 -5.23 -5.17 -57.36
C ASP N 100 -5.78 -5.17 -55.91
N VAL N 101 -5.01 -4.55 -55.02
CA VAL N 101 -5.32 -4.52 -53.58
C VAL N 101 -5.79 -3.14 -53.03
N ASN N 102 -5.57 -2.07 -53.79
CA ASN N 102 -5.83 -0.69 -53.31
C ASN N 102 -7.26 -0.46 -52.84
N HIS N 103 -8.21 -0.93 -53.63
CA HIS N 103 -9.64 -0.81 -53.31
C HIS N 103 -10.01 -1.61 -52.06
N PHE N 104 -9.38 -2.77 -51.90
CA PHE N 104 -9.54 -3.61 -50.72
C PHE N 104 -8.98 -2.91 -49.48
N ALA N 105 -7.75 -2.42 -49.61
CA ALA N 105 -7.05 -1.70 -48.54
C ALA N 105 -6.93 -2.54 -47.25
N PRO N 106 -6.16 -3.64 -47.29
CA PRO N 106 -6.08 -4.55 -46.16
C PRO N 106 -5.11 -4.05 -45.08
N ASP N 107 -5.45 -4.30 -43.83
CA ASP N 107 -4.55 -4.03 -42.71
C ASP N 107 -3.44 -5.09 -42.62
N GLU N 108 -3.76 -6.30 -43.04
CA GLU N 108 -2.80 -7.43 -43.06
C GLU N 108 -2.93 -8.31 -44.29
N LEU N 109 -1.80 -8.73 -44.83
CA LEU N 109 -1.73 -9.61 -46.01
C LEU N 109 -0.87 -10.84 -45.72
N THR N 110 -1.48 -12.01 -45.82
CA THR N 110 -0.81 -13.30 -45.54
C THR N 110 -0.68 -14.10 -46.86
N VAL N 111 0.56 -14.41 -47.22
CA VAL N 111 0.86 -15.18 -48.44
C VAL N 111 1.56 -16.50 -48.07
N LYS N 112 0.91 -17.59 -48.45
CA LYS N 112 1.33 -18.96 -48.10
C LYS N 112 1.52 -19.78 -49.37
N THR N 113 2.58 -20.56 -49.41
CA THR N 113 2.86 -21.49 -50.52
C THR N 113 2.93 -22.94 -50.02
N LYS N 114 1.87 -23.69 -50.31
CA LYS N 114 1.69 -25.04 -49.80
C LYS N 114 1.23 -25.99 -50.89
N ASP N 115 1.93 -27.10 -51.04
CA ASP N 115 1.64 -28.16 -52.05
C ASP N 115 1.50 -27.59 -53.49
N GLY N 116 2.36 -26.65 -53.81
CA GLY N 116 2.36 -25.98 -55.12
C GLY N 116 1.12 -25.12 -55.38
N VAL N 117 0.67 -24.43 -54.34
CA VAL N 117 -0.44 -23.45 -54.44
C VAL N 117 -0.17 -22.22 -53.59
N VAL N 118 -0.02 -21.07 -54.25
CA VAL N 118 0.12 -19.78 -53.54
C VAL N 118 -1.25 -19.30 -53.12
N GLU N 119 -1.47 -19.18 -51.82
CA GLU N 119 -2.73 -18.72 -51.23
C GLU N 119 -2.54 -17.34 -50.61
N ILE N 120 -3.23 -16.35 -51.16
CA ILE N 120 -3.11 -14.94 -50.76
C ILE N 120 -4.35 -14.53 -50.00
N THR N 121 -4.17 -14.20 -48.73
CA THR N 121 -5.26 -13.86 -47.81
C THR N 121 -5.09 -12.44 -47.25
N GLY N 122 -6.05 -11.56 -47.56
CA GLY N 122 -6.10 -10.21 -47.02
C GLY N 122 -7.19 -10.06 -45.99
N LYS N 123 -6.96 -9.17 -45.03
CA LYS N 123 -7.94 -8.84 -43.99
C LYS N 123 -7.96 -7.34 -43.73
N HIS N 124 -9.11 -6.83 -43.36
CA HIS N 124 -9.32 -5.38 -43.13
C HIS N 124 -9.26 -5.11 -41.61
N GLU N 125 -10.37 -4.74 -40.97
CA GLU N 125 -10.58 -4.69 -39.49
C GLU N 125 -11.43 -3.55 -38.95
N GLU N 126 -11.76 -3.64 -37.68
CA GLU N 126 -12.75 -2.80 -37.00
C GLU N 126 -12.42 -1.34 -36.75
N ARG N 127 -13.33 -0.47 -37.17
CA ARG N 127 -13.45 0.91 -36.74
C ARG N 127 -14.93 1.19 -36.46
N GLN N 128 -15.27 1.65 -35.26
CA GLN N 128 -16.68 1.80 -34.86
C GLN N 128 -17.31 3.10 -35.36
N ASP N 129 -18.35 2.98 -36.17
CA ASP N 129 -19.03 4.11 -36.80
C ASP N 129 -20.40 3.66 -37.37
N GLU N 130 -20.98 4.44 -38.27
CA GLU N 130 -22.25 4.08 -38.96
C GLU N 130 -22.15 2.74 -39.68
N HIS N 131 -21.03 2.53 -40.33
CA HIS N 131 -20.71 1.24 -40.92
C HIS N 131 -20.32 0.25 -39.82
N GLY N 132 -19.28 0.61 -39.09
CA GLY N 132 -18.89 -0.07 -37.86
C GLY N 132 -18.33 -1.45 -38.03
N TYR N 133 -19.17 -2.43 -37.74
CA TYR N 133 -18.76 -3.84 -37.65
C TYR N 133 -18.95 -4.53 -38.97
N ILE N 134 -18.06 -4.24 -39.92
CA ILE N 134 -18.06 -4.85 -41.24
C ILE N 134 -16.70 -5.46 -41.56
N SER N 135 -16.66 -6.77 -41.71
CA SER N 135 -15.44 -7.48 -42.05
C SER N 135 -15.41 -7.91 -43.52
N ARG N 136 -14.25 -7.81 -44.14
CA ARG N 136 -14.03 -8.34 -45.48
C ARG N 136 -12.68 -9.05 -45.59
N CYS N 137 -12.69 -10.20 -46.23
CA CYS N 137 -11.52 -11.08 -46.37
C CYS N 137 -11.58 -11.83 -47.70
N PHE N 138 -10.48 -11.76 -48.45
CA PHE N 138 -10.40 -12.40 -49.78
C PHE N 138 -9.30 -13.47 -49.80
N THR N 139 -9.55 -14.55 -50.54
CA THR N 139 -8.58 -15.65 -50.68
C THR N 139 -8.39 -15.99 -52.16
N ARG N 140 -7.25 -15.59 -52.70
CA ARG N 140 -6.89 -15.77 -54.12
C ARG N 140 -5.78 -16.84 -54.27
N LYS N 141 -6.15 -17.94 -54.91
CA LYS N 141 -5.29 -19.14 -55.04
C LYS N 141 -4.69 -19.22 -56.44
N TYR N 142 -3.36 -19.30 -56.48
CA TYR N 142 -2.59 -19.45 -57.74
C TYR N 142 -1.92 -20.82 -57.80
N THR N 143 -2.12 -21.54 -58.90
CA THR N 143 -1.48 -22.84 -59.13
C THR N 143 -0.12 -22.61 -59.80
N LEU N 144 0.94 -22.97 -59.10
CA LEU N 144 2.31 -22.77 -59.59
C LEU N 144 2.69 -23.76 -60.70
N PRO N 145 3.63 -23.36 -61.57
CA PRO N 145 4.28 -24.32 -62.47
C PRO N 145 5.10 -25.31 -61.64
N PRO N 146 5.00 -26.63 -61.93
CA PRO N 146 5.62 -27.65 -61.09
C PRO N 146 7.19 -27.63 -61.14
N GLY N 147 7.78 -26.52 -60.77
CA GLY N 147 9.22 -26.40 -60.55
C GLY N 147 9.59 -25.74 -59.25
N VAL N 148 8.63 -25.09 -58.61
CA VAL N 148 8.91 -24.01 -57.66
C VAL N 148 9.26 -24.53 -56.29
N ASP N 149 10.27 -23.91 -55.67
CA ASP N 149 10.60 -24.15 -54.28
C ASP N 149 9.59 -23.32 -53.51
N PRO N 150 8.76 -23.95 -52.67
CA PRO N 150 7.71 -23.13 -51.99
C PRO N 150 8.20 -22.00 -51.06
N THR N 151 9.48 -22.01 -50.72
CA THR N 151 10.13 -20.85 -50.06
C THR N 151 10.53 -19.73 -51.01
N GLN N 152 10.48 -19.99 -52.32
CA GLN N 152 10.91 -19.04 -53.37
C GLN N 152 9.78 -18.14 -53.89
N VAL N 153 8.67 -18.05 -53.17
CA VAL N 153 7.52 -17.26 -53.57
C VAL N 153 7.19 -16.17 -52.54
N SER N 154 7.00 -14.96 -53.02
CA SER N 154 6.72 -13.79 -52.19
C SER N 154 5.78 -12.80 -52.83
N SER N 155 5.28 -11.93 -52.00
CA SER N 155 4.41 -10.83 -52.42
C SER N 155 5.10 -9.50 -52.12
N SER N 156 4.46 -8.43 -52.56
CA SER N 156 4.96 -7.07 -52.36
C SER N 156 3.82 -6.06 -52.31
N LEU N 157 3.83 -5.20 -51.29
CA LEU N 157 2.77 -4.19 -51.09
C LEU N 157 3.29 -2.78 -51.33
N SER N 158 2.66 -2.07 -52.25
CA SER N 158 2.93 -0.62 -52.49
C SER N 158 1.92 0.25 -51.74
N PRO N 159 2.29 1.50 -51.41
CA PRO N 159 1.32 2.51 -50.95
C PRO N 159 0.21 2.84 -51.95
N GLU N 160 0.55 2.82 -53.23
CA GLU N 160 -0.42 2.97 -54.33
C GLU N 160 -1.37 1.78 -54.46
N GLY N 161 -0.93 0.63 -53.95
CA GLY N 161 -1.83 -0.48 -53.65
C GLY N 161 -2.08 -1.48 -54.77
N THR N 162 -1.03 -2.13 -55.22
CA THR N 162 -1.17 -3.30 -56.09
C THR N 162 -0.19 -4.39 -55.70
N LEU N 163 -0.71 -5.48 -55.15
CA LEU N 163 0.12 -6.62 -54.73
C LEU N 163 0.56 -7.42 -55.97
N THR N 164 1.82 -7.80 -56.00
CA THR N 164 2.42 -8.52 -57.13
C THR N 164 3.33 -9.62 -56.58
N VAL N 165 3.10 -10.84 -57.03
CA VAL N 165 3.77 -12.05 -56.53
C VAL N 165 4.68 -12.61 -57.62
N GLU N 166 5.98 -12.66 -57.35
CA GLU N 166 6.96 -13.25 -58.28
C GLU N 166 7.53 -14.55 -57.68
N ALA N 167 8.14 -15.39 -58.53
CA ALA N 167 8.82 -16.59 -58.10
C ALA N 167 9.97 -17.06 -59.02
N PRO N 168 11.22 -16.87 -58.56
CA PRO N 168 12.37 -17.55 -59.16
C PRO N 168 12.35 -19.05 -58.85
N MET N 169 11.90 -19.80 -59.84
CA MET N 169 11.77 -21.25 -59.72
C MET N 169 13.19 -21.89 -59.85
N PRO N 170 13.48 -22.94 -59.07
CA PRO N 170 14.83 -23.54 -58.94
C PRO N 170 15.55 -23.86 -60.25
N LYS N 171 15.09 -24.89 -60.95
CA LYS N 171 15.77 -25.41 -62.14
C LYS N 171 14.85 -25.78 -63.27
N GLN N 175 12.97 -28.64 -60.31
CA GLN N 175 12.25 -29.79 -60.85
C GLN N 175 10.98 -30.08 -60.06
N SER N 176 11.04 -30.98 -59.10
CA SER N 176 9.89 -31.36 -58.26
C SER N 176 8.57 -31.57 -59.04
N ASN N 177 8.36 -32.82 -59.43
CA ASN N 177 7.17 -33.19 -60.25
C ASN N 177 5.89 -33.05 -59.43
N GLU N 178 5.87 -33.74 -58.31
CA GLU N 178 4.76 -33.67 -57.33
C GLU N 178 4.89 -32.47 -56.38
N ILE N 179 5.96 -31.68 -56.56
CA ILE N 179 6.31 -30.45 -55.78
C ILE N 179 7.07 -30.76 -54.48
N THR N 180 6.98 -31.99 -54.02
CA THR N 180 7.50 -32.41 -52.74
C THR N 180 8.87 -33.11 -52.86
N ILE N 181 9.54 -32.99 -54.02
CA ILE N 181 10.78 -33.72 -54.29
C ILE N 181 11.96 -32.78 -54.55
N PRO N 182 12.73 -32.43 -53.51
CA PRO N 182 13.98 -31.65 -53.59
C PRO N 182 15.28 -32.43 -53.28
N VAL N 183 15.71 -33.25 -54.22
CA VAL N 183 16.98 -34.03 -54.11
C VAL N 183 18.19 -33.38 -54.86
N THR N 184 18.01 -32.19 -55.40
CA THR N 184 19.03 -31.50 -56.25
C THR N 184 20.29 -31.06 -55.49
N PHE N 185 21.20 -30.44 -56.21
CA PHE N 185 22.54 -30.01 -55.69
C PHE N 185 23.53 -31.16 -55.57
N GLU N 186 23.07 -32.40 -55.59
CA GLU N 186 23.99 -33.54 -55.42
C GLU N 186 23.44 -34.81 -56.05
N SER N 187 22.14 -34.98 -55.95
CA SER N 187 21.44 -36.12 -56.52
C SER N 187 20.74 -35.68 -57.82
N ARG N 188 21.35 -34.72 -58.50
CA ARG N 188 20.81 -34.16 -59.73
C ARG N 188 20.50 -35.26 -60.74
N ALA N 189 21.12 -36.42 -60.59
CA ALA N 189 20.84 -37.49 -61.54
C ALA N 189 19.34 -37.74 -61.54
N GLN N 190 18.82 -38.17 -60.41
CA GLN N 190 17.35 -38.40 -60.23
C GLN N 190 16.56 -37.08 -60.13
N LEU N 191 17.25 -35.96 -59.90
CA LEU N 191 16.63 -34.62 -59.94
C LEU N 191 17.14 -33.75 -61.07
N GLY N 192 16.43 -33.76 -62.17
CA GLY N 192 16.84 -33.04 -63.37
C GLY N 192 17.91 -33.80 -64.12
N VAL O 6 -65.62 -17.72 -16.42
CA VAL O 6 -64.44 -17.13 -15.69
C VAL O 6 -63.27 -18.11 -15.50
N PRO O 7 -62.03 -17.70 -15.84
CA PRO O 7 -60.90 -18.63 -15.90
C PRO O 7 -59.93 -18.57 -14.75
N PHE O 8 -59.95 -19.59 -13.90
CA PHE O 8 -59.02 -19.69 -12.76
C PHE O 8 -58.23 -20.98 -12.77
N SER O 9 -57.46 -21.14 -13.83
CA SER O 9 -56.57 -22.27 -14.04
C SER O 9 -55.09 -21.90 -14.24
N LEU O 10 -54.85 -20.85 -15.03
CA LEU O 10 -53.49 -20.38 -15.36
C LEU O 10 -52.93 -19.32 -14.39
N LEU O 11 -53.50 -19.24 -13.20
CA LEU O 11 -52.96 -18.38 -12.12
C LEU O 11 -51.76 -19.03 -11.42
N ARG O 12 -51.42 -20.23 -11.86
CA ARG O 12 -50.20 -20.96 -11.45
C ARG O 12 -50.25 -21.47 -10.01
N GLY O 13 -50.70 -22.71 -9.88
CA GLY O 13 -50.65 -23.45 -8.62
C GLY O 13 -49.38 -24.28 -8.43
N PRO O 14 -48.29 -23.84 -9.05
CA PRO O 14 -46.97 -24.47 -8.91
C PRO O 14 -46.34 -24.27 -7.53
N SER O 15 -46.90 -23.33 -6.76
CA SER O 15 -46.74 -23.29 -5.28
C SER O 15 -45.45 -22.66 -4.71
N TRP O 16 -44.65 -21.98 -5.53
CA TRP O 16 -43.62 -21.09 -5.04
C TRP O 16 -43.92 -19.68 -5.53
N ASP O 17 -44.55 -18.89 -4.66
CA ASP O 17 -44.98 -17.52 -4.98
C ASP O 17 -46.08 -17.58 -6.07
N PRO O 18 -46.55 -16.43 -6.62
CA PRO O 18 -47.71 -16.58 -7.51
C PRO O 18 -47.45 -17.23 -8.87
N PHE O 19 -46.20 -17.54 -9.17
CA PHE O 19 -45.81 -18.24 -10.40
C PHE O 19 -45.04 -19.53 -10.16
N ARG O 20 -43.74 -19.41 -9.99
CA ARG O 20 -42.80 -20.54 -10.10
C ARG O 20 -42.96 -21.15 -11.50
N ASP O 21 -42.48 -20.42 -12.48
CA ASP O 21 -42.69 -20.78 -13.89
C ASP O 21 -41.48 -21.56 -14.45
N TRP O 22 -40.37 -20.87 -14.63
CA TRP O 22 -39.10 -21.50 -15.00
C TRP O 22 -38.01 -21.05 -14.05
N TYR O 23 -37.37 -22.00 -13.39
CA TYR O 23 -36.23 -21.73 -12.48
C TYR O 23 -36.44 -20.48 -11.60
N PRO O 24 -37.29 -20.60 -10.57
CA PRO O 24 -37.59 -19.41 -9.79
C PRO O 24 -36.39 -18.84 -9.08
N HIS O 25 -36.03 -17.60 -9.40
CA HIS O 25 -34.77 -17.02 -8.92
C HIS O 25 -34.84 -15.51 -8.98
N SER O 26 -33.81 -14.91 -8.44
CA SER O 26 -33.65 -13.44 -8.49
C SER O 26 -33.56 -12.88 -9.93
N ARG O 27 -32.40 -13.08 -10.55
CA ARG O 27 -32.08 -12.43 -11.81
C ARG O 27 -33.04 -12.79 -12.99
N LEU O 28 -33.91 -13.74 -12.73
CA LEU O 28 -34.98 -14.14 -13.63
C LEU O 28 -36.00 -13.01 -13.86
N PHE O 29 -36.52 -12.49 -12.75
CA PHE O 29 -37.49 -11.39 -12.74
C PHE O 29 -36.85 -10.00 -12.66
N ASP O 30 -35.57 -9.95 -12.31
CA ASP O 30 -34.80 -8.69 -12.23
C ASP O 30 -34.51 -8.05 -13.59
N GLN O 31 -34.63 -8.84 -14.65
CA GLN O 31 -34.48 -8.34 -16.01
C GLN O 31 -35.75 -7.74 -16.62
N ALA O 32 -36.90 -8.31 -16.30
CA ALA O 32 -38.19 -7.76 -16.68
C ALA O 32 -38.85 -7.07 -15.49
N PHE O 33 -38.41 -5.86 -15.21
CA PHE O 33 -39.05 -4.99 -14.21
C PHE O 33 -39.30 -3.59 -14.73
N GLY O 34 -38.23 -2.94 -15.15
CA GLY O 34 -38.16 -1.48 -15.31
C GLY O 34 -37.07 -1.04 -16.25
N LEU O 35 -36.38 0.01 -15.86
CA LEU O 35 -35.41 0.71 -16.74
C LEU O 35 -33.94 0.38 -16.49
N PRO O 36 -33.14 0.30 -17.58
CA PRO O 36 -31.73 -0.09 -17.53
C PRO O 36 -30.77 1.08 -17.26
N ARG O 37 -30.85 1.58 -16.05
CA ARG O 37 -29.96 2.60 -15.53
C ARG O 37 -29.18 1.94 -14.39
N LEU O 38 -28.22 2.68 -13.85
CA LEU O 38 -27.35 2.25 -12.79
C LEU O 38 -27.58 2.87 -11.42
N PRO O 39 -28.80 2.88 -10.88
CA PRO O 39 -28.77 3.43 -9.51
C PRO O 39 -28.21 2.45 -8.55
N GLU O 40 -28.41 1.15 -8.82
CA GLU O 40 -27.77 0.02 -8.18
C GLU O 40 -28.47 -1.33 -8.27
N GLU O 41 -28.08 -2.27 -7.41
CA GLU O 41 -28.68 -3.60 -7.36
C GLU O 41 -30.02 -3.57 -6.67
N TRP O 42 -31.05 -3.15 -7.38
CA TRP O 42 -32.41 -3.09 -6.85
C TRP O 42 -33.41 -3.55 -7.91
N TRP O 45 -38.72 -8.01 -4.94
CA TRP O 45 -40.01 -8.71 -5.10
C TRP O 45 -39.94 -10.13 -4.47
N LEU O 46 -40.04 -11.13 -5.30
CA LEU O 46 -40.01 -12.56 -4.98
C LEU O 46 -41.40 -13.02 -4.52
N GLY O 47 -42.41 -12.42 -5.14
CA GLY O 47 -43.76 -12.97 -5.12
C GLY O 47 -44.50 -12.88 -3.81
N GLY O 48 -45.69 -12.29 -3.80
CA GLY O 48 -46.45 -12.11 -2.52
C GLY O 48 -45.84 -11.03 -1.61
N SER O 49 -44.55 -10.83 -1.77
CA SER O 49 -43.78 -9.74 -1.16
C SER O 49 -43.77 -8.48 -1.99
N SER O 50 -44.39 -8.56 -3.14
CA SER O 50 -44.43 -7.52 -4.12
C SER O 50 -45.88 -7.32 -4.53
N TRP O 51 -46.01 -6.56 -5.59
CA TRP O 51 -47.21 -6.55 -6.44
C TRP O 51 -47.62 -7.98 -6.79
N PRO O 52 -48.88 -8.18 -7.21
CA PRO O 52 -49.35 -9.55 -7.35
C PRO O 52 -48.51 -10.46 -8.24
N GLY O 53 -48.26 -10.03 -9.46
CA GLY O 53 -47.43 -10.81 -10.35
C GLY O 53 -47.67 -10.53 -11.81
N TYR O 54 -46.74 -11.06 -12.58
CA TYR O 54 -46.74 -10.90 -14.03
C TYR O 54 -46.16 -12.12 -14.73
N VAL O 55 -46.74 -12.43 -15.86
CA VAL O 55 -46.19 -13.40 -16.80
C VAL O 55 -45.71 -12.64 -18.04
N ARG O 56 -44.42 -12.37 -18.09
CA ARG O 56 -43.80 -11.60 -19.16
C ARG O 56 -42.47 -12.19 -19.56
N PRO O 71 -37.61 -15.22 -21.55
CA PRO O 71 -39.03 -14.82 -21.52
C PRO O 71 -40.04 -15.89 -21.95
N ALA O 72 -39.65 -17.15 -21.80
CA ALA O 72 -40.50 -18.29 -22.22
C ALA O 72 -41.45 -18.71 -21.10
N TYR O 73 -42.52 -17.94 -20.93
CA TYR O 73 -43.51 -18.09 -19.86
C TYR O 73 -44.94 -18.17 -20.37
N SER O 74 -45.22 -17.39 -21.41
CA SER O 74 -46.36 -17.65 -22.31
C SER O 74 -46.19 -18.97 -23.08
N ARG O 75 -44.94 -19.38 -23.23
CA ARG O 75 -44.58 -20.66 -23.86
C ARG O 75 -44.70 -21.85 -22.90
N ALA O 76 -44.89 -21.55 -21.62
CA ALA O 76 -45.15 -22.55 -20.58
C ALA O 76 -46.61 -23.00 -20.63
N LEU O 77 -47.50 -22.03 -20.71
CA LEU O 77 -48.95 -22.28 -20.65
C LEU O 77 -49.57 -22.64 -22.01
N SER O 78 -49.32 -21.79 -23.00
CA SER O 78 -49.94 -21.90 -24.33
C SER O 78 -49.24 -22.91 -25.23
N ARG O 79 -47.91 -22.90 -25.19
CA ARG O 79 -47.09 -23.74 -26.09
C ARG O 79 -46.82 -25.21 -25.72
N GLN O 80 -45.86 -25.44 -24.82
CA GLN O 80 -45.41 -26.78 -24.43
C GLN O 80 -44.92 -27.59 -25.64
N LEU O 81 -45.78 -27.71 -26.63
CA LEU O 81 -45.50 -28.40 -27.91
C LEU O 81 -45.60 -27.53 -29.17
N SER O 82 -46.14 -26.34 -29.00
CA SER O 82 -46.59 -25.44 -30.11
C SER O 82 -47.74 -26.08 -30.90
N SER O 83 -48.51 -26.91 -30.22
CA SER O 83 -49.62 -27.68 -30.82
C SER O 83 -49.18 -28.55 -31.99
N ASP O 93 -47.74 -21.17 -46.37
CA ASP O 93 -47.24 -22.50 -46.13
C ASP O 93 -46.10 -22.34 -45.12
N ARG O 94 -45.97 -23.24 -44.23
CA ARG O 94 -44.91 -23.11 -43.24
C ARG O 94 -44.34 -24.46 -43.03
N TRP O 95 -43.04 -24.60 -43.24
CA TRP O 95 -42.34 -25.83 -42.87
C TRP O 95 -42.31 -25.83 -41.34
N ARG O 96 -42.56 -26.99 -40.75
CA ARG O 96 -42.56 -27.12 -39.28
C ARG O 96 -42.24 -28.55 -38.84
N VAL O 97 -41.42 -28.65 -37.81
CA VAL O 97 -41.01 -29.94 -37.22
C VAL O 97 -40.95 -29.86 -35.70
N SER O 98 -41.34 -30.96 -35.05
CA SER O 98 -41.34 -31.06 -33.59
C SER O 98 -40.19 -31.93 -33.11
N LEU O 99 -39.65 -31.56 -31.96
CA LEU O 99 -38.49 -32.24 -31.35
C LEU O 99 -38.67 -32.27 -29.83
N ASP O 100 -38.82 -33.47 -29.28
CA ASP O 100 -39.01 -33.65 -27.83
C ASP O 100 -37.65 -33.49 -27.11
N VAL O 101 -37.52 -32.39 -26.37
CA VAL O 101 -36.27 -32.04 -25.66
C VAL O 101 -36.37 -32.16 -24.12
N ASN O 102 -37.57 -32.35 -23.59
CA ASN O 102 -37.82 -32.30 -22.14
C ASN O 102 -36.93 -33.25 -21.32
N HIS O 103 -36.82 -34.47 -21.79
CA HIS O 103 -35.99 -35.48 -21.14
C HIS O 103 -34.49 -35.11 -21.17
N PHE O 104 -34.06 -34.52 -22.28
CA PHE O 104 -32.68 -34.06 -22.45
C PHE O 104 -32.36 -32.93 -21.46
N ALA O 105 -33.27 -31.96 -21.41
CA ALA O 105 -33.16 -30.77 -20.53
C ALA O 105 -31.84 -30.03 -20.75
N PRO O 106 -31.66 -29.43 -21.93
CA PRO O 106 -30.39 -28.81 -22.26
C PRO O 106 -30.22 -27.43 -21.62
N ASP O 107 -28.97 -27.10 -21.30
CA ASP O 107 -28.60 -25.79 -20.73
C ASP O 107 -28.39 -24.79 -21.85
N GLU O 108 -27.99 -25.29 -23.01
CA GLU O 108 -27.87 -24.47 -24.22
C GLU O 108 -28.30 -25.21 -25.50
N LEU O 109 -29.01 -24.49 -26.34
CA LEU O 109 -29.52 -25.00 -27.63
C LEU O 109 -28.99 -24.15 -28.78
N THR O 110 -28.25 -24.78 -29.68
CA THR O 110 -27.65 -24.14 -30.84
C THR O 110 -28.25 -24.69 -32.14
N VAL O 111 -28.93 -23.80 -32.87
CA VAL O 111 -29.57 -24.15 -34.16
C VAL O 111 -28.84 -23.43 -35.30
N LYS O 112 -28.33 -24.22 -36.23
CA LYS O 112 -27.52 -23.74 -37.36
C LYS O 112 -28.19 -24.19 -38.66
N THR O 113 -28.32 -23.26 -39.59
CA THR O 113 -28.84 -23.53 -40.95
C THR O 113 -27.81 -23.13 -42.02
N LYS O 114 -27.25 -24.15 -42.66
CA LYS O 114 -26.31 -23.94 -43.78
C LYS O 114 -26.55 -24.91 -44.92
N ASP O 115 -26.65 -24.37 -46.13
CA ASP O 115 -26.83 -25.16 -47.38
C ASP O 115 -28.04 -26.11 -47.37
N GLY O 116 -29.13 -25.61 -46.81
CA GLY O 116 -30.40 -26.34 -46.72
C GLY O 116 -30.46 -27.52 -45.75
N VAL O 117 -29.69 -27.43 -44.69
CA VAL O 117 -29.68 -28.45 -43.61
C VAL O 117 -29.80 -27.74 -42.26
N VAL O 118 -30.93 -27.97 -41.60
CA VAL O 118 -31.20 -27.43 -40.27
C VAL O 118 -30.59 -28.38 -39.23
N GLU O 119 -29.55 -27.92 -38.53
CA GLU O 119 -28.82 -28.73 -37.56
C GLU O 119 -29.03 -28.22 -36.14
N ILE O 120 -29.57 -29.07 -35.27
CA ILE O 120 -29.89 -28.71 -33.88
C ILE O 120 -28.95 -29.43 -32.92
N THR O 121 -28.16 -28.64 -32.18
CA THR O 121 -27.18 -29.13 -31.23
C THR O 121 -27.50 -28.65 -29.80
N GLY O 122 -27.75 -29.61 -28.91
CA GLY O 122 -28.00 -29.36 -27.49
C GLY O 122 -26.82 -29.74 -26.62
N LYS O 123 -26.72 -29.09 -25.47
CA LYS O 123 -25.65 -29.32 -24.50
C LYS O 123 -26.07 -28.93 -23.08
N HIS O 124 -25.53 -29.63 -22.08
CA HIS O 124 -25.91 -29.32 -20.67
C HIS O 124 -25.09 -29.77 -19.45
N GLU O 125 -24.15 -30.65 -19.66
CA GLU O 125 -23.36 -31.29 -18.59
C GLU O 125 -22.68 -30.38 -17.54
N GLU O 126 -21.98 -31.02 -16.61
CA GLU O 126 -21.24 -30.39 -15.49
C GLU O 126 -22.18 -29.89 -14.39
N ARG O 127 -22.72 -30.87 -13.69
CA ARG O 127 -23.48 -30.71 -12.46
C ARG O 127 -23.02 -31.78 -11.47
N GLN O 128 -22.63 -31.37 -10.26
CA GLN O 128 -22.03 -32.30 -9.27
C GLN O 128 -23.04 -33.21 -8.59
N ASP O 129 -22.95 -34.50 -8.86
CA ASP O 129 -23.77 -35.53 -8.20
C ASP O 129 -23.18 -36.94 -8.47
N GLU O 130 -23.95 -37.98 -8.18
CA GLU O 130 -23.57 -39.40 -8.47
C GLU O 130 -23.19 -39.61 -9.94
N HIS O 131 -23.93 -38.99 -10.84
CA HIS O 131 -23.61 -38.99 -12.28
C HIS O 131 -22.30 -38.23 -12.53
N GLY O 132 -22.25 -37.02 -12.02
CA GLY O 132 -21.10 -36.14 -12.17
C GLY O 132 -20.93 -35.63 -13.59
N TYR O 133 -19.95 -36.21 -14.29
CA TYR O 133 -19.53 -35.80 -15.64
C TYR O 133 -19.95 -36.74 -16.79
N ILE O 134 -21.25 -36.76 -17.08
CA ILE O 134 -21.79 -37.34 -18.30
C ILE O 134 -22.08 -36.19 -19.26
N SER O 135 -21.27 -36.09 -20.31
CA SER O 135 -21.44 -35.01 -21.32
C SER O 135 -22.24 -35.53 -22.51
N ARG O 136 -23.53 -35.24 -22.51
CA ARG O 136 -24.45 -35.71 -23.55
C ARG O 136 -24.81 -34.56 -24.50
N CYS O 137 -24.75 -34.85 -25.78
CA CYS O 137 -24.97 -33.88 -26.85
C CYS O 137 -25.62 -34.61 -28.01
N PHE O 138 -26.70 -34.03 -28.54
CA PHE O 138 -27.48 -34.60 -29.63
C PHE O 138 -27.46 -33.68 -30.86
N THR O 139 -27.38 -34.30 -32.03
CA THR O 139 -27.35 -33.58 -33.30
C THR O 139 -28.45 -34.12 -34.23
N ARG O 140 -29.53 -33.36 -34.34
CA ARG O 140 -30.64 -33.67 -35.24
C ARG O 140 -30.58 -32.77 -36.49
N LYS O 141 -30.40 -33.40 -37.64
CA LYS O 141 -30.37 -32.70 -38.93
C LYS O 141 -31.73 -32.75 -39.58
N TYR O 142 -32.22 -31.59 -40.01
CA TYR O 142 -33.47 -31.51 -40.79
C TYR O 142 -33.16 -31.08 -42.22
N THR O 143 -33.67 -31.83 -43.18
CA THR O 143 -33.52 -31.51 -44.61
C THR O 143 -34.65 -30.58 -45.02
N LEU O 144 -34.29 -29.36 -45.43
CA LEU O 144 -35.27 -28.35 -45.85
C LEU O 144 -35.88 -28.69 -47.22
N PRO O 145 -37.16 -28.32 -47.42
CA PRO O 145 -37.72 -28.31 -48.78
C PRO O 145 -36.99 -27.29 -49.66
N PRO O 146 -36.65 -27.66 -50.90
CA PRO O 146 -35.85 -26.74 -51.74
C PRO O 146 -36.54 -25.40 -51.96
N GLY O 147 -35.85 -24.33 -51.63
CA GLY O 147 -36.39 -22.97 -51.72
C GLY O 147 -36.42 -22.19 -50.42
N VAL O 148 -36.33 -22.88 -49.30
CA VAL O 148 -36.38 -22.22 -47.97
C VAL O 148 -35.14 -21.35 -47.78
N ASP O 149 -35.34 -20.10 -47.37
CA ASP O 149 -34.21 -19.20 -47.14
C ASP O 149 -33.50 -19.70 -45.90
N PRO O 150 -32.16 -19.71 -45.94
CA PRO O 150 -31.41 -20.19 -44.78
C PRO O 150 -31.47 -19.34 -43.52
N THR O 151 -31.81 -18.08 -43.68
CA THR O 151 -32.05 -17.17 -42.57
C THR O 151 -33.45 -17.32 -41.93
N GLN O 152 -34.33 -18.10 -42.55
CA GLN O 152 -35.75 -18.22 -42.13
C GLN O 152 -36.06 -19.41 -41.21
N VAL O 153 -35.06 -20.02 -40.60
CA VAL O 153 -35.25 -21.18 -39.71
C VAL O 153 -34.81 -20.80 -38.28
N SER O 154 -35.64 -21.12 -37.31
CA SER O 154 -35.40 -20.84 -35.89
C SER O 154 -35.88 -21.90 -34.92
N SER O 155 -35.60 -21.66 -33.66
CA SER O 155 -36.00 -22.52 -32.55
C SER O 155 -36.96 -21.80 -31.60
N SER O 156 -37.59 -22.60 -30.75
CA SER O 156 -38.41 -22.09 -29.65
C SER O 156 -38.33 -23.01 -28.43
N LEU O 157 -38.11 -22.45 -27.26
CA LEU O 157 -37.93 -23.23 -26.02
C LEU O 157 -39.10 -23.01 -25.06
N SER O 158 -39.68 -24.10 -24.57
CA SER O 158 -40.68 -24.10 -23.50
C SER O 158 -40.24 -24.82 -22.23
N PRO O 159 -40.77 -24.44 -21.06
CA PRO O 159 -40.54 -25.20 -19.80
C PRO O 159 -41.02 -26.66 -19.81
N GLU O 160 -42.09 -26.95 -20.54
CA GLU O 160 -42.55 -28.33 -20.76
C GLU O 160 -41.58 -29.16 -21.61
N GLY O 161 -40.75 -28.48 -22.38
CA GLY O 161 -39.58 -29.08 -23.00
C GLY O 161 -39.85 -29.81 -24.32
N THR O 162 -40.35 -29.07 -25.30
CA THR O 162 -40.42 -29.55 -26.68
C THR O 162 -39.97 -28.49 -27.67
N LEU O 163 -38.83 -28.70 -28.27
CA LEU O 163 -38.29 -27.80 -29.31
C LEU O 163 -39.08 -27.98 -30.60
N THR O 164 -39.46 -26.88 -31.22
CA THR O 164 -40.22 -26.90 -32.47
C THR O 164 -39.60 -25.86 -33.42
N VAL O 165 -39.23 -26.33 -34.60
CA VAL O 165 -38.54 -25.54 -35.61
C VAL O 165 -39.47 -25.35 -36.80
N GLU O 166 -39.86 -24.12 -37.05
CA GLU O 166 -40.67 -23.79 -38.23
C GLU O 166 -39.89 -22.86 -39.16
N ALA O 167 -40.38 -22.79 -40.38
CA ALA O 167 -39.85 -21.86 -41.39
C ALA O 167 -40.91 -21.50 -42.43
N PRO O 168 -41.09 -20.19 -42.70
CA PRO O 168 -41.97 -19.78 -43.80
C PRO O 168 -41.47 -20.26 -45.16
N MET O 169 -42.35 -20.94 -45.86
CA MET O 169 -42.05 -21.48 -47.21
C MET O 169 -42.08 -20.34 -48.21
N PRO O 170 -41.19 -20.35 -49.23
CA PRO O 170 -41.01 -19.16 -50.10
C PRO O 170 -42.28 -18.69 -50.83
N LYS O 171 -42.78 -19.48 -51.77
CA LYS O 171 -44.08 -19.25 -52.40
C LYS O 171 -44.79 -20.52 -52.86
N LEU O 172 -45.61 -21.08 -51.97
CA LEU O 172 -46.38 -22.31 -52.28
C LEU O 172 -47.39 -22.66 -51.20
N GLN O 175 -36.82 -20.63 -54.02
CA GLN O 175 -37.19 -21.80 -54.83
C GLN O 175 -36.05 -22.72 -55.32
N SER O 176 -34.82 -22.26 -55.28
CA SER O 176 -33.70 -22.93 -55.92
C SER O 176 -33.20 -24.23 -55.29
N ASN O 177 -32.20 -24.77 -55.98
CA ASN O 177 -31.60 -26.06 -55.67
C ASN O 177 -30.74 -26.06 -54.41
N GLU O 178 -29.60 -25.38 -54.50
CA GLU O 178 -28.66 -25.25 -53.38
C GLU O 178 -29.05 -24.12 -52.41
N ILE O 179 -30.20 -23.50 -52.67
CA ILE O 179 -30.78 -22.39 -51.91
C ILE O 179 -30.27 -21.03 -52.40
N THR O 180 -28.97 -20.96 -52.56
CA THR O 180 -28.28 -19.79 -53.11
C THR O 180 -29.02 -19.13 -54.25
N ILE O 181 -29.75 -18.07 -53.91
CA ILE O 181 -30.50 -17.30 -54.86
C ILE O 181 -30.56 -15.87 -54.51
N PRO O 182 -29.85 -15.07 -55.26
CA PRO O 182 -29.98 -13.65 -55.08
C PRO O 182 -31.18 -13.06 -55.82
N VAL O 183 -31.27 -13.31 -57.11
CA VAL O 183 -32.26 -12.66 -57.97
C VAL O 183 -33.70 -13.09 -57.65
N THR O 184 -34.22 -12.58 -56.55
CA THR O 184 -35.56 -12.92 -56.05
C THR O 184 -36.62 -11.90 -56.44
N PHE O 185 -36.31 -10.65 -56.21
CA PHE O 185 -37.25 -9.55 -56.51
C PHE O 185 -37.44 -9.25 -57.99
N GLU O 186 -36.36 -8.94 -58.67
CA GLU O 186 -36.50 -8.61 -60.07
C GLU O 186 -36.09 -9.87 -60.74
N SER O 187 -36.88 -10.92 -60.55
CA SER O 187 -36.59 -12.20 -61.17
C SER O 187 -37.86 -13.03 -61.42
N ARG O 188 -38.89 -12.39 -61.96
CA ARG O 188 -40.13 -13.08 -62.30
C ARG O 188 -39.88 -14.10 -63.39
N ALA O 189 -38.69 -14.68 -63.36
CA ALA O 189 -38.29 -15.66 -64.32
C ALA O 189 -37.67 -16.91 -63.74
N GLN O 190 -36.43 -16.91 -63.35
CA GLN O 190 -35.88 -18.21 -62.90
C GLN O 190 -36.37 -18.61 -61.49
N LEU O 191 -36.69 -17.61 -60.67
CA LEU O 191 -37.28 -17.79 -59.35
C LEU O 191 -38.64 -17.12 -59.31
N GLY O 192 -39.71 -17.90 -59.32
CA GLY O 192 -41.04 -17.30 -59.34
C GLY O 192 -42.19 -18.28 -59.39
N GLY O 193 -43.08 -18.08 -60.35
CA GLY O 193 -44.17 -19.01 -60.59
C GLY O 193 -43.70 -20.28 -61.30
N PRO O 194 -44.64 -21.07 -61.85
CA PRO O 194 -44.31 -22.35 -62.50
C PRO O 194 -44.09 -22.29 -64.01
N GLU O 195 -43.00 -22.88 -64.47
CA GLU O 195 -42.75 -23.19 -65.88
C GLU O 195 -42.03 -24.54 -65.96
N ALA O 196 -42.15 -25.19 -67.10
CA ALA O 196 -41.68 -26.56 -67.28
C ALA O 196 -40.37 -26.71 -68.05
N ALA O 197 -39.77 -25.61 -68.44
CA ALA O 197 -38.58 -25.62 -69.30
C ALA O 197 -37.32 -26.12 -68.57
N LYS O 198 -36.21 -26.21 -69.31
CA LYS O 198 -34.94 -26.75 -68.81
C LYS O 198 -34.56 -26.30 -67.41
N SER O 199 -35.13 -26.96 -66.40
CA SER O 199 -34.84 -26.69 -64.98
C SER O 199 -35.07 -25.23 -64.54
N ASP O 200 -36.03 -24.56 -65.15
CA ASP O 200 -36.39 -23.18 -64.82
C ASP O 200 -37.81 -23.11 -64.24
N GLU O 201 -37.96 -22.28 -63.21
CA GLU O 201 -39.25 -22.01 -62.55
C GLU O 201 -39.86 -23.23 -61.86
N THR O 202 -39.49 -23.44 -60.61
CA THR O 202 -40.07 -24.49 -59.77
C THR O 202 -41.36 -23.97 -59.12
N ALA O 203 -42.04 -24.84 -58.39
CA ALA O 203 -43.32 -24.54 -57.76
C ALA O 203 -43.44 -25.21 -56.37
N ALA O 204 -44.64 -25.55 -55.96
CA ALA O 204 -44.90 -26.19 -54.64
C ALA O 204 -44.20 -27.54 -54.44
N LYS O 205 -43.81 -27.83 -53.21
CA LYS O 205 -43.17 -29.10 -52.85
C LYS O 205 -43.29 -29.40 -51.35
N THR P 2 50.42 25.46 -58.05
CA THR P 2 49.90 25.19 -56.67
C THR P 2 48.37 25.05 -56.52
N GLU P 3 47.70 24.69 -57.60
CA GLU P 3 46.25 24.77 -57.71
C GLU P 3 45.61 23.43 -57.36
N ARG P 4 44.34 23.27 -57.69
CA ARG P 4 43.52 22.15 -57.21
C ARG P 4 43.28 22.34 -55.71
N ARG P 5 42.58 23.40 -55.39
CA ARG P 5 42.23 23.73 -54.02
C ARG P 5 40.74 24.02 -53.83
N VAL P 6 39.95 22.96 -54.00
CA VAL P 6 38.59 22.88 -53.46
C VAL P 6 38.23 21.40 -53.15
N PRO P 7 39.11 20.70 -52.46
CA PRO P 7 38.78 19.30 -52.21
C PRO P 7 37.72 19.04 -51.18
N PHE P 8 37.56 17.75 -50.91
CA PHE P 8 36.59 17.28 -49.97
C PHE P 8 37.13 16.10 -49.19
N SER P 9 36.29 15.56 -48.33
CA SER P 9 36.67 14.47 -47.43
C SER P 9 36.91 15.15 -46.08
N LEU P 10 37.71 14.55 -45.21
CA LEU P 10 37.69 14.86 -43.78
C LEU P 10 36.30 14.69 -43.15
N LEU P 11 35.42 14.07 -43.90
CA LEU P 11 34.00 13.96 -43.56
C LEU P 11 33.71 12.67 -42.82
N ARG P 12 34.77 11.93 -42.53
CA ARG P 12 34.72 10.71 -41.72
C ARG P 12 33.84 9.67 -42.34
N GLY P 13 34.42 8.93 -43.24
CA GLY P 13 33.69 7.80 -43.84
C GLY P 13 33.38 6.85 -42.71
N PRO P 14 34.43 6.28 -42.14
CA PRO P 14 34.41 5.48 -40.90
C PRO P 14 33.32 4.41 -40.71
N SER P 15 32.50 4.24 -41.73
CA SER P 15 31.45 3.23 -41.84
C SER P 15 30.12 3.56 -41.16
N TRP P 16 30.12 4.22 -40.01
CA TRP P 16 28.88 4.44 -39.26
C TRP P 16 28.38 5.87 -39.25
N ASP P 17 27.17 6.09 -39.77
CA ASP P 17 26.49 7.43 -39.74
C ASP P 17 27.42 8.48 -40.41
N PRO P 18 27.23 9.80 -40.16
CA PRO P 18 28.19 10.74 -40.77
C PRO P 18 29.46 11.00 -39.94
N PHE P 19 29.83 10.04 -39.10
CA PHE P 19 31.00 10.20 -38.25
C PHE P 19 31.75 8.95 -37.83
N ARG P 20 31.28 8.31 -36.76
CA ARG P 20 32.07 7.33 -36.01
C ARG P 20 33.46 7.89 -35.64
N ASP P 21 33.44 9.01 -34.95
CA ASP P 21 34.69 9.69 -34.53
C ASP P 21 35.32 8.93 -33.35
N TRP P 22 34.50 8.67 -32.36
CA TRP P 22 34.81 7.72 -31.29
C TRP P 22 33.50 7.10 -30.82
N TYR P 23 33.19 5.93 -31.36
CA TYR P 23 31.98 5.15 -31.05
C TYR P 23 30.64 5.78 -31.46
N PRO P 24 29.70 4.97 -31.97
CA PRO P 24 28.37 5.42 -32.36
C PRO P 24 27.35 5.27 -31.22
N HIS P 25 27.42 6.21 -30.29
CA HIS P 25 26.54 6.30 -29.15
C HIS P 25 25.80 7.62 -29.15
N SER P 26 24.62 7.59 -28.56
CA SER P 26 23.76 8.77 -28.47
C SER P 26 24.25 9.73 -27.40
N ARG P 27 24.49 9.20 -26.21
CA ARG P 27 24.95 10.01 -25.07
C ARG P 27 26.28 10.73 -25.34
N LEU P 28 26.97 10.29 -26.39
CA LEU P 28 28.16 10.95 -26.92
C LEU P 28 27.85 12.32 -27.52
N PHE P 29 26.90 12.33 -28.45
CA PHE P 29 26.43 13.56 -29.11
C PHE P 29 25.28 14.26 -28.36
N ASP P 30 24.62 13.55 -27.45
CA ASP P 30 23.55 14.10 -26.58
C ASP P 30 24.11 15.17 -25.61
N GLN P 31 25.42 15.12 -25.39
CA GLN P 31 26.11 16.13 -24.57
C GLN P 31 26.21 17.48 -25.30
N ALA P 32 26.74 17.47 -26.51
CA ALA P 32 26.87 18.67 -27.34
C ALA P 32 25.79 18.78 -28.42
N PHE P 33 24.62 19.27 -28.04
CA PHE P 33 23.56 19.63 -29.02
C PHE P 33 22.97 21.04 -28.80
N GLY P 34 22.72 21.37 -27.56
CA GLY P 34 22.08 22.65 -27.20
C GLY P 34 22.09 22.91 -25.70
N LEU P 35 21.00 23.44 -25.21
CA LEU P 35 20.90 24.01 -23.87
C LEU P 35 20.31 23.03 -22.86
N PRO P 36 20.86 22.99 -21.64
CA PRO P 36 20.50 22.00 -20.61
C PRO P 36 19.32 22.36 -19.71
N ARG P 37 18.11 22.14 -20.19
CA ARG P 37 16.89 22.22 -19.35
C ARG P 37 16.36 20.83 -19.14
N LEU P 38 15.35 20.73 -18.31
CA LEU P 38 14.73 19.45 -17.97
C LEU P 38 14.22 18.73 -19.24
N PRO P 39 13.23 19.30 -19.96
CA PRO P 39 12.89 18.73 -21.26
C PRO P 39 13.26 19.63 -22.45
N GLU P 40 14.39 20.32 -22.42
CA GLU P 40 14.85 21.06 -23.59
C GLU P 40 15.35 20.09 -24.64
N GLU P 41 14.47 19.16 -24.97
CA GLU P 41 14.73 18.09 -25.90
C GLU P 41 15.91 17.21 -25.50
N TRP P 42 16.08 16.12 -26.23
CA TRP P 42 17.23 15.23 -26.09
C TRP P 42 18.09 15.15 -27.36
N SER P 43 17.74 15.92 -28.38
CA SER P 43 18.45 16.01 -29.67
C SER P 43 17.92 15.06 -30.78
N GLN P 44 17.91 13.76 -30.51
CA GLN P 44 17.17 12.75 -31.32
C GLN P 44 17.62 12.39 -32.77
N TRP P 45 18.83 12.77 -33.11
CA TRP P 45 19.48 12.45 -34.43
C TRP P 45 19.82 10.98 -34.78
N LEU P 46 21.08 10.62 -34.62
CA LEU P 46 21.59 9.30 -34.94
C LEU P 46 22.48 9.38 -36.18
N GLY P 47 22.32 10.46 -36.91
CA GLY P 47 23.12 10.73 -38.10
C GLY P 47 22.36 10.81 -39.40
N GLY P 48 22.28 9.67 -40.06
CA GLY P 48 21.60 9.56 -41.36
C GLY P 48 20.36 10.44 -41.30
N SER P 49 19.78 10.47 -40.11
CA SER P 49 18.70 11.36 -39.74
C SER P 49 19.14 12.41 -38.74
N SER P 50 19.56 13.58 -39.20
CA SER P 50 20.13 14.60 -38.30
C SER P 50 20.24 16.00 -38.89
N TRP P 51 20.76 16.89 -38.07
CA TRP P 51 21.20 18.23 -38.45
C TRP P 51 22.68 18.03 -38.86
N PRO P 52 23.55 19.04 -38.76
CA PRO P 52 24.87 18.68 -39.34
C PRO P 52 25.71 17.62 -38.63
N GLY P 53 26.79 17.23 -39.30
CA GLY P 53 27.85 16.44 -38.78
C GLY P 53 28.91 17.34 -38.15
N TYR P 54 28.49 17.93 -37.05
CA TYR P 54 29.35 18.79 -36.19
C TYR P 54 30.45 18.02 -35.43
N VAL P 55 31.69 18.50 -35.49
CA VAL P 55 32.76 18.09 -34.57
C VAL P 55 33.07 19.26 -33.64
N ARG P 56 32.47 19.23 -32.46
CA ARG P 56 32.59 20.27 -31.45
C ARG P 56 32.98 19.74 -30.09
N PRO P 71 35.00 16.07 -27.06
CA PRO P 71 36.25 16.87 -27.08
C PRO P 71 37.44 16.16 -27.73
N ALA P 72 37.41 14.84 -27.81
CA ALA P 72 38.48 14.06 -28.46
C ALA P 72 38.24 13.83 -29.96
N TYR P 73 37.17 14.40 -30.49
CA TYR P 73 36.79 14.23 -31.93
C TYR P 73 37.58 15.22 -32.78
N SER P 74 37.88 16.39 -32.19
CA SER P 74 38.76 17.38 -32.83
C SER P 74 40.24 16.95 -32.80
N ARG P 75 40.58 16.14 -31.82
CA ARG P 75 41.90 15.50 -31.68
C ARG P 75 41.98 14.13 -32.37
N ALA P 76 40.90 13.74 -33.02
CA ALA P 76 40.80 12.44 -33.70
C ALA P 76 41.52 12.42 -35.08
N LEU P 77 41.61 13.60 -35.68
CA LEU P 77 42.18 13.78 -37.03
C LEU P 77 43.50 14.55 -37.10
N SER P 78 43.49 15.74 -36.55
CA SER P 78 44.63 16.69 -36.62
C SER P 78 45.75 16.38 -35.62
N ARG P 79 45.37 15.76 -34.50
CA ARG P 79 46.31 15.51 -33.41
C ARG P 79 47.08 14.19 -33.64
N GLN P 80 46.43 13.06 -33.36
CA GLN P 80 47.03 11.72 -33.47
C GLN P 80 48.24 11.44 -32.53
N LEU P 81 49.27 12.27 -32.64
CA LEU P 81 50.44 12.28 -31.74
C LEU P 81 50.65 13.57 -30.95
N SER P 82 49.87 14.59 -31.29
CA SER P 82 50.17 16.02 -31.01
C SER P 82 51.43 16.50 -31.77
N SER P 83 51.80 15.73 -32.79
CA SER P 83 53.05 15.93 -33.58
C SER P 83 54.39 15.68 -32.84
N GLY P 84 54.38 15.67 -31.52
CA GLY P 84 55.61 15.54 -30.71
C GLY P 84 56.44 16.84 -30.72
N ARG P 94 58.67 25.67 -24.25
CA ARG P 94 57.73 24.74 -23.65
C ARG P 94 58.33 23.35 -23.47
N TRP P 95 58.15 22.80 -22.27
CA TRP P 95 58.46 21.39 -21.98
C TRP P 95 57.37 20.57 -22.66
N ARG P 96 57.76 19.50 -23.33
CA ARG P 96 56.80 18.62 -24.04
C ARG P 96 57.36 17.20 -24.15
N VAL P 97 56.50 16.22 -23.87
CA VAL P 97 56.82 14.81 -23.97
C VAL P 97 55.67 13.99 -24.58
N SER P 98 56.04 12.94 -25.31
CA SER P 98 55.06 12.04 -25.96
C SER P 98 55.04 10.66 -25.30
N LEU P 99 53.88 10.07 -25.28
CA LEU P 99 53.62 8.76 -24.61
C LEU P 99 52.68 7.95 -25.49
N ASP P 100 53.15 6.81 -25.98
CA ASP P 100 52.33 5.91 -26.82
C ASP P 100 51.39 5.09 -25.94
N VAL P 101 50.10 5.36 -26.05
CA VAL P 101 49.05 4.73 -25.22
C VAL P 101 48.09 3.78 -25.97
N ASN P 102 48.17 3.75 -27.30
CA ASN P 102 47.17 3.04 -28.16
C ASN P 102 46.98 1.58 -27.83
N HIS P 103 48.10 0.87 -27.67
CA HIS P 103 48.09 -0.56 -27.32
C HIS P 103 47.47 -0.79 -25.93
N PHE P 104 47.69 0.15 -25.04
CA PHE P 104 47.12 0.11 -23.68
C PHE P 104 45.60 0.29 -23.73
N ALA P 105 45.17 1.33 -24.42
CA ALA P 105 43.76 1.70 -24.60
C ALA P 105 43.05 1.92 -23.25
N PRO P 106 43.45 2.97 -22.50
CA PRO P 106 42.94 3.14 -21.14
C PRO P 106 41.55 3.77 -21.12
N ASP P 107 40.74 3.36 -20.16
CA ASP P 107 39.43 3.96 -19.88
C ASP P 107 39.56 5.25 -19.04
N GLU P 108 40.57 5.30 -18.19
CA GLU P 108 40.88 6.46 -17.37
C GLU P 108 42.39 6.74 -17.29
N LEU P 109 42.72 8.02 -17.38
CA LEU P 109 44.10 8.50 -17.25
C LEU P 109 44.20 9.61 -16.20
N THR P 110 44.96 9.34 -15.16
CA THR P 110 45.19 10.30 -14.04
C THR P 110 46.61 10.85 -14.18
N VAL P 111 46.71 12.14 -14.36
CA VAL P 111 48.01 12.85 -14.43
C VAL P 111 48.17 13.71 -13.19
N LYS P 112 49.20 13.40 -12.41
CA LYS P 112 49.44 14.00 -11.09
C LYS P 112 50.80 14.67 -11.07
N THR P 113 50.85 15.89 -10.57
CA THR P 113 52.10 16.62 -10.38
C THR P 113 52.34 16.83 -8.89
N LYS P 114 53.34 16.13 -8.35
CA LYS P 114 53.64 16.15 -6.91
C LYS P 114 55.16 16.18 -6.65
N ASP P 115 55.60 17.18 -5.91
CA ASP P 115 57.03 17.41 -5.60
C ASP P 115 57.94 17.48 -6.87
N GLY P 116 57.41 18.12 -7.89
CA GLY P 116 58.12 18.28 -9.17
C GLY P 116 58.30 16.98 -9.98
N VAL P 117 57.34 16.09 -9.83
CA VAL P 117 57.31 14.80 -10.56
C VAL P 117 55.94 14.58 -11.20
N VAL P 118 55.91 14.55 -12.52
CA VAL P 118 54.71 14.29 -13.30
C VAL P 118 54.52 12.78 -13.41
N GLU P 119 53.43 12.28 -12.80
CA GLU P 119 53.12 10.85 -12.75
C GLU P 119 51.84 10.57 -13.56
N ILE P 120 52.00 9.78 -14.62
CA ILE P 120 50.91 9.44 -15.53
C ILE P 120 50.44 8.02 -15.26
N THR P 121 49.23 7.90 -14.73
CA THR P 121 48.64 6.63 -14.34
C THR P 121 47.44 6.33 -15.23
N GLY P 122 47.36 5.12 -15.71
CA GLY P 122 46.26 4.63 -16.61
C GLY P 122 45.66 3.30 -16.19
N LYS P 123 44.38 3.15 -16.45
CA LYS P 123 43.61 1.93 -16.11
C LYS P 123 42.70 1.51 -17.28
N HIS P 124 42.50 0.20 -17.39
CA HIS P 124 41.85 -0.44 -18.56
C HIS P 124 40.48 -1.08 -18.19
N GLU P 125 40.28 -2.35 -18.49
CA GLU P 125 39.13 -3.18 -18.07
C GLU P 125 37.83 -2.78 -18.77
N GLU P 126 36.75 -3.42 -18.35
CA GLU P 126 35.34 -3.15 -18.67
C GLU P 126 34.82 -3.97 -19.86
N ARG P 127 34.89 -5.27 -19.66
CA ARG P 127 34.37 -6.28 -20.59
C ARG P 127 34.77 -7.65 -20.12
N GLN P 128 33.89 -8.62 -20.30
CA GLN P 128 34.20 -10.02 -20.04
C GLN P 128 34.30 -10.83 -21.34
N ASP P 129 35.55 -11.00 -21.75
CA ASP P 129 35.90 -11.69 -22.99
C ASP P 129 36.80 -12.89 -22.62
N GLU P 130 37.49 -13.44 -23.61
CA GLU P 130 38.42 -14.56 -23.41
C GLU P 130 39.53 -14.25 -22.39
N HIS P 131 40.00 -13.02 -22.35
CA HIS P 131 40.94 -12.60 -21.30
C HIS P 131 40.17 -12.18 -20.05
N GLY P 132 39.21 -11.29 -20.22
CA GLY P 132 38.25 -10.93 -19.18
C GLY P 132 38.73 -9.96 -18.13
N TYR P 133 39.15 -10.52 -17.01
CA TYR P 133 39.33 -9.77 -15.73
C TYR P 133 40.79 -9.41 -15.37
N ILE P 134 41.64 -9.37 -16.37
CA ILE P 134 43.04 -8.87 -16.20
C ILE P 134 42.96 -7.39 -15.93
N SER P 135 43.51 -6.96 -14.80
CA SER P 135 43.57 -5.53 -14.45
C SER P 135 44.97 -4.97 -14.64
N ARG P 136 45.14 -4.21 -15.72
CA ARG P 136 46.45 -3.65 -16.12
C ARG P 136 46.52 -2.16 -15.83
N CYS P 137 47.64 -1.73 -15.27
CA CYS P 137 47.87 -0.32 -14.88
C CYS P 137 49.34 0.07 -15.02
N PHE P 138 49.61 1.12 -15.77
CA PHE P 138 50.99 1.57 -16.05
C PHE P 138 51.24 2.94 -15.39
N THR P 139 52.45 3.12 -14.90
CA THR P 139 52.86 4.36 -14.20
C THR P 139 54.15 4.91 -14.82
N ARG P 140 54.02 5.90 -15.68
CA ARG P 140 55.17 6.56 -16.33
C ARG P 140 55.50 7.87 -15.61
N LYS P 141 56.73 7.96 -15.12
CA LYS P 141 57.19 9.12 -14.30
C LYS P 141 58.12 10.05 -15.07
N TYR P 142 57.76 11.32 -15.10
CA TYR P 142 58.53 12.38 -15.75
C TYR P 142 59.05 13.37 -14.71
N THR P 143 60.35 13.64 -14.78
CA THR P 143 61.02 14.64 -13.92
C THR P 143 60.95 16.02 -14.60
N LEU P 144 60.30 16.98 -13.95
CA LEU P 144 60.12 18.33 -14.50
C LEU P 144 61.43 19.10 -14.54
N PRO P 145 61.59 19.97 -15.56
CA PRO P 145 62.69 20.93 -15.54
C PRO P 145 62.49 21.96 -14.42
N PRO P 146 63.56 22.31 -13.68
CA PRO P 146 63.39 23.16 -12.49
C PRO P 146 62.81 24.53 -12.84
N GLY P 147 61.76 24.92 -12.14
CA GLY P 147 61.07 26.20 -12.36
C GLY P 147 59.64 26.07 -12.82
N VAL P 148 59.28 24.91 -13.33
CA VAL P 148 57.91 24.65 -13.83
C VAL P 148 56.93 24.65 -12.64
N ASP P 149 55.88 25.44 -12.76
CA ASP P 149 54.83 25.52 -11.74
C ASP P 149 54.06 24.19 -11.71
N PRO P 150 53.85 23.58 -10.53
CA PRO P 150 53.14 22.27 -10.49
C PRO P 150 51.67 22.28 -10.99
N THR P 151 51.07 23.44 -11.07
CA THR P 151 49.75 23.61 -11.67
C THR P 151 49.75 23.62 -13.21
N GLN P 152 50.92 23.69 -13.83
CA GLN P 152 51.08 23.91 -15.28
C GLN P 152 51.31 22.66 -16.15
N VAL P 153 50.96 21.48 -15.68
CA VAL P 153 51.16 20.23 -16.46
C VAL P 153 49.84 19.60 -16.91
N SER P 154 49.72 19.35 -18.21
CA SER P 154 48.53 18.77 -18.82
C SER P 154 48.77 17.54 -19.67
N SER P 155 47.69 16.83 -19.94
CA SER P 155 47.69 15.68 -20.85
C SER P 155 46.55 15.79 -21.85
N SER P 156 46.69 15.14 -22.98
CA SER P 156 45.66 15.10 -24.03
C SER P 156 45.61 13.74 -24.68
N LEU P 157 44.41 13.21 -24.90
CA LEU P 157 44.23 11.89 -25.49
C LEU P 157 43.47 11.93 -26.81
N SER P 158 44.08 11.34 -27.85
CA SER P 158 43.43 11.16 -29.16
C SER P 158 42.86 9.74 -29.29
N PRO P 159 41.83 9.57 -30.13
CA PRO P 159 41.34 8.23 -30.53
C PRO P 159 42.37 7.29 -31.17
N GLU P 160 43.28 7.86 -31.94
CA GLU P 160 44.42 7.11 -32.50
C GLU P 160 45.40 6.63 -31.40
N GLY P 161 45.40 7.32 -30.28
CA GLY P 161 45.97 6.83 -29.04
C GLY P 161 47.45 7.16 -28.81
N THR P 162 47.76 8.43 -28.71
CA THR P 162 49.08 8.89 -28.27
C THR P 162 48.94 10.08 -27.32
N LEU P 163 49.23 9.85 -26.06
CA LEU P 163 49.16 10.88 -25.01
C LEU P 163 50.37 11.81 -25.13
N THR P 164 50.16 13.10 -24.90
CA THR P 164 51.22 14.12 -24.99
C THR P 164 51.06 15.11 -23.82
N VAL P 165 52.13 15.26 -23.07
CA VAL P 165 52.15 16.08 -21.84
C VAL P 165 53.12 17.26 -22.03
N GLU P 166 52.58 18.46 -21.92
CA GLU P 166 53.39 19.69 -22.00
C GLU P 166 53.25 20.53 -20.73
N ALA P 167 54.19 21.43 -20.56
CA ALA P 167 54.10 22.49 -19.52
C ALA P 167 54.81 23.76 -20.00
N PRO P 168 54.15 24.94 -19.92
CA PRO P 168 54.81 26.19 -20.21
C PRO P 168 55.96 26.46 -19.26
N MET P 169 57.12 26.70 -19.85
CA MET P 169 58.34 26.97 -19.10
C MET P 169 58.27 28.39 -18.54
N PRO P 170 58.74 28.60 -17.29
CA PRO P 170 58.48 29.86 -16.59
C PRO P 170 59.01 31.11 -17.31
N LYS P 171 60.33 31.24 -17.38
CA LYS P 171 60.99 32.37 -18.00
C LYS P 171 62.23 31.85 -18.74
N LEU P 172 61.96 31.12 -19.80
CA LEU P 172 62.99 30.52 -20.61
C LEU P 172 63.07 31.14 -21.99
N GLN P 175 61.43 29.40 -10.97
CA GLN P 175 62.85 29.10 -11.13
C GLN P 175 63.50 28.55 -9.85
N SER P 176 62.69 27.90 -9.04
CA SER P 176 63.12 27.33 -7.77
C SER P 176 63.88 26.03 -7.96
N ASN P 177 64.59 25.64 -6.93
CA ASN P 177 65.43 24.42 -6.93
C ASN P 177 64.63 23.23 -6.48
N GLU P 178 64.04 23.35 -5.30
CA GLU P 178 63.16 22.32 -4.72
C GLU P 178 61.74 22.38 -5.29
N ILE P 179 61.53 23.20 -6.32
CA ILE P 179 60.21 23.81 -6.66
C ILE P 179 59.51 24.29 -5.38
N THR P 180 58.20 24.20 -5.26
CA THR P 180 57.50 24.57 -4.00
C THR P 180 58.01 25.90 -3.34
N ILE P 181 58.41 26.87 -4.16
CA ILE P 181 58.79 28.22 -3.70
C ILE P 181 58.12 29.24 -4.64
N PRO P 182 56.80 29.45 -4.48
CA PRO P 182 56.06 30.43 -5.26
C PRO P 182 55.97 31.82 -4.61
N VAL P 183 57.09 32.54 -4.66
CA VAL P 183 57.21 33.91 -4.12
C VAL P 183 57.40 34.95 -5.22
N THR P 184 57.28 34.55 -6.48
CA THR P 184 57.89 35.32 -7.60
C THR P 184 57.26 36.68 -7.97
N PHE P 185 55.99 36.86 -7.66
CA PHE P 185 55.24 38.07 -8.08
C PHE P 185 55.59 39.36 -7.31
N GLU P 186 56.34 39.24 -6.23
CA GLU P 186 56.97 40.39 -5.58
C GLU P 186 58.49 40.26 -5.59
N SER P 187 58.96 39.19 -4.98
CA SER P 187 60.41 38.95 -4.83
C SER P 187 61.02 38.57 -6.17
N ARG P 188 61.62 39.56 -6.81
CA ARG P 188 62.43 39.35 -8.02
C ARG P 188 63.92 39.10 -7.69
N ALA P 189 64.28 39.35 -6.44
CA ALA P 189 65.70 39.34 -6.01
C ALA P 189 66.31 37.93 -5.99
N GLN P 190 65.65 37.03 -5.29
CA GLN P 190 66.10 35.61 -5.19
C GLN P 190 65.49 34.70 -6.25
N LEU P 191 64.32 35.08 -6.73
CA LEU P 191 63.64 34.41 -7.84
C LEU P 191 63.33 35.43 -8.91
N GLY P 192 64.14 35.48 -9.96
CA GLY P 192 64.00 36.53 -10.98
C GLY P 192 64.99 36.40 -12.13
N GLY P 193 65.82 37.40 -12.32
CA GLY P 193 66.75 37.45 -13.45
C GLY P 193 67.94 36.51 -13.35
N PRO P 194 68.93 36.65 -14.26
CA PRO P 194 70.09 35.76 -14.43
C PRO P 194 71.39 36.20 -13.73
N GLU P 195 71.73 35.48 -12.67
CA GLU P 195 73.01 35.65 -11.96
C GLU P 195 73.50 34.30 -11.43
N ALA P 196 74.82 34.11 -11.39
CA ALA P 196 75.42 32.78 -11.15
C ALA P 196 75.97 32.49 -9.75
N ALA P 197 75.96 33.48 -8.89
CA ALA P 197 76.77 33.46 -7.68
C ALA P 197 76.15 32.70 -6.52
N LYS P 198 76.83 31.65 -6.07
CA LYS P 198 76.45 30.82 -4.89
C LYS P 198 74.94 30.53 -4.80
N SER P 199 74.40 30.08 -5.93
CA SER P 199 72.99 29.64 -6.06
C SER P 199 71.92 30.74 -5.96
N ASP P 200 72.33 31.98 -5.80
CA ASP P 200 71.40 33.10 -5.83
C ASP P 200 70.95 33.22 -7.27
N GLU P 201 69.72 32.79 -7.52
CA GLU P 201 68.98 32.97 -8.79
C GLU P 201 69.46 32.23 -10.05
N THR P 202 68.56 31.42 -10.60
CA THR P 202 68.75 30.73 -11.87
C THR P 202 67.95 31.48 -12.95
N ALA P 203 68.01 31.01 -14.19
CA ALA P 203 67.26 31.62 -15.29
C ALA P 203 66.77 30.64 -16.36
N ALA P 204 67.66 30.29 -17.28
CA ALA P 204 67.33 29.51 -18.47
C ALA P 204 67.59 27.99 -18.37
N LYS P 205 67.97 27.55 -17.18
CA LYS P 205 68.07 26.09 -16.84
C LYS P 205 68.14 25.75 -15.34
N VAL Q 6 40.28 -56.60 14.05
CA VAL Q 6 38.88 -56.02 14.03
C VAL Q 6 38.82 -54.59 14.57
N PRO Q 7 38.44 -53.61 13.70
CA PRO Q 7 38.42 -52.22 14.12
C PRO Q 7 37.11 -51.71 14.68
N PHE Q 8 36.98 -51.71 16.01
CA PHE Q 8 35.79 -51.20 16.69
C PHE Q 8 36.08 -50.16 17.74
N SER Q 9 36.39 -48.98 17.27
CA SER Q 9 36.59 -47.81 18.12
C SER Q 9 36.32 -46.53 17.36
N LEU Q 10 36.89 -46.47 16.17
CA LEU Q 10 36.75 -45.35 15.23
C LEU Q 10 35.32 -45.15 14.75
N LEU Q 11 34.50 -44.71 15.69
CA LEU Q 11 33.09 -44.43 15.52
C LEU Q 11 32.75 -43.06 16.06
N ARG Q 12 33.80 -42.38 16.47
CA ARG Q 12 33.76 -41.11 17.18
C ARG Q 12 33.01 -41.12 18.51
N GLY Q 13 33.80 -41.20 19.59
CA GLY Q 13 33.32 -41.13 20.96
C GLY Q 13 33.33 -39.74 21.59
N PRO Q 14 33.15 -38.73 20.75
CA PRO Q 14 33.03 -37.33 21.22
C PRO Q 14 31.71 -37.03 21.94
N SER Q 15 30.80 -37.99 21.92
CA SER Q 15 29.61 -38.05 22.81
C SER Q 15 28.38 -37.31 22.29
N TRP Q 16 28.54 -36.48 21.27
CA TRP Q 16 27.42 -35.84 20.60
C TRP Q 16 27.19 -36.51 19.26
N ASP Q 17 26.30 -37.49 19.26
CA ASP Q 17 25.88 -38.22 18.05
C ASP Q 17 27.11 -38.95 17.43
N PRO Q 18 26.99 -39.54 16.22
CA PRO Q 18 28.17 -40.30 15.75
C PRO Q 18 29.41 -39.50 15.28
N PHE Q 19 29.39 -38.19 15.37
CA PHE Q 19 30.61 -37.37 15.10
C PHE Q 19 30.89 -36.31 16.16
N ARG Q 20 30.45 -35.09 15.92
CA ARG Q 20 30.96 -33.89 16.60
C ARG Q 20 32.49 -33.81 16.36
N ASP Q 21 32.85 -33.47 15.12
CA ASP Q 21 34.27 -33.42 14.72
C ASP Q 21 34.84 -32.01 14.92
N TRP Q 22 34.33 -31.07 14.16
CA TRP Q 22 34.57 -29.63 14.37
C TRP Q 22 33.18 -29.04 14.58
N TYR Q 23 32.83 -28.90 15.86
CA TYR Q 23 31.51 -28.39 16.31
C TYR Q 23 30.29 -29.21 15.87
N PRO Q 24 29.41 -29.57 16.82
CA PRO Q 24 28.21 -30.32 16.48
C PRO Q 24 27.01 -29.41 16.09
N HIS Q 25 27.12 -28.84 14.92
CA HIS Q 25 26.14 -27.96 14.33
C HIS Q 25 25.62 -28.54 13.00
N SER Q 26 24.54 -27.94 12.55
CA SER Q 26 23.80 -28.39 11.37
C SER Q 26 24.49 -28.01 10.07
N ARG Q 27 24.80 -26.73 9.93
CA ARG Q 27 25.40 -26.17 8.72
C ARG Q 27 26.75 -26.81 8.34
N LEU Q 28 27.31 -27.57 9.28
CA LEU Q 28 28.53 -28.35 9.04
C LEU Q 28 28.28 -29.50 8.05
N PHE Q 29 27.25 -30.30 8.37
CA PHE Q 29 26.83 -31.43 7.53
C PHE Q 29 25.90 -31.04 6.38
N ASP Q 30 25.31 -29.85 6.47
CA ASP Q 30 24.36 -29.33 5.44
C ASP Q 30 25.02 -29.11 4.09
N GLN Q 31 26.29 -28.75 4.11
CA GLN Q 31 27.07 -28.47 2.87
C GLN Q 31 27.53 -29.73 2.12
N ALA Q 32 27.72 -30.82 2.84
CA ALA Q 32 28.11 -32.12 2.25
C ALA Q 32 26.97 -33.15 2.28
N PHE Q 33 26.12 -33.11 1.27
CA PHE Q 33 24.96 -34.00 1.15
C PHE Q 33 24.66 -34.53 -0.27
N GLY Q 34 24.76 -33.66 -1.24
CA GLY Q 34 24.26 -33.92 -2.60
C GLY Q 34 24.55 -32.75 -3.51
N LEU Q 35 23.57 -32.38 -4.32
CA LEU Q 35 23.72 -31.31 -5.32
C LEU Q 35 23.02 -30.04 -4.88
N PRO Q 36 23.66 -28.87 -5.10
CA PRO Q 36 23.15 -27.59 -4.60
C PRO Q 36 22.01 -27.03 -5.45
N ARG Q 37 20.82 -27.57 -5.21
CA ARG Q 37 19.61 -27.12 -5.86
C ARG Q 37 18.52 -26.97 -4.82
N LEU Q 38 17.59 -26.04 -5.06
CA LEU Q 38 16.49 -25.78 -4.13
C LEU Q 38 15.41 -26.87 -4.07
N PRO Q 39 15.09 -27.52 -5.20
CA PRO Q 39 14.18 -28.65 -5.04
C PRO Q 39 14.87 -29.93 -4.59
N GLU Q 40 16.20 -29.90 -4.48
CA GLU Q 40 16.98 -31.02 -3.94
C GLU Q 40 16.99 -31.12 -2.41
N GLU Q 41 16.16 -30.31 -1.76
CA GLU Q 41 16.00 -30.29 -0.30
C GLU Q 41 17.32 -29.92 0.40
N TRP Q 42 17.49 -30.27 1.66
CA TRP Q 42 18.64 -29.86 2.43
C TRP Q 42 19.02 -30.87 3.50
N SER Q 43 19.89 -31.79 3.12
CA SER Q 43 20.66 -32.64 4.06
C SER Q 43 19.82 -33.58 4.93
N GLN Q 44 18.91 -33.00 5.70
CA GLN Q 44 17.85 -33.73 6.42
C GLN Q 44 18.45 -34.83 7.31
N TRP Q 45 18.81 -34.44 8.52
CA TRP Q 45 19.71 -35.25 9.35
C TRP Q 45 19.66 -35.03 10.87
N LEU Q 46 20.81 -34.82 11.48
CA LEU Q 46 21.07 -34.56 12.92
C LEU Q 46 21.53 -35.78 13.72
N GLY Q 47 22.66 -36.32 13.29
CA GLY Q 47 23.45 -37.28 14.09
C GLY Q 47 22.90 -38.64 14.40
N GLY Q 48 22.39 -38.80 15.62
CA GLY Q 48 21.74 -40.04 16.08
C GLY Q 48 20.44 -40.31 15.35
N SER Q 49 19.99 -39.28 14.65
CA SER Q 49 18.81 -39.27 13.80
C SER Q 49 19.14 -39.23 12.29
N SER Q 50 20.37 -39.53 11.92
CA SER Q 50 20.90 -39.22 10.60
C SER Q 50 21.05 -40.42 9.64
N TRP Q 51 22.24 -40.59 9.07
CA TRP Q 51 22.53 -41.50 7.97
C TRP Q 51 23.97 -41.96 8.11
N PRO Q 52 24.51 -42.68 7.12
CA PRO Q 52 25.91 -43.00 7.22
C PRO Q 52 26.81 -41.88 7.70
N GLY Q 53 27.42 -42.13 8.85
CA GLY Q 53 28.47 -41.27 9.36
C GLY Q 53 29.63 -41.23 8.37
N TYR Q 54 29.80 -40.07 7.76
CA TYR Q 54 30.82 -39.80 6.74
C TYR Q 54 31.80 -38.77 7.30
N VAL Q 55 33.08 -39.12 7.33
CA VAL Q 55 34.16 -38.19 7.62
C VAL Q 55 34.83 -37.78 6.31
N ARG Q 56 34.40 -36.65 5.75
CA ARG Q 56 34.92 -36.17 4.46
C ARG Q 56 34.56 -34.74 4.14
N PRO Q 71 36.16 -30.20 4.88
CA PRO Q 71 37.59 -30.23 4.60
C PRO Q 71 38.41 -30.80 5.77
N ALA Q 72 38.55 -30.05 6.86
CA ALA Q 72 39.40 -30.43 7.99
C ALA Q 72 38.63 -31.10 9.13
N TYR Q 73 38.17 -32.29 8.85
CA TYR Q 73 37.43 -33.16 9.79
C TYR Q 73 38.13 -34.51 9.90
N SER Q 74 38.61 -35.00 8.77
CA SER Q 74 39.66 -36.04 8.71
C SER Q 74 41.00 -35.58 9.35
N ARG Q 75 41.18 -34.28 9.43
CA ARG Q 75 42.35 -33.65 10.13
C ARG Q 75 42.16 -33.46 11.65
N ALA Q 76 40.98 -33.81 12.14
CA ALA Q 76 40.66 -33.78 13.58
C ALA Q 76 41.42 -34.88 14.32
N LEU Q 77 41.50 -36.01 13.67
CA LEU Q 77 42.07 -37.23 14.23
C LEU Q 77 43.49 -37.51 13.78
N SER Q 78 43.62 -37.68 12.47
CA SER Q 78 44.85 -38.16 11.84
C SER Q 78 45.96 -37.11 11.77
N ARG Q 79 45.57 -35.86 11.55
CA ARG Q 79 46.57 -34.78 11.39
C ARG Q 79 47.35 -34.54 12.69
N GLN Q 80 46.61 -34.18 13.72
CA GLN Q 80 47.15 -33.90 15.06
C GLN Q 80 48.23 -32.78 15.05
N LEU Q 81 49.49 -33.14 14.95
CA LEU Q 81 50.63 -32.20 14.84
C LEU Q 81 51.17 -32.11 13.41
N SER Q 82 50.61 -32.90 12.50
CA SER Q 82 51.18 -33.19 11.15
C SER Q 82 52.46 -34.05 11.22
N SER Q 83 52.59 -34.75 12.33
CA SER Q 83 53.74 -35.62 12.68
C SER Q 83 55.01 -34.88 13.11
N GLY Q 84 55.06 -33.56 12.98
CA GLY Q 84 56.23 -32.76 13.38
C GLY Q 84 57.41 -32.96 12.45
N ARG Q 94 61.33 -31.18 1.09
CA ARG Q 94 60.28 -30.22 1.40
C ARG Q 94 60.56 -29.35 2.61
N TRP Q 95 60.38 -28.05 2.46
CA TRP Q 95 60.39 -27.08 3.56
C TRP Q 95 59.10 -27.33 4.36
N ARG Q 96 59.24 -27.46 5.67
CA ARG Q 96 58.08 -27.64 6.56
C ARG Q 96 58.37 -27.05 7.96
N VAL Q 97 57.37 -26.40 8.51
CA VAL Q 97 57.45 -25.78 9.86
C VAL Q 97 56.17 -25.99 10.67
N SER Q 98 56.32 -26.14 11.98
CA SER Q 98 55.20 -26.38 12.90
C SER Q 98 54.90 -25.14 13.74
N LEU Q 99 53.63 -24.95 14.06
CA LEU Q 99 53.17 -23.79 14.84
C LEU Q 99 52.04 -24.19 15.77
N ASP Q 100 52.17 -23.83 17.04
CA ASP Q 100 51.17 -24.18 18.06
C ASP Q 100 50.04 -23.14 18.06
N VAL Q 101 48.88 -23.56 17.59
CA VAL Q 101 47.69 -22.69 17.46
C VAL Q 101 46.51 -23.03 18.42
N ASN Q 102 46.57 -24.19 19.06
CA ASN Q 102 45.43 -24.73 19.86
C ASN Q 102 44.89 -23.80 20.93
N HIS Q 103 45.80 -23.25 21.72
CA HIS Q 103 45.44 -22.31 22.78
C HIS Q 103 44.87 -20.99 22.23
N PHE Q 104 45.43 -20.55 21.11
CA PHE Q 104 44.97 -19.33 20.43
C PHE Q 104 43.51 -19.49 19.95
N ALA Q 105 43.26 -20.60 19.27
CA ALA Q 105 41.93 -20.96 18.74
C ALA Q 105 41.36 -19.83 17.86
N PRO Q 106 41.99 -19.57 16.69
CA PRO Q 106 41.58 -18.47 15.83
C PRO Q 106 40.37 -18.80 14.98
N ASP Q 107 39.50 -17.82 14.78
CA ASP Q 107 38.34 -17.96 13.90
C ASP Q 107 38.74 -17.95 12.42
N GLU Q 108 39.85 -17.27 12.13
CA GLU Q 108 40.36 -17.16 10.77
C GLU Q 108 41.89 -17.07 10.73
N LEU Q 109 42.50 -17.82 9.83
CA LEU Q 109 43.96 -17.86 9.63
C LEU Q 109 44.34 -17.51 8.20
N THR Q 110 45.10 -16.44 8.06
CA THR Q 110 45.61 -15.95 6.76
C THR Q 110 47.09 -16.29 6.64
N VAL Q 111 47.42 -17.10 5.65
CA VAL Q 111 48.81 -17.46 5.35
C VAL Q 111 49.22 -16.78 4.03
N LYS Q 112 50.19 -15.89 4.14
CA LYS Q 112 50.61 -15.02 3.06
C LYS Q 112 52.08 -15.21 2.73
N THR Q 113 52.40 -15.33 1.45
CA THR Q 113 53.78 -15.42 0.96
C THR Q 113 54.12 -14.21 0.06
N LYS Q 114 54.92 -13.30 0.59
CA LYS Q 114 55.34 -12.09 -0.11
C LYS Q 114 56.83 -11.83 0.09
N ASP Q 115 57.52 -11.63 -1.03
CA ASP Q 115 58.99 -11.35 -1.08
C ASP Q 115 59.85 -12.40 -0.32
N GLY Q 116 59.42 -13.64 -0.43
CA GLY Q 116 60.12 -14.78 0.20
C GLY Q 116 60.01 -14.83 1.72
N VAL Q 117 58.88 -14.35 2.22
CA VAL Q 117 58.58 -14.39 3.67
C VAL Q 117 57.16 -14.90 3.87
N VAL Q 118 57.04 -16.07 4.49
CA VAL Q 118 55.75 -16.65 4.85
C VAL Q 118 55.27 -16.02 6.15
N GLU Q 119 54.17 -15.30 6.08
CA GLU Q 119 53.55 -14.60 7.22
C GLU Q 119 52.20 -15.24 7.57
N ILE Q 120 52.09 -15.72 8.80
CA ILE Q 120 50.88 -16.40 9.29
C ILE Q 120 50.17 -15.51 10.30
N THR Q 121 48.98 -15.06 9.93
CA THR Q 121 48.18 -14.12 10.74
C THR Q 121 46.85 -14.74 11.16
N GLY Q 122 46.63 -14.86 12.46
CA GLY Q 122 45.36 -15.38 13.00
C GLY Q 122 44.50 -14.32 13.66
N LYS Q 123 43.20 -14.57 13.67
CA LYS Q 123 42.21 -13.65 14.30
C LYS Q 123 41.10 -14.41 15.04
N HIS Q 124 40.53 -13.75 16.04
CA HIS Q 124 39.62 -14.36 17.03
C HIS Q 124 38.27 -13.62 17.15
N GLU Q 125 37.63 -13.66 18.33
CA GLU Q 125 36.61 -12.65 18.77
C GLU Q 125 35.09 -12.95 18.63
N GLU Q 126 34.34 -11.89 18.93
CA GLU Q 126 32.90 -11.82 19.19
C GLU Q 126 32.19 -12.93 19.99
N ARG Q 127 32.28 -12.77 21.30
CA ARG Q 127 31.43 -13.41 22.28
C ARG Q 127 31.10 -12.37 23.37
N GLN Q 128 29.91 -12.45 23.95
CA GLN Q 128 29.48 -11.57 25.05
C GLN Q 128 29.46 -12.28 26.40
N ASP Q 129 30.40 -11.92 27.27
CA ASP Q 129 30.49 -12.49 28.61
C ASP Q 129 31.30 -11.58 29.55
N GLU Q 130 31.58 -12.08 30.76
CA GLU Q 130 32.44 -11.37 31.75
C GLU Q 130 33.81 -10.94 31.19
N HIS Q 131 34.29 -11.67 30.20
CA HIS Q 131 35.47 -11.29 29.42
C HIS Q 131 35.08 -10.43 28.21
N GLY Q 132 34.25 -11.01 27.35
CA GLY Q 132 33.63 -10.27 26.25
C GLY Q 132 34.58 -9.93 25.12
N TYR Q 133 35.01 -8.67 25.10
CA TYR Q 133 35.78 -8.09 23.99
C TYR Q 133 37.27 -8.06 24.28
N ILE Q 134 37.94 -9.19 24.06
CA ILE Q 134 39.41 -9.35 24.17
C ILE Q 134 39.99 -9.81 22.83
N SER Q 135 40.38 -8.84 22.02
CA SER Q 135 40.76 -9.10 20.62
C SER Q 135 42.22 -9.49 20.50
N ARG Q 136 42.48 -10.78 20.24
CA ARG Q 136 43.86 -11.28 20.09
C ARG Q 136 44.15 -11.69 18.64
N CYS Q 137 45.29 -11.23 18.15
CA CYS Q 137 45.72 -11.41 16.75
C CYS Q 137 47.23 -11.59 16.71
N PHE Q 138 47.69 -12.70 16.16
CA PHE Q 138 49.12 -13.05 16.16
C PHE Q 138 49.68 -13.09 14.73
N THR Q 139 50.94 -12.65 14.60
CA THR Q 139 51.64 -12.62 13.31
C THR Q 139 53.00 -13.31 13.42
N ARG Q 140 53.07 -14.53 12.91
CA ARG Q 140 54.26 -15.38 12.99
C ARG Q 140 55.00 -15.46 11.64
N LYS Q 141 56.22 -14.99 11.60
CA LYS Q 141 56.98 -14.79 10.35
C LYS Q 141 58.07 -15.84 10.11
N TYR Q 142 58.07 -16.41 8.91
CA TYR Q 142 59.03 -17.41 8.47
C TYR Q 142 59.84 -16.93 7.26
N THR Q 143 61.17 -17.01 7.38
CA THR Q 143 62.10 -16.69 6.29
C THR Q 143 62.37 -17.92 5.42
N LEU Q 144 61.96 -17.86 4.15
CA LEU Q 144 62.14 -18.97 3.20
C LEU Q 144 63.60 -19.13 2.81
N PRO Q 145 64.02 -20.38 2.50
CA PRO Q 145 65.34 -20.59 1.89
C PRO Q 145 65.40 -20.02 0.46
N PRO Q 146 66.60 -19.59 0.01
CA PRO Q 146 66.77 -18.93 -1.29
C PRO Q 146 66.44 -19.82 -2.48
N GLY Q 147 65.30 -19.54 -3.07
CA GLY Q 147 64.82 -20.21 -4.28
C GLY Q 147 63.47 -20.85 -4.23
N VAL Q 148 62.88 -20.94 -3.06
CA VAL Q 148 61.55 -21.55 -2.90
C VAL Q 148 60.55 -20.67 -3.64
N ASP Q 149 59.74 -21.29 -4.48
CA ASP Q 149 58.73 -20.58 -5.25
C ASP Q 149 57.67 -20.06 -4.26
N PRO Q 150 57.38 -18.74 -4.28
CA PRO Q 150 56.39 -18.17 -3.34
C PRO Q 150 54.93 -18.55 -3.60
N THR Q 151 54.64 -19.06 -4.78
CA THR Q 151 53.33 -19.64 -5.11
C THR Q 151 53.17 -21.07 -4.59
N GLN Q 152 54.25 -21.67 -4.11
CA GLN Q 152 54.28 -23.09 -3.68
C GLN Q 152 54.17 -23.33 -2.15
N VAL Q 153 53.58 -22.40 -1.42
CA VAL Q 153 53.50 -22.48 0.07
C VAL Q 153 52.06 -22.71 0.60
N SER Q 154 51.90 -23.72 1.45
CA SER Q 154 50.59 -24.10 2.01
C SER Q 154 50.58 -24.23 3.51
N SER Q 155 49.37 -24.16 4.04
CA SER Q 155 49.09 -24.33 5.47
C SER Q 155 47.96 -25.34 5.67
N SER Q 156 47.93 -25.95 6.85
CA SER Q 156 46.83 -26.84 7.25
C SER Q 156 46.46 -26.61 8.70
N LEU Q 157 45.17 -26.63 8.99
CA LEU Q 157 44.66 -26.46 10.36
C LEU Q 157 43.88 -27.68 10.86
N SER Q 158 44.31 -28.23 11.97
CA SER Q 158 43.55 -29.26 12.69
C SER Q 158 42.70 -28.66 13.80
N PRO Q 159 41.59 -29.33 14.16
CA PRO Q 159 40.84 -29.08 15.41
C PRO Q 159 41.66 -29.25 16.70
N GLU Q 160 42.63 -30.16 16.66
CA GLU Q 160 43.59 -30.35 17.77
C GLU Q 160 44.51 -29.12 17.95
N GLY Q 161 44.68 -28.37 16.88
CA GLY Q 161 45.25 -27.02 16.95
C GLY Q 161 46.75 -26.96 16.85
N THR Q 162 47.28 -27.46 15.76
CA THR Q 162 48.71 -27.28 15.40
C THR Q 162 48.84 -26.94 13.93
N LEU Q 163 49.09 -25.67 13.65
CA LEU Q 163 49.28 -25.21 12.26
C LEU Q 163 50.62 -25.71 11.74
N THR Q 164 50.65 -26.15 10.51
CA THR Q 164 51.89 -26.65 9.88
C THR Q 164 51.92 -26.16 8.44
N VAL Q 165 52.97 -25.43 8.11
CA VAL Q 165 53.16 -24.79 6.79
C VAL Q 165 54.30 -25.50 6.08
N GLU Q 166 54.01 -26.11 4.94
CA GLU Q 166 55.05 -26.72 4.10
C GLU Q 166 55.07 -26.17 2.67
N ALA Q 167 56.22 -26.31 2.03
CA ALA Q 167 56.41 -25.92 0.63
C ALA Q 167 57.49 -26.76 -0.06
N PRO Q 168 57.19 -27.34 -1.24
CA PRO Q 168 58.23 -28.02 -2.02
C PRO Q 168 59.16 -27.07 -2.74
N MET Q 169 60.46 -27.32 -2.62
CA MET Q 169 61.50 -26.50 -3.27
C MET Q 169 61.63 -26.92 -4.74
N PRO Q 170 61.97 -25.98 -5.66
CA PRO Q 170 61.95 -26.27 -7.10
C PRO Q 170 62.90 -27.40 -7.50
N LYS Q 171 64.19 -27.22 -7.26
CA LYS Q 171 65.16 -28.30 -7.37
C LYS Q 171 66.23 -28.22 -6.28
N LEU Q 172 65.92 -28.82 -5.15
CA LEU Q 172 66.75 -28.84 -3.91
C LEU Q 172 65.88 -29.22 -2.72
N GLN Q 175 66.71 -21.79 -6.20
CA GLN Q 175 68.01 -21.25 -6.57
C GLN Q 175 68.07 -19.76 -6.88
N SER Q 176 66.94 -19.08 -6.82
CA SER Q 176 66.87 -17.62 -7.00
C SER Q 176 67.57 -16.82 -5.90
N ASN Q 177 67.83 -15.55 -6.23
CA ASN Q 177 68.47 -14.58 -5.35
C ASN Q 177 67.48 -13.51 -4.87
N GLU Q 178 66.92 -12.76 -5.81
CA GLU Q 178 65.83 -11.81 -5.53
C GLU Q 178 64.50 -12.54 -5.25
N ILE Q 179 64.49 -13.82 -5.59
CA ILE Q 179 63.37 -14.79 -5.46
C ILE Q 179 62.46 -14.86 -6.68
N THR Q 180 62.22 -13.72 -7.32
CA THR Q 180 61.48 -13.66 -8.57
C THR Q 180 62.41 -13.67 -9.77
N ILE Q 181 62.92 -14.87 -10.05
CA ILE Q 181 63.59 -15.17 -11.32
C ILE Q 181 63.03 -16.53 -11.75
N PRO Q 182 61.71 -16.56 -12.04
CA PRO Q 182 61.05 -17.85 -12.27
C PRO Q 182 61.22 -18.51 -13.61
N VAL Q 183 61.81 -17.84 -14.58
CA VAL Q 183 61.97 -18.41 -15.93
C VAL Q 183 63.02 -19.54 -15.91
N THR Q 184 62.56 -20.71 -15.50
CA THR Q 184 63.39 -21.93 -15.41
C THR Q 184 63.04 -22.96 -16.48
N PHE Q 185 61.88 -22.80 -17.09
CA PHE Q 185 61.34 -23.78 -18.04
C PHE Q 185 61.90 -23.71 -19.45
N GLU Q 186 62.47 -22.56 -19.79
CA GLU Q 186 63.41 -22.43 -20.91
C GLU Q 186 64.80 -22.15 -20.40
N SER Q 187 64.94 -21.01 -19.74
CA SER Q 187 66.26 -20.53 -19.26
C SER Q 187 66.82 -21.44 -18.20
N ARG Q 188 68.04 -21.91 -18.40
CA ARG Q 188 68.64 -22.97 -17.58
C ARG Q 188 69.56 -22.52 -16.46
N ALA Q 189 70.42 -21.59 -16.80
CA ALA Q 189 71.63 -21.29 -16.00
C ALA Q 189 71.42 -20.51 -14.68
N GLN Q 190 70.36 -19.73 -14.58
CA GLN Q 190 70.09 -18.94 -13.34
C GLN Q 190 69.72 -19.84 -12.16
N LEU Q 191 68.76 -20.70 -12.41
CA LEU Q 191 68.35 -21.75 -11.49
C LEU Q 191 68.63 -23.05 -12.20
N GLY Q 192 69.80 -23.61 -11.93
CA GLY Q 192 70.33 -24.76 -12.66
C GLY Q 192 71.15 -25.67 -11.80
N GLY Q 193 72.32 -26.05 -12.29
CA GLY Q 193 73.21 -26.98 -11.58
C GLY Q 193 74.11 -26.33 -10.54
N PRO Q 194 75.00 -27.11 -9.90
CA PRO Q 194 75.99 -26.59 -8.92
C PRO Q 194 77.27 -26.08 -9.58
N GLU Q 195 77.32 -24.77 -9.73
CA GLU Q 195 78.57 -24.04 -10.08
C GLU Q 195 78.30 -22.54 -10.12
N THR Q 202 74.26 -21.79 -6.91
CA THR Q 202 73.50 -22.36 -5.79
C THR Q 202 72.75 -23.61 -6.19
N ALA Q 203 73.15 -24.74 -5.64
CA ALA Q 203 72.53 -26.04 -5.99
C ALA Q 203 71.45 -26.39 -4.96
N ALA Q 204 71.89 -26.66 -3.74
CA ALA Q 204 71.03 -27.03 -2.63
C ALA Q 204 71.55 -26.49 -1.31
N LYS Q 205 70.68 -25.82 -0.56
CA LYS Q 205 71.04 -25.24 0.75
C LYS Q 205 69.86 -25.25 1.72
N MET R 1 36.73 47.91 55.82
CA MET R 1 36.02 48.70 54.76
C MET R 1 36.58 48.48 53.34
N THR R 2 37.12 47.28 53.12
CA THR R 2 37.57 46.79 51.81
C THR R 2 36.52 45.77 51.31
N GLU R 3 35.34 45.83 51.91
CA GLU R 3 34.29 44.83 51.72
C GLU R 3 33.45 45.16 50.45
N ARG R 4 32.19 44.77 50.45
CA ARG R 4 31.33 44.70 49.25
C ARG R 4 31.81 43.66 48.26
N ARG R 5 31.50 42.40 48.55
CA ARG R 5 31.73 41.30 47.61
C ARG R 5 30.43 40.53 47.37
N VAL R 6 29.93 40.61 46.14
CA VAL R 6 28.77 39.81 45.69
C VAL R 6 28.90 39.55 44.19
N PRO R 7 28.61 38.32 43.72
CA PRO R 7 28.87 38.00 42.32
C PRO R 7 27.92 38.66 41.32
N PHE R 8 28.29 39.85 40.85
CA PHE R 8 27.56 40.56 39.81
C PHE R 8 28.10 40.38 38.39
N SER R 9 29.28 39.82 38.27
CA SER R 9 29.94 39.61 36.98
C SER R 9 29.79 38.18 36.45
N LEU R 10 29.42 37.25 37.33
CA LEU R 10 29.32 35.83 36.98
C LEU R 10 27.97 35.40 36.40
N LEU R 11 27.12 36.37 36.15
CA LEU R 11 25.72 36.13 35.76
C LEU R 11 25.45 36.18 34.26
N ARG R 12 26.52 36.31 33.49
CA ARG R 12 26.50 36.26 32.03
C ARG R 12 25.77 37.43 31.39
N GLY R 13 26.55 38.42 30.97
CA GLY R 13 26.04 39.54 30.17
C GLY R 13 26.08 39.29 28.66
N PRO R 14 26.04 38.03 28.26
CA PRO R 14 25.94 37.62 26.86
C PRO R 14 24.58 37.97 26.24
N SER R 15 23.60 38.28 27.09
CA SER R 15 22.37 39.04 26.75
C SER R 15 21.14 38.21 26.32
N TRP R 16 21.34 36.99 25.84
CA TRP R 16 20.25 36.13 25.37
C TRP R 16 19.79 35.16 26.45
N ASP R 17 18.68 35.49 27.11
CA ASP R 17 18.08 34.67 28.18
C ASP R 17 19.11 34.57 29.36
N PRO R 18 18.87 33.71 30.38
CA PRO R 18 19.84 33.84 31.50
C PRO R 18 21.31 33.40 31.27
N PHE R 19 21.65 32.91 30.09
CA PHE R 19 23.06 32.58 29.76
C PHE R 19 23.57 33.05 28.40
N ARG R 20 23.31 32.26 27.37
CA ARG R 20 24.03 32.33 26.08
C ARG R 20 25.53 32.12 26.32
N ASP R 21 25.88 30.89 26.68
CA ASP R 21 27.27 30.51 27.03
C ASP R 21 27.97 29.73 25.91
N TRP R 22 27.48 28.52 25.67
CA TRP R 22 28.02 27.62 24.63
C TRP R 22 26.84 27.13 23.77
N TYR R 23 26.77 27.57 22.52
CA TYR R 23 25.69 27.17 21.57
C TYR R 23 24.27 27.18 22.23
N PRO R 24 23.73 28.38 22.50
CA PRO R 24 22.45 28.44 23.22
C PRO R 24 21.27 27.92 22.39
N HIS R 25 21.14 26.61 22.41
CA HIS R 25 20.06 25.89 21.70
C HIS R 25 19.41 24.92 22.67
N SER R 26 18.56 24.07 22.13
CA SER R 26 17.75 23.16 22.92
C SER R 26 18.49 21.92 23.39
N ARG R 27 19.02 21.18 22.43
CA ARG R 27 19.74 19.92 22.71
C ARG R 27 20.93 20.10 23.68
N LEU R 28 21.24 21.35 23.92
CA LEU R 28 22.28 21.78 24.86
C LEU R 28 21.95 21.50 26.33
N PHE R 29 20.94 22.20 26.83
CA PHE R 29 20.45 22.00 28.21
C PHE R 29 19.50 20.79 28.29
N ASP R 30 19.07 20.28 27.16
CA ASP R 30 18.26 19.03 27.07
C ASP R 30 18.99 17.79 27.61
N GLN R 31 20.31 17.82 27.54
CA GLN R 31 21.14 16.75 28.13
C GLN R 31 21.20 16.82 29.66
N ALA R 32 21.18 18.02 30.21
CA ALA R 32 21.16 18.26 31.67
C ALA R 32 19.78 18.72 32.14
N PHE R 33 18.87 17.78 32.36
CA PHE R 33 17.50 18.11 32.84
C PHE R 33 17.02 17.24 33.99
N GLY R 34 17.09 15.94 33.76
CA GLY R 34 16.32 14.97 34.52
C GLY R 34 16.93 13.62 34.26
N LEU R 35 16.07 12.64 34.07
CA LEU R 35 16.48 11.27 33.77
C LEU R 35 16.00 10.77 32.43
N PRO R 36 16.82 9.95 31.75
CA PRO R 36 16.48 9.35 30.46
C PRO R 36 15.70 8.04 30.63
N ARG R 37 14.47 8.17 31.10
CA ARG R 37 13.62 7.03 31.40
C ARG R 37 12.29 7.18 30.66
N LEU R 38 12.33 6.98 29.36
CA LEU R 38 11.20 7.16 28.43
C LEU R 38 10.55 8.53 28.64
N PRO R 39 9.22 8.64 28.66
CA PRO R 39 8.55 9.96 28.77
C PRO R 39 8.88 10.91 29.97
N GLU R 40 10.13 11.07 30.40
CA GLU R 40 10.42 12.06 31.43
C GLU R 40 10.46 13.41 30.79
N GLU R 41 9.95 13.48 29.58
CA GLU R 41 9.86 14.68 28.79
C GLU R 41 11.28 15.28 28.58
N TRP R 42 11.35 16.54 28.18
CA TRP R 42 12.56 17.10 27.62
C TRP R 42 13.20 18.11 28.58
N SER R 43 12.85 19.37 28.45
CA SER R 43 13.40 20.42 29.32
C SER R 43 12.42 21.57 29.48
N GLN R 44 12.18 22.27 28.38
CA GLN R 44 11.10 23.28 28.27
C GLN R 44 11.42 24.50 29.12
N TRP R 45 12.29 25.31 28.55
CA TRP R 45 12.97 26.45 29.22
C TRP R 45 13.35 27.54 28.22
N LEU R 46 14.52 28.13 28.39
CA LEU R 46 15.18 29.04 27.46
C LEU R 46 14.45 30.36 27.46
N GLY R 47 14.65 31.07 28.54
CA GLY R 47 14.18 32.41 28.72
C GLY R 47 13.61 32.57 30.12
N GLY R 48 12.76 33.56 30.21
CA GLY R 48 11.90 33.75 31.37
C GLY R 48 10.86 32.67 31.56
N SER R 49 10.76 31.77 30.58
CA SER R 49 9.93 30.57 30.67
C SER R 49 10.60 29.40 31.39
N SER R 50 11.73 29.68 32.01
CA SER R 50 12.56 28.67 32.63
C SER R 50 12.61 28.88 34.13
N TRP R 51 13.41 28.02 34.73
CA TRP R 51 13.89 28.11 36.09
C TRP R 51 15.15 28.97 35.94
N PRO R 52 15.79 29.40 37.06
CA PRO R 52 16.75 30.50 36.91
C PRO R 52 17.85 30.33 35.87
N GLY R 53 18.24 29.10 35.61
CA GLY R 53 19.32 28.85 34.66
C GLY R 53 20.51 28.34 35.45
N TYR R 54 21.02 27.18 35.06
CA TYR R 54 22.12 26.53 35.76
C TYR R 54 23.35 26.50 34.87
N VAL R 55 24.50 26.73 35.48
CA VAL R 55 25.79 26.70 34.77
C VAL R 55 26.46 25.32 34.84
N ARG R 56 25.81 24.33 35.41
CA ARG R 56 26.40 23.01 35.55
C ARG R 56 26.09 22.14 34.32
N PRO R 71 29.50 20.35 29.98
CA PRO R 71 30.79 20.36 30.66
C PRO R 71 31.63 21.62 30.46
N ALA R 72 31.31 22.43 29.47
CA ALA R 72 32.16 23.59 29.10
C ALA R 72 31.78 24.92 29.76
N TYR R 73 30.74 24.90 30.58
CA TYR R 73 30.25 26.12 31.24
C TYR R 73 31.12 26.54 32.43
N SER R 74 31.54 25.55 33.20
CA SER R 74 32.49 25.75 34.33
C SER R 74 33.93 26.01 33.84
N ARG R 75 34.21 25.56 32.61
CA ARG R 75 35.48 25.82 31.92
C ARG R 75 35.46 27.08 31.06
N ALA R 76 34.37 27.83 31.10
CA ALA R 76 34.24 29.13 30.44
C ALA R 76 34.90 30.26 31.24
N LEU R 77 34.90 30.11 32.55
CA LEU R 77 35.40 31.15 33.48
C LEU R 77 36.68 30.81 34.28
N SER R 78 36.65 29.69 34.98
CA SER R 78 37.73 29.26 35.87
C SER R 78 38.90 28.65 35.09
N ARG R 79 38.60 28.09 33.94
CA ARG R 79 39.62 27.53 33.07
C ARG R 79 40.27 28.64 32.23
N GLN R 80 39.51 29.19 31.30
CA GLN R 80 40.02 30.17 30.32
C GLN R 80 41.17 29.54 29.48
N LEU R 81 42.42 29.75 29.89
CA LEU R 81 43.60 29.10 29.31
C LEU R 81 44.12 27.94 30.16
N SER R 82 43.50 27.76 31.33
CA SER R 82 43.97 26.87 32.42
C SER R 82 45.20 27.42 33.17
N SER R 83 45.54 28.67 32.89
CA SER R 83 46.64 29.40 33.56
C SER R 83 48.03 28.72 33.45
N GLY R 84 48.50 28.49 32.24
CA GLY R 84 49.87 27.94 32.03
C GLY R 84 49.94 26.44 32.38
N ARG R 94 53.83 17.66 37.91
CA ARG R 94 52.89 17.56 36.78
C ARG R 94 53.47 18.13 35.50
N TRP R 95 53.45 17.33 34.44
CA TRP R 95 53.78 17.79 33.08
C TRP R 95 52.55 18.53 32.56
N ARG R 96 52.77 19.70 31.95
CA ARG R 96 51.66 20.51 31.43
C ARG R 96 52.14 21.39 30.26
N VAL R 97 51.31 21.46 29.23
CA VAL R 97 51.54 22.34 28.06
C VAL R 97 50.21 22.97 27.60
N SER R 98 50.30 24.20 27.13
CA SER R 98 49.13 24.97 26.65
C SER R 98 49.21 25.19 25.12
N LEU R 99 48.04 25.24 24.50
CA LEU R 99 47.89 25.39 23.05
C LEU R 99 46.68 26.28 22.74
N ASP R 100 46.91 27.36 22.00
CA ASP R 100 45.85 28.31 21.65
C ASP R 100 44.99 27.77 20.50
N VAL R 101 43.74 27.44 20.80
CA VAL R 101 42.81 26.82 19.83
C VAL R 101 41.66 27.75 19.38
N ASN R 102 41.48 28.88 20.06
CA ASN R 102 40.33 29.79 19.86
C ASN R 102 40.14 30.27 18.42
N HIS R 103 41.23 30.72 17.82
CA HIS R 103 41.21 31.23 16.44
C HIS R 103 40.87 30.15 15.40
N PHE R 104 41.36 28.94 15.66
CA PHE R 104 41.08 27.76 14.80
C PHE R 104 39.61 27.36 14.91
N ALA R 105 39.13 27.25 16.15
CA ALA R 105 37.73 26.90 16.47
C ALA R 105 37.31 25.56 15.83
N PRO R 106 37.95 24.46 16.26
CA PRO R 106 37.74 23.17 15.66
C PRO R 106 36.42 22.51 16.11
N ASP R 107 35.77 21.83 15.17
CA ASP R 107 34.60 21.00 15.50
C ASP R 107 35.01 19.70 16.19
N GLU R 108 36.21 19.22 15.87
CA GLU R 108 36.77 18.01 16.50
C GLU R 108 38.25 18.17 16.82
N LEU R 109 38.61 17.73 18.03
CA LEU R 109 40.01 17.70 18.51
C LEU R 109 40.35 16.29 18.94
N THR R 110 41.30 15.70 18.25
CA THR R 110 41.77 14.33 18.55
C THR R 110 43.16 14.43 19.20
N VAL R 111 43.24 14.04 20.46
CA VAL R 111 44.49 13.97 21.21
C VAL R 111 44.84 12.48 21.38
N LYS R 112 45.95 12.10 20.78
CA LYS R 112 46.43 10.69 20.74
C LYS R 112 47.80 10.61 21.41
N THR R 113 47.96 9.59 22.25
CA THR R 113 49.25 9.29 22.88
C THR R 113 49.75 7.91 22.44
N LYS R 114 50.78 7.91 21.63
CA LYS R 114 51.36 6.70 21.05
C LYS R 114 52.89 6.73 21.13
N ASP R 115 53.45 5.71 21.75
CA ASP R 115 54.93 5.56 21.94
C ASP R 115 55.59 6.78 22.59
N GLY R 116 54.90 7.36 23.56
CA GLY R 116 55.37 8.55 24.30
C GLY R 116 55.36 9.86 23.50
N VAL R 117 54.41 9.98 22.58
CA VAL R 117 54.23 11.18 21.75
C VAL R 117 52.76 11.61 21.78
N VAL R 118 52.50 12.77 22.39
CA VAL R 118 51.18 13.37 22.43
C VAL R 118 50.94 14.13 21.12
N GLU R 119 49.98 13.65 20.34
CA GLU R 119 49.64 14.21 19.03
C GLU R 119 48.25 14.86 19.03
N ILE R 120 48.24 16.18 18.84
CA ILE R 120 47.00 16.97 18.86
C ILE R 120 46.59 17.35 17.43
N THR R 121 45.51 16.77 16.98
CA THR R 121 44.96 16.96 15.61
C THR R 121 43.59 17.60 15.71
N GLY R 122 43.37 18.68 14.99
CA GLY R 122 42.08 19.41 14.94
C GLY R 122 41.53 19.64 13.54
N LYS R 123 40.23 19.64 13.45
CA LYS R 123 39.51 19.86 12.16
C LYS R 123 38.32 20.80 12.34
N HIS R 124 38.09 21.62 11.34
CA HIS R 124 37.04 22.66 11.35
C HIS R 124 35.79 22.03 10.75
N GLU R 125 35.26 22.55 9.66
CA GLU R 125 34.00 22.07 9.11
C GLU R 125 33.52 22.70 7.80
N GLU R 126 32.35 22.26 7.38
CA GLU R 126 31.63 22.71 6.20
C GLU R 126 30.43 23.56 6.65
N ARG R 127 30.65 24.86 6.70
CA ARG R 127 29.61 25.87 6.79
C ARG R 127 29.43 26.35 5.36
N GLN R 128 28.22 26.23 4.82
CA GLN R 128 27.96 26.62 3.43
C GLN R 128 27.67 28.11 3.36
N ASP R 129 28.69 28.85 2.96
CA ASP R 129 28.63 30.31 2.83
C ASP R 129 29.51 30.67 1.62
N GLU R 130 29.95 31.92 1.57
CA GLU R 130 30.97 32.41 0.60
C GLU R 130 32.34 31.71 0.69
N HIS R 131 32.59 31.01 1.77
CA HIS R 131 33.79 30.18 1.99
C HIS R 131 33.58 28.71 1.60
N GLY R 132 32.71 28.04 2.33
CA GLY R 132 32.24 26.68 1.97
C GLY R 132 33.23 25.55 2.20
N TYR R 133 33.89 25.15 1.14
CA TYR R 133 34.68 23.88 1.07
C TYR R 133 36.16 23.97 1.57
N ILE R 134 36.47 24.96 2.37
CA ILE R 134 37.82 25.10 2.98
C ILE R 134 37.94 24.05 4.10
N SER R 135 38.88 23.13 3.96
CA SER R 135 39.12 22.07 4.95
C SER R 135 40.51 22.17 5.59
N ARG R 136 40.57 22.72 6.80
CA ARG R 136 41.84 23.02 7.49
C ARG R 136 42.11 22.04 8.64
N CYS R 137 43.35 21.59 8.74
CA CYS R 137 43.76 20.62 9.76
C CYS R 137 45.20 20.86 10.23
N PHE R 138 45.43 20.81 11.54
CA PHE R 138 46.76 21.02 12.13
C PHE R 138 47.16 19.86 13.08
N THR R 139 48.45 19.53 13.09
CA THR R 139 48.99 18.44 13.91
C THR R 139 50.22 18.88 14.72
N ARG R 140 50.06 19.01 16.02
CA ARG R 140 51.13 19.40 16.96
C ARG R 140 51.54 18.23 17.86
N LYS R 141 52.82 17.88 17.82
CA LYS R 141 53.37 16.75 18.58
C LYS R 141 54.23 17.19 19.77
N TYR R 142 53.88 16.70 20.95
CA TYR R 142 54.65 16.89 22.18
C TYR R 142 55.36 15.58 22.53
N THR R 143 56.66 15.68 22.76
CA THR R 143 57.47 14.53 23.23
C THR R 143 57.40 14.51 24.75
N LEU R 144 56.91 13.41 25.31
CA LEU R 144 56.73 13.30 26.79
C LEU R 144 58.08 13.22 27.50
N PRO R 145 58.16 13.75 28.74
CA PRO R 145 59.31 13.46 29.59
C PRO R 145 59.33 11.97 29.94
N PRO R 146 60.50 11.31 29.82
CA PRO R 146 60.56 9.84 29.94
C PRO R 146 60.06 9.30 31.29
N GLY R 147 59.05 8.44 31.21
CA GLY R 147 58.42 7.83 32.38
C GLY R 147 56.91 8.01 32.47
N VAL R 148 56.37 8.96 31.74
CA VAL R 148 54.92 9.25 31.74
C VAL R 148 54.17 8.14 31.00
N ASP R 149 53.11 7.64 31.64
CA ASP R 149 52.28 6.55 31.11
C ASP R 149 51.41 7.13 30.00
N PRO R 150 51.38 6.48 28.81
CA PRO R 150 50.62 7.05 27.65
C PRO R 150 49.12 7.07 27.83
N THR R 151 48.63 6.35 28.81
CA THR R 151 47.21 6.32 29.16
C THR R 151 46.89 7.27 30.30
N GLN R 152 47.82 8.16 30.61
CA GLN R 152 47.67 9.16 31.67
C GLN R 152 47.75 10.64 31.24
N VAL R 153 47.36 10.95 30.01
CA VAL R 153 47.31 12.36 29.54
C VAL R 153 45.90 12.97 29.55
N SER R 154 45.82 14.25 29.88
CA SER R 154 44.57 15.02 29.94
C SER R 154 44.41 16.05 28.84
N SER R 155 43.37 15.95 28.03
CA SER R 155 43.02 17.02 27.10
C SER R 155 41.72 17.67 27.57
N SER R 156 41.54 18.96 27.28
CA SER R 156 40.34 19.69 27.68
C SER R 156 39.91 20.74 26.66
N LEU R 157 38.65 21.14 26.76
CA LEU R 157 38.09 22.18 25.89
C LEU R 157 37.30 23.27 26.63
N SER R 158 37.65 24.51 26.37
CA SER R 158 36.92 25.69 26.86
C SER R 158 36.22 26.47 25.74
N PRO R 159 35.12 27.17 26.06
CA PRO R 159 34.51 28.15 25.15
C PRO R 159 35.41 29.31 24.75
N GLU R 160 36.26 29.74 25.66
CA GLU R 160 37.28 30.79 25.39
C GLU R 160 38.39 30.29 24.46
N GLY R 161 38.58 28.99 24.37
CA GLY R 161 39.37 28.34 23.29
C GLY R 161 40.86 28.28 23.52
N THR R 162 41.25 27.56 24.54
CA THR R 162 42.68 27.23 24.76
C THR R 162 42.82 25.81 25.30
N LEU R 163 43.29 24.93 24.45
CA LEU R 163 43.53 23.53 24.82
C LEU R 163 44.77 23.42 25.69
N THR R 164 44.67 22.66 26.77
CA THR R 164 45.78 22.49 27.74
C THR R 164 45.82 21.02 28.12
N VAL R 165 47.01 20.45 27.97
CA VAL R 165 47.26 19.01 28.18
C VAL R 165 48.23 18.81 29.34
N GLU R 166 47.73 18.23 30.43
CA GLU R 166 48.59 17.89 31.59
C GLU R 166 48.58 16.38 31.88
N ALA R 167 49.63 15.93 32.53
CA ALA R 167 49.77 14.54 32.98
C ALA R 167 50.52 14.44 34.29
N PRO R 168 49.99 13.69 35.28
CA PRO R 168 50.74 13.45 36.52
C PRO R 168 52.05 12.70 36.31
N MET R 169 53.13 13.29 36.81
CA MET R 169 54.48 12.73 36.72
C MET R 169 54.68 11.67 37.82
N PRO R 170 55.53 10.65 37.57
CA PRO R 170 55.95 9.64 38.57
C PRO R 170 56.66 10.20 39.83
N GLN R 175 58.74 5.36 35.48
CA GLN R 175 60.12 5.67 35.10
C GLN R 175 60.71 4.76 34.02
N SER R 176 59.92 4.52 32.99
CA SER R 176 60.31 3.65 31.87
C SER R 176 61.37 4.24 30.95
N ASN R 177 62.02 3.35 30.19
CA ASN R 177 63.06 3.71 29.20
C ASN R 177 62.55 3.67 27.78
N GLU R 178 62.13 2.49 27.36
CA GLU R 178 61.55 2.27 26.02
C GLU R 178 60.12 2.83 25.97
N ILE R 179 59.61 3.21 27.14
CA ILE R 179 58.24 3.72 27.42
C ILE R 179 57.30 2.60 27.86
N THR R 180 57.65 1.36 27.57
CA THR R 180 56.86 0.19 27.91
C THR R 180 57.66 -0.86 28.69
N ILE R 181 57.73 -0.64 30.00
CA ILE R 181 58.20 -1.62 30.96
C ILE R 181 57.06 -1.70 31.98
N PRO R 182 55.96 -2.41 31.62
CA PRO R 182 54.78 -2.34 32.50
C PRO R 182 54.82 -3.31 33.69
N VAL R 183 55.93 -3.31 34.40
CA VAL R 183 56.04 -3.96 35.71
C VAL R 183 56.37 -2.88 36.74
N THR R 184 55.34 -2.29 37.31
CA THR R 184 55.48 -1.07 38.13
C THR R 184 55.46 -1.35 39.62
N PHE R 185 54.39 -2.00 40.05
CA PHE R 185 54.18 -2.31 41.46
C PHE R 185 55.08 -3.43 41.97
N GLU R 186 55.00 -4.58 41.33
CA GLU R 186 55.79 -5.76 41.77
C GLU R 186 57.30 -5.46 41.78
N SER R 187 57.75 -4.87 40.68
CA SER R 187 59.17 -4.62 40.48
C SER R 187 59.62 -3.28 41.03
N ARG R 188 60.40 -3.35 42.10
CA ARG R 188 61.14 -2.19 42.59
C ARG R 188 62.40 -1.98 41.76
N ALA R 189 62.81 -3.05 41.09
CA ALA R 189 63.98 -3.02 40.23
C ALA R 189 63.72 -2.06 39.08
N GLN R 190 62.80 -2.40 38.19
CA GLN R 190 62.63 -1.60 36.95
C GLN R 190 62.06 -0.20 37.26
N LEU R 191 61.34 -0.08 38.37
CA LEU R 191 60.76 1.20 38.78
C LEU R 191 60.99 1.50 40.24
N GLU R 195 69.59 5.22 42.75
CA GLU R 195 70.70 5.06 41.76
C GLU R 195 70.56 5.76 40.39
N ALA R 196 71.68 6.24 39.85
CA ALA R 196 71.75 7.15 38.69
C ALA R 196 72.53 6.70 37.43
N ALA R 197 73.10 5.50 37.45
CA ALA R 197 74.08 5.08 36.44
C ALA R 197 73.50 4.66 35.07
N LYS R 198 74.37 4.23 34.15
CA LYS R 198 73.99 3.84 32.77
C LYS R 198 72.62 3.19 32.56
N SER R 199 71.77 3.85 31.78
CA SER R 199 70.49 3.28 31.30
C SER R 199 69.54 2.91 32.44
N ASP R 200 68.54 2.08 32.14
CA ASP R 200 67.54 1.55 33.10
C ASP R 200 67.02 2.49 34.23
N GLU R 201 65.87 3.11 33.97
CA GLU R 201 65.13 3.94 34.93
C GLU R 201 65.78 5.32 35.10
N THR R 202 65.31 6.29 34.33
CA THR R 202 65.72 7.66 34.46
C THR R 202 65.26 8.22 35.81
N ALA R 203 65.98 9.24 36.27
CA ALA R 203 65.83 9.77 37.62
C ALA R 203 64.78 10.86 37.71
N ALA R 204 64.70 11.51 38.87
CA ALA R 204 63.89 12.72 39.04
C ALA R 204 64.52 13.89 38.29
N LYS R 205 63.79 14.40 37.30
CA LYS R 205 64.30 15.42 36.39
C LYS R 205 63.90 16.80 36.88
N ARG S 4 -74.30 -6.97 12.01
CA ARG S 4 -73.28 -5.93 11.67
C ARG S 4 -71.85 -6.47 11.86
N ARG S 5 -71.56 -7.51 11.11
CA ARG S 5 -70.32 -8.27 11.26
C ARG S 5 -69.57 -8.41 9.94
N VAL S 6 -68.67 -7.47 9.71
CA VAL S 6 -67.70 -7.51 8.61
C VAL S 6 -66.54 -6.68 9.15
N PRO S 7 -65.61 -7.33 9.89
CA PRO S 7 -64.65 -6.59 10.71
C PRO S 7 -63.73 -5.65 9.94
N PHE S 8 -64.17 -4.41 9.80
CA PHE S 8 -63.41 -3.34 9.14
C PHE S 8 -62.81 -2.34 10.13
N SER S 9 -62.95 -2.65 11.41
CA SER S 9 -62.52 -1.75 12.49
C SER S 9 -61.11 -2.02 12.98
N LEU S 10 -60.63 -3.24 12.78
CA LEU S 10 -59.32 -3.69 13.26
C LEU S 10 -58.21 -3.60 12.22
N LEU S 11 -58.24 -2.53 11.45
CA LEU S 11 -57.23 -2.24 10.42
C LEU S 11 -56.19 -1.21 10.90
N ARG S 12 -56.05 -1.17 12.22
CA ARG S 12 -54.92 -0.55 12.93
C ARG S 12 -54.92 0.98 12.95
N GLY S 13 -55.37 1.52 14.08
CA GLY S 13 -55.40 2.97 14.29
C GLY S 13 -54.13 3.50 14.92
N PRO S 14 -53.02 2.83 14.67
CA PRO S 14 -51.71 3.24 15.19
C PRO S 14 -51.23 4.55 14.60
N SER S 15 -51.90 4.97 13.54
CA SER S 15 -51.57 6.24 12.87
C SER S 15 -50.34 6.07 11.98
N TRP S 16 -49.53 5.08 12.28
CA TRP S 16 -48.33 4.81 11.47
C TRP S 16 -48.58 3.85 10.33
N ASP S 17 -48.51 4.34 9.10
CA ASP S 17 -48.71 3.49 7.90
C ASP S 17 -49.85 2.50 8.25
N PRO S 18 -50.14 1.50 7.40
CA PRO S 18 -51.41 0.80 7.69
C PRO S 18 -51.39 -0.11 8.91
N PHE S 19 -50.24 -0.30 9.53
CA PHE S 19 -50.13 -1.09 10.76
C PHE S 19 -49.48 -0.37 11.92
N ARG S 20 -48.15 -0.46 12.00
CA ARG S 20 -47.39 -0.16 13.22
C ARG S 20 -47.91 -1.05 14.34
N ASP S 21 -47.50 -2.32 14.29
CA ASP S 21 -48.00 -3.32 15.26
C ASP S 21 -47.14 -3.32 16.54
N TRP S 22 -45.93 -3.83 16.43
CA TRP S 22 -44.95 -3.81 17.55
C TRP S 22 -43.61 -3.39 17.00
N TYR S 23 -42.98 -2.43 17.68
CA TYR S 23 -41.67 -1.84 17.24
C TYR S 23 -41.60 -1.62 15.72
N PRO S 24 -42.24 -0.54 15.23
CA PRO S 24 -42.38 -0.34 13.79
C PRO S 24 -41.07 -0.02 13.08
N HIS S 25 -40.40 -1.08 12.68
CA HIS S 25 -39.16 -1.01 11.90
C HIS S 25 -39.44 -1.63 10.55
N SER S 26 -38.51 -1.41 9.62
CA SER S 26 -38.59 -2.00 8.29
C SER S 26 -38.09 -3.43 8.28
N ARG S 27 -36.94 -3.67 8.91
CA ARG S 27 -36.36 -5.02 9.07
C ARG S 27 -37.31 -5.97 9.79
N LEU S 28 -38.30 -5.41 10.46
CA LEU S 28 -39.40 -6.15 11.07
C LEU S 28 -40.25 -6.87 10.00
N PHE S 29 -40.67 -6.08 9.01
CA PHE S 29 -41.41 -6.59 7.84
C PHE S 29 -40.49 -7.20 6.78
N ASP S 30 -39.19 -6.85 6.82
CA ASP S 30 -38.18 -7.41 5.89
C ASP S 30 -37.94 -8.90 6.09
N GLN S 31 -38.32 -9.44 7.23
CA GLN S 31 -38.21 -10.89 7.48
C GLN S 31 -39.45 -11.70 7.08
N ALA S 32 -40.61 -11.06 7.03
CA ALA S 32 -41.82 -11.68 6.47
C ALA S 32 -42.15 -11.11 5.09
N PHE S 33 -41.43 -11.59 4.09
CA PHE S 33 -41.66 -11.22 2.70
C PHE S 33 -41.45 -12.37 1.70
N GLY S 34 -40.38 -13.13 1.87
CA GLY S 34 -39.99 -14.18 0.93
C GLY S 34 -38.84 -15.00 1.48
N LEU S 35 -38.00 -15.50 0.58
CA LEU S 35 -36.99 -16.51 0.87
C LEU S 35 -35.56 -16.04 0.66
N PRO S 36 -34.67 -16.41 1.58
CA PRO S 36 -33.24 -16.00 1.66
C PRO S 36 -32.31 -16.13 0.41
N ARG S 37 -32.81 -15.94 -0.79
CA ARG S 37 -31.91 -15.93 -1.97
C ARG S 37 -31.03 -14.72 -1.71
N LEU S 38 -29.76 -14.70 -2.09
CA LEU S 38 -28.96 -13.51 -1.79
C LEU S 38 -29.58 -12.22 -2.36
N PRO S 39 -29.95 -12.24 -3.64
CA PRO S 39 -30.61 -11.11 -4.29
C PRO S 39 -32.12 -11.26 -4.55
N GLU S 40 -32.83 -11.93 -3.66
CA GLU S 40 -34.32 -12.06 -3.80
C GLU S 40 -34.85 -10.63 -3.92
N GLU S 41 -34.04 -9.78 -3.35
CA GLU S 41 -34.13 -8.34 -3.34
C GLU S 41 -34.58 -7.88 -1.96
N TRP S 42 -35.21 -6.73 -1.93
CA TRP S 42 -35.35 -5.95 -0.72
C TRP S 42 -36.77 -5.86 -0.15
N SER S 43 -37.65 -6.81 -0.45
CA SER S 43 -39.05 -6.76 -0.02
C SER S 43 -39.75 -5.50 -0.55
N GLN S 44 -39.37 -4.37 0.00
CA GLN S 44 -39.91 -3.08 -0.41
C GLN S 44 -41.26 -2.70 0.23
N TRP S 45 -41.18 -2.36 1.51
CA TRP S 45 -42.32 -1.90 2.27
C TRP S 45 -42.10 -0.44 2.57
N LEU S 46 -42.98 0.42 2.11
CA LEU S 46 -42.82 1.83 2.32
C LEU S 46 -43.63 2.29 3.49
N GLY S 47 -44.21 1.33 4.16
CA GLY S 47 -45.30 1.62 5.11
C GLY S 47 -46.41 2.36 4.42
N GLY S 48 -47.41 1.65 3.93
CA GLY S 48 -48.61 2.31 3.43
C GLY S 48 -48.54 2.88 2.03
N SER S 49 -47.46 2.64 1.34
CA SER S 49 -47.38 2.87 -0.10
C SER S 49 -46.99 1.61 -0.84
N SER S 50 -47.08 0.48 -0.15
CA SER S 50 -46.57 -0.79 -0.63
C SER S 50 -47.71 -1.71 -0.97
N TRP S 51 -47.34 -2.89 -1.43
CA TRP S 51 -48.25 -4.04 -1.59
C TRP S 51 -48.95 -4.39 -0.28
N PRO S 52 -49.96 -5.27 -0.30
CA PRO S 52 -50.82 -5.47 0.86
C PRO S 52 -50.20 -5.39 2.22
N GLY S 53 -50.78 -4.57 3.08
CA GLY S 53 -50.42 -4.53 4.47
C GLY S 53 -50.77 -5.87 5.10
N TYR S 54 -49.77 -6.58 5.58
CA TYR S 54 -49.94 -7.93 6.10
C TYR S 54 -49.55 -8.00 7.57
N VAL S 55 -50.35 -8.71 8.34
CA VAL S 55 -50.07 -8.99 9.76
C VAL S 55 -49.48 -10.39 9.99
N ARG S 56 -49.36 -11.19 8.94
CA ARG S 56 -48.81 -12.57 9.04
C ARG S 56 -47.45 -12.69 9.72
N PRO S 71 -43.15 -12.05 15.38
CA PRO S 71 -44.38 -12.84 15.29
C PRO S 71 -45.40 -12.57 16.39
N ALA S 72 -45.32 -11.40 16.99
CA ALA S 72 -46.25 -10.97 18.06
C ALA S 72 -47.39 -10.06 17.51
N TYR S 73 -47.63 -10.14 16.21
CA TYR S 73 -48.53 -9.26 15.47
C TYR S 73 -49.93 -9.86 15.35
N SER S 74 -49.96 -11.17 15.16
CA SER S 74 -51.15 -11.99 15.39
C SER S 74 -51.47 -12.09 16.90
N ARG S 75 -50.45 -11.88 17.71
CA ARG S 75 -50.56 -11.79 19.18
C ARG S 75 -50.82 -10.37 19.73
N ALA S 76 -51.03 -9.40 18.85
CA ALA S 76 -51.20 -8.00 19.25
C ALA S 76 -52.64 -7.71 19.68
N LEU S 77 -53.55 -7.94 18.75
CA LEU S 77 -54.99 -7.69 18.97
C LEU S 77 -55.70 -8.88 19.63
N SER S 78 -55.40 -10.06 19.15
CA SER S 78 -56.11 -11.29 19.52
C SER S 78 -55.65 -11.88 20.86
N ARG S 79 -54.35 -11.91 21.05
CA ARG S 79 -53.76 -12.50 22.28
C ARG S 79 -53.96 -11.54 23.46
N GLN S 80 -53.03 -10.59 23.65
CA GLN S 80 -53.10 -9.55 24.71
C GLN S 80 -53.00 -10.10 26.16
N LEU S 81 -53.66 -11.22 26.40
CA LEU S 81 -53.60 -11.96 27.65
C LEU S 81 -53.42 -13.49 27.51
N SER S 82 -54.09 -14.05 26.51
CA SER S 82 -54.37 -15.49 26.38
C SER S 82 -55.33 -15.92 27.49
N SER S 83 -56.11 -14.98 28.00
CA SER S 83 -57.09 -15.19 29.08
C SER S 83 -56.57 -15.62 30.49
N GLY S 84 -55.35 -16.12 30.58
CA GLY S 84 -54.73 -16.50 31.86
C GLY S 84 -55.07 -17.87 32.39
N ARG S 94 -52.52 -27.60 29.88
CA ARG S 94 -53.27 -27.78 31.12
C ARG S 94 -52.83 -26.79 32.19
N TRP S 95 -51.54 -26.79 32.48
CA TRP S 95 -50.97 -25.89 33.49
C TRP S 95 -50.81 -24.53 32.89
N ARG S 96 -51.28 -23.49 33.54
CA ARG S 96 -51.14 -22.17 32.94
C ARG S 96 -51.09 -21.06 34.00
N VAL S 97 -50.24 -20.07 33.75
CA VAL S 97 -50.05 -18.92 34.65
C VAL S 97 -49.84 -17.61 33.87
N SER S 98 -50.28 -16.51 34.44
CA SER S 98 -50.19 -15.16 33.81
C SER S 98 -49.17 -14.27 34.54
N LEU S 99 -48.55 -13.39 33.80
CA LEU S 99 -47.51 -12.47 34.30
C LEU S 99 -47.66 -11.10 33.63
N ASP S 100 -47.87 -10.06 34.40
CA ASP S 100 -47.99 -8.69 33.87
C ASP S 100 -46.59 -8.10 33.62
N VAL S 101 -46.27 -7.91 32.36
CA VAL S 101 -44.92 -7.46 31.92
C VAL S 101 -44.86 -6.03 31.35
N ASN S 102 -46.03 -5.44 31.11
CA ASN S 102 -46.15 -4.13 30.42
C ASN S 102 -45.32 -3.01 31.04
N HIS S 103 -45.34 -2.94 32.36
CA HIS S 103 -44.57 -1.93 33.10
C HIS S 103 -43.05 -2.17 32.98
N PHE S 104 -42.66 -3.43 32.98
CA PHE S 104 -41.26 -3.82 32.83
C PHE S 104 -40.69 -3.44 31.45
N ALA S 105 -41.42 -3.84 30.43
CA ALA S 105 -41.07 -3.61 29.00
C ALA S 105 -39.72 -4.20 28.67
N PRO S 106 -39.61 -5.55 28.68
CA PRO S 106 -38.32 -6.18 28.52
C PRO S 106 -37.89 -6.29 27.05
N ASP S 107 -36.60 -6.17 26.80
CA ASP S 107 -36.05 -6.32 25.45
C ASP S 107 -35.88 -7.82 25.23
N GLU S 108 -35.47 -8.52 26.28
CA GLU S 108 -35.28 -9.97 26.23
C GLU S 108 -35.89 -10.68 27.45
N LEU S 109 -36.55 -11.81 27.17
CA LEU S 109 -37.15 -12.68 28.18
C LEU S 109 -36.57 -14.07 28.05
N THR S 110 -35.93 -14.54 29.11
CA THR S 110 -35.34 -15.90 29.15
C THR S 110 -36.24 -16.81 30.00
N VAL S 111 -36.80 -17.84 29.38
CA VAL S 111 -37.63 -18.82 30.08
C VAL S 111 -36.88 -20.15 30.16
N LYS S 112 -36.56 -20.55 31.38
CA LYS S 112 -35.80 -21.76 31.68
C LYS S 112 -36.61 -22.69 32.59
N THR S 113 -36.62 -23.97 32.26
CA THR S 113 -37.22 -25.01 33.13
C THR S 113 -36.11 -25.93 33.65
N LYS S 114 -35.82 -25.84 34.93
CA LYS S 114 -34.77 -26.60 35.60
C LYS S 114 -35.25 -27.16 36.95
N ASP S 115 -35.08 -28.46 37.12
CA ASP S 115 -35.48 -29.21 38.35
C ASP S 115 -36.97 -28.98 38.75
N GLY S 116 -37.81 -28.92 37.74
CA GLY S 116 -39.25 -28.69 37.91
C GLY S 116 -39.62 -27.30 38.38
N VAL S 117 -38.83 -26.32 37.97
CA VAL S 117 -39.05 -24.90 38.32
C VAL S 117 -38.96 -24.04 37.05
N VAL S 118 -40.08 -23.45 36.67
CA VAL S 118 -40.14 -22.53 35.52
C VAL S 118 -39.62 -21.16 35.99
N GLU S 119 -38.46 -20.77 35.47
CA GLU S 119 -37.80 -19.52 35.82
C GLU S 119 -37.86 -18.56 34.64
N ILE S 120 -38.55 -17.45 34.83
CA ILE S 120 -38.71 -16.40 33.77
C ILE S 120 -37.91 -15.18 34.21
N THR S 121 -36.91 -14.85 33.42
CA THR S 121 -36.00 -13.73 33.69
C THR S 121 -36.05 -12.68 32.57
N GLY S 122 -36.48 -11.49 32.90
CA GLY S 122 -36.53 -10.38 31.95
C GLY S 122 -35.43 -9.38 32.21
N LYS S 123 -34.98 -8.71 31.15
CA LYS S 123 -33.93 -7.67 31.24
C LYS S 123 -34.20 -6.52 30.27
N HIS S 124 -33.75 -5.34 30.65
CA HIS S 124 -34.10 -4.07 29.97
C HIS S 124 -32.88 -3.18 29.62
N GLU S 125 -32.76 -2.03 30.25
CA GLU S 125 -31.67 -1.09 30.03
C GLU S 125 -31.50 -0.79 28.54
N GLU S 126 -30.47 -0.02 28.23
CA GLU S 126 -30.08 0.35 26.86
C GLU S 126 -30.80 1.57 26.29
N ARG S 127 -30.08 2.68 26.23
CA ARG S 127 -30.57 3.98 25.67
C ARG S 127 -29.74 5.10 26.26
N GLN S 128 -29.43 6.13 25.49
CA GLN S 128 -28.66 7.26 25.99
C GLN S 128 -29.48 8.54 26.15
N ASP S 129 -29.79 8.86 27.39
CA ASP S 129 -30.57 10.07 27.73
C ASP S 129 -30.37 10.41 29.21
N GLU S 130 -31.26 11.24 29.76
CA GLU S 130 -31.24 11.59 31.20
C GLU S 130 -31.31 10.38 32.13
N HIS S 131 -32.14 9.42 31.75
CA HIS S 131 -32.31 8.17 32.53
C HIS S 131 -31.02 7.33 32.53
N GLY S 132 -30.59 6.96 31.33
CA GLY S 132 -29.25 6.38 31.10
C GLY S 132 -29.01 4.95 31.52
N TYR S 133 -28.29 4.80 32.63
CA TYR S 133 -27.64 3.54 33.05
C TYR S 133 -28.43 2.69 34.09
N ILE S 134 -29.75 2.78 34.06
CA ILE S 134 -30.64 2.03 34.98
C ILE S 134 -30.87 0.60 34.49
N SER S 135 -30.31 -0.40 35.16
CA SER S 135 -30.46 -1.80 34.73
C SER S 135 -31.40 -2.60 35.64
N ARG S 136 -32.54 -3.00 35.12
CA ARG S 136 -33.54 -3.79 35.88
C ARG S 136 -33.69 -5.21 35.34
N CYS S 137 -33.80 -6.15 36.24
CA CYS S 137 -33.93 -7.59 35.91
C CYS S 137 -34.81 -8.33 36.91
N PHE S 138 -35.91 -8.91 36.44
CA PHE S 138 -36.87 -9.61 37.32
C PHE S 138 -36.82 -11.11 37.05
N THR S 139 -36.93 -11.89 38.13
CA THR S 139 -36.89 -13.37 38.07
C THR S 139 -38.08 -13.98 38.79
N ARG S 140 -39.08 -14.42 38.03
CA ARG S 140 -40.28 -15.04 38.60
C ARG S 140 -40.15 -16.56 38.57
N LYS S 141 -40.20 -17.17 39.75
CA LYS S 141 -40.00 -18.62 39.94
C LYS S 141 -41.35 -19.31 40.15
N TYR S 142 -41.64 -20.27 39.28
CA TYR S 142 -42.86 -21.08 39.32
C TYR S 142 -42.55 -22.53 39.66
N THR S 143 -43.29 -23.05 40.62
CA THR S 143 -43.21 -24.48 41.01
C THR S 143 -44.19 -25.30 40.17
N LEU S 144 -43.67 -26.21 39.37
CA LEU S 144 -44.47 -27.06 38.47
C LEU S 144 -45.28 -28.11 39.23
N PRO S 145 -46.45 -28.50 38.68
CA PRO S 145 -47.17 -29.67 39.21
C PRO S 145 -46.37 -30.95 38.91
N PRO S 146 -46.26 -31.89 39.88
CA PRO S 146 -45.39 -33.06 39.69
C PRO S 146 -45.82 -33.95 38.53
N GLY S 147 -44.90 -34.17 37.61
CA GLY S 147 -45.16 -34.98 36.40
C GLY S 147 -45.03 -34.25 35.08
N VAL S 148 -45.01 -32.93 35.12
CA VAL S 148 -44.88 -32.09 33.94
C VAL S 148 -43.46 -32.26 33.36
N ASP S 149 -43.38 -32.54 32.07
CA ASP S 149 -42.11 -32.71 31.36
C ASP S 149 -41.42 -31.34 31.27
N PRO S 150 -40.16 -31.22 31.75
CA PRO S 150 -39.49 -29.89 31.70
C PRO S 150 -39.24 -29.32 30.29
N THR S 151 -39.28 -30.17 29.29
CA THR S 151 -39.24 -29.73 27.89
C THR S 151 -40.60 -29.21 27.37
N GLN S 152 -41.67 -29.35 28.16
CA GLN S 152 -43.04 -29.02 27.73
C GLN S 152 -43.61 -27.67 28.22
N VAL S 153 -42.77 -26.73 28.62
CA VAL S 153 -43.25 -25.44 29.17
C VAL S 153 -43.15 -24.33 28.12
N SER S 154 -44.20 -23.52 27.99
CA SER S 154 -44.27 -22.42 27.00
C SER S 154 -44.15 -21.03 27.56
N SER S 155 -43.81 -20.10 26.69
CA SER S 155 -43.98 -18.65 26.95
C SER S 155 -44.44 -17.92 25.70
N SER S 156 -45.24 -16.89 25.89
CA SER S 156 -45.69 -16.04 24.79
C SER S 156 -45.77 -14.58 25.25
N LEU S 157 -45.34 -13.67 24.40
CA LEU S 157 -45.30 -12.23 24.71
C LEU S 157 -46.23 -11.43 23.80
N SER S 158 -47.14 -10.69 24.41
CA SER S 158 -48.00 -9.76 23.65
C SER S 158 -47.33 -8.37 23.55
N PRO S 159 -47.62 -7.61 22.49
CA PRO S 159 -47.27 -6.18 22.40
C PRO S 159 -47.86 -5.30 23.50
N GLU S 160 -49.06 -5.67 23.93
CA GLU S 160 -49.75 -4.96 25.01
C GLU S 160 -48.88 -5.08 26.24
N GLY S 161 -48.43 -6.30 26.53
CA GLY S 161 -47.57 -6.56 27.68
C GLY S 161 -48.20 -7.51 28.67
N THR S 162 -48.25 -8.78 28.31
CA THR S 162 -48.83 -9.80 29.19
C THR S 162 -48.28 -11.18 28.89
N LEU S 163 -47.30 -11.60 29.66
CA LEU S 163 -46.66 -12.92 29.49
C LEU S 163 -47.56 -14.04 30.03
N THR S 164 -47.67 -15.14 29.31
CA THR S 164 -48.50 -16.29 29.70
C THR S 164 -47.72 -17.58 29.46
N VAL S 165 -47.62 -18.37 30.50
CA VAL S 165 -46.85 -19.63 30.51
C VAL S 165 -47.74 -20.84 30.75
N GLU S 166 -47.84 -21.72 29.76
CA GLU S 166 -48.59 -22.97 29.88
C GLU S 166 -47.74 -24.22 29.60
N ALA S 167 -48.15 -25.34 30.20
CA ALA S 167 -47.51 -26.64 29.98
C ALA S 167 -48.53 -27.81 30.08
N PRO S 168 -48.49 -28.76 29.12
CA PRO S 168 -49.32 -29.96 29.19
C PRO S 168 -49.02 -30.87 30.38
N MET S 169 -50.08 -31.28 31.08
CA MET S 169 -49.99 -32.20 32.22
C MET S 169 -49.82 -33.62 31.70
N PRO S 170 -49.05 -34.49 32.40
CA PRO S 170 -48.64 -35.78 31.83
C PRO S 170 -49.80 -36.67 31.39
N LYS S 171 -50.58 -37.16 32.35
CA LYS S 171 -51.74 -38.01 32.04
C LYS S 171 -52.85 -37.89 33.09
N LEU S 172 -53.65 -36.86 32.93
CA LEU S 172 -54.76 -36.58 33.85
C LEU S 172 -56.12 -36.62 33.17
N GLN S 175 -45.68 -38.34 35.71
CA GLN S 175 -46.04 -38.30 37.13
C GLN S 175 -44.86 -38.58 38.07
N SER S 176 -43.68 -38.15 37.66
CA SER S 176 -42.45 -38.35 38.42
C SER S 176 -42.40 -37.50 39.68
N ASN S 177 -41.55 -37.93 40.61
CA ASN S 177 -41.40 -37.30 41.94
C ASN S 177 -40.18 -36.39 41.97
N GLU S 178 -39.00 -37.01 41.86
CA GLU S 178 -37.73 -36.27 41.80
C GLU S 178 -37.67 -35.47 40.50
N ILE S 179 -38.41 -35.98 39.51
CA ILE S 179 -38.72 -35.41 38.21
C ILE S 179 -38.08 -36.28 37.09
N THR S 180 -36.78 -36.18 36.88
CA THR S 180 -36.10 -36.88 35.81
C THR S 180 -36.22 -38.40 35.99
N ILE S 181 -37.32 -38.95 35.50
CA ILE S 181 -37.54 -40.38 35.40
C ILE S 181 -38.25 -40.60 34.05
N PRO S 182 -37.54 -40.32 32.94
CA PRO S 182 -38.17 -40.43 31.63
C PRO S 182 -38.20 -41.88 31.10
N VAL S 183 -39.07 -42.68 31.67
CA VAL S 183 -39.25 -44.09 31.30
C VAL S 183 -40.68 -44.40 30.78
N THR S 184 -41.44 -43.36 30.45
CA THR S 184 -42.92 -43.51 30.35
C THR S 184 -43.45 -44.38 29.19
N PHE S 185 -42.64 -44.60 28.17
CA PHE S 185 -43.07 -45.38 26.99
C PHE S 185 -43.33 -46.87 27.26
N GLU S 186 -42.30 -47.56 27.73
CA GLU S 186 -42.39 -49.00 27.99
C GLU S 186 -42.95 -49.29 29.40
N SER S 187 -42.51 -48.48 30.37
CA SER S 187 -42.88 -48.68 31.77
C SER S 187 -44.18 -47.98 32.12
N ARG S 188 -45.23 -48.77 32.29
CA ARG S 188 -46.53 -48.32 32.80
C ARG S 188 -46.69 -48.57 34.30
N ALA S 189 -45.75 -49.31 34.88
CA ALA S 189 -45.84 -49.80 36.27
C ALA S 189 -45.64 -48.71 37.32
N GLN S 190 -44.56 -47.95 37.16
CA GLN S 190 -44.23 -46.84 38.08
C GLN S 190 -44.74 -45.49 37.60
N LEU S 191 -44.76 -45.30 36.28
CA LEU S 191 -45.37 -44.14 35.64
C LEU S 191 -46.51 -44.61 34.76
N GLY S 192 -47.73 -44.27 35.13
CA GLY S 192 -48.94 -44.83 34.50
C GLY S 192 -50.22 -44.27 35.09
N GLY S 193 -51.14 -45.16 35.42
CA GLY S 193 -52.44 -44.80 36.00
C GLY S 193 -52.43 -44.70 37.52
N PRO S 194 -53.62 -44.75 38.15
CA PRO S 194 -53.79 -44.74 39.60
C PRO S 194 -53.95 -46.14 40.21
N GLU S 195 -52.90 -46.58 40.88
CA GLU S 195 -52.87 -47.85 41.59
C GLU S 195 -52.69 -47.47 43.06
N ALA S 196 -52.48 -48.48 43.88
CA ALA S 196 -52.70 -48.30 45.32
C ALA S 196 -51.66 -47.48 46.06
N ALA S 197 -51.82 -47.48 47.35
CA ALA S 197 -50.94 -46.74 48.25
C ALA S 197 -49.46 -47.12 48.16
N LYS S 198 -48.64 -46.39 48.89
CA LYS S 198 -47.18 -46.50 48.91
C LYS S 198 -46.53 -45.99 47.65
N SER S 199 -46.73 -44.71 47.35
CA SER S 199 -45.96 -43.98 46.31
C SER S 199 -45.97 -44.57 44.88
N ASP S 200 -46.44 -45.81 44.72
CA ASP S 200 -46.50 -46.44 43.41
C ASP S 200 -47.73 -45.87 42.73
N GLU S 201 -47.51 -45.22 41.59
CA GLU S 201 -48.59 -44.73 40.73
C GLU S 201 -49.41 -43.59 41.35
N THR S 202 -48.87 -42.39 41.22
CA THR S 202 -49.53 -41.15 41.65
C THR S 202 -50.59 -40.76 40.63
N ALA S 203 -51.85 -40.72 41.03
CA ALA S 203 -52.99 -40.56 40.08
C ALA S 203 -52.99 -39.25 39.27
N ALA S 204 -53.54 -38.21 39.84
CA ALA S 204 -53.73 -36.92 39.18
C ALA S 204 -53.73 -35.79 40.18
N LYS S 205 -52.89 -34.80 39.95
CA LYS S 205 -52.64 -33.69 40.88
C LYS S 205 -53.12 -32.38 40.28
N MET T 1 14.86 29.83 73.85
CA MET T 1 15.32 28.47 74.26
C MET T 1 14.41 27.32 73.79
N THR T 2 13.19 27.65 73.42
CA THR T 2 12.28 26.76 72.69
C THR T 2 12.40 26.97 71.15
N GLU T 3 13.49 27.58 70.73
CA GLU T 3 13.62 28.16 69.37
C GLU T 3 14.24 27.21 68.37
N ARG T 4 14.53 27.73 67.20
CA ARG T 4 14.90 26.95 65.99
C ARG T 4 13.72 26.08 65.56
N ARG T 5 12.67 26.76 65.14
CA ARG T 5 11.55 26.14 64.46
C ARG T 5 11.33 26.92 63.15
N VAL T 6 12.14 26.55 62.19
CA VAL T 6 12.08 27.00 60.82
C VAL T 6 12.01 25.68 60.06
N PRO T 7 10.85 25.34 59.46
CA PRO T 7 10.69 23.94 59.04
C PRO T 7 11.73 23.43 58.04
N PHE T 8 12.77 22.81 58.58
CA PHE T 8 13.85 22.21 57.79
C PHE T 8 13.67 20.72 57.46
N SER T 9 12.70 20.08 58.08
CA SER T 9 12.51 18.64 57.94
C SER T 9 11.58 18.26 56.79
N LEU T 10 10.49 19.00 56.62
CA LEU T 10 9.56 18.78 55.51
C LEU T 10 9.88 19.62 54.29
N LEU T 11 11.08 19.39 53.79
CA LEU T 11 11.57 19.91 52.52
C LEU T 11 11.80 18.79 51.52
N ARG T 12 11.46 17.58 51.94
CA ARG T 12 11.76 16.36 51.20
C ARG T 12 13.24 16.29 50.82
N GLY T 13 14.03 15.89 51.80
CA GLY T 13 15.46 15.62 51.63
C GLY T 13 15.78 14.16 51.34
N PRO T 14 14.87 13.50 50.64
CA PRO T 14 14.95 12.03 50.49
C PRO T 14 16.18 11.56 49.66
N SER T 15 16.18 11.83 48.36
CA SER T 15 17.28 11.35 47.49
C SER T 15 17.34 11.94 46.08
N TRP T 16 16.39 11.54 45.25
CA TRP T 16 16.42 11.89 43.82
C TRP T 16 15.61 13.13 43.53
N ASP T 17 16.30 14.26 43.30
CA ASP T 17 15.66 15.56 43.00
C ASP T 17 14.83 16.01 44.23
N PRO T 18 14.08 17.15 44.16
CA PRO T 18 13.53 17.59 45.44
C PRO T 18 12.39 16.75 46.05
N PHE T 19 11.93 15.71 45.35
CA PHE T 19 10.90 14.81 45.90
C PHE T 19 11.30 13.31 45.98
N ARG T 20 11.22 12.59 44.87
CA ARG T 20 11.34 11.11 44.87
C ARG T 20 10.38 10.48 45.93
N ASP T 21 9.15 10.93 45.86
CA ASP T 21 8.11 10.45 46.81
C ASP T 21 7.59 9.08 46.39
N TRP T 22 7.07 9.03 45.18
CA TRP T 22 6.53 7.80 44.58
C TRP T 22 7.08 7.72 43.18
N TYR T 23 7.79 6.64 42.86
CA TYR T 23 8.45 6.46 41.55
C TYR T 23 8.94 7.79 41.01
N PRO T 24 10.24 8.12 41.18
CA PRO T 24 10.70 9.44 40.69
C PRO T 24 10.50 9.53 39.18
N HIS T 25 9.26 9.76 38.83
CA HIS T 25 8.76 9.60 37.48
C HIS T 25 8.06 10.84 36.99
N SER T 26 7.84 10.84 35.70
CA SER T 26 7.22 11.93 35.00
C SER T 26 5.71 11.85 34.99
N ARG T 27 5.21 10.77 34.41
CA ARG T 27 3.75 10.57 34.19
C ARG T 27 2.93 10.67 35.49
N LEU T 28 3.61 10.53 36.61
CA LEU T 28 3.04 10.78 37.94
C LEU T 28 2.69 12.25 38.11
N PHE T 29 3.71 13.08 37.94
CA PHE T 29 3.59 14.52 38.05
C PHE T 29 2.92 15.15 36.82
N ASP T 30 2.96 14.45 35.71
CA ASP T 30 2.36 14.92 34.44
C ASP T 30 0.83 14.97 34.55
N GLN T 31 0.28 14.14 35.42
CA GLN T 31 -1.15 14.17 35.73
C GLN T 31 -1.52 15.38 36.60
N ALA T 32 -0.61 15.79 37.48
CA ALA T 32 -0.79 16.99 38.33
C ALA T 32 0.14 18.15 37.90
N PHE T 33 -0.28 18.91 36.91
CA PHE T 33 0.47 20.08 36.39
C PHE T 33 -0.41 21.31 36.09
N GLY T 34 -1.50 21.08 35.39
CA GLY T 34 -2.27 22.15 34.77
C GLY T 34 -3.51 21.61 34.11
N LEU T 35 -3.82 22.15 32.94
CA LEU T 35 -5.11 21.90 32.26
C LEU T 35 -4.99 20.78 31.23
N PRO T 36 -6.00 19.86 31.19
CA PRO T 36 -5.99 18.70 30.29
C PRO T 36 -6.64 18.93 28.92
N ARG T 37 -5.94 19.68 28.08
CA ARG T 37 -6.30 19.83 26.66
C ARG T 37 -5.06 19.60 25.80
N LEU T 38 -5.26 19.46 24.50
CA LEU T 38 -4.20 19.16 23.54
C LEU T 38 -3.10 20.21 23.33
N PRO T 39 -3.46 21.51 23.20
CA PRO T 39 -2.37 22.47 23.15
C PRO T 39 -1.73 22.78 24.49
N GLU T 40 -2.34 22.33 25.58
CA GLU T 40 -1.82 22.51 26.92
C GLU T 40 -0.89 21.35 27.17
N GLU T 41 0.27 21.67 27.71
CA GLU T 41 1.32 20.65 27.97
C GLU T 41 1.10 19.87 29.27
N TRP T 42 2.18 19.30 29.78
CA TRP T 42 2.13 18.51 31.01
C TRP T 42 3.06 19.04 32.10
N SER T 43 4.27 18.51 32.16
CA SER T 43 5.25 18.88 33.17
C SER T 43 6.62 19.28 32.61
N GLN T 44 7.32 18.31 32.07
CA GLN T 44 8.68 18.51 31.49
C GLN T 44 9.62 19.24 32.47
N TRP T 45 9.98 18.53 33.53
CA TRP T 45 10.83 19.08 34.59
C TRP T 45 11.84 18.06 35.12
N LEU T 46 11.55 17.49 36.27
CA LEU T 46 12.38 16.47 36.94
C LEU T 46 13.50 17.03 37.82
N GLY T 47 13.13 17.86 38.79
CA GLY T 47 14.06 18.43 39.75
C GLY T 47 14.75 19.71 39.38
N GLY T 48 16.08 19.68 39.33
CA GLY T 48 16.90 20.84 38.99
C GLY T 48 16.41 21.62 37.78
N SER T 49 15.80 20.90 36.86
CA SER T 49 15.20 21.42 35.64
C SER T 49 13.69 21.64 35.71
N SER T 50 13.17 22.00 36.87
CA SER T 50 11.74 22.25 37.05
C SER T 50 11.47 23.26 38.16
N TRP T 51 10.25 23.78 38.19
CA TRP T 51 9.84 24.73 39.22
C TRP T 51 10.05 24.10 40.59
N PRO T 52 9.67 24.79 41.67
CA PRO T 52 9.88 24.17 42.97
C PRO T 52 9.30 22.77 42.99
N GLY T 53 9.62 22.05 44.05
CA GLY T 53 8.87 20.88 44.40
C GLY T 53 7.50 21.27 44.92
N TYR T 54 6.53 20.41 44.73
CA TYR T 54 5.18 20.63 45.23
C TYR T 54 4.57 19.33 45.76
N VAL T 55 3.49 19.48 46.49
CA VAL T 55 2.74 18.36 47.02
C VAL T 55 1.41 18.28 46.29
N ARG T 56 0.44 19.00 46.81
CA ARG T 56 -0.95 18.94 46.35
C ARG T 56 -1.41 17.63 45.70
N PRO T 71 -2.89 12.06 46.79
CA PRO T 71 -3.04 10.70 47.28
C PRO T 71 -1.92 10.30 48.25
N ALA T 72 -0.70 10.21 47.76
CA ALA T 72 0.43 9.69 48.52
C ALA T 72 1.46 10.69 49.04
N TYR T 73 1.27 11.97 48.76
CA TYR T 73 2.25 13.02 49.17
C TYR T 73 2.01 13.54 50.58
N SER T 74 0.75 13.79 50.90
CA SER T 74 0.31 14.10 52.28
C SER T 74 0.35 12.85 53.17
N ARG T 75 0.26 11.69 52.55
CA ARG T 75 0.32 10.39 53.22
C ARG T 75 1.75 9.87 53.49
N ALA T 76 2.72 10.47 52.80
CA ALA T 76 4.13 10.13 52.98
C ALA T 76 4.72 10.63 54.31
N LEU T 77 4.25 11.78 54.74
CA LEU T 77 4.86 12.53 55.87
C LEU T 77 4.04 12.52 57.17
N SER T 78 2.82 13.00 57.07
CA SER T 78 1.94 13.23 58.23
C SER T 78 1.22 11.95 58.68
N ARG T 79 1.00 11.02 57.75
CA ARG T 79 0.20 9.82 58.04
C ARG T 79 1.02 8.72 58.72
N GLN T 80 1.97 8.14 58.00
CA GLN T 80 2.77 6.98 58.44
C GLN T 80 1.88 5.75 58.74
N LEU T 81 1.36 5.66 59.96
CA LEU T 81 0.44 4.58 60.40
C LEU T 81 -0.99 5.09 60.63
N SER T 82 -1.20 6.37 60.35
CA SER T 82 -2.45 7.11 60.65
C SER T 82 -2.72 7.19 62.16
N SER T 83 -1.65 7.26 62.95
CA SER T 83 -1.68 7.42 64.42
C SER T 83 -2.15 6.20 65.23
N GLY T 84 -2.89 5.31 64.60
CA GLY T 84 -3.37 4.07 65.25
C GLY T 84 -4.53 4.29 66.19
N ARG T 94 -16.81 6.26 62.94
CA ARG T 94 -16.25 6.04 64.25
C ARG T 94 -15.36 4.79 64.28
N TRP T 95 -15.91 3.70 63.78
CA TRP T 95 -15.18 2.42 63.72
C TRP T 95 -13.88 2.59 62.94
N ARG T 96 -12.80 2.09 63.50
CA ARG T 96 -11.47 2.19 62.84
C ARG T 96 -10.61 0.94 63.10
N VAL T 97 -9.91 0.52 62.06
CA VAL T 97 -8.96 -0.62 62.11
C VAL T 97 -7.73 -0.32 61.26
N SER T 98 -6.59 -0.76 61.76
CA SER T 98 -5.29 -0.55 61.11
C SER T 98 -4.73 -1.88 60.53
N LEU T 99 -4.06 -1.75 59.41
CA LEU T 99 -3.49 -2.88 58.65
C LEU T 99 -2.08 -2.53 58.19
N ASP T 100 -1.09 -3.23 58.70
CA ASP T 100 0.31 -3.02 58.30
C ASP T 100 0.57 -3.74 56.98
N VAL T 101 0.76 -2.96 55.92
CA VAL T 101 0.92 -3.49 54.56
C VAL T 101 2.36 -3.38 53.99
N ASN T 102 3.22 -2.67 54.70
CA ASN T 102 4.57 -2.29 54.19
C ASN T 102 5.42 -3.45 53.68
N HIS T 103 5.49 -4.50 54.46
CA HIS T 103 6.24 -5.71 54.07
C HIS T 103 5.60 -6.44 52.88
N PHE T 104 4.28 -6.42 52.83
CA PHE T 104 3.54 -7.00 51.71
C PHE T 104 3.84 -6.26 50.40
N ALA T 105 3.76 -4.94 50.47
CA ALA T 105 4.04 -4.00 49.34
C ALA T 105 3.19 -4.30 48.10
N PRO T 106 1.85 -4.14 48.24
CA PRO T 106 0.96 -4.47 47.12
C PRO T 106 0.89 -3.36 46.07
N ASP T 107 0.84 -3.76 44.82
CA ASP T 107 0.57 -2.81 43.71
C ASP T 107 -0.90 -2.40 43.66
N GLU T 108 -1.77 -3.28 44.12
CA GLU T 108 -3.22 -3.03 44.18
C GLU T 108 -3.89 -3.64 45.43
N LEU T 109 -4.67 -2.81 46.09
CA LEU T 109 -5.53 -3.17 47.25
C LEU T 109 -7.02 -2.95 46.95
N THR T 110 -7.77 -4.04 46.92
CA THR T 110 -9.24 -3.96 46.65
C THR T 110 -10.00 -4.00 47.98
N VAL T 111 -10.72 -2.91 48.27
CA VAL T 111 -11.55 -2.82 49.49
C VAL T 111 -13.02 -2.89 49.09
N LYS T 112 -13.70 -3.91 49.58
CA LYS T 112 -15.09 -4.25 49.23
C LYS T 112 -15.95 -4.39 50.50
N THR T 113 -17.08 -3.72 50.53
CA THR T 113 -18.05 -3.82 51.64
C THR T 113 -19.39 -4.44 51.20
N LYS T 114 -19.63 -5.67 51.61
CA LYS T 114 -20.86 -6.41 51.29
C LYS T 114 -21.47 -7.06 52.53
N ASP T 115 -22.76 -6.82 52.74
CA ASP T 115 -23.54 -7.42 53.85
C ASP T 115 -22.84 -7.28 55.21
N GLY T 116 -22.29 -6.11 55.43
CA GLY T 116 -21.62 -5.77 56.69
C GLY T 116 -20.28 -6.45 56.93
N VAL T 117 -19.59 -6.76 55.84
CA VAL T 117 -18.24 -7.35 55.89
C VAL T 117 -17.30 -6.59 54.97
N VAL T 118 -16.32 -5.92 55.56
CA VAL T 118 -15.26 -5.20 54.82
C VAL T 118 -14.16 -6.20 54.46
N GLU T 119 -14.00 -6.44 53.17
CA GLU T 119 -13.01 -7.39 52.65
C GLU T 119 -11.88 -6.66 51.92
N ILE T 120 -10.67 -6.82 52.41
CA ILE T 120 -9.47 -6.17 51.85
C ILE T 120 -8.58 -7.23 51.20
N THR T 121 -8.41 -7.11 49.90
CA THR T 121 -7.64 -8.06 49.07
C THR T 121 -6.46 -7.37 48.40
N GLY T 122 -5.26 -7.79 48.74
CA GLY T 122 -4.02 -7.24 48.15
C GLY T 122 -3.44 -8.11 47.09
N LYS T 123 -2.74 -7.51 46.13
CA LYS T 123 -2.00 -8.24 45.10
C LYS T 123 -0.67 -7.57 44.82
N HIS T 124 0.30 -8.36 44.38
CA HIS T 124 1.69 -7.88 44.18
C HIS T 124 1.86 -7.54 42.69
N GLU T 125 2.72 -8.25 41.97
CA GLU T 125 2.63 -8.48 40.48
C GLU T 125 3.97 -8.62 39.78
N GLU T 126 3.90 -8.94 38.51
CA GLU T 126 5.03 -9.40 37.68
C GLU T 126 6.26 -8.51 37.61
N ARG T 127 7.36 -9.07 38.12
CA ARG T 127 8.72 -8.63 37.81
C ARG T 127 9.54 -9.90 37.62
N GLN T 128 10.29 -9.99 36.53
CA GLN T 128 11.14 -11.18 36.29
C GLN T 128 12.46 -11.07 37.05
N ASP T 129 12.60 -11.86 38.10
CA ASP T 129 13.77 -11.84 38.99
C ASP T 129 13.95 -13.26 39.57
N GLU T 130 14.66 -13.37 40.68
CA GLU T 130 14.80 -14.65 41.41
C GLU T 130 13.45 -15.26 41.76
N HIS T 131 12.52 -14.40 42.20
CA HIS T 131 11.12 -14.80 42.44
C HIS T 131 10.36 -14.94 41.12
N GLY T 132 10.15 -13.83 40.42
CA GLY T 132 9.54 -13.82 39.07
C GLY T 132 8.05 -13.89 39.03
N TYR T 133 7.57 -15.11 38.80
CA TYR T 133 6.15 -15.37 38.50
C TYR T 133 5.34 -15.71 39.78
N ILE T 134 5.63 -14.95 40.84
CA ILE T 134 5.10 -15.17 42.17
C ILE T 134 4.02 -14.14 42.49
N SER T 135 2.80 -14.62 42.66
CA SER T 135 1.63 -13.77 42.96
C SER T 135 1.11 -14.00 44.38
N ARG T 136 1.50 -13.13 45.30
CA ARG T 136 1.04 -13.20 46.70
C ARG T 136 -0.25 -12.39 46.84
N CYS T 137 -1.23 -12.95 47.53
CA CYS T 137 -2.56 -12.35 47.71
C CYS T 137 -3.22 -12.74 49.05
N PHE T 138 -3.60 -11.74 49.83
CA PHE T 138 -4.22 -11.93 51.15
C PHE T 138 -5.64 -11.35 51.17
N THR T 139 -6.50 -11.95 51.97
CA THR T 139 -7.90 -11.52 52.12
C THR T 139 -8.27 -11.37 53.61
N ARG T 140 -8.25 -10.14 54.09
CA ARG T 140 -8.58 -9.81 55.48
C ARG T 140 -10.03 -9.32 55.57
N LYS T 141 -10.82 -10.00 56.40
CA LYS T 141 -12.25 -9.68 56.57
C LYS T 141 -12.55 -9.04 57.92
N TYR T 142 -13.12 -7.84 57.87
CA TYR T 142 -13.51 -7.07 59.05
C TYR T 142 -15.02 -7.12 59.21
N THR T 143 -15.49 -7.45 60.41
CA THR T 143 -16.93 -7.47 60.73
C THR T 143 -17.36 -6.10 61.21
N LEU T 144 -18.31 -5.48 60.51
CA LEU T 144 -18.79 -4.12 60.85
C LEU T 144 -19.61 -4.11 62.15
N PRO T 145 -19.47 -3.06 62.97
CA PRO T 145 -20.33 -2.91 64.17
C PRO T 145 -21.79 -2.65 63.80
N PRO T 146 -22.75 -3.25 64.54
CA PRO T 146 -24.16 -3.09 64.22
C PRO T 146 -24.63 -1.65 64.32
N GLY T 147 -25.08 -1.13 63.18
CA GLY T 147 -25.58 0.24 63.07
C GLY T 147 -25.01 0.94 61.85
N VAL T 148 -23.78 0.60 61.53
CA VAL T 148 -23.01 1.25 60.48
C VAL T 148 -23.60 0.86 59.12
N ASP T 149 -23.83 1.87 58.28
CA ASP T 149 -24.38 1.67 56.92
C ASP T 149 -23.40 0.88 56.05
N PRO T 150 -23.91 0.17 55.01
CA PRO T 150 -23.01 -0.67 54.23
C PRO T 150 -22.24 0.08 53.14
N THR T 151 -22.32 1.39 53.14
CA THR T 151 -21.67 2.25 52.17
C THR T 151 -20.93 3.40 52.83
N GLN T 152 -20.48 3.23 54.05
CA GLN T 152 -19.78 4.24 54.82
C GLN T 152 -18.46 3.74 55.37
N VAL T 153 -17.60 3.24 54.49
CA VAL T 153 -16.30 2.69 54.90
C VAL T 153 -15.14 3.26 54.09
N SER T 154 -14.09 3.64 54.78
CA SER T 154 -12.90 4.22 54.14
C SER T 154 -11.79 3.22 53.86
N SER T 155 -10.91 3.61 52.97
CA SER T 155 -9.56 3.02 52.84
C SER T 155 -8.55 4.12 52.53
N SER T 156 -7.35 3.97 53.05
CA SER T 156 -6.27 4.94 52.83
C SER T 156 -4.92 4.25 52.75
N LEU T 157 -4.13 4.61 51.73
CA LEU T 157 -2.80 4.03 51.52
C LEU T 157 -1.69 5.06 51.65
N SER T 158 -0.75 4.79 52.55
CA SER T 158 0.49 5.58 52.66
C SER T 158 1.67 4.93 51.92
N PRO T 159 2.66 5.73 51.48
CA PRO T 159 3.94 5.18 50.99
C PRO T 159 4.73 4.37 52.02
N GLU T 160 4.64 4.77 53.28
CA GLU T 160 5.23 4.02 54.41
C GLU T 160 4.56 2.65 54.64
N GLY T 161 3.37 2.48 54.11
CA GLY T 161 2.74 1.16 53.97
C GLY T 161 1.94 0.73 55.19
N THR T 162 0.92 1.50 55.52
CA THR T 162 -0.10 1.08 56.50
C THR T 162 -1.49 1.46 56.00
N LEU T 163 -2.27 0.47 55.61
CA LEU T 163 -3.67 0.68 55.21
C LEU T 163 -4.55 0.78 56.46
N THR T 164 -5.38 1.81 56.52
CA THR T 164 -6.27 2.05 57.67
C THR T 164 -7.69 2.23 57.15
N VAL T 165 -8.62 1.48 57.75
CA VAL T 165 -10.03 1.44 57.35
C VAL T 165 -10.92 1.95 58.49
N GLU T 166 -11.60 3.07 58.25
CA GLU T 166 -12.56 3.65 59.22
C GLU T 166 -13.94 3.88 58.62
N ALA T 167 -14.95 3.91 59.49
CA ALA T 167 -16.33 4.24 59.10
C ALA T 167 -17.03 5.05 60.17
N PRO T 168 -17.70 6.16 59.81
CA PRO T 168 -18.49 6.95 60.78
C PRO T 168 -19.61 6.18 61.43
N MET T 169 -19.67 6.27 62.76
CA MET T 169 -20.71 5.65 63.56
C MET T 169 -21.95 6.55 63.42
N PRO T 170 -23.04 6.03 62.80
CA PRO T 170 -24.19 6.85 62.33
C PRO T 170 -24.78 7.86 63.34
N LYS T 171 -25.21 7.37 64.49
CA LYS T 171 -25.65 8.21 65.60
C LYS T 171 -25.11 7.67 66.92
N LEU T 172 -23.81 7.92 67.10
CA LEU T 172 -23.05 7.46 68.24
C LEU T 172 -21.84 8.40 68.44
N ILE T 181 -31.17 -3.70 53.89
CA ILE T 181 -32.52 -3.16 54.05
C ILE T 181 -32.40 -1.96 54.97
N PRO T 182 -31.92 -0.84 54.42
CA PRO T 182 -31.71 0.36 55.20
C PRO T 182 -32.74 1.45 55.02
N VAL T 183 -32.89 2.24 56.06
CA VAL T 183 -33.84 3.35 56.12
C VAL T 183 -33.23 4.47 56.99
N THR T 184 -33.78 4.71 58.16
CA THR T 184 -33.20 5.57 59.24
C THR T 184 -33.20 6.99 58.72
N PHE T 185 -32.28 7.85 59.15
CA PHE T 185 -32.18 9.22 58.63
C PHE T 185 -33.40 10.13 58.91
N GLU T 186 -34.58 9.54 58.83
CA GLU T 186 -35.84 10.25 59.06
C GLU T 186 -36.73 9.61 60.13
N SER T 187 -36.40 8.38 60.50
CA SER T 187 -37.17 7.62 61.50
C SER T 187 -36.63 7.73 62.92
N ARG T 188 -37.50 8.10 63.85
CA ARG T 188 -37.24 8.10 65.28
C ARG T 188 -37.97 6.97 66.01
N ALA T 189 -38.83 6.25 65.30
CA ALA T 189 -39.81 5.34 65.90
C ALA T 189 -39.25 3.96 66.21
N GLN T 190 -38.95 3.20 65.17
CA GLN T 190 -38.49 1.78 65.31
C GLN T 190 -36.98 1.65 65.18
N LEU T 191 -36.40 2.45 64.31
CA LEU T 191 -34.96 2.56 64.16
C LEU T 191 -34.56 4.02 64.16
N GLY T 192 -33.86 4.40 65.21
CA GLY T 192 -33.67 5.81 65.55
C GLY T 192 -33.08 5.93 66.92
N GLY T 193 -33.87 6.39 67.87
CA GLY T 193 -33.42 6.58 69.25
C GLY T 193 -33.33 5.30 70.07
N PRO T 194 -33.16 5.45 71.41
CA PRO T 194 -32.97 4.34 72.35
C PRO T 194 -34.22 3.82 73.09
N GLU T 195 -34.62 2.62 72.72
CA GLU T 195 -35.63 1.84 73.43
C GLU T 195 -35.27 0.36 73.32
N ALA T 196 -35.53 -0.42 74.35
CA ALA T 196 -35.20 -1.84 74.37
C ALA T 196 -36.25 -2.75 74.97
N ALA T 197 -37.49 -2.30 74.95
CA ALA T 197 -38.58 -3.07 75.49
C ALA T 197 -38.83 -4.25 74.58
N LYS T 198 -39.17 -3.96 73.33
CA LYS T 198 -39.58 -5.00 72.38
C LYS T 198 -38.65 -5.27 71.20
N SER T 199 -37.38 -5.52 71.51
CA SER T 199 -36.36 -5.76 70.47
C SER T 199 -36.45 -4.70 69.35
N ASP T 200 -37.02 -3.56 69.66
CA ASP T 200 -37.30 -2.48 68.76
C ASP T 200 -36.39 -1.38 69.25
N GLU T 201 -35.77 -0.67 68.31
CA GLU T 201 -34.86 0.46 68.57
C GLU T 201 -33.46 0.08 69.11
N THR T 202 -32.65 -0.42 68.20
CA THR T 202 -31.21 -0.56 68.43
C THR T 202 -30.61 0.83 68.38
N ALA T 203 -29.95 1.28 69.45
CA ALA T 203 -29.47 2.66 69.55
C ALA T 203 -27.93 2.75 69.66
N ALA T 204 -27.42 2.56 70.87
CA ALA T 204 -26.00 2.71 71.17
C ALA T 204 -25.30 1.38 71.43
N LYS T 205 -24.38 1.03 70.55
CA LYS T 205 -23.66 -0.25 70.61
C LYS T 205 -22.27 -0.15 70.01
N MET U 1 15.51 -77.46 22.89
CA MET U 1 15.27 -76.93 24.27
C MET U 1 14.70 -75.53 24.21
N THR U 2 13.69 -75.34 23.36
CA THR U 2 13.07 -74.04 23.17
C THR U 2 14.11 -72.98 22.82
N GLU U 3 14.28 -72.73 21.54
CA GLU U 3 15.22 -71.72 21.04
C GLU U 3 14.51 -70.60 20.30
N ARG U 4 15.24 -69.51 20.08
CA ARG U 4 14.73 -68.33 19.37
C ARG U 4 14.33 -67.20 20.29
N ARG U 5 15.32 -66.46 20.76
CA ARG U 5 15.14 -65.23 21.51
C ARG U 5 15.56 -64.07 20.64
N VAL U 6 14.58 -63.55 19.92
CA VAL U 6 14.77 -62.47 18.98
C VAL U 6 13.46 -61.68 18.93
N PRO U 7 13.27 -60.72 19.88
CA PRO U 7 11.96 -60.04 20.01
C PRO U 7 11.60 -59.17 18.78
N PHE U 8 11.18 -59.84 17.73
CA PHE U 8 10.77 -59.20 16.46
C PHE U 8 9.25 -59.05 16.33
N SER U 9 8.54 -59.33 17.41
CA SER U 9 7.08 -59.16 17.43
C SER U 9 6.64 -57.70 17.56
N LEU U 10 7.51 -56.86 18.10
CA LEU U 10 7.22 -55.44 18.35
C LEU U 10 7.68 -54.49 17.23
N LEU U 11 7.63 -54.96 16.00
CA LEU U 11 7.99 -54.18 14.82
C LEU U 11 6.78 -53.54 14.13
N ARG U 12 5.66 -53.48 14.85
CA ARG U 12 4.43 -52.81 14.42
C ARG U 12 3.75 -53.43 13.21
N GLY U 13 2.79 -54.29 13.48
CA GLY U 13 1.90 -54.82 12.45
C GLY U 13 0.71 -53.94 12.08
N PRO U 14 0.71 -52.71 12.56
CA PRO U 14 -0.25 -51.68 12.09
C PRO U 14 0.01 -51.32 10.63
N SER U 15 1.20 -51.63 10.15
CA SER U 15 1.48 -51.80 8.69
C SER U 15 1.59 -50.56 7.83
N TRP U 16 1.51 -49.37 8.40
CA TRP U 16 1.76 -48.14 7.67
C TRP U 16 3.15 -47.70 8.00
N ASP U 17 4.09 -48.11 7.15
CA ASP U 17 5.53 -48.06 7.44
C ASP U 17 5.82 -49.03 8.61
N PRO U 18 7.09 -49.21 9.03
CA PRO U 18 7.27 -50.09 10.20
C PRO U 18 6.80 -49.49 11.55
N PHE U 19 5.71 -48.73 11.54
CA PHE U 19 5.27 -47.92 12.68
C PHE U 19 3.74 -47.67 12.67
N ARG U 20 3.30 -46.49 13.12
CA ARG U 20 1.89 -46.13 13.36
C ARG U 20 1.46 -46.67 14.72
N ASP U 21 1.84 -45.96 15.78
CA ASP U 21 1.54 -46.35 17.17
C ASP U 21 0.49 -45.44 17.83
N TRP U 22 0.83 -44.16 17.93
CA TRP U 22 -0.03 -43.15 18.56
C TRP U 22 -0.21 -41.99 17.58
N TYR U 23 -1.44 -41.80 17.10
CA TYR U 23 -1.80 -40.73 16.16
C TYR U 23 -0.71 -40.52 15.09
N PRO U 24 -0.69 -41.36 14.03
CA PRO U 24 0.37 -41.16 13.04
C PRO U 24 0.29 -39.81 12.33
N HIS U 25 1.27 -38.97 12.56
CA HIS U 25 1.23 -37.57 12.09
C HIS U 25 2.63 -36.98 11.98
N SER U 26 2.70 -35.84 11.35
CA SER U 26 3.95 -35.06 11.22
C SER U 26 4.47 -34.45 12.54
N ARG U 27 3.65 -33.58 13.11
CA ARG U 27 3.97 -32.85 14.34
C ARG U 27 4.33 -33.79 15.52
N LEU U 28 3.97 -35.05 15.34
CA LEU U 28 4.23 -36.13 16.28
C LEU U 28 5.73 -36.36 16.48
N PHE U 29 6.37 -36.71 15.39
CA PHE U 29 7.79 -37.02 15.37
C PHE U 29 8.69 -35.80 15.04
N ASP U 30 8.07 -34.75 14.54
CA ASP U 30 8.76 -33.50 14.21
C ASP U 30 9.43 -32.85 15.43
N GLN U 31 8.86 -33.08 16.60
CA GLN U 31 9.42 -32.55 17.87
C GLN U 31 10.61 -33.32 18.43
N ALA U 32 10.61 -34.64 18.24
CA ALA U 32 11.70 -35.52 18.71
C ALA U 32 12.63 -35.94 17.56
N PHE U 33 13.53 -35.05 17.17
CA PHE U 33 14.51 -35.31 16.08
C PHE U 33 15.93 -34.85 16.38
N GLY U 34 16.06 -33.67 16.97
CA GLY U 34 17.36 -33.00 17.16
C GLY U 34 17.23 -31.81 18.07
N LEU U 35 17.88 -30.73 17.68
CA LEU U 35 18.04 -29.54 18.53
C LEU U 35 17.14 -28.37 18.12
N PRO U 36 16.58 -27.64 19.10
CA PRO U 36 15.65 -26.51 18.78
C PRO U 36 16.34 -25.27 18.21
N ARG U 37 16.55 -25.30 16.90
CA ARG U 37 17.10 -24.20 16.13
C ARG U 37 16.11 -23.86 15.03
N LEU U 38 16.33 -22.72 14.38
CA LEU U 38 15.47 -22.21 13.32
C LEU U 38 15.65 -22.82 11.94
N PRO U 39 16.85 -22.69 11.35
CA PRO U 39 17.04 -23.23 10.01
C PRO U 39 17.27 -24.71 9.98
N GLU U 40 17.39 -25.29 11.16
CA GLU U 40 17.75 -26.70 11.44
C GLU U 40 16.84 -27.76 10.86
N GLU U 41 16.67 -27.71 9.56
CA GLU U 41 15.86 -28.68 8.82
C GLU U 41 14.53 -29.00 9.47
N TRP U 42 13.77 -29.81 8.76
CA TRP U 42 12.39 -30.11 9.09
C TRP U 42 12.25 -31.53 9.61
N SER U 43 13.39 -32.17 9.84
CA SER U 43 13.49 -33.62 10.10
C SER U 43 13.35 -34.38 8.79
N GLN U 44 12.15 -34.39 8.24
CA GLN U 44 11.88 -35.07 6.98
C GLN U 44 12.07 -36.55 7.11
N TRP U 45 10.99 -37.27 7.02
CA TRP U 45 11.03 -38.71 7.12
C TRP U 45 9.66 -39.32 7.14
N LEU U 46 9.61 -40.60 7.47
CA LEU U 46 8.38 -41.39 7.59
C LEU U 46 8.44 -42.88 7.21
N GLY U 47 9.09 -43.69 8.03
CA GLY U 47 9.10 -45.14 7.79
C GLY U 47 9.91 -45.64 6.62
N GLY U 48 9.23 -45.86 5.50
CA GLY U 48 9.84 -46.32 4.26
C GLY U 48 11.16 -45.61 4.03
N SER U 49 11.06 -44.39 3.55
CA SER U 49 12.20 -43.52 3.34
C SER U 49 12.39 -42.66 4.57
N SER U 50 13.22 -43.11 5.49
CA SER U 50 13.28 -42.47 6.81
C SER U 50 14.41 -42.97 7.69
N TRP U 51 14.39 -42.49 8.91
CA TRP U 51 15.29 -42.96 9.96
C TRP U 51 14.72 -44.23 10.51
N PRO U 52 15.57 -45.09 11.20
CA PRO U 52 14.87 -46.28 11.75
C PRO U 52 13.68 -45.90 12.60
N GLY U 53 12.51 -46.43 12.30
CA GLY U 53 11.32 -46.14 13.10
C GLY U 53 11.77 -46.17 14.56
N TYR U 54 11.80 -45.02 15.19
CA TYR U 54 12.25 -44.90 16.59
C TYR U 54 11.08 -44.80 17.55
N VAL U 55 11.17 -45.57 18.62
CA VAL U 55 10.12 -45.64 19.66
C VAL U 55 10.41 -44.69 20.84
N ARG U 56 11.51 -43.95 20.76
CA ARG U 56 11.92 -43.01 21.82
C ARG U 56 11.00 -41.78 21.86
N PRO U 71 6.29 -40.18 23.72
CA PRO U 71 6.05 -40.39 25.14
C PRO U 71 5.16 -41.59 25.44
N ALA U 72 4.13 -41.79 24.64
CA ALA U 72 3.16 -42.90 24.80
C ALA U 72 3.58 -44.18 24.05
N TYR U 73 4.82 -44.21 23.58
CA TYR U 73 5.32 -45.29 22.72
C TYR U 73 5.81 -46.49 23.52
N SER U 74 6.49 -46.22 24.62
CA SER U 74 6.83 -47.26 25.62
C SER U 74 5.62 -47.71 26.42
N ARG U 75 4.65 -46.80 26.55
CA ARG U 75 3.37 -47.08 27.19
C ARG U 75 2.33 -47.74 26.26
N ALA U 76 2.73 -48.00 25.03
CA ALA U 76 1.91 -48.74 24.06
C ALA U 76 2.01 -50.26 24.29
N LEU U 77 3.24 -50.73 24.46
CA LEU U 77 3.53 -52.18 24.54
C LEU U 77 3.53 -52.73 25.97
N SER U 78 4.36 -52.16 26.83
CA SER U 78 4.61 -52.69 28.19
C SER U 78 3.53 -52.28 29.19
N ARG U 79 2.92 -51.13 28.96
CA ARG U 79 1.91 -50.60 29.89
C ARG U 79 0.55 -51.25 29.65
N GLN U 80 -0.25 -50.69 28.75
CA GLN U 80 -1.64 -51.08 28.50
C GLN U 80 -2.60 -50.82 29.70
N LEU U 81 -2.07 -50.91 30.91
CA LEU U 81 -2.77 -50.62 32.20
C LEU U 81 -1.80 -50.68 33.40
N SER U 82 -0.59 -50.22 33.17
CA SER U 82 0.58 -50.38 34.07
C SER U 82 0.78 -51.80 34.60
N SER U 83 0.55 -52.78 33.73
CA SER U 83 0.55 -54.22 34.06
C SER U 83 -0.60 -54.68 34.97
N GLY U 84 -1.24 -53.77 35.68
CA GLY U 84 -2.42 -54.02 36.49
C GLY U 84 -2.07 -54.13 37.99
N ARG U 94 2.89 -48.25 47.93
CA ARG U 94 2.34 -47.53 46.80
C ARG U 94 0.84 -47.78 46.62
N TRP U 95 0.08 -46.69 46.65
CA TRP U 95 -1.34 -46.71 46.27
C TRP U 95 -1.42 -46.71 44.75
N ARG U 96 -2.26 -47.56 44.19
CA ARG U 96 -2.51 -47.58 42.73
C ARG U 96 -3.95 -47.98 42.41
N VAL U 97 -4.50 -47.32 41.42
CA VAL U 97 -5.88 -47.57 40.94
C VAL U 97 -5.94 -47.47 39.41
N SER U 98 -6.81 -48.28 38.81
CA SER U 98 -6.97 -48.33 37.34
C SER U 98 -8.27 -47.65 36.89
N LEU U 99 -8.22 -47.05 35.72
CA LEU U 99 -9.35 -46.28 35.15
C LEU U 99 -9.46 -46.56 33.66
N ASP U 100 -10.63 -47.02 33.22
CA ASP U 100 -10.84 -47.39 31.81
C ASP U 100 -11.07 -46.14 30.92
N VAL U 101 -10.15 -45.92 30.00
CA VAL U 101 -10.12 -44.78 29.09
C VAL U 101 -10.54 -45.14 27.65
N ASN U 102 -10.18 -46.34 27.23
CA ASN U 102 -10.24 -46.80 25.83
C ASN U 102 -11.57 -46.52 25.11
N HIS U 103 -12.66 -46.91 25.74
CA HIS U 103 -14.00 -46.70 25.19
C HIS U 103 -14.39 -45.21 25.17
N PHE U 104 -14.03 -44.50 26.22
CA PHE U 104 -14.31 -43.05 26.31
C PHE U 104 -13.58 -42.27 25.20
N ALA U 105 -12.31 -42.60 25.03
CA ALA U 105 -11.42 -41.97 24.02
C ALA U 105 -11.36 -40.46 24.18
N PRO U 106 -10.82 -39.99 25.33
CA PRO U 106 -10.82 -38.56 25.62
C PRO U 106 -9.73 -37.82 24.85
N ASP U 107 -10.08 -36.66 24.35
CA ASP U 107 -9.11 -35.75 23.70
C ASP U 107 -8.22 -35.06 24.75
N GLU U 108 -8.77 -34.85 25.93
CA GLU U 108 -8.04 -34.22 27.05
C GLU U 108 -8.40 -34.83 28.42
N LEU U 109 -7.38 -35.06 29.22
CA LEU U 109 -7.54 -35.65 30.57
C LEU U 109 -6.89 -34.79 31.64
N THR U 110 -7.61 -34.58 32.73
CA THR U 110 -7.15 -33.74 33.86
C THR U 110 -7.29 -34.44 35.21
N VAL U 111 -6.13 -34.64 35.85
CA VAL U 111 -6.05 -35.26 37.17
C VAL U 111 -5.65 -34.20 38.22
N LYS U 112 -6.56 -33.94 39.15
CA LYS U 112 -6.41 -32.89 40.16
C LYS U 112 -6.56 -33.47 41.56
N THR U 113 -5.67 -33.05 42.46
CA THR U 113 -5.72 -33.47 43.87
C THR U 113 -6.01 -32.28 44.79
N LYS U 114 -7.17 -32.31 45.44
CA LYS U 114 -7.65 -31.23 46.29
C LYS U 114 -8.28 -31.77 47.58
N ASP U 115 -7.74 -31.32 48.71
CA ASP U 115 -8.22 -31.72 50.06
C ASP U 115 -8.33 -33.24 50.26
N GLY U 116 -7.35 -33.94 49.71
CA GLY U 116 -7.30 -35.41 49.76
C GLY U 116 -8.33 -36.15 48.91
N VAL U 117 -8.72 -35.52 47.81
CA VAL U 117 -9.65 -36.11 46.84
C VAL U 117 -9.06 -35.96 45.44
N VAL U 118 -8.72 -37.08 44.83
CA VAL U 118 -8.23 -37.13 43.42
C VAL U 118 -9.43 -37.11 42.48
N GLU U 119 -9.55 -36.02 41.74
CA GLU U 119 -10.62 -35.81 40.77
C GLU U 119 -10.07 -35.96 39.36
N ILE U 120 -10.57 -36.96 38.64
CA ILE U 120 -10.11 -37.27 37.26
C ILE U 120 -11.22 -36.94 36.26
N THR U 121 -10.96 -35.95 35.43
CA THR U 121 -11.95 -35.43 34.45
C THR U 121 -11.46 -35.58 33.00
N GLY U 122 -12.21 -36.31 32.21
CA GLY U 122 -11.91 -36.50 30.77
C GLY U 122 -12.92 -35.79 29.89
N LYS U 123 -12.46 -35.39 28.71
CA LYS U 123 -13.30 -34.70 27.71
C LYS U 123 -13.00 -35.15 26.28
N HIS U 124 -14.01 -35.06 25.43
CA HIS U 124 -14.01 -35.62 24.06
C HIS U 124 -14.41 -34.56 23.00
N GLU U 125 -15.61 -34.65 22.47
CA GLU U 125 -16.23 -33.65 21.59
C GLU U 125 -15.46 -33.31 20.26
N GLU U 126 -15.90 -32.20 19.69
CA GLU U 126 -15.52 -31.64 18.38
C GLU U 126 -15.02 -32.54 17.24
N ARG U 127 -16.00 -33.21 16.67
CA ARG U 127 -15.98 -33.71 15.31
C ARG U 127 -17.23 -33.22 14.62
N GLN U 128 -17.14 -32.81 13.37
CA GLN U 128 -18.30 -32.32 12.60
C GLN U 128 -18.86 -33.37 11.66
N ASP U 129 -20.03 -33.89 12.01
CA ASP U 129 -20.74 -34.88 11.20
C ASP U 129 -22.25 -34.90 11.53
N GLU U 130 -22.95 -35.92 11.05
CA GLU U 130 -24.40 -36.10 11.30
C GLU U 130 -24.72 -36.21 12.78
N HIS U 131 -23.91 -36.98 13.47
CA HIS U 131 -23.97 -37.10 14.93
C HIS U 131 -23.56 -35.78 15.59
N GLY U 132 -22.47 -35.25 15.07
CA GLY U 132 -22.04 -33.88 15.37
C GLY U 132 -21.55 -33.60 16.77
N TYR U 133 -22.42 -32.97 17.56
CA TYR U 133 -22.08 -32.36 18.86
C TYR U 133 -22.43 -33.22 20.07
N ILE U 134 -21.65 -34.28 20.27
CA ILE U 134 -21.77 -35.14 21.44
C ILE U 134 -20.64 -34.80 22.41
N SER U 135 -20.98 -34.07 23.46
CA SER U 135 -20.02 -33.62 24.48
C SER U 135 -20.15 -34.48 25.72
N ARG U 136 -19.29 -35.49 25.81
CA ARG U 136 -19.31 -36.44 26.93
C ARG U 136 -18.15 -36.15 27.88
N CYS U 137 -18.45 -36.19 29.18
CA CYS U 137 -17.48 -35.87 30.23
C CYS U 137 -17.76 -36.70 31.47
N PHE U 138 -16.70 -37.30 32.03
CA PHE U 138 -16.80 -38.10 33.25
C PHE U 138 -15.84 -37.57 34.32
N THR U 139 -16.28 -37.66 35.56
CA THR U 139 -15.52 -37.17 36.72
C THR U 139 -15.41 -38.23 37.81
N ARG U 140 -14.30 -38.93 37.83
CA ARG U 140 -14.05 -40.03 38.78
C ARG U 140 -13.30 -39.48 39.99
N LYS U 141 -13.95 -39.57 41.15
CA LYS U 141 -13.40 -39.07 42.43
C LYS U 141 -12.91 -40.21 43.33
N TYR U 142 -11.65 -40.12 43.70
CA TYR U 142 -10.99 -41.09 44.61
C TYR U 142 -10.71 -40.44 45.96
N THR U 143 -11.12 -41.13 47.01
CA THR U 143 -10.78 -40.76 48.38
C THR U 143 -9.40 -41.37 48.69
N LEU U 144 -8.42 -40.53 48.87
CA LEU U 144 -7.03 -40.98 49.13
C LEU U 144 -6.90 -41.74 50.44
N PRO U 145 -6.01 -42.76 50.47
CA PRO U 145 -5.60 -43.30 51.76
C PRO U 145 -4.84 -42.24 52.54
N PRO U 146 -5.20 -42.02 53.82
CA PRO U 146 -4.57 -40.92 54.60
C PRO U 146 -3.04 -41.04 54.71
N GLY U 147 -2.36 -40.05 54.14
CA GLY U 147 -0.89 -40.05 54.08
C GLY U 147 -0.22 -39.47 52.85
N VAL U 148 -0.95 -39.44 51.75
CA VAL U 148 -0.40 -39.05 50.45
C VAL U 148 -0.23 -37.53 50.37
N ASP U 149 0.94 -37.11 49.91
CA ASP U 149 1.25 -35.70 49.68
C ASP U 149 0.42 -35.19 48.50
N PRO U 150 -0.25 -34.01 48.62
CA PRO U 150 -1.18 -33.61 47.53
C PRO U 150 -0.53 -33.40 46.16
N THR U 151 0.75 -33.11 46.15
CA THR U 151 1.49 -32.95 44.89
C THR U 151 1.81 -34.28 44.20
N GLN U 152 1.96 -35.35 44.98
CA GLN U 152 2.38 -36.67 44.48
C GLN U 152 1.23 -37.59 44.13
N VAL U 153 0.61 -37.37 42.97
CA VAL U 153 -0.42 -38.25 42.41
C VAL U 153 -0.17 -38.39 40.90
N SER U 154 0.01 -39.61 40.45
CA SER U 154 0.37 -39.87 39.04
C SER U 154 -0.86 -39.99 38.18
N SER U 155 -0.68 -39.60 36.92
CA SER U 155 -1.60 -39.92 35.84
C SER U 155 -0.78 -40.43 34.67
N SER U 156 -1.33 -41.38 33.93
CA SER U 156 -0.67 -41.92 32.73
C SER U 156 -1.66 -42.29 31.64
N LEU U 157 -1.35 -41.94 30.41
CA LEU U 157 -2.19 -42.25 29.26
C LEU U 157 -1.47 -43.24 28.34
N SER U 158 -2.10 -44.38 28.09
CA SER U 158 -1.65 -45.32 27.06
C SER U 158 -2.44 -45.18 25.77
N PRO U 159 -1.85 -45.58 24.63
CA PRO U 159 -2.58 -45.73 23.36
C PRO U 159 -3.75 -46.71 23.38
N GLU U 160 -3.61 -47.75 24.19
CA GLU U 160 -4.63 -48.79 24.34
C GLU U 160 -5.74 -48.38 25.28
N GLY U 161 -5.48 -47.35 26.06
CA GLY U 161 -6.55 -46.55 26.74
C GLY U 161 -7.00 -47.08 28.09
N THR U 162 -6.07 -47.11 29.03
CA THR U 162 -6.42 -47.36 30.45
C THR U 162 -5.57 -46.48 31.35
N LEU U 163 -6.18 -45.43 31.88
CA LEU U 163 -5.47 -44.49 32.76
C LEU U 163 -5.30 -45.12 34.15
N THR U 164 -4.14 -44.92 34.74
CA THR U 164 -3.78 -45.55 36.02
C THR U 164 -3.20 -44.45 36.90
N VAL U 165 -3.68 -44.38 38.12
CA VAL U 165 -3.30 -43.35 39.07
C VAL U 165 -2.61 -44.00 40.28
N GLU U 166 -1.34 -43.69 40.45
CA GLU U 166 -0.53 -44.16 41.56
C GLU U 166 0.05 -43.00 42.39
N ALA U 167 0.28 -43.26 43.66
CA ALA U 167 0.88 -42.27 44.58
C ALA U 167 1.70 -42.94 45.68
N PRO U 168 2.93 -42.45 45.94
CA PRO U 168 3.71 -42.96 47.07
C PRO U 168 3.04 -42.71 48.42
N MET U 169 2.90 -43.78 49.19
CA MET U 169 2.28 -43.76 50.52
C MET U 169 3.21 -43.10 51.53
N GLN U 175 1.50 -40.09 56.27
CA GLN U 175 1.17 -39.91 57.69
C GLN U 175 0.12 -38.85 57.96
N SER U 176 -0.37 -38.25 56.90
CA SER U 176 -1.43 -37.24 56.98
C SER U 176 -2.75 -37.72 57.58
N ASN U 177 -3.49 -36.75 58.06
CA ASN U 177 -4.80 -36.92 58.67
C ASN U 177 -5.92 -36.17 57.95
N GLU U 178 -5.62 -35.74 56.73
CA GLU U 178 -6.40 -34.76 55.89
C GLU U 178 -5.47 -33.97 54.96
N ILE U 179 -4.17 -34.15 55.14
CA ILE U 179 -3.13 -33.61 54.28
C ILE U 179 -3.13 -32.09 54.32
N THR U 180 -2.65 -31.51 55.40
CA THR U 180 -2.82 -30.07 55.62
C THR U 180 -1.73 -29.29 56.37
N ILE U 181 -0.97 -29.96 57.22
CA ILE U 181 0.13 -29.36 57.98
C ILE U 181 1.41 -29.98 57.43
N PRO U 182 2.01 -29.37 56.38
CA PRO U 182 3.25 -29.92 55.88
C PRO U 182 4.48 -29.42 56.62
N VAL U 183 4.68 -29.93 57.82
CA VAL U 183 5.94 -29.74 58.56
C VAL U 183 6.67 -31.08 58.60
N THR U 184 7.33 -31.38 57.51
CA THR U 184 7.92 -32.70 57.28
C THR U 184 9.39 -32.79 57.69
N PHE U 185 10.18 -31.85 57.20
CA PHE U 185 11.63 -31.82 57.45
C PHE U 185 12.11 -31.10 58.71
N GLU U 186 11.20 -30.52 59.49
CA GLU U 186 11.54 -29.83 60.73
C GLU U 186 11.07 -30.50 62.04
N SER U 187 9.87 -31.07 62.03
CA SER U 187 9.30 -31.71 63.23
C SER U 187 9.44 -33.23 63.31
N ARG U 188 9.92 -33.71 64.44
CA ARG U 188 10.11 -35.14 64.66
C ARG U 188 8.86 -35.75 65.31
N ALA U 189 8.12 -34.93 66.06
CA ALA U 189 6.90 -35.36 66.72
C ALA U 189 5.75 -35.52 65.73
N MET V 1 1.34 56.67 60.00
CA MET V 1 0.93 57.96 59.35
C MET V 1 -0.01 57.64 58.17
N THR V 2 0.41 57.93 56.94
CA THR V 2 -0.27 57.52 55.73
C THR V 2 0.49 56.44 55.00
N GLU V 3 0.12 55.17 55.20
CA GLU V 3 0.86 54.04 54.62
C GLU V 3 0.00 52.76 54.44
N ARG V 4 0.64 51.60 54.55
CA ARG V 4 0.18 50.33 53.93
C ARG V 4 0.18 50.47 52.41
N ARG V 5 1.39 50.71 51.90
CA ARG V 5 1.67 50.84 50.49
C ARG V 5 2.80 49.88 50.11
N VAL V 6 2.42 48.76 49.54
CA VAL V 6 3.31 47.76 48.96
C VAL V 6 2.39 46.91 48.14
N PRO V 7 2.48 47.02 46.82
CA PRO V 7 1.57 46.38 45.83
C PRO V 7 0.69 45.18 46.34
N PHE V 8 -0.30 45.48 47.17
CA PHE V 8 -1.25 44.46 47.57
C PHE V 8 -2.33 44.31 46.54
N SER V 9 -3.08 43.21 46.62
CA SER V 9 -4.37 43.02 45.92
C SER V 9 -4.31 42.54 44.47
N LEU V 10 -3.21 42.82 43.78
CA LEU V 10 -3.00 42.41 42.40
C LEU V 10 -2.36 41.04 42.26
N LEU V 11 -3.16 39.99 42.34
CA LEU V 11 -2.66 38.60 42.19
C LEU V 11 -3.73 37.63 41.82
N ARG V 12 -3.85 37.34 40.52
CA ARG V 12 -4.83 36.39 39.99
C ARG V 12 -6.13 36.35 40.80
N GLY V 13 -7.19 36.88 40.19
CA GLY V 13 -8.51 36.92 40.75
C GLY V 13 -9.39 35.99 39.93
N PRO V 14 -8.73 35.27 39.04
CA PRO V 14 -9.38 34.36 38.09
C PRO V 14 -9.43 32.88 38.49
N SER V 15 -8.56 32.45 39.40
CA SER V 15 -8.71 31.18 40.18
C SER V 15 -8.06 29.87 39.64
N TRP V 16 -8.06 29.67 38.33
CA TRP V 16 -7.51 28.44 37.74
C TRP V 16 -6.02 28.63 37.52
N ASP V 17 -5.23 28.18 38.48
CA ASP V 17 -3.77 28.44 38.55
C ASP V 17 -3.56 29.94 38.72
N PRO V 18 -2.31 30.41 38.97
CA PRO V 18 -2.25 31.88 38.89
C PRO V 18 -2.24 32.39 37.44
N PHE V 19 -3.00 31.75 36.55
CA PHE V 19 -3.14 32.14 35.16
C PHE V 19 -4.49 31.76 34.53
N ARG V 20 -5.28 32.76 34.24
CA ARG V 20 -6.51 32.65 33.47
C ARG V 20 -6.87 34.06 33.02
N ASP V 21 -6.39 34.46 31.83
CA ASP V 21 -6.50 35.85 31.34
C ASP V 21 -7.34 36.00 30.07
N TRP V 22 -6.95 35.32 29.00
CA TRP V 22 -7.69 35.30 27.74
C TRP V 22 -7.95 33.85 27.37
N TYR V 23 -9.20 33.42 27.47
CA TYR V 23 -9.63 32.05 27.18
C TYR V 23 -8.67 31.07 27.90
N PRO V 24 -8.89 30.75 29.17
CA PRO V 24 -7.85 30.00 29.94
C PRO V 24 -7.10 28.90 29.17
N HIS V 25 -6.17 29.37 28.34
CA HIS V 25 -5.44 28.54 27.37
C HIS V 25 -3.95 28.58 27.61
N SER V 26 -3.32 27.56 27.08
CA SER V 26 -1.88 27.37 27.07
C SER V 26 -1.24 28.07 25.88
N ARG V 27 -1.79 27.83 24.71
CA ARG V 27 -1.26 28.35 23.42
C ARG V 27 -1.08 29.88 23.40
N LEU V 28 -1.81 30.54 24.26
CA LEU V 28 -1.68 31.98 24.51
C LEU V 28 -0.35 32.33 25.18
N PHE V 29 -0.07 31.65 26.27
CA PHE V 29 1.20 31.78 26.99
C PHE V 29 2.35 31.03 26.29
N ASP V 30 1.98 30.07 25.45
CA ASP V 30 2.93 29.33 24.60
C ASP V 30 3.61 30.23 23.58
N GLN V 31 2.93 31.31 23.24
CA GLN V 31 3.48 32.38 22.39
C GLN V 31 4.53 33.22 23.14
N ALA V 32 4.33 33.43 24.43
CA ALA V 32 5.29 34.16 25.27
C ALA V 32 6.07 33.24 26.21
N PHE V 33 7.11 32.61 25.68
CA PHE V 33 8.01 31.73 26.44
C PHE V 33 9.50 31.89 26.10
N GLY V 34 9.82 31.95 24.83
CA GLY V 34 11.19 31.84 24.32
C GLY V 34 11.18 32.00 22.82
N LEU V 35 12.13 31.38 22.15
CA LEU V 35 12.27 31.50 20.69
C LEU V 35 11.62 30.29 19.99
N PRO V 36 11.20 30.45 18.71
CA PRO V 36 10.44 29.43 18.03
C PRO V 36 11.32 28.51 17.24
N ARG V 37 11.68 27.36 17.79
CA ARG V 37 12.46 26.39 17.07
C ARG V 37 11.92 24.98 17.38
N LEU V 38 12.02 24.14 16.36
CA LEU V 38 11.57 22.73 16.45
C LEU V 38 12.16 21.98 17.65
N PRO V 39 13.49 21.79 17.68
CA PRO V 39 14.01 21.13 18.88
C PRO V 39 13.97 21.96 20.15
N GLU V 40 13.59 23.23 20.08
CA GLU V 40 13.20 23.95 21.31
C GLU V 40 11.97 23.28 21.87
N GLU V 41 11.12 24.03 22.52
CA GLU V 41 10.13 23.42 23.36
C GLU V 41 8.92 24.32 23.46
N TRP V 42 7.94 23.85 24.21
CA TRP V 42 6.68 24.54 24.39
C TRP V 42 6.44 25.00 25.83
N SER V 43 7.51 25.03 26.61
CA SER V 43 7.56 25.72 27.92
C SER V 43 6.97 24.95 29.11
N GLN V 44 5.74 24.46 28.98
CA GLN V 44 5.10 23.54 29.96
C GLN V 44 5.00 24.11 31.36
N TRP V 45 3.84 24.67 31.66
CA TRP V 45 3.57 25.34 32.97
C TRP V 45 2.13 25.45 33.55
N LEU V 46 1.24 26.22 32.94
CA LEU V 46 -0.07 26.46 33.52
C LEU V 46 0.01 26.56 35.05
N GLY V 47 0.64 27.63 35.45
CA GLY V 47 0.53 28.16 36.80
C GLY V 47 1.30 27.46 37.88
N GLY V 48 0.59 26.65 38.66
CA GLY V 48 1.19 25.91 39.76
C GLY V 48 2.48 25.15 39.38
N SER V 49 2.51 24.69 38.14
CA SER V 49 3.60 23.95 37.56
C SER V 49 4.51 24.78 36.64
N SER V 50 4.64 26.08 36.93
CA SER V 50 5.28 27.03 36.02
C SER V 50 6.63 27.58 36.50
N TRP V 51 6.66 28.86 36.82
CA TRP V 51 7.87 29.68 36.98
C TRP V 51 7.28 31.08 37.26
N PRO V 52 7.98 32.18 36.95
CA PRO V 52 7.26 33.42 37.17
C PRO V 52 5.92 33.58 36.49
N GLY V 53 4.94 34.04 37.25
CA GLY V 53 3.73 34.62 36.68
C GLY V 53 4.11 35.93 36.00
N TYR V 54 4.14 35.89 34.68
CA TYR V 54 4.73 36.98 33.88
C TYR V 54 3.68 37.98 33.41
N VAL V 55 4.09 39.24 33.42
CA VAL V 55 3.23 40.38 33.04
C VAL V 55 3.03 40.48 31.53
N ARG V 56 3.97 39.88 30.85
CA ARG V 56 4.19 40.06 29.42
C ARG V 56 3.33 39.11 28.57
N PRO V 71 -1.05 40.22 23.68
CA PRO V 71 -0.25 41.25 24.33
C PRO V 71 -1.04 42.38 25.01
N ALA V 72 -2.29 42.12 25.32
CA ALA V 72 -3.20 43.13 25.90
C ALA V 72 -3.24 43.09 27.44
N TYR V 73 -2.22 42.51 28.03
CA TYR V 73 -2.16 42.22 29.47
C TYR V 73 -1.56 43.36 30.28
N SER V 74 -0.85 44.23 29.58
CA SER V 74 -0.47 45.53 30.10
C SER V 74 -1.61 46.51 29.98
N ARG V 75 -2.10 46.65 28.77
CA ARG V 75 -3.14 47.65 28.44
C ARG V 75 -4.50 47.13 28.83
N ALA V 76 -4.69 47.06 30.13
CA ALA V 76 -5.91 46.66 30.75
C ALA V 76 -6.16 47.58 31.94
N LEU V 77 -5.27 47.54 32.91
CA LEU V 77 -5.42 48.34 34.15
C LEU V 77 -4.98 49.78 33.92
N SER V 78 -3.80 49.92 33.36
CA SER V 78 -3.23 51.21 33.00
C SER V 78 -3.96 51.83 31.81
N ARG V 79 -4.56 50.98 30.98
CA ARG V 79 -5.41 51.42 29.87
C ARG V 79 -6.85 51.64 30.36
N GLN V 80 -7.56 50.56 30.61
CA GLN V 80 -8.99 50.59 31.00
C GLN V 80 -9.88 51.19 29.87
N LEU V 81 -10.21 52.47 29.95
CA LEU V 81 -10.83 53.22 28.85
C LEU V 81 -9.82 54.08 28.09
N SER V 82 -8.61 54.13 28.60
CA SER V 82 -7.59 55.14 28.28
C SER V 82 -8.00 56.52 28.82
N SER V 83 -8.93 56.52 29.76
CA SER V 83 -9.48 57.74 30.41
C SER V 83 -10.33 58.68 29.52
N GLY V 84 -10.18 58.58 28.20
CA GLY V 84 -10.88 59.39 27.19
C GLY V 84 -9.99 60.50 26.65
N ARG V 94 -3.83 65.65 20.42
CA ARG V 94 -4.25 64.34 19.95
C ARG V 94 -5.78 64.22 19.82
N TRP V 95 -6.22 63.77 18.65
CA TRP V 95 -7.61 63.36 18.42
C TRP V 95 -7.82 62.04 19.13
N ARG V 96 -8.92 61.91 19.85
CA ARG V 96 -9.24 60.66 20.57
C ARG V 96 -10.75 60.47 20.79
N VAL V 97 -11.21 59.25 20.55
CA VAL V 97 -12.61 58.85 20.77
C VAL V 97 -12.67 57.43 21.34
N SER V 98 -13.74 57.18 22.09
CA SER V 98 -13.95 55.90 22.77
C SER V 98 -14.98 55.01 22.07
N LEU V 99 -14.79 53.70 22.18
CA LEU V 99 -15.70 52.72 21.60
C LEU V 99 -15.80 51.40 22.40
N ASP V 100 -16.98 50.79 22.29
CA ASP V 100 -17.27 49.52 22.96
C ASP V 100 -16.72 48.28 22.26
N VAL V 101 -16.22 47.36 23.08
CA VAL V 101 -15.98 45.98 22.68
C VAL V 101 -16.83 45.00 23.50
N ASN V 102 -16.79 45.12 24.81
CA ASN V 102 -17.35 44.09 25.74
C ASN V 102 -18.78 43.60 25.56
N HIS V 103 -19.74 44.52 25.59
CA HIS V 103 -21.16 44.13 25.45
C HIS V 103 -21.40 43.44 24.10
N PHE V 104 -20.75 43.98 23.08
CA PHE V 104 -20.71 43.37 21.75
C PHE V 104 -19.94 42.05 21.79
N ALA V 105 -18.77 42.09 22.41
CA ALA V 105 -17.84 40.94 22.56
C ALA V 105 -17.49 40.30 21.19
N PRO V 106 -16.83 41.06 20.30
CA PRO V 106 -16.55 40.57 18.95
C PRO V 106 -15.39 39.57 18.95
N ASP V 107 -15.53 38.54 18.13
CA ASP V 107 -14.42 37.60 17.85
C ASP V 107 -13.40 38.23 16.90
N GLU V 108 -13.86 39.16 16.08
CA GLU V 108 -13.02 39.85 15.07
C GLU V 108 -13.35 41.33 14.94
N LEU V 109 -12.31 42.16 14.91
CA LEU V 109 -12.44 43.63 14.79
C LEU V 109 -11.61 44.19 13.63
N THR V 110 -12.28 44.83 12.68
CA THR V 110 -11.65 45.47 11.53
C THR V 110 -11.75 46.99 11.64
N VAL V 111 -10.60 47.67 11.69
CA VAL V 111 -10.51 49.13 11.74
C VAL V 111 -9.85 49.64 10.44
N LYS V 112 -10.62 50.42 9.69
CA LYS V 112 -10.26 50.90 8.36
C LYS V 112 -10.33 52.41 8.29
N THR V 113 -9.31 53.02 7.69
CA THR V 113 -9.29 54.49 7.44
C THR V 113 -9.33 54.74 5.93
N LYS V 114 -10.43 55.31 5.47
CA LYS V 114 -10.68 55.54 4.03
C LYS V 114 -11.33 56.90 3.79
N ASP V 115 -10.66 57.72 2.99
CA ASP V 115 -11.08 59.10 2.65
C ASP V 115 -11.35 60.00 3.90
N GLY V 116 -10.51 59.86 4.89
CA GLY V 116 -10.65 60.58 6.16
C GLY V 116 -11.84 60.18 7.02
N VAL V 117 -12.18 58.90 6.96
CA VAL V 117 -13.27 58.31 7.78
C VAL V 117 -12.81 56.99 8.40
N VAL V 118 -12.74 56.95 9.71
CA VAL V 118 -12.40 55.72 10.46
C VAL V 118 -13.67 54.89 10.61
N GLU V 119 -13.65 53.73 9.98
CA GLU V 119 -14.77 52.79 9.98
C GLU V 119 -14.37 51.59 10.82
N ILE V 120 -15.10 51.36 11.89
CA ILE V 120 -14.85 50.24 12.82
C ILE V 120 -15.94 49.20 12.67
N THR V 121 -15.56 48.05 12.12
CA THR V 121 -16.46 46.93 11.84
C THR V 121 -16.08 45.78 12.75
N GLY V 122 -17.03 45.32 13.55
CA GLY V 122 -16.85 44.16 14.45
C GLY V 122 -17.88 43.07 14.25
N LYS V 123 -17.47 41.85 14.52
CA LYS V 123 -18.33 40.67 14.33
C LYS V 123 -18.25 39.69 15.49
N HIS V 124 -19.39 39.12 15.80
CA HIS V 124 -19.52 38.06 16.79
C HIS V 124 -19.50 36.78 15.96
N GLU V 125 -19.34 35.64 16.56
CA GLU V 125 -19.20 34.35 15.84
C GLU V 125 -20.01 33.19 16.41
N GLU V 126 -19.62 31.97 16.06
CA GLU V 126 -20.28 30.76 16.52
C GLU V 126 -19.64 30.02 17.70
N ARG V 127 -20.36 30.05 18.82
CA ARG V 127 -20.27 29.12 19.90
C ARG V 127 -21.56 28.29 19.77
N GLN V 128 -21.48 27.02 20.16
CA GLN V 128 -22.60 26.08 19.98
C GLN V 128 -23.52 26.00 21.21
N ASP V 129 -24.72 26.55 21.06
CA ASP V 129 -25.74 26.55 22.12
C ASP V 129 -27.14 26.71 21.52
N GLU V 130 -28.12 27.00 22.36
CA GLU V 130 -29.50 27.30 21.93
C GLU V 130 -29.60 28.50 20.97
N HIS V 131 -28.79 29.52 21.24
CA HIS V 131 -28.73 30.75 20.42
C HIS V 131 -28.23 30.41 19.00
N GLY V 132 -27.08 29.76 18.95
CA GLY V 132 -26.55 29.17 17.70
C GLY V 132 -26.05 30.14 16.66
N TYR V 133 -26.84 30.33 15.62
CA TYR V 133 -26.45 31.07 14.40
C TYR V 133 -26.77 32.60 14.41
N ILE V 134 -26.86 33.18 15.61
CA ILE V 134 -27.06 34.63 15.77
C ILE V 134 -25.73 35.33 15.50
N SER V 135 -25.68 36.09 14.43
CA SER V 135 -24.48 36.86 14.03
C SER V 135 -24.73 38.35 14.15
N ARG V 136 -24.11 38.98 15.15
CA ARG V 136 -24.23 40.44 15.37
C ARG V 136 -22.99 41.14 14.81
N CYS V 137 -23.23 42.24 14.11
CA CYS V 137 -22.17 42.99 13.40
C CYS V 137 -22.44 44.49 13.39
N PHE V 138 -21.48 45.28 13.87
CA PHE V 138 -21.65 46.74 13.97
C PHE V 138 -20.62 47.47 13.11
N THR V 139 -21.01 48.62 12.59
CA THR V 139 -20.14 49.50 11.76
C THR V 139 -20.24 50.97 12.18
N ARG V 140 -19.28 51.39 12.99
CA ARG V 140 -19.25 52.77 13.52
C ARG V 140 -18.31 53.66 12.71
N LYS V 141 -18.85 54.75 12.16
CA LYS V 141 -18.11 55.65 11.27
C LYS V 141 -17.76 57.00 11.90
N TYR V 142 -16.48 57.32 11.89
CA TYR V 142 -15.92 58.55 12.48
C TYR V 142 -15.39 59.50 11.42
N THR V 143 -15.86 60.74 11.45
CA THR V 143 -15.40 61.79 10.55
C THR V 143 -14.18 62.47 11.16
N LEU V 144 -13.05 62.38 10.48
CA LEU V 144 -11.76 62.91 10.98
C LEU V 144 -11.67 64.43 10.91
N PRO V 145 -10.97 65.05 11.88
CA PRO V 145 -10.58 66.45 11.73
C PRO V 145 -9.60 66.61 10.58
N PRO V 146 -9.77 67.65 9.73
CA PRO V 146 -8.95 67.77 8.50
C PRO V 146 -7.45 67.85 8.76
N GLY V 147 -6.73 66.91 8.18
CA GLY V 147 -5.26 66.85 8.29
C GLY V 147 -4.68 65.56 8.78
N VAL V 148 -5.49 64.77 9.48
CA VAL V 148 -5.05 63.51 10.09
C VAL V 148 -4.70 62.49 9.01
N ASP V 149 -3.47 62.01 9.06
CA ASP V 149 -2.95 61.10 8.05
C ASP V 149 -3.71 59.76 8.12
N PRO V 150 -4.21 59.24 6.96
CA PRO V 150 -4.90 57.94 6.96
C PRO V 150 -4.03 56.75 7.39
N THR V 151 -2.72 56.91 7.32
CA THR V 151 -1.77 55.94 7.85
C THR V 151 -1.82 55.92 9.39
N GLN V 152 -1.88 57.10 9.98
CA GLN V 152 -1.77 57.30 11.42
C GLN V 152 -3.14 57.38 12.14
N VAL V 153 -3.74 56.24 12.37
CA VAL V 153 -4.97 56.08 13.16
C VAL V 153 -4.86 54.82 14.01
N SER V 154 -5.16 54.94 15.29
CA SER V 154 -4.99 53.83 16.25
C SER V 154 -6.24 53.04 16.49
N SER V 155 -6.06 51.77 16.76
CA SER V 155 -7.06 50.93 17.37
C SER V 155 -6.35 50.21 18.51
N SER V 156 -7.05 50.04 19.62
CA SER V 156 -6.49 49.40 20.81
C SER V 156 -7.52 48.54 21.50
N LEU V 157 -7.15 47.28 21.67
CA LEU V 157 -8.05 46.27 22.24
C LEU V 157 -7.63 46.05 23.70
N SER V 158 -8.46 46.54 24.61
CA SER V 158 -8.35 46.16 26.02
C SER V 158 -9.17 44.89 26.22
N PRO V 159 -8.72 44.00 27.11
CA PRO V 159 -9.62 42.98 27.66
C PRO V 159 -10.84 43.57 28.36
N GLU V 160 -10.65 44.74 28.96
CA GLU V 160 -11.75 45.57 29.50
C GLU V 160 -12.87 45.77 28.48
N GLY V 161 -12.50 45.70 27.22
CA GLY V 161 -13.45 45.68 26.10
C GLY V 161 -13.78 47.10 25.72
N THR V 162 -12.74 47.91 25.56
CA THR V 162 -12.91 49.27 25.10
C THR V 162 -11.93 49.55 23.97
N LEU V 163 -12.45 49.63 22.75
CA LEU V 163 -11.69 50.08 21.60
C LEU V 163 -11.64 51.62 21.69
N THR V 164 -10.44 52.15 21.66
CA THR V 164 -10.22 53.60 21.77
C THR V 164 -9.33 53.99 20.60
N VAL V 165 -9.86 54.89 19.78
CA VAL V 165 -9.22 55.30 18.54
C VAL V 165 -8.65 56.69 18.75
N GLU V 166 -7.32 56.79 18.75
CA GLU V 166 -6.61 58.07 18.77
C GLU V 166 -5.77 58.26 17.50
N ALA V 167 -5.56 59.51 17.12
CA ALA V 167 -4.67 59.88 16.02
C ALA V 167 -3.93 61.18 16.31
N PRO V 168 -2.60 61.20 16.10
CA PRO V 168 -1.85 62.46 16.20
C PRO V 168 -2.25 63.47 15.14
N MET V 169 -2.55 64.68 15.60
CA MET V 169 -2.87 65.80 14.72
C MET V 169 -1.54 66.30 14.12
N PRO V 170 -1.50 66.56 12.79
CA PRO V 170 -0.20 66.72 12.08
C PRO V 170 0.78 67.73 12.70
N LYS V 171 0.44 69.02 12.69
CA LYS V 171 1.22 70.07 13.33
C LYS V 171 0.31 71.15 13.95
N LEU V 172 -0.17 70.82 15.14
CA LEU V 172 -1.13 71.64 15.90
C LEU V 172 -1.54 70.87 17.15
N GLN V 175 -2.47 68.86 7.66
CA GLN V 175 -3.54 69.86 7.60
C GLN V 175 -4.20 69.96 6.21
N SER V 176 -4.27 68.84 5.53
CA SER V 176 -4.78 68.74 4.15
C SER V 176 -6.28 69.00 4.01
N ASN V 177 -6.69 69.25 2.78
CA ASN V 177 -8.08 69.64 2.43
C ASN V 177 -9.01 68.42 2.31
N GLU V 178 -8.76 67.62 1.30
CA GLU V 178 -9.42 66.33 1.09
C GLU V 178 -8.67 65.23 1.82
N ILE V 179 -7.55 65.62 2.43
CA ILE V 179 -6.63 64.78 3.23
C ILE V 179 -5.48 64.16 2.42
N THR V 180 -5.72 63.88 1.14
CA THR V 180 -4.71 63.24 0.29
C THR V 180 -3.92 64.23 -0.56
N ILE V 181 -3.04 64.98 0.09
CA ILE V 181 -2.03 65.82 -0.56
C ILE V 181 -0.72 65.69 0.24
N PRO V 182 0.01 64.58 0.04
CA PRO V 182 1.23 64.28 0.82
C PRO V 182 2.55 64.77 0.19
N VAL V 183 2.76 66.07 0.22
CA VAL V 183 4.00 66.73 -0.23
C VAL V 183 4.60 67.63 0.89
N THR V 184 4.36 67.27 2.13
CA THR V 184 4.57 68.20 3.28
C THR V 184 6.02 68.52 3.67
N PHE V 185 6.95 67.63 3.36
CA PHE V 185 8.38 67.82 3.69
C PHE V 185 9.07 68.91 2.86
N GLU V 186 8.46 69.27 1.75
CA GLU V 186 8.85 70.45 0.95
C GLU V 186 7.78 71.55 1.07
N SER V 187 6.55 71.17 0.79
CA SER V 187 5.42 72.11 0.79
C SER V 187 5.19 72.69 2.19
N ARG V 188 5.53 73.95 2.29
CA ARG V 188 5.30 74.80 3.44
C ARG V 188 4.26 75.89 3.19
N ALA V 189 4.37 76.50 2.02
CA ALA V 189 3.65 77.76 1.68
C ALA V 189 2.13 77.66 1.47
N GLN V 190 1.65 76.55 0.92
CA GLN V 190 0.20 76.30 0.74
C GLN V 190 -0.40 75.37 1.79
N LEU V 191 0.40 74.43 2.27
CA LEU V 191 0.05 73.60 3.43
C LEU V 191 1.27 73.49 4.33
N GLY V 192 1.14 74.00 5.54
CA GLY V 192 2.27 74.16 6.46
C GLY V 192 1.90 75.04 7.64
N GLY V 193 2.44 76.25 7.66
CA GLY V 193 2.18 77.19 8.76
C GLY V 193 0.83 77.90 8.71
N PRO V 194 0.61 78.88 9.61
CA PRO V 194 -0.61 79.71 9.64
C PRO V 194 -0.60 80.97 8.73
N GLU V 195 -1.45 80.94 7.71
CA GLU V 195 -1.77 82.11 6.88
C GLU V 195 -3.25 81.99 6.51
N ALA V 196 -4.01 83.06 6.65
CA ALA V 196 -5.46 83.00 6.50
C ALA V 196 -6.02 83.42 5.14
N ALA V 197 -5.15 83.93 4.29
CA ALA V 197 -5.57 84.61 3.08
C ALA V 197 -5.80 83.65 1.92
N LYS V 198 -6.82 83.91 1.12
CA LYS V 198 -7.18 83.12 -0.08
C LYS V 198 -7.29 81.59 0.15
N SER V 199 -7.82 81.22 1.30
CA SER V 199 -8.13 79.81 1.64
C SER V 199 -6.90 78.86 1.73
N ASP V 200 -5.71 79.41 1.70
CA ASP V 200 -4.46 78.65 1.76
C ASP V 200 -3.90 78.72 3.17
N GLU V 201 -3.24 77.65 3.59
CA GLU V 201 -2.56 77.55 4.90
C GLU V 201 -3.52 77.55 6.09
N THR V 202 -4.16 76.42 6.32
CA THR V 202 -5.00 76.26 7.50
C THR V 202 -4.11 76.23 8.76
N ALA V 203 -4.58 76.81 9.85
CA ALA V 203 -3.84 76.88 11.10
C ALA V 203 -4.33 75.79 12.05
N ALA V 204 -4.12 75.99 13.35
CA ALA V 204 -4.62 75.05 14.37
C ALA V 204 -6.12 75.20 14.60
N LYS V 205 -6.88 74.26 14.03
CA LYS V 205 -8.35 74.20 14.18
C LYS V 205 -8.72 73.16 15.22
N MET W 1 -79.79 10.06 -15.78
CA MET W 1 -79.57 10.45 -17.20
C MET W 1 -78.21 11.13 -17.38
N THR W 2 -77.96 12.15 -16.58
CA THR W 2 -76.67 12.89 -16.64
C THR W 2 -75.57 12.13 -15.86
N GLU W 3 -75.80 10.85 -15.62
CA GLU W 3 -75.01 10.04 -14.67
C GLU W 3 -73.80 9.39 -15.38
N ARG W 4 -73.47 8.16 -15.00
CA ARG W 4 -72.17 7.51 -15.33
C ARG W 4 -71.01 8.31 -14.69
N ARG W 5 -71.29 8.88 -13.54
CA ARG W 5 -70.33 9.73 -12.82
C ARG W 5 -69.57 8.91 -11.77
N VAL W 6 -68.45 8.35 -12.19
CA VAL W 6 -67.61 7.51 -11.36
C VAL W 6 -66.24 7.60 -12.02
N PRO W 7 -65.43 8.58 -11.61
CA PRO W 7 -64.34 9.09 -12.45
C PRO W 7 -63.29 8.09 -12.89
N PHE W 8 -62.92 8.18 -14.16
CA PHE W 8 -61.87 7.37 -14.77
C PHE W 8 -61.24 8.19 -15.89
N SER W 9 -60.19 7.67 -16.50
CA SER W 9 -59.48 8.39 -17.60
C SER W 9 -58.60 9.53 -17.06
N LEU W 10 -58.89 9.97 -15.84
CA LEU W 10 -58.05 10.92 -15.09
C LEU W 10 -56.92 10.20 -14.32
N LEU W 11 -56.91 8.88 -14.46
CA LEU W 11 -55.92 7.97 -13.85
C LEU W 11 -54.81 7.60 -14.85
N ARG W 12 -54.66 8.46 -15.84
CA ARG W 12 -53.46 8.56 -16.70
C ARG W 12 -53.32 7.57 -17.85
N GLY W 13 -53.68 8.06 -19.03
CA GLY W 13 -53.42 7.42 -20.31
C GLY W 13 -52.15 7.94 -21.00
N PRO W 14 -51.16 8.24 -20.19
CA PRO W 14 -49.88 8.83 -20.61
C PRO W 14 -48.83 7.86 -21.13
N SER W 15 -49.23 6.63 -21.40
CA SER W 15 -48.41 5.63 -22.15
C SER W 15 -47.28 5.03 -21.29
N TRP W 16 -46.31 5.86 -20.99
CA TRP W 16 -45.11 5.47 -20.20
C TRP W 16 -45.42 5.00 -18.75
N ASP W 17 -46.05 3.84 -18.66
CA ASP W 17 -46.51 3.22 -17.38
C ASP W 17 -47.68 4.05 -16.76
N PRO W 18 -48.21 3.66 -15.58
CA PRO W 18 -49.47 4.34 -15.18
C PRO W 18 -49.40 5.81 -14.77
N PHE W 19 -48.25 6.48 -14.96
CA PHE W 19 -48.19 7.93 -14.78
C PHE W 19 -47.57 8.76 -15.92
N ARG W 20 -46.26 8.79 -15.99
CA ARG W 20 -45.54 9.71 -16.91
C ARG W 20 -46.08 11.13 -16.69
N ASP W 21 -45.73 11.68 -15.55
CA ASP W 21 -46.14 13.04 -15.16
C ASP W 21 -44.97 14.01 -15.23
N TRP W 22 -43.97 13.73 -14.42
CA TRP W 22 -42.76 14.55 -14.31
C TRP W 22 -41.54 13.64 -14.38
N TYR W 23 -40.85 13.64 -15.53
CA TYR W 23 -39.62 12.85 -15.72
C TYR W 23 -39.77 11.37 -15.33
N PRO W 24 -40.30 10.52 -16.25
CA PRO W 24 -40.52 9.13 -15.84
C PRO W 24 -39.20 8.39 -15.53
N HIS W 25 -38.76 8.57 -14.29
CA HIS W 25 -37.44 8.16 -13.80
C HIS W 25 -37.53 7.39 -12.49
N SER W 26 -36.38 6.94 -12.01
CA SER W 26 -36.24 6.15 -10.78
C SER W 26 -36.20 6.96 -9.48
N ARG W 27 -35.37 7.98 -9.42
CA ARG W 27 -35.26 8.80 -8.20
C ARG W 27 -36.37 9.86 -8.08
N LEU W 28 -37.60 9.38 -7.98
CA LEU W 28 -38.83 10.18 -7.98
C LEU W 28 -39.78 9.76 -6.87
N PHE W 29 -40.31 8.56 -7.04
CA PHE W 29 -41.16 7.89 -6.05
C PHE W 29 -40.26 7.32 -4.93
N ASP W 30 -38.97 7.24 -5.20
CA ASP W 30 -37.92 6.85 -4.22
C ASP W 30 -37.80 7.89 -3.09
N GLN W 31 -38.12 9.13 -3.39
CA GLN W 31 -38.15 10.20 -2.37
C GLN W 31 -39.44 10.19 -1.55
N ALA W 32 -40.56 9.93 -2.21
CA ALA W 32 -41.86 9.79 -1.54
C ALA W 32 -42.17 8.31 -1.40
N PHE W 33 -41.50 7.66 -0.47
CA PHE W 33 -41.65 6.19 -0.31
C PHE W 33 -41.90 5.79 1.16
N GLY W 34 -40.90 6.00 1.99
CA GLY W 34 -40.86 5.47 3.34
C GLY W 34 -39.96 6.32 4.20
N LEU W 35 -39.28 5.68 5.14
CA LEU W 35 -38.45 6.35 6.15
C LEU W 35 -36.97 6.28 5.80
N PRO W 36 -36.23 7.38 6.06
CA PRO W 36 -34.78 7.45 5.81
C PRO W 36 -33.91 6.90 6.98
N ARG W 37 -34.17 5.66 7.33
CA ARG W 37 -33.26 4.90 8.20
C ARG W 37 -32.34 4.13 7.25
N LEU W 38 -31.34 3.48 7.79
CA LEU W 38 -30.23 2.92 6.99
C LEU W 38 -30.65 1.80 6.00
N PRO W 39 -31.02 0.58 6.48
CA PRO W 39 -31.56 -0.37 5.52
C PRO W 39 -33.07 -0.52 5.61
N GLU W 40 -33.77 0.53 5.19
CA GLU W 40 -35.22 0.52 5.09
C GLU W 40 -35.53 0.24 3.62
N GLU W 41 -34.49 0.06 2.79
CA GLU W 41 -34.69 -0.22 1.37
C GLU W 41 -34.37 0.88 0.33
N TRP W 42 -35.05 0.73 -0.80
CA TRP W 42 -34.83 1.54 -2.00
C TRP W 42 -36.05 1.92 -2.84
N SER W 43 -37.24 1.73 -2.31
CA SER W 43 -38.51 1.88 -3.05
C SER W 43 -38.78 0.88 -4.21
N GLN W 44 -37.80 0.57 -5.04
CA GLN W 44 -37.96 -0.29 -6.24
C GLN W 44 -38.95 0.30 -7.25
N TRP W 45 -40.23 -0.06 -7.10
CA TRP W 45 -41.34 0.36 -7.98
C TRP W 45 -40.96 0.46 -9.46
N LEU W 46 -41.62 1.34 -10.20
CA LEU W 46 -41.27 1.75 -11.57
C LEU W 46 -41.62 0.69 -12.55
N GLY W 47 -41.15 -0.48 -12.23
CA GLY W 47 -41.23 -1.60 -13.07
C GLY W 47 -42.62 -2.03 -13.43
N GLY W 48 -43.32 -1.22 -14.22
CA GLY W 48 -44.77 -1.31 -14.40
C GLY W 48 -45.40 -1.81 -13.12
N SER W 49 -45.27 -3.11 -12.92
CA SER W 49 -45.66 -3.77 -11.69
C SER W 49 -44.81 -3.26 -10.53
N SER W 50 -45.32 -2.23 -9.88
CA SER W 50 -44.78 -1.70 -8.65
C SER W 50 -45.89 -1.86 -7.62
N TRP W 51 -46.87 -1.00 -7.81
CA TRP W 51 -48.05 -0.86 -7.00
C TRP W 51 -48.84 0.16 -7.81
N PRO W 52 -49.92 0.72 -7.26
CA PRO W 52 -50.74 1.57 -8.07
C PRO W 52 -50.28 2.99 -7.96
N GLY W 53 -49.66 3.46 -9.03
CA GLY W 53 -49.07 4.81 -9.12
C GLY W 53 -49.75 5.82 -8.19
N TYR W 54 -48.95 6.43 -7.33
CA TYR W 54 -49.43 7.48 -6.42
C TYR W 54 -48.97 8.86 -6.90
N VAL W 55 -49.90 9.82 -6.86
CA VAL W 55 -49.62 11.20 -7.27
C VAL W 55 -49.17 12.07 -6.08
N ARG W 56 -49.15 11.46 -4.90
CA ARG W 56 -48.80 12.14 -3.64
C ARG W 56 -47.28 12.19 -3.46
N PRO W 71 -44.74 17.30 -4.94
CA PRO W 71 -45.11 18.70 -5.13
C PRO W 71 -45.61 19.03 -6.54
N ALA W 72 -44.87 18.60 -7.56
CA ALA W 72 -45.25 18.85 -8.96
C ALA W 72 -46.17 17.80 -9.58
N TYR W 73 -46.50 16.77 -8.82
CA TYR W 73 -47.41 15.70 -9.26
C TYR W 73 -48.86 16.15 -9.05
N SER W 74 -49.08 16.79 -7.91
CA SER W 74 -50.34 17.49 -7.63
C SER W 74 -50.52 18.77 -8.47
N ARG W 75 -49.40 19.36 -8.88
CA ARG W 75 -49.41 20.54 -9.79
C ARG W 75 -49.48 20.20 -11.29
N ALA W 76 -49.58 18.93 -11.64
CA ALA W 76 -49.61 18.49 -13.06
C ALA W 76 -50.97 18.73 -13.71
N LEU W 77 -51.97 17.98 -13.28
CA LEU W 77 -53.33 18.08 -13.87
C LEU W 77 -54.21 19.15 -13.22
N SER W 78 -54.17 19.19 -11.90
CA SER W 78 -55.09 20.03 -11.10
C SER W 78 -54.74 21.53 -11.12
N ARG W 79 -53.48 21.83 -11.40
CA ARG W 79 -52.99 23.20 -11.41
C ARG W 79 -52.86 23.77 -12.83
N GLN W 80 -51.77 23.46 -13.51
CA GLN W 80 -51.48 23.94 -14.88
C GLN W 80 -51.32 25.47 -15.05
N LEU W 81 -52.28 26.25 -14.59
CA LEU W 81 -52.15 27.71 -14.40
C LEU W 81 -52.43 28.23 -12.99
N SER W 82 -52.83 27.35 -12.09
CA SER W 82 -53.36 27.68 -10.74
C SER W 82 -54.61 28.53 -10.85
N SER W 83 -55.45 28.18 -11.82
CA SER W 83 -56.71 28.89 -12.16
C SER W 83 -56.54 30.32 -12.72
N GLY W 84 -55.36 30.90 -12.60
CA GLY W 84 -55.06 32.20 -13.24
C GLY W 84 -55.71 33.39 -12.59
N ARG W 94 -56.50 38.02 -2.25
CA ARG W 94 -55.11 37.72 -2.54
C ARG W 94 -54.57 38.48 -3.75
N TRP W 95 -53.44 39.14 -3.58
CA TRP W 95 -52.65 39.67 -4.68
C TRP W 95 -52.02 38.49 -5.39
N ARG W 96 -52.21 38.41 -6.71
CA ARG W 96 -51.68 37.30 -7.50
C ARG W 96 -51.35 37.74 -8.93
N VAL W 97 -50.25 37.20 -9.44
CA VAL W 97 -49.78 37.46 -10.82
C VAL W 97 -49.36 36.16 -11.51
N SER W 98 -49.57 36.12 -12.81
CA SER W 98 -49.25 34.92 -13.64
C SER W 98 -48.05 35.16 -14.56
N LEU W 99 -47.30 34.09 -14.77
CA LEU W 99 -46.07 34.11 -15.59
C LEU W 99 -46.03 32.79 -16.38
N ASP W 100 -46.04 32.89 -17.70
CA ASP W 100 -45.97 31.70 -18.58
C ASP W 100 -44.51 31.23 -18.68
N VAL W 101 -44.21 30.10 -18.07
CA VAL W 101 -42.83 29.55 -17.98
C VAL W 101 -42.58 28.36 -18.93
N ASN W 102 -43.64 27.80 -19.49
CA ASN W 102 -43.57 26.54 -20.29
C ASN W 102 -42.55 26.58 -21.43
N HIS W 103 -42.62 27.65 -22.21
CA HIS W 103 -41.70 27.87 -23.33
C HIS W 103 -40.24 28.04 -22.88
N PHE W 104 -40.05 28.67 -21.74
CA PHE W 104 -38.73 28.88 -21.15
C PHE W 104 -38.08 27.55 -20.74
N ALA W 105 -38.87 26.75 -20.03
CA ALA W 105 -38.46 25.42 -19.50
C ALA W 105 -37.21 25.52 -18.64
N PRO W 106 -37.32 26.16 -17.45
CA PRO W 106 -36.14 26.41 -16.63
C PRO W 106 -35.71 25.18 -15.85
N ASP W 107 -34.41 24.98 -15.77
CA ASP W 107 -33.83 23.94 -14.92
C ASP W 107 -33.79 24.36 -13.44
N GLU W 108 -33.65 25.65 -13.20
CA GLU W 108 -33.63 26.22 -11.85
C GLU W 108 -34.32 27.59 -11.77
N LEU W 109 -35.09 27.78 -10.70
CA LEU W 109 -35.89 29.01 -10.48
C LEU W 109 -35.60 29.67 -9.15
N THR W 110 -35.25 30.94 -9.18
CA THR W 110 -35.01 31.76 -7.97
C THR W 110 -36.05 32.89 -7.89
N VAL W 111 -36.83 32.87 -6.82
CA VAL W 111 -37.83 33.92 -6.53
C VAL W 111 -37.41 34.68 -5.27
N LYS W 112 -37.18 35.98 -5.44
CA LYS W 112 -36.63 36.85 -4.41
C LYS W 112 -37.56 38.04 -4.18
N THR W 113 -37.82 38.34 -2.91
CA THR W 113 -38.56 39.55 -2.51
C THR W 113 -37.67 40.42 -1.61
N LYS W 114 -37.29 41.58 -2.13
CA LYS W 114 -36.43 42.53 -1.43
C LYS W 114 -36.90 43.97 -1.57
N ASP W 115 -37.13 44.62 -0.43
CA ASP W 115 -37.56 46.04 -0.36
C ASP W 115 -38.77 46.35 -1.23
N GLY W 116 -39.71 45.41 -1.25
CA GLY W 116 -40.94 45.52 -2.03
C GLY W 116 -40.83 45.32 -3.53
N VAL W 117 -39.87 44.49 -3.94
CA VAL W 117 -39.66 44.15 -5.35
C VAL W 117 -39.54 42.64 -5.49
N VAL W 118 -40.53 42.03 -6.13
CA VAL W 118 -40.55 40.60 -6.42
C VAL W 118 -39.80 40.33 -7.72
N GLU W 119 -38.65 39.67 -7.61
CA GLU W 119 -37.81 39.34 -8.75
C GLU W 119 -37.80 37.83 -9.01
N ILE W 120 -38.28 37.45 -10.19
CA ILE W 120 -38.37 36.03 -10.60
C ILE W 120 -37.30 35.77 -11.65
N THR W 121 -36.35 34.91 -11.31
CA THR W 121 -35.22 34.58 -12.17
C THR W 121 -35.18 33.09 -12.52
N GLY W 122 -35.29 32.77 -13.79
CA GLY W 122 -35.17 31.41 -14.30
C GLY W 122 -33.89 31.16 -15.04
N LYS W 123 -33.46 29.92 -15.07
CA LYS W 123 -32.24 29.48 -15.78
C LYS W 123 -32.37 28.10 -16.42
N HIS W 124 -31.63 27.88 -17.51
CA HIS W 124 -31.78 26.70 -18.39
C HIS W 124 -30.42 26.01 -18.72
N GLU W 125 -30.19 25.68 -20.00
CA GLU W 125 -29.00 24.97 -20.51
C GLU W 125 -28.77 23.46 -20.08
N GLU W 126 -27.53 23.04 -20.24
CA GLU W 126 -27.01 21.66 -20.29
C GLU W 126 -27.92 20.50 -20.75
N ARG W 127 -28.01 20.39 -22.07
CA ARG W 127 -28.38 19.19 -22.81
C ARG W 127 -27.59 19.23 -24.12
N GLN W 128 -27.17 18.06 -24.61
CA GLN W 128 -26.42 17.95 -25.88
C GLN W 128 -27.34 17.72 -27.10
N ASP W 129 -27.57 18.80 -27.84
CA ASP W 129 -28.39 18.76 -29.06
C ASP W 129 -27.83 19.76 -30.08
N GLU W 130 -28.58 19.99 -31.15
CA GLU W 130 -28.22 20.93 -32.22
C GLU W 130 -27.98 22.37 -31.75
N HIS W 131 -28.74 22.81 -30.76
CA HIS W 131 -28.61 24.17 -30.17
C HIS W 131 -27.30 24.33 -29.35
N GLY W 132 -26.90 23.26 -28.69
CA GLY W 132 -25.64 23.23 -27.92
C GLY W 132 -25.63 24.05 -26.65
N TYR W 133 -24.85 25.14 -26.64
CA TYR W 133 -24.66 25.99 -25.44
C TYR W 133 -25.49 27.29 -25.47
N ILE W 134 -26.79 27.12 -25.29
CA ILE W 134 -27.77 28.20 -25.18
C ILE W 134 -28.01 28.51 -23.69
N SER W 135 -27.41 29.58 -23.21
CA SER W 135 -27.62 30.04 -21.84
C SER W 135 -28.66 31.14 -21.81
N ARG W 136 -29.88 30.79 -21.41
CA ARG W 136 -30.98 31.74 -21.30
C ARG W 136 -31.42 31.89 -19.83
N CYS W 137 -31.56 33.14 -19.42
CA CYS W 137 -31.91 33.52 -18.05
C CYS W 137 -32.76 34.77 -18.04
N PHE W 138 -33.98 34.67 -17.53
CA PHE W 138 -34.95 35.78 -17.58
C PHE W 138 -35.19 36.33 -16.18
N THR W 139 -35.38 37.65 -16.09
CA THR W 139 -35.59 38.36 -14.82
C THR W 139 -36.83 39.26 -14.91
N ARG W 140 -37.93 38.82 -14.30
CA ARG W 140 -39.20 39.56 -14.26
C ARG W 140 -39.48 40.17 -12.89
N LYS W 141 -39.65 41.48 -12.86
CA LYS W 141 -39.76 42.26 -11.61
C LYS W 141 -41.18 42.84 -11.41
N TYR W 142 -41.80 42.46 -10.31
CA TYR W 142 -43.13 42.93 -9.90
C TYR W 142 -42.99 43.92 -8.75
N THR W 143 -43.62 45.06 -8.88
CA THR W 143 -43.66 46.08 -7.81
C THR W 143 -44.85 45.75 -6.90
N LEU W 144 -44.58 45.48 -5.64
CA LEU W 144 -45.63 45.14 -4.66
C LEU W 144 -46.52 46.35 -4.39
N PRO W 145 -47.84 46.13 -4.23
CA PRO W 145 -48.71 47.17 -3.69
C PRO W 145 -48.30 47.52 -2.26
N PRO W 146 -48.23 48.82 -1.93
CA PRO W 146 -47.57 49.26 -0.69
C PRO W 146 -48.08 48.60 0.59
N GLY W 147 -47.19 47.82 1.19
CA GLY W 147 -47.39 47.23 2.51
C GLY W 147 -47.20 45.74 2.71
N VAL W 148 -47.06 45.00 1.63
CA VAL W 148 -46.87 43.54 1.69
C VAL W 148 -45.53 43.26 2.35
N ASP W 149 -45.59 42.50 3.44
CA ASP W 149 -44.40 42.16 4.23
C ASP W 149 -43.47 41.34 3.30
N PRO W 150 -42.18 41.74 3.17
CA PRO W 150 -41.34 41.07 2.18
C PRO W 150 -40.76 39.70 2.59
N THR W 151 -41.44 39.01 3.49
CA THR W 151 -41.13 37.63 3.87
C THR W 151 -42.08 36.65 3.22
N GLN W 152 -42.96 37.14 2.35
CA GLN W 152 -44.20 36.46 2.02
C GLN W 152 -44.20 35.75 0.66
N VAL W 153 -44.13 36.52 -0.40
CA VAL W 153 -44.38 36.06 -1.81
C VAL W 153 -43.98 34.60 -2.14
N SER W 154 -44.90 33.89 -2.79
CA SER W 154 -44.72 32.47 -3.19
C SER W 154 -44.57 32.28 -4.69
N SER W 155 -44.08 31.10 -5.05
CA SER W 155 -44.00 30.63 -6.44
C SER W 155 -44.32 29.14 -6.54
N SER W 156 -44.88 28.72 -7.67
CA SER W 156 -45.20 27.31 -7.93
C SER W 156 -44.91 26.94 -9.39
N LEU W 157 -44.32 25.78 -9.59
CA LEU W 157 -43.97 25.29 -10.94
C LEU W 157 -44.76 24.03 -11.27
N SER W 158 -45.42 24.04 -12.41
CA SER W 158 -46.12 22.85 -12.97
C SER W 158 -45.32 22.27 -14.13
N PRO W 159 -45.46 20.95 -14.39
CA PRO W 159 -44.90 20.34 -15.60
C PRO W 159 -45.38 20.97 -16.91
N GLU W 160 -46.64 21.38 -16.94
CA GLU W 160 -47.22 22.12 -18.09
C GLU W 160 -46.73 23.56 -18.22
N GLY W 161 -46.22 24.10 -17.12
CA GLY W 161 -45.40 25.32 -17.17
C GLY W 161 -46.10 26.66 -17.17
N THR W 162 -46.81 26.95 -16.09
CA THR W 162 -47.29 28.31 -15.82
C THR W 162 -47.05 28.68 -14.36
N LEU W 163 -46.07 29.52 -14.13
CA LEU W 163 -45.72 29.98 -12.78
C LEU W 163 -46.68 31.08 -12.32
N THR W 164 -47.04 31.06 -11.05
CA THR W 164 -48.03 31.97 -10.47
C THR W 164 -47.52 32.44 -9.10
N VAL W 165 -47.47 33.75 -8.95
CA VAL W 165 -46.93 34.39 -7.75
C VAL W 165 -48.03 35.12 -7.01
N GLU W 166 -48.34 34.66 -5.81
CA GLU W 166 -49.27 35.33 -4.90
C GLU W 166 -48.59 35.69 -3.59
N ALA W 167 -49.24 36.58 -2.85
CA ALA W 167 -48.81 36.94 -1.49
C ALA W 167 -49.99 37.39 -0.64
N PRO W 168 -50.20 36.74 0.52
CA PRO W 168 -51.14 37.30 1.48
C PRO W 168 -50.67 38.66 2.01
N MET W 169 -51.45 39.68 1.72
CA MET W 169 -51.14 41.03 2.16
C MET W 169 -51.32 41.18 3.67
N PRO W 170 -51.03 42.37 4.20
CA PRO W 170 -51.14 42.63 5.63
C PRO W 170 -52.54 43.11 6.02
N LYS W 171 -52.63 44.17 6.80
CA LYS W 171 -53.98 44.66 7.08
C LYS W 171 -54.58 45.24 5.79
N GLN W 175 -47.43 46.62 6.46
CA GLN W 175 -48.31 47.57 5.77
C GLN W 175 -47.67 48.93 5.39
N SER W 176 -46.63 49.31 6.10
CA SER W 176 -46.00 50.63 5.97
C SER W 176 -45.46 50.94 4.56
N ASN W 177 -45.08 52.19 4.40
CA ASN W 177 -44.60 52.75 3.09
C ASN W 177 -43.33 52.07 2.57
N GLU W 178 -42.27 52.16 3.38
CA GLU W 178 -41.00 51.48 3.08
C GLU W 178 -41.12 49.97 3.26
N ILE W 179 -42.25 49.55 3.83
CA ILE W 179 -42.71 48.17 3.96
C ILE W 179 -42.24 47.54 5.27
N THR W 180 -40.99 47.78 5.61
CA THR W 180 -40.36 47.19 6.75
C THR W 180 -40.07 48.16 7.89
N ILE W 181 -41.11 48.43 8.66
CA ILE W 181 -41.03 49.09 9.95
C ILE W 181 -41.99 48.27 10.83
N PRO W 182 -41.61 47.03 11.17
CA PRO W 182 -42.57 46.12 11.80
C PRO W 182 -42.77 46.36 13.30
N VAL W 183 -43.75 47.19 13.63
CA VAL W 183 -44.22 47.42 14.99
C VAL W 183 -45.75 47.18 15.10
N THR W 184 -46.24 46.27 14.26
CA THR W 184 -47.69 46.16 13.97
C THR W 184 -48.57 45.49 15.05
N PHE W 185 -48.08 44.40 15.61
CA PHE W 185 -48.88 43.57 16.54
C PHE W 185 -49.16 44.16 17.93
N GLU W 186 -48.55 45.29 18.24
CA GLU W 186 -48.88 46.04 19.46
C GLU W 186 -49.30 47.49 19.15
N SER W 187 -48.39 48.24 18.57
CA SER W 187 -48.61 49.69 18.30
C SER W 187 -49.66 49.84 17.21
N ARG W 188 -50.80 50.41 17.58
CA ARG W 188 -51.89 50.72 16.64
C ARG W 188 -51.87 52.18 16.20
N ALA W 189 -51.01 52.98 16.81
CA ALA W 189 -50.97 54.44 16.60
C ALA W 189 -50.32 54.85 15.27
N GLN W 190 -49.07 54.47 15.09
CA GLN W 190 -48.30 54.83 13.88
C GLN W 190 -48.61 53.91 12.72
N LEU W 191 -49.04 52.70 13.05
CA LEU W 191 -49.61 51.78 12.07
C LEU W 191 -50.80 51.05 12.65
N GLY W 192 -51.97 51.40 12.17
CA GLY W 192 -53.23 50.77 12.55
C GLY W 192 -53.65 50.12 11.27
N GLY W 193 -54.78 50.54 10.74
CA GLY W 193 -55.14 50.17 9.37
C GLY W 193 -54.27 51.01 8.45
N PRO W 194 -54.50 52.34 8.48
CA PRO W 194 -53.75 53.36 7.76
C PRO W 194 -53.02 54.43 8.60
N GLU W 195 -52.01 55.04 8.00
CA GLU W 195 -51.25 56.20 8.52
C GLU W 195 -50.31 56.72 7.41
N ALA W 196 -50.01 58.00 7.42
CA ALA W 196 -49.14 58.60 6.37
C ALA W 196 -47.61 58.43 6.57
N ALA W 197 -47.21 57.70 7.59
CA ALA W 197 -45.80 57.46 7.87
C ALA W 197 -45.39 58.01 9.22
N THR W 202 -50.69 54.34 5.13
CA THR W 202 -51.14 53.25 4.29
C THR W 202 -52.66 53.33 4.16
N ALA W 203 -53.24 52.19 3.81
CA ALA W 203 -54.68 51.96 3.79
C ALA W 203 -54.80 50.50 3.43
N ALA W 204 -55.98 50.07 3.04
CA ALA W 204 -56.17 48.71 2.54
C ALA W 204 -55.72 48.61 1.07
N LYS W 205 -55.43 49.75 0.45
CA LYS W 205 -55.15 49.90 -1.02
C LYS W 205 -54.29 48.79 -1.64
N MET X 1 24.82 50.99 -61.50
CA MET X 1 24.97 49.76 -60.69
C MET X 1 24.53 50.00 -59.25
N THR X 2 23.25 49.85 -59.04
CA THR X 2 22.66 49.79 -57.72
C THR X 2 22.37 48.33 -57.40
N GLU X 3 23.39 47.49 -57.36
CA GLU X 3 23.22 46.02 -57.31
C GLU X 3 23.78 45.21 -56.14
N ARG X 4 23.47 43.91 -56.17
CA ARG X 4 23.72 42.92 -55.11
C ARG X 4 22.81 43.06 -53.89
N ARG X 5 21.58 42.56 -54.04
CA ARG X 5 20.63 42.46 -52.93
C ARG X 5 20.55 41.03 -52.47
N VAL X 6 20.94 40.80 -51.24
CA VAL X 6 20.88 39.49 -50.63
C VAL X 6 20.54 39.68 -49.14
N PRO X 7 19.69 38.79 -48.59
CA PRO X 7 18.95 39.11 -47.39
C PRO X 7 19.62 38.77 -46.07
N PHE X 8 20.69 39.49 -45.74
CA PHE X 8 21.43 39.22 -44.50
C PHE X 8 21.34 40.39 -43.54
N SER X 9 20.14 40.57 -43.02
CA SER X 9 19.79 41.63 -42.08
C SER X 9 18.76 41.15 -41.07
N LEU X 10 17.66 40.67 -41.62
CA LEU X 10 16.53 40.11 -40.85
C LEU X 10 16.60 38.60 -40.72
N LEU X 11 17.81 38.07 -40.80
CA LEU X 11 18.11 36.64 -40.57
C LEU X 11 18.31 36.32 -39.09
N ARG X 12 18.09 37.33 -38.27
CA ARG X 12 18.13 37.25 -36.80
C ARG X 12 19.52 37.00 -36.27
N GLY X 13 20.22 38.11 -36.09
CA GLY X 13 21.43 38.18 -35.27
C GLY X 13 21.12 38.49 -33.81
N PRO X 14 19.93 38.10 -33.37
CA PRO X 14 19.52 38.25 -31.96
C PRO X 14 20.34 37.36 -31.02
N SER X 15 21.05 36.40 -31.60
CA SER X 15 22.24 35.74 -31.01
C SER X 15 22.08 34.36 -30.38
N TRP X 16 20.89 34.05 -29.87
CA TRP X 16 20.64 32.72 -29.33
C TRP X 16 20.08 31.81 -30.39
N ASP X 17 20.99 31.10 -31.04
CA ASP X 17 20.67 30.16 -32.13
C ASP X 17 20.09 30.97 -33.33
N PRO X 18 19.63 30.31 -34.42
CA PRO X 18 19.35 31.19 -35.56
C PRO X 18 18.19 32.21 -35.45
N PHE X 19 17.43 32.18 -34.36
CA PHE X 19 16.33 33.12 -34.13
C PHE X 19 16.47 33.93 -32.84
N ARG X 20 16.00 33.37 -31.74
CA ARG X 20 15.73 34.12 -30.48
C ARG X 20 14.77 35.29 -30.77
N ASP X 21 13.50 34.96 -30.95
CA ASP X 21 12.46 35.96 -31.29
C ASP X 21 11.67 36.41 -30.06
N TRP X 22 10.92 35.50 -29.48
CA TRP X 22 10.13 35.76 -28.26
C TRP X 22 10.41 34.66 -27.25
N TYR X 23 11.12 34.99 -26.18
CA TYR X 23 11.42 34.05 -25.08
C TYR X 23 12.00 32.71 -25.58
N PRO X 24 13.31 32.64 -25.83
CA PRO X 24 13.83 31.38 -26.40
C PRO X 24 13.70 30.20 -25.45
N HIS X 25 13.00 29.16 -25.87
CA HIS X 25 12.57 28.08 -24.95
C HIS X 25 12.29 26.77 -25.69
N SER X 26 12.06 25.72 -24.92
CA SER X 26 11.66 24.40 -25.44
C SER X 26 10.23 24.38 -25.97
N ARG X 27 9.30 24.68 -25.08
CA ARG X 27 7.85 24.64 -25.36
C ARG X 27 7.38 25.70 -26.36
N LEU X 28 8.27 26.59 -26.75
CA LEU X 28 7.99 27.70 -27.67
C LEU X 28 7.74 27.20 -29.11
N PHE X 29 8.70 26.46 -29.64
CA PHE X 29 8.58 25.82 -30.95
C PHE X 29 7.92 24.43 -30.87
N ASP X 30 7.79 23.90 -29.66
CA ASP X 30 7.14 22.60 -29.40
C ASP X 30 5.66 22.58 -29.79
N GLN X 31 5.02 23.74 -29.73
CA GLN X 31 3.64 23.90 -30.22
C GLN X 31 3.55 23.98 -31.75
N ALA X 32 4.59 24.52 -32.37
CA ALA X 32 4.69 24.60 -33.83
C ALA X 32 5.71 23.60 -34.38
N PHE X 33 5.28 22.36 -34.53
CA PHE X 33 6.14 21.29 -35.07
C PHE X 33 5.41 20.39 -36.08
N GLY X 34 4.18 20.03 -35.77
CA GLY X 34 3.41 19.05 -36.51
C GLY X 34 2.01 18.99 -35.97
N LEU X 35 1.48 17.80 -35.83
CA LEU X 35 0.16 17.55 -35.27
C LEU X 35 0.28 17.07 -33.83
N PRO X 36 -0.67 17.49 -32.96
CA PRO X 36 -0.65 17.13 -31.54
C PRO X 36 -1.09 15.72 -31.27
N ARG X 37 -0.14 14.81 -31.39
CA ARG X 37 -0.31 13.43 -30.97
C ARG X 37 0.86 13.07 -30.06
N LEU X 38 0.65 12.05 -29.24
CA LEU X 38 1.67 11.56 -28.30
C LEU X 38 2.88 11.00 -29.04
N PRO X 39 2.66 10.01 -29.92
CA PRO X 39 3.80 9.52 -30.69
C PRO X 39 4.27 10.50 -31.76
N GLU X 40 3.52 11.57 -32.01
CA GLU X 40 4.06 12.69 -32.76
C GLU X 40 5.14 13.46 -31.99
N GLU X 41 5.64 12.87 -30.91
CA GLU X 41 6.80 13.38 -30.18
C GLU X 41 6.75 14.92 -29.87
N TRP X 42 7.90 15.55 -29.74
CA TRP X 42 8.02 16.95 -29.26
C TRP X 42 8.44 17.92 -30.41
N SER X 43 9.73 18.15 -30.58
CA SER X 43 10.27 19.08 -31.61
C SER X 43 11.75 18.82 -31.90
N GLN X 44 12.58 18.98 -30.90
CA GLN X 44 14.02 18.59 -30.90
C GLN X 44 14.92 19.42 -31.78
N TRP X 45 15.53 20.40 -31.14
CA TRP X 45 16.41 21.35 -31.78
C TRP X 45 17.33 22.09 -30.80
N LEU X 46 17.01 23.34 -30.54
CA LEU X 46 17.80 24.32 -29.78
C LEU X 46 18.93 24.80 -30.68
N GLY X 47 18.59 24.97 -31.94
CA GLY X 47 19.31 25.85 -32.84
C GLY X 47 20.55 25.33 -33.54
N GLY X 48 21.47 24.84 -32.73
CA GLY X 48 22.60 24.05 -33.21
C GLY X 48 22.13 22.70 -33.74
N SER X 49 21.09 22.20 -33.11
CA SER X 49 20.40 20.98 -33.51
C SER X 49 19.11 21.24 -34.28
N SER X 50 18.84 22.49 -34.55
CA SER X 50 17.67 22.85 -35.35
C SER X 50 17.71 22.24 -36.72
N TRP X 51 16.54 22.17 -37.28
CA TRP X 51 16.35 21.86 -38.66
C TRP X 51 16.23 23.26 -39.27
N PRO X 52 15.32 23.45 -40.19
CA PRO X 52 14.97 24.83 -40.51
C PRO X 52 14.42 25.63 -39.37
N GLY X 53 15.00 26.81 -39.17
CA GLY X 53 14.45 27.79 -38.26
C GLY X 53 13.25 28.43 -38.94
N TYR X 54 12.09 28.39 -38.29
CA TYR X 54 10.85 28.95 -38.84
C TYR X 54 10.33 30.09 -37.96
N VAL X 55 9.77 31.10 -38.62
CA VAL X 55 9.20 32.29 -37.97
C VAL X 55 7.67 32.28 -37.91
N ARG X 56 7.05 31.23 -38.42
CA ARG X 56 5.60 31.16 -38.52
C ARG X 56 5.02 30.93 -37.13
N PRO X 71 3.69 33.36 -31.67
CA PRO X 71 2.73 33.93 -32.63
C PRO X 71 2.99 35.39 -33.01
N ALA X 72 3.72 36.13 -32.16
CA ALA X 72 4.26 37.43 -32.51
C ALA X 72 5.75 37.36 -32.87
N TYR X 73 6.04 36.52 -33.84
CA TYR X 73 7.34 36.43 -34.51
C TYR X 73 7.36 37.32 -35.75
N SER X 74 6.22 37.38 -36.43
CA SER X 74 6.00 38.32 -37.54
C SER X 74 5.79 39.76 -37.09
N ARG X 75 5.30 39.91 -35.87
CA ARG X 75 5.11 41.22 -35.23
C ARG X 75 6.37 41.77 -34.54
N ALA X 76 7.42 40.99 -34.53
CA ALA X 76 8.75 41.44 -34.03
C ALA X 76 9.44 42.35 -35.06
N LEU X 77 9.19 42.07 -36.34
CA LEU X 77 9.85 42.75 -37.45
C LEU X 77 8.93 43.71 -38.24
N SER X 78 7.81 43.19 -38.69
CA SER X 78 6.89 43.95 -39.57
C SER X 78 6.04 44.96 -38.81
N ARG X 79 5.82 44.68 -37.51
CA ARG X 79 4.94 45.53 -36.69
C ARG X 79 5.69 46.67 -36.01
N GLN X 80 6.47 46.35 -35.00
CA GLN X 80 7.02 47.33 -34.07
C GLN X 80 5.88 48.13 -33.37
N LEU X 81 5.40 49.18 -34.03
CA LEU X 81 4.27 50.00 -33.58
C LEU X 81 3.03 49.84 -34.48
N SER X 82 3.14 48.95 -35.47
CA SER X 82 2.18 48.85 -36.58
C SER X 82 2.13 50.14 -37.40
N SER X 83 3.28 50.76 -37.55
CA SER X 83 3.48 52.08 -38.20
C SER X 83 2.88 53.27 -37.44
N GLY X 84 2.10 53.02 -36.40
CA GLY X 84 1.53 54.07 -35.57
C GLY X 84 0.27 54.59 -36.21
N ARG X 94 -11.46 52.34 -41.15
CA ARG X 94 -10.88 51.68 -39.98
C ARG X 94 -10.43 52.67 -38.89
N TRP X 95 -11.02 52.52 -37.71
CA TRP X 95 -10.59 53.25 -36.49
C TRP X 95 -9.28 52.65 -36.01
N ARG X 96 -8.39 53.49 -35.47
CA ARG X 96 -7.10 52.98 -34.92
C ARG X 96 -6.50 53.91 -33.86
N VAL X 97 -5.97 53.30 -32.81
CA VAL X 97 -5.31 54.01 -31.70
C VAL X 97 -4.07 53.26 -31.23
N SER X 98 -3.09 54.01 -30.74
CA SER X 98 -1.80 53.43 -30.28
C SER X 98 -1.63 53.53 -28.76
N LEU X 99 -0.96 52.53 -28.22
CA LEU X 99 -0.69 52.41 -26.78
C LEU X 99 0.74 51.86 -26.59
N ASP X 100 1.61 52.63 -25.93
CA ASP X 100 3.00 52.19 -25.68
C ASP X 100 3.03 51.23 -24.48
N VAL X 101 3.34 49.97 -24.75
CA VAL X 101 3.32 48.87 -23.77
C VAL X 101 4.71 48.28 -23.39
N ASN X 102 5.75 48.62 -24.16
CA ASN X 102 7.10 48.02 -24.00
C ASN X 102 7.68 48.16 -22.59
N HIS X 103 7.59 49.37 -22.07
CA HIS X 103 8.09 49.69 -20.72
C HIS X 103 7.28 48.98 -19.61
N PHE X 104 5.99 48.81 -19.86
CA PHE X 104 5.07 48.12 -18.93
C PHE X 104 5.42 46.63 -18.81
N ALA X 105 5.57 45.99 -19.97
CA ALA X 105 5.90 44.56 -20.10
C ALA X 105 4.90 43.67 -19.36
N PRO X 106 3.63 43.61 -19.85
CA PRO X 106 2.60 42.87 -19.17
C PRO X 106 2.68 41.37 -19.47
N ASP X 107 2.45 40.57 -18.44
CA ASP X 107 2.25 39.12 -18.58
C ASP X 107 0.86 38.81 -19.16
N GLU X 108 -0.10 39.70 -18.89
CA GLU X 108 -1.46 39.54 -19.36
C GLU X 108 -2.10 40.87 -19.75
N LEU X 109 -2.81 40.86 -20.86
CA LEU X 109 -3.52 42.04 -21.40
C LEU X 109 -4.97 41.70 -21.68
N THR X 110 -5.87 42.42 -21.03
CA THR X 110 -7.32 42.24 -21.18
C THR X 110 -7.92 43.40 -21.97
N VAL X 111 -8.43 43.11 -23.16
CA VAL X 111 -9.10 44.10 -24.01
C VAL X 111 -10.60 43.79 -24.00
N LYS X 112 -11.37 44.74 -23.47
CA LYS X 112 -12.81 44.61 -23.31
C LYS X 112 -13.54 45.72 -24.07
N THR X 113 -14.57 45.33 -24.82
CA THR X 113 -15.45 46.28 -25.51
C THR X 113 -16.86 46.17 -24.93
N LYS X 114 -17.27 47.20 -24.20
CA LYS X 114 -18.59 47.26 -23.53
C LYS X 114 -19.25 48.63 -23.71
N ASP X 115 -20.46 48.61 -24.24
CA ASP X 115 -21.27 49.82 -24.50
C ASP X 115 -20.52 50.88 -25.36
N GLY X 116 -19.76 50.40 -26.31
CA GLY X 116 -18.98 51.26 -27.22
C GLY X 116 -17.79 51.95 -26.59
N VAL X 117 -17.16 51.28 -25.64
CA VAL X 117 -15.94 51.79 -24.95
C VAL X 117 -14.90 50.66 -24.86
N VAL X 118 -13.79 50.85 -25.55
CA VAL X 118 -12.67 49.90 -25.55
C VAL X 118 -11.80 50.15 -24.30
N GLU X 119 -11.75 49.17 -23.42
CA GLU X 119 -10.98 49.25 -22.16
C GLU X 119 -9.83 48.23 -22.18
N ILE X 120 -8.60 48.72 -22.05
CA ILE X 120 -7.39 47.90 -22.11
C ILE X 120 -6.73 47.88 -20.73
N THR X 121 -6.65 46.69 -20.15
CA THR X 121 -6.12 46.49 -18.78
C THR X 121 -4.97 45.48 -18.78
N GLY X 122 -3.81 45.93 -18.33
CA GLY X 122 -2.58 45.08 -18.21
C GLY X 122 -2.19 44.78 -16.79
N LYS X 123 -1.54 43.64 -16.61
CA LYS X 123 -1.02 43.20 -15.27
C LYS X 123 0.36 42.53 -15.42
N HIS X 124 1.16 42.59 -14.36
CA HIS X 124 2.60 42.26 -14.37
C HIS X 124 3.06 41.27 -13.25
N GLU X 125 3.79 41.76 -12.25
CA GLU X 125 4.33 40.97 -11.11
C GLU X 125 5.32 39.80 -11.32
N GLU X 126 5.80 39.34 -10.17
CA GLU X 126 6.58 38.10 -9.92
C GLU X 126 7.90 37.82 -10.60
N ARG X 127 8.94 38.33 -9.97
CA ARG X 127 10.28 37.75 -10.02
C ARG X 127 10.95 38.05 -8.67
N GLN X 128 11.93 37.24 -8.31
CA GLN X 128 12.68 37.47 -7.06
C GLN X 128 13.81 38.48 -7.26
N ASP X 129 13.63 39.67 -6.68
CA ASP X 129 14.59 40.77 -6.82
C ASP X 129 14.43 41.84 -5.73
N GLU X 130 15.05 42.98 -5.95
CA GLU X 130 15.03 44.13 -5.00
C GLU X 130 13.63 44.70 -4.81
N HIS X 131 12.84 44.64 -5.86
CA HIS X 131 11.44 45.11 -5.88
C HIS X 131 10.44 44.00 -5.52
N GLY X 132 10.33 42.99 -6.38
CA GLY X 132 9.55 41.79 -6.09
C GLY X 132 8.04 41.92 -6.24
N TYR X 133 7.39 42.17 -5.13
CA TYR X 133 5.91 42.07 -4.98
C TYR X 133 5.12 43.36 -5.36
N ILE X 134 5.74 44.22 -6.14
CA ILE X 134 5.06 45.43 -6.68
C ILE X 134 4.05 44.96 -7.72
N SER X 135 2.78 45.30 -7.51
CA SER X 135 1.70 44.95 -8.44
C SER X 135 1.25 46.19 -9.22
N ARG X 136 1.58 46.23 -10.50
CA ARG X 136 1.25 47.38 -11.37
C ARG X 136 0.15 47.02 -12.37
N CYS X 137 -0.81 47.92 -12.52
CA CYS X 137 -1.96 47.73 -13.41
C CYS X 137 -2.40 49.07 -14.02
N PHE X 138 -2.64 49.08 -15.32
CA PHE X 138 -3.08 50.26 -16.03
C PHE X 138 -4.41 49.98 -16.76
N THR X 139 -5.29 50.99 -16.78
CA THR X 139 -6.59 50.88 -17.46
C THR X 139 -6.80 52.08 -18.38
N ARG X 140 -6.64 51.84 -19.68
CA ARG X 140 -6.80 52.87 -20.70
C ARG X 140 -8.13 52.73 -21.44
N LYS X 141 -8.96 53.77 -21.35
CA LYS X 141 -10.31 53.77 -21.93
C LYS X 141 -10.35 54.58 -23.22
N TYR X 142 -10.72 53.92 -24.29
CA TYR X 142 -10.92 54.53 -25.60
C TYR X 142 -12.41 54.64 -25.89
N THR X 143 -12.84 55.86 -26.20
CA THR X 143 -14.22 56.13 -26.63
C THR X 143 -14.30 55.85 -28.14
N LEU X 144 -15.08 54.87 -28.51
CA LEU X 144 -15.28 54.51 -29.93
C LEU X 144 -16.02 55.63 -30.66
N PRO X 145 -15.64 55.90 -31.92
CA PRO X 145 -16.49 56.75 -32.76
C PRO X 145 -17.86 56.09 -33.00
N PRO X 146 -18.95 56.86 -32.81
CA PRO X 146 -20.30 56.27 -32.91
C PRO X 146 -20.58 55.64 -34.26
N GLY X 147 -20.86 54.35 -34.23
CA GLY X 147 -21.14 53.58 -35.45
C GLY X 147 -20.41 52.26 -35.62
N VAL X 148 -19.31 52.11 -34.91
CA VAL X 148 -18.50 50.90 -34.97
C VAL X 148 -19.31 49.77 -34.32
N ASP X 149 -19.35 48.62 -34.98
CA ASP X 149 -20.05 47.46 -34.45
C ASP X 149 -19.30 47.00 -33.22
N PRO X 150 -20.01 46.75 -32.08
CA PRO X 150 -19.26 46.54 -30.83
C PRO X 150 -18.35 45.32 -30.79
N THR X 151 -18.49 44.44 -31.76
CA THR X 151 -17.47 43.45 -32.11
C THR X 151 -16.88 43.74 -33.47
N GLN X 152 -16.01 44.72 -33.53
CA GLN X 152 -15.09 44.93 -34.66
C GLN X 152 -13.69 45.34 -34.18
N VAL X 153 -13.34 45.06 -32.92
CA VAL X 153 -12.12 45.62 -32.29
C VAL X 153 -10.93 44.64 -32.22
N SER X 154 -9.76 45.08 -32.69
CA SER X 154 -8.52 44.30 -32.67
C SER X 154 -7.46 44.88 -31.77
N SER X 155 -6.72 43.99 -31.10
CA SER X 155 -5.52 44.34 -30.35
C SER X 155 -4.39 43.40 -30.72
N SER X 156 -3.16 43.89 -30.69
CA SER X 156 -1.97 43.09 -31.01
C SER X 156 -0.82 43.37 -30.04
N LEU X 157 0.03 42.38 -29.82
CA LEU X 157 1.24 42.54 -29.00
C LEU X 157 2.50 42.12 -29.75
N SER X 158 3.50 42.97 -29.73
CA SER X 158 4.82 42.71 -30.33
C SER X 158 5.88 42.50 -29.25
N PRO X 159 6.96 41.77 -29.58
CA PRO X 159 8.15 41.75 -28.73
C PRO X 159 8.81 43.11 -28.51
N GLU X 160 8.79 43.96 -29.51
CA GLU X 160 9.25 45.36 -29.40
C GLU X 160 8.35 46.23 -28.52
N GLY X 161 7.09 45.83 -28.41
CA GLY X 161 6.19 46.30 -27.34
C GLY X 161 5.44 47.60 -27.60
N THR X 162 4.56 47.58 -28.59
CA THR X 162 3.62 48.68 -28.78
C THR X 162 2.24 48.17 -29.18
N LEU X 163 1.31 48.25 -28.25
CA LEU X 163 -0.07 47.81 -28.46
C LEU X 163 -0.85 48.82 -29.32
N THR X 164 -1.60 48.32 -30.28
CA THR X 164 -2.33 49.13 -31.26
C THR X 164 -3.70 48.50 -31.45
N VAL X 165 -4.72 49.29 -31.23
CA VAL X 165 -6.11 48.83 -31.28
C VAL X 165 -6.82 49.43 -32.48
N GLU X 166 -7.23 48.57 -33.41
CA GLU X 166 -7.99 49.01 -34.60
C GLU X 166 -9.36 48.33 -34.67
N ALA X 167 -10.29 48.99 -35.36
CA ALA X 167 -11.63 48.45 -35.61
C ALA X 167 -12.14 48.93 -36.96
N PRO X 168 -12.36 48.01 -37.91
CA PRO X 168 -12.98 48.45 -39.18
C PRO X 168 -14.40 48.98 -39.00
N MET X 169 -14.60 50.18 -39.49
CA MET X 169 -15.87 50.90 -39.36
C MET X 169 -16.88 50.31 -40.35
N PRO X 170 -18.19 50.37 -40.02
CA PRO X 170 -19.23 49.63 -40.77
C PRO X 170 -19.13 49.80 -42.29
N LYS X 171 -19.13 51.06 -42.71
CA LYS X 171 -18.90 51.43 -44.10
C LYS X 171 -17.96 52.60 -44.23
N LEU X 172 -18.25 53.64 -43.46
CA LEU X 172 -17.39 54.82 -43.37
C LEU X 172 -16.00 54.46 -42.83
N GLN X 175 -24.39 50.94 -36.67
CA GLN X 175 -23.96 52.33 -36.74
C GLN X 175 -24.93 53.37 -36.14
N SER X 176 -25.17 53.20 -34.87
CA SER X 176 -26.23 53.87 -34.19
C SER X 176 -25.89 54.51 -32.86
N ASN X 177 -26.91 55.18 -32.34
CA ASN X 177 -26.94 55.62 -30.94
C ASN X 177 -27.07 54.39 -30.05
N GLU X 178 -26.50 54.46 -28.85
CA GLU X 178 -26.42 53.32 -27.91
C GLU X 178 -25.55 52.16 -28.38
N ILE X 179 -25.01 52.25 -29.59
CA ILE X 179 -24.18 51.21 -30.21
C ILE X 179 -24.73 49.80 -30.06
N ILE X 181 -29.86 47.81 -31.17
CA ILE X 181 -29.90 47.85 -32.63
C ILE X 181 -29.03 46.73 -33.18
N PRO X 182 -29.62 45.57 -33.40
CA PRO X 182 -28.86 44.43 -33.90
C PRO X 182 -28.99 44.17 -35.39
N VAL X 183 -30.20 44.35 -35.91
CA VAL X 183 -30.48 44.23 -37.34
C VAL X 183 -29.70 45.25 -38.17
N THR X 184 -28.98 44.79 -39.18
CA THR X 184 -28.13 45.63 -40.03
C THR X 184 -28.15 45.32 -41.52
N PHE X 185 -27.93 44.06 -41.86
CA PHE X 185 -27.61 43.65 -43.25
C PHE X 185 -28.46 44.21 -44.42
N GLU X 186 -29.77 44.11 -44.28
CA GLU X 186 -30.68 44.66 -45.28
C GLU X 186 -30.86 46.15 -45.12
N SER X 187 -30.64 46.61 -43.91
CA SER X 187 -31.02 47.98 -43.48
C SER X 187 -30.01 49.07 -43.81
N ARG X 188 -30.41 49.93 -44.74
CA ARG X 188 -29.67 51.13 -45.14
C ARG X 188 -30.45 52.43 -45.06
N ALA X 189 -31.67 52.40 -44.54
CA ALA X 189 -32.50 53.61 -44.37
C ALA X 189 -32.52 54.16 -42.95
N GLN X 190 -32.28 53.29 -41.98
CA GLN X 190 -32.16 53.68 -40.57
C GLN X 190 -30.72 53.73 -40.13
N LEU X 191 -29.99 52.67 -40.43
CA LEU X 191 -28.58 52.58 -40.14
C LEU X 191 -27.71 52.88 -41.34
N GLY X 192 -28.27 53.23 -42.48
CA GLY X 192 -27.43 53.45 -43.66
C GLY X 192 -26.89 54.91 -43.68
N GLY X 193 -27.81 55.83 -43.53
CA GLY X 193 -27.46 57.24 -43.64
C GLY X 193 -28.48 58.32 -43.34
N PRO X 194 -28.33 59.49 -44.00
CA PRO X 194 -29.04 60.68 -43.63
C PRO X 194 -30.43 60.69 -44.24
N GLU X 195 -31.45 60.51 -43.38
CA GLU X 195 -32.85 60.70 -43.71
C GLU X 195 -33.55 61.17 -42.45
#